data_6FGS
#
_entry.id   6FGS
#
_cell.length_a   1.000
_cell.length_b   1.000
_cell.length_c   1.000
_cell.angle_alpha   90.00
_cell.angle_beta   90.00
_cell.angle_gamma   90.00
#
_symmetry.space_group_name_H-M   'P 1'
#
loop_
_entity.id
_entity.type
_entity.pdbx_description
1 polymer 'Histone acetyltransferase p300,Tumor protein p73'
2 non-polymer 'ZINC ION'
#
_entity_poly.entity_id   1
_entity_poly.type   'polypeptide(L)'
_entity_poly.pdbx_seq_one_letter_code
;ATQSPGDSRRLSIQRAIQSLVHAAQCRNANCSLPSCQKMKRVVQHTKGCKRKTNGGCPICKQLIALAAYHAKHCQENKCP
VPFCLNIKQKGGSGGGTGGGSGTIEGRGDGGTTFEHLWSSLEPDSTYFDL
;
_entity_poly.pdbx_strand_id   A
#
# COMPACT_ATOMS: atom_id res chain seq x y z
N ALA A 1 6.56 3.16 24.81
CA ALA A 1 5.90 4.06 23.86
C ALA A 1 5.19 3.28 22.77
N THR A 2 3.87 3.44 22.68
CA THR A 2 2.98 2.82 21.71
C THR A 2 1.82 3.81 21.51
N GLN A 3 1.26 3.88 20.30
CA GLN A 3 0.16 4.75 19.89
C GLN A 3 0.31 6.20 20.40
N SER A 4 1.54 6.69 20.48
CA SER A 4 1.87 8.04 20.92
C SER A 4 1.52 9.02 19.78
N PRO A 5 1.15 10.28 20.06
CA PRO A 5 0.82 11.25 19.03
C PRO A 5 2.03 11.50 18.11
N GLY A 6 1.72 12.00 16.92
CA GLY A 6 2.66 12.34 15.85
C GLY A 6 1.80 13.05 14.83
N ASP A 7 1.18 12.28 13.92
CA ASP A 7 0.29 12.77 12.89
C ASP A 7 -0.64 11.66 12.42
N SER A 8 -1.92 11.98 12.19
CA SER A 8 -2.92 11.03 11.73
C SER A 8 -2.54 10.38 10.39
N ARG A 9 -1.80 11.04 9.49
CA ARG A 9 -1.43 10.44 8.20
C ARG A 9 -0.67 9.14 8.45
N ARG A 10 0.29 9.15 9.37
CA ARG A 10 1.09 7.97 9.70
C ARG A 10 0.17 6.81 10.10
N LEU A 11 -0.83 7.10 10.94
CA LEU A 11 -1.80 6.13 11.45
C LEU A 11 -2.67 5.60 10.33
N SER A 12 -3.21 6.47 9.49
CA SER A 12 -4.05 6.08 8.37
C SER A 12 -3.27 5.11 7.48
N ILE A 13 -2.01 5.45 7.17
CA ILE A 13 -1.14 4.63 6.36
C ILE A 13 -0.96 3.28 7.09
N GLN A 14 -0.62 3.29 8.38
CA GLN A 14 -0.43 2.08 9.20
C GLN A 14 -1.64 1.16 9.13
N ARG A 15 -2.84 1.66 9.46
CA ARG A 15 -4.06 0.87 9.45
C ARG A 15 -4.26 0.19 8.11
N ALA A 16 -4.11 0.94 7.01
CA ALA A 16 -4.29 0.41 5.68
C ALA A 16 -3.27 -0.69 5.41
N ILE A 17 -1.97 -0.44 5.65
CA ILE A 17 -0.91 -1.43 5.40
C ILE A 17 -1.17 -2.70 6.22
N GLN A 18 -1.36 -2.56 7.54
CA GLN A 18 -1.61 -3.66 8.47
C GLN A 18 -2.77 -4.52 7.97
N SER A 19 -3.87 -3.88 7.57
CA SER A 19 -5.04 -4.59 7.07
C SER A 19 -4.74 -5.30 5.75
N LEU A 20 -3.90 -4.72 4.90
CA LEU A 20 -3.55 -5.28 3.60
C LEU A 20 -2.66 -6.51 3.73
N VAL A 21 -1.54 -6.40 4.44
CA VAL A 21 -0.62 -7.53 4.61
C VAL A 21 -1.37 -8.69 5.24
N HIS A 22 -2.29 -8.41 6.15
CA HIS A 22 -3.07 -9.43 6.81
C HIS A 22 -4.11 -10.03 5.86
N ALA A 23 -4.93 -9.22 5.20
CA ALA A 23 -5.98 -9.71 4.30
C ALA A 23 -5.44 -10.54 3.15
N ALA A 24 -4.22 -10.24 2.69
CA ALA A 24 -3.62 -10.97 1.59
C ALA A 24 -3.37 -12.45 1.88
N GLN A 25 -3.28 -12.81 3.16
CA GLN A 25 -3.05 -14.17 3.63
C GLN A 25 -4.12 -14.67 4.59
N CYS A 26 -5.05 -13.80 5.02
CA CYS A 26 -6.07 -14.18 5.98
C CYS A 26 -7.00 -15.27 5.43
N ARG A 27 -6.85 -16.47 5.99
CA ARG A 27 -7.57 -17.70 5.71
C ARG A 27 -8.41 -18.15 6.91
N ASN A 28 -8.57 -17.30 7.94
CA ASN A 28 -9.28 -17.66 9.15
C ASN A 28 -10.71 -17.13 9.16
N ALA A 29 -11.73 -17.99 9.33
CA ALA A 29 -13.12 -17.55 9.39
C ALA A 29 -13.38 -16.68 10.63
N ASN A 30 -12.56 -16.87 11.66
CA ASN A 30 -12.65 -16.15 12.93
C ASN A 30 -12.49 -14.65 12.68
N CYS A 31 -11.39 -14.26 12.03
CA CYS A 31 -11.06 -12.89 11.71
C CYS A 31 -12.30 -12.20 11.13
N SER A 32 -12.69 -11.06 11.69
CA SER A 32 -13.83 -10.31 11.22
C SER A 32 -13.52 -8.84 11.43
N LEU A 33 -13.04 -8.17 10.38
CA LEU A 33 -12.70 -6.75 10.40
C LEU A 33 -13.19 -6.16 9.08
N PRO A 34 -13.67 -4.91 9.06
CA PRO A 34 -14.16 -4.26 7.84
C PRO A 34 -13.02 -4.08 6.83
N SER A 35 -11.84 -3.71 7.32
CA SER A 35 -10.67 -3.51 6.49
C SER A 35 -10.19 -4.84 5.94
N CYS A 36 -10.13 -5.90 6.76
CA CYS A 36 -9.69 -7.22 6.33
C CYS A 36 -10.58 -7.70 5.16
N GLN A 37 -11.91 -7.70 5.38
CA GLN A 37 -12.84 -8.16 4.35
C GLN A 37 -12.82 -7.31 3.07
N LYS A 38 -12.64 -5.98 3.14
CA LYS A 38 -12.61 -5.18 1.90
C LYS A 38 -11.30 -5.39 1.17
N MET A 39 -10.19 -5.55 1.90
CA MET A 39 -8.89 -5.76 1.31
C MET A 39 -8.90 -7.07 0.53
N LYS A 40 -9.69 -8.08 0.96
CA LYS A 40 -9.78 -9.36 0.23
C LYS A 40 -10.10 -9.13 -1.25
N ARG A 41 -10.94 -8.13 -1.53
CA ARG A 41 -11.36 -7.80 -2.88
C ARG A 41 -10.19 -7.35 -3.73
N VAL A 42 -9.41 -6.37 -3.28
CA VAL A 42 -8.27 -5.89 -4.04
C VAL A 42 -7.21 -6.97 -4.15
N VAL A 43 -6.92 -7.73 -3.09
CA VAL A 43 -5.90 -8.77 -3.18
C VAL A 43 -6.36 -9.83 -4.18
N GLN A 44 -7.64 -10.22 -4.19
CA GLN A 44 -8.10 -11.23 -5.13
C GLN A 44 -8.00 -10.70 -6.56
N HIS A 45 -8.33 -9.42 -6.77
CA HIS A 45 -8.26 -8.82 -8.08
C HIS A 45 -6.81 -8.82 -8.56
N THR A 46 -5.88 -8.27 -7.76
CA THR A 46 -4.46 -8.16 -8.09
C THR A 46 -3.77 -9.53 -8.27
N LYS A 47 -4.19 -10.56 -7.54
CA LYS A 47 -3.62 -11.92 -7.66
C LYS A 47 -3.96 -12.52 -9.03
N GLY A 48 -4.92 -11.95 -9.74
CA GLY A 48 -5.36 -12.35 -11.07
C GLY A 48 -4.97 -11.35 -12.16
N CYS A 49 -4.50 -10.14 -11.80
CA CYS A 49 -4.08 -9.08 -12.70
C CYS A 49 -2.71 -9.38 -13.34
N LYS A 50 -2.71 -9.81 -14.60
CA LYS A 50 -1.50 -10.08 -15.37
C LYS A 50 -1.37 -9.08 -16.52
N ARG A 51 -2.45 -8.35 -16.84
CA ARG A 51 -2.45 -7.33 -17.91
C ARG A 51 -1.62 -6.10 -17.54
N LYS A 52 -1.06 -6.04 -16.34
CA LYS A 52 -0.24 -4.95 -15.81
C LYS A 52 0.85 -4.51 -16.76
N THR A 53 1.55 -5.47 -17.33
CA THR A 53 2.63 -5.27 -18.29
C THR A 53 2.15 -4.57 -19.57
N ASN A 54 0.90 -4.78 -19.98
CA ASN A 54 0.33 -4.18 -21.18
C ASN A 54 -0.34 -2.84 -20.85
N GLY A 55 -1.21 -2.84 -19.83
CA GLY A 55 -1.95 -1.70 -19.35
C GLY A 55 -2.80 -2.15 -18.16
N GLY A 56 -2.18 -2.19 -16.98
CA GLY A 56 -2.86 -2.60 -15.74
C GLY A 56 -3.89 -1.59 -15.29
N CYS A 57 -4.79 -2.02 -14.40
CA CYS A 57 -5.82 -1.13 -13.87
C CYS A 57 -5.18 -0.18 -12.82
N PRO A 58 -5.93 0.78 -12.24
CA PRO A 58 -5.35 1.68 -11.25
C PRO A 58 -5.10 0.98 -9.91
N ILE A 59 -5.94 0.01 -9.52
CA ILE A 59 -5.82 -0.75 -8.27
C ILE A 59 -4.46 -1.48 -8.30
N CYS A 60 -4.04 -2.00 -9.45
CA CYS A 60 -2.78 -2.70 -9.61
C CYS A 60 -1.62 -1.83 -9.10
N LYS A 61 -1.65 -0.52 -9.42
CA LYS A 61 -0.62 0.44 -9.03
C LYS A 61 -0.79 0.87 -7.57
N GLN A 62 -2.00 1.27 -7.19
CA GLN A 62 -2.31 1.73 -5.83
C GLN A 62 -1.97 0.69 -4.76
N LEU A 63 -2.13 -0.60 -5.05
CA LEU A 63 -1.81 -1.67 -4.09
C LEU A 63 -0.33 -1.63 -3.72
N ILE A 64 0.52 -1.56 -4.75
CA ILE A 64 1.97 -1.53 -4.64
C ILE A 64 2.44 -0.40 -3.69
N ALA A 65 1.73 0.73 -3.65
CA ALA A 65 2.09 1.86 -2.79
C ALA A 65 2.13 1.48 -1.32
N LEU A 66 1.07 0.84 -0.82
CA LEU A 66 0.99 0.44 0.58
C LEU A 66 1.89 -0.76 0.83
N ALA A 67 1.95 -1.70 -0.12
CA ALA A 67 2.79 -2.88 0.02
C ALA A 67 4.27 -2.48 0.18
N ALA A 68 4.70 -1.34 -0.39
CA ALA A 68 6.08 -0.86 -0.29
C ALA A 68 6.44 -0.48 1.14
N TYR A 69 5.46 -0.11 1.97
CA TYR A 69 5.73 0.23 3.35
C TYR A 69 6.00 -1.09 4.06
N HIS A 70 5.14 -2.09 3.88
CA HIS A 70 5.36 -3.37 4.51
C HIS A 70 6.67 -4.01 4.01
N ALA A 71 7.10 -3.73 2.78
CA ALA A 71 8.34 -4.26 2.21
C ALA A 71 9.57 -3.89 3.05
N LYS A 72 9.55 -2.73 3.73
CA LYS A 72 10.61 -2.26 4.62
C LYS A 72 10.38 -2.64 6.09
N HIS A 73 9.29 -3.35 6.41
CA HIS A 73 8.94 -3.79 7.75
C HIS A 73 8.81 -5.31 7.86
N CYS A 74 8.94 -6.05 6.74
CA CYS A 74 8.86 -7.50 6.70
C CYS A 74 10.25 -8.01 7.10
N GLN A 75 10.33 -8.68 8.24
CA GLN A 75 11.59 -9.24 8.74
C GLN A 75 11.91 -10.51 7.97
N GLU A 76 10.87 -11.24 7.60
CA GLU A 76 10.99 -12.46 6.82
C GLU A 76 11.46 -12.01 5.43
N ASN A 77 12.57 -12.55 4.96
CA ASN A 77 13.12 -12.21 3.65
C ASN A 77 12.30 -12.88 2.54
N LYS A 78 11.55 -13.94 2.85
CA LYS A 78 10.69 -14.68 1.92
C LYS A 78 9.24 -14.30 2.21
N CYS A 79 8.88 -13.06 1.87
CA CYS A 79 7.56 -12.51 2.10
C CYS A 79 6.43 -13.41 1.55
N PRO A 80 5.46 -13.81 2.38
CA PRO A 80 4.33 -14.63 1.93
C PRO A 80 3.48 -13.84 0.93
N VAL A 81 3.33 -12.52 1.09
CA VAL A 81 2.54 -11.72 0.16
C VAL A 81 3.34 -11.63 -1.16
N PRO A 82 2.73 -11.92 -2.32
CA PRO A 82 3.44 -11.90 -3.60
C PRO A 82 3.82 -10.50 -4.10
N PHE A 83 3.03 -9.47 -3.77
CA PHE A 83 3.32 -8.10 -4.20
C PHE A 83 4.46 -7.49 -3.38
N CYS A 84 4.62 -7.91 -2.12
CA CYS A 84 5.67 -7.40 -1.23
C CYS A 84 7.04 -7.69 -1.84
N LEU A 85 7.30 -8.96 -2.17
CA LEU A 85 8.57 -9.34 -2.76
C LEU A 85 8.69 -8.75 -4.17
N ASN A 86 7.57 -8.55 -4.88
CA ASN A 86 7.61 -7.98 -6.22
C ASN A 86 8.24 -6.60 -6.15
N ILE A 87 7.88 -5.79 -5.14
CA ILE A 87 8.45 -4.46 -4.94
C ILE A 87 9.95 -4.61 -4.71
N LYS A 88 10.39 -5.56 -3.89
CA LYS A 88 11.82 -5.77 -3.62
C LYS A 88 12.55 -6.07 -4.93
N GLN A 89 11.96 -6.89 -5.80
CA GLN A 89 12.55 -7.25 -7.08
C GLN A 89 12.64 -6.06 -8.03
N LYS A 90 11.85 -5.01 -7.82
CA LYS A 90 11.85 -3.82 -8.69
C LYS A 90 12.66 -2.66 -8.13
N GLY A 91 12.92 -2.61 -6.82
CA GLY A 91 13.66 -1.52 -6.19
C GLY A 91 12.81 -0.26 -6.02
N GLY A 92 11.96 0.08 -7.00
CA GLY A 92 11.08 1.25 -6.95
C GLY A 92 11.83 2.57 -7.18
N SER A 93 13.15 2.50 -7.44
CA SER A 93 13.99 3.66 -7.68
C SER A 93 13.63 4.37 -8.99
N GLY A 94 13.29 3.63 -10.05
CA GLY A 94 12.98 4.23 -11.35
C GLY A 94 14.29 4.40 -12.10
N GLY A 95 15.30 4.99 -11.45
CA GLY A 95 16.64 5.22 -11.98
C GLY A 95 16.70 6.06 -13.26
N GLY A 96 15.68 6.87 -13.53
CA GLY A 96 15.59 7.71 -14.71
C GLY A 96 14.22 8.34 -14.92
N THR A 97 13.24 8.09 -14.03
CA THR A 97 11.88 8.62 -14.12
C THR A 97 11.79 10.14 -13.88
N GLY A 98 12.89 10.84 -13.64
CA GLY A 98 12.92 12.29 -13.40
C GLY A 98 13.30 12.63 -11.95
N GLY A 99 13.76 11.65 -11.18
CA GLY A 99 14.20 11.74 -9.80
C GLY A 99 13.14 12.24 -8.84
N GLY A 100 11.86 12.25 -9.23
CA GLY A 100 10.76 12.73 -8.43
C GLY A 100 11.00 14.19 -8.12
N SER A 101 11.14 14.99 -9.17
CA SER A 101 11.38 16.41 -9.07
C SER A 101 10.45 17.16 -10.03
N GLY A 102 10.24 18.45 -9.78
CA GLY A 102 9.37 19.32 -10.55
C GLY A 102 8.01 19.52 -9.86
N THR A 103 7.83 18.99 -8.65
CA THR A 103 6.59 19.13 -7.90
C THR A 103 6.38 20.60 -7.48
N ILE A 104 5.15 20.94 -7.08
CA ILE A 104 4.81 22.27 -6.62
C ILE A 104 4.88 22.14 -5.10
N GLU A 105 3.98 21.33 -4.52
CA GLU A 105 3.91 21.05 -3.09
C GLU A 105 4.48 19.66 -2.93
N GLY A 106 5.61 19.52 -2.22
CA GLY A 106 6.27 18.25 -2.00
C GLY A 106 7.78 18.35 -2.13
N ARG A 107 8.39 19.45 -1.68
CA ARG A 107 9.84 19.65 -1.76
C ARG A 107 10.59 18.84 -0.71
N GLY A 108 10.40 17.52 -0.68
CA GLY A 108 11.06 16.66 0.29
C GLY A 108 10.67 17.10 1.70
N ASP A 109 9.37 17.29 1.92
CA ASP A 109 8.82 17.69 3.18
C ASP A 109 7.57 16.86 3.47
N GLY A 110 7.25 16.72 4.75
CA GLY A 110 6.12 15.96 5.25
C GLY A 110 6.49 14.51 5.48
N GLY A 111 7.31 13.92 4.62
CA GLY A 111 7.75 12.52 4.72
C GLY A 111 6.77 11.53 4.09
N THR A 112 5.51 11.93 3.88
CA THR A 112 4.46 11.11 3.29
C THR A 112 3.99 11.72 1.96
N THR A 113 4.81 12.53 1.28
CA THR A 113 4.52 13.22 0.02
C THR A 113 3.73 12.37 -1.00
N PHE A 114 4.00 11.07 -1.12
CA PHE A 114 3.32 10.14 -2.03
C PHE A 114 1.80 10.13 -1.84
N GLU A 115 1.29 10.49 -0.65
CA GLU A 115 -0.10 10.54 -0.27
C GLU A 115 -0.96 11.30 -1.29
N HIS A 116 -0.37 12.24 -2.03
CA HIS A 116 -1.11 12.98 -3.03
C HIS A 116 -1.70 12.06 -4.12
N LEU A 117 -1.19 10.83 -4.30
CA LEU A 117 -1.74 9.89 -5.29
C LEU A 117 -3.14 9.44 -4.87
N TRP A 118 -3.49 9.52 -3.58
CA TRP A 118 -4.82 9.14 -3.11
C TRP A 118 -5.86 10.16 -3.60
N SER A 119 -5.42 11.35 -4.03
CA SER A 119 -6.30 12.39 -4.55
C SER A 119 -6.90 11.93 -5.88
N SER A 120 -6.28 10.94 -6.56
CA SER A 120 -6.76 10.39 -7.82
C SER A 120 -7.58 9.11 -7.60
N LEU A 121 -7.71 8.65 -6.34
CA LEU A 121 -8.48 7.46 -6.01
C LEU A 121 -9.96 7.76 -6.35
N GLU A 122 -10.78 6.73 -6.56
CA GLU A 122 -12.17 6.97 -6.90
C GLU A 122 -12.85 7.78 -5.80
N PRO A 123 -13.72 8.75 -6.16
CA PRO A 123 -14.41 9.55 -5.16
C PRO A 123 -15.37 8.71 -4.30
N ASP A 124 -15.77 7.54 -4.81
CA ASP A 124 -16.66 6.57 -4.17
C ASP A 124 -15.87 5.50 -3.41
N SER A 125 -14.60 5.28 -3.76
CA SER A 125 -13.63 4.32 -3.21
C SER A 125 -14.25 3.05 -2.61
N THR A 126 -15.10 2.36 -3.37
CA THR A 126 -15.82 1.14 -3.00
C THR A 126 -14.95 -0.09 -2.69
N TYR A 127 -13.63 0.05 -2.71
CA TYR A 127 -12.65 -0.99 -2.45
C TYR A 127 -11.54 -0.56 -1.47
N PHE A 128 -11.39 0.73 -1.16
CA PHE A 128 -10.37 1.29 -0.26
C PHE A 128 -10.99 2.18 0.81
N ASP A 129 -10.19 2.64 1.78
CA ASP A 129 -10.66 3.51 2.85
C ASP A 129 -10.79 4.93 2.33
N LEU A 130 -11.98 5.52 2.46
CA LEU A 130 -12.26 6.88 2.00
C LEU A 130 -11.48 7.86 2.84
N ALA A 1 14.03 11.82 17.10
CA ALA A 1 13.06 11.50 18.16
C ALA A 1 11.84 10.82 17.56
N THR A 2 11.62 9.55 17.94
CA THR A 2 10.51 8.73 17.46
C THR A 2 9.13 9.14 18.00
N GLN A 3 9.06 10.07 18.97
CA GLN A 3 7.76 10.51 19.50
C GLN A 3 7.19 11.48 18.46
N SER A 4 6.21 11.02 17.69
CA SER A 4 5.56 11.81 16.65
C SER A 4 4.34 12.55 17.23
N PRO A 5 4.00 13.75 16.74
CA PRO A 5 2.87 14.57 17.19
C PRO A 5 1.45 14.05 16.88
N GLY A 6 1.17 12.76 17.08
CA GLY A 6 -0.13 12.13 16.85
C GLY A 6 -0.68 12.19 15.42
N ASP A 7 0.20 12.33 14.42
CA ASP A 7 -0.06 12.42 12.98
C ASP A 7 -1.18 11.50 12.52
N SER A 8 -2.38 12.05 12.35
CA SER A 8 -3.55 11.31 11.90
C SER A 8 -3.23 10.54 10.61
N ARG A 9 -2.57 11.20 9.65
CA ARG A 9 -2.20 10.61 8.37
C ARG A 9 -1.22 9.44 8.54
N ARG A 10 -0.13 9.60 9.30
CA ARG A 10 0.83 8.50 9.49
C ARG A 10 0.11 7.29 10.07
N LEU A 11 -0.72 7.48 11.10
CA LEU A 11 -1.46 6.40 11.73
C LEU A 11 -2.39 5.73 10.72
N SER A 12 -3.15 6.50 9.95
CA SER A 12 -4.07 5.95 8.95
C SER A 12 -3.29 5.12 7.91
N ILE A 13 -2.14 5.62 7.43
CA ILE A 13 -1.30 4.91 6.46
C ILE A 13 -0.90 3.57 7.08
N GLN A 14 -0.39 3.59 8.32
CA GLN A 14 0.02 2.38 9.03
C GLN A 14 -1.13 1.38 9.13
N ARG A 15 -2.31 1.81 9.58
CA ARG A 15 -3.48 0.94 9.72
C ARG A 15 -3.85 0.35 8.36
N ALA A 16 -3.87 1.17 7.30
CA ALA A 16 -4.21 0.76 5.95
C ALA A 16 -3.26 -0.33 5.48
N ILE A 17 -1.95 -0.10 5.57
CA ILE A 17 -0.93 -1.06 5.15
C ILE A 17 -1.11 -2.39 5.87
N GLN A 18 -1.25 -2.34 7.20
CA GLN A 18 -1.40 -3.53 8.03
C GLN A 18 -2.64 -4.32 7.63
N SER A 19 -3.78 -3.65 7.43
CA SER A 19 -5.04 -4.27 7.04
C SER A 19 -4.90 -4.90 5.66
N LEU A 20 -4.17 -4.23 4.76
CA LEU A 20 -3.94 -4.66 3.40
C LEU A 20 -3.19 -5.99 3.38
N VAL A 21 -2.03 -6.04 4.04
CA VAL A 21 -1.24 -7.26 4.05
C VAL A 21 -1.91 -8.36 4.86
N HIS A 22 -2.63 -7.99 5.94
CA HIS A 22 -3.30 -8.99 6.74
C HIS A 22 -4.29 -9.71 5.85
N ALA A 23 -5.17 -8.99 5.14
CA ALA A 23 -6.16 -9.59 4.26
C ALA A 23 -5.54 -10.35 3.10
N ALA A 24 -4.38 -9.89 2.61
CA ALA A 24 -3.69 -10.50 1.49
C ALA A 24 -3.34 -11.97 1.77
N GLN A 25 -3.10 -12.32 3.02
CA GLN A 25 -2.75 -13.68 3.41
C GLN A 25 -3.74 -14.27 4.42
N CYS A 26 -4.75 -13.50 4.85
CA CYS A 26 -5.77 -13.88 5.82
C CYS A 26 -6.52 -15.12 5.34
N ARG A 27 -6.23 -16.22 6.02
CA ARG A 27 -6.81 -17.55 5.85
C ARG A 27 -7.62 -17.91 7.10
N ASN A 28 -7.64 -17.02 8.09
CA ASN A 28 -8.33 -17.19 9.36
C ASN A 28 -9.79 -16.89 9.09
N ALA A 29 -10.59 -17.94 8.90
CA ALA A 29 -12.01 -17.82 8.62
C ALA A 29 -12.81 -17.15 9.75
N ASN A 30 -12.21 -16.87 10.91
CA ASN A 30 -12.92 -16.23 12.02
C ASN A 30 -12.78 -14.70 12.01
N CYS A 31 -11.90 -14.17 11.15
CA CYS A 31 -11.67 -12.74 11.00
C CYS A 31 -12.94 -12.07 10.44
N SER A 32 -13.47 -11.08 11.16
CA SER A 32 -14.65 -10.31 10.79
C SER A 32 -14.34 -8.84 11.00
N LEU A 33 -13.93 -8.17 9.92
CA LEU A 33 -13.60 -6.76 9.86
C LEU A 33 -14.12 -6.27 8.51
N PRO A 34 -14.61 -5.03 8.40
CA PRO A 34 -15.10 -4.51 7.14
C PRO A 34 -13.91 -4.35 6.21
N SER A 35 -12.77 -3.88 6.76
CA SER A 35 -11.52 -3.67 6.06
C SER A 35 -10.98 -5.00 5.52
N CYS A 36 -11.02 -6.09 6.31
CA CYS A 36 -10.52 -7.38 5.84
C CYS A 36 -11.41 -7.88 4.69
N GLN A 37 -12.74 -7.83 4.84
CA GLN A 37 -13.68 -8.28 3.81
C GLN A 37 -13.50 -7.53 2.50
N LYS A 38 -13.37 -6.20 2.57
CA LYS A 38 -13.18 -5.39 1.36
C LYS A 38 -11.81 -5.66 0.75
N MET A 39 -10.73 -5.75 1.55
CA MET A 39 -9.38 -6.01 1.08
C MET A 39 -9.28 -7.41 0.47
N LYS A 40 -10.03 -8.39 1.00
CA LYS A 40 -10.04 -9.77 0.53
C LYS A 40 -10.26 -9.81 -0.99
N ARG A 41 -11.15 -8.96 -1.51
CA ARG A 41 -11.45 -8.89 -2.94
C ARG A 41 -10.30 -8.28 -3.73
N VAL A 42 -9.59 -7.32 -3.16
CA VAL A 42 -8.48 -6.67 -3.83
C VAL A 42 -7.40 -7.70 -4.14
N VAL A 43 -6.97 -8.50 -3.16
CA VAL A 43 -5.92 -9.49 -3.39
C VAL A 43 -6.39 -10.54 -4.41
N GLN A 44 -7.67 -10.95 -4.33
CA GLN A 44 -8.22 -11.93 -5.24
C GLN A 44 -8.13 -11.46 -6.69
N HIS A 45 -8.31 -10.16 -6.91
CA HIS A 45 -8.25 -9.55 -8.22
C HIS A 45 -6.79 -9.46 -8.69
N THR A 46 -5.90 -8.86 -7.89
CA THR A 46 -4.50 -8.68 -8.26
C THR A 46 -3.76 -9.98 -8.59
N LYS A 47 -4.12 -11.11 -7.95
CA LYS A 47 -3.49 -12.41 -8.20
C LYS A 47 -3.75 -12.87 -9.64
N GLY A 48 -4.86 -12.44 -10.26
CA GLY A 48 -5.22 -12.81 -11.61
C GLY A 48 -5.01 -11.71 -12.66
N CYS A 49 -4.57 -10.52 -12.24
CA CYS A 49 -4.33 -9.39 -13.12
C CYS A 49 -3.03 -9.55 -13.93
N LYS A 50 -3.18 -9.72 -15.24
CA LYS A 50 -2.07 -9.83 -16.19
C LYS A 50 -2.08 -8.61 -17.12
N ARG A 51 -3.18 -7.84 -17.16
CA ARG A 51 -3.29 -6.64 -17.99
C ARG A 51 -2.39 -5.51 -17.48
N LYS A 52 -1.95 -5.56 -16.21
CA LYS A 52 -1.05 -4.58 -15.60
C LYS A 52 0.27 -4.45 -16.34
N THR A 53 0.61 -5.43 -17.18
CA THR A 53 1.83 -5.43 -17.98
C THR A 53 1.82 -4.23 -18.96
N ASN A 54 0.65 -3.92 -19.55
CA ASN A 54 0.51 -2.84 -20.52
C ASN A 54 -0.50 -1.78 -20.09
N GLY A 55 -1.72 -2.18 -19.72
CA GLY A 55 -2.78 -1.26 -19.33
C GLY A 55 -3.66 -1.82 -18.22
N GLY A 56 -3.14 -1.85 -16.99
CA GLY A 56 -3.89 -2.33 -15.84
C GLY A 56 -4.52 -1.19 -15.06
N CYS A 57 -5.47 -1.57 -14.22
CA CYS A 57 -6.25 -0.72 -13.34
C CYS A 57 -5.33 -0.02 -12.33
N PRO A 58 -5.80 1.01 -11.63
CA PRO A 58 -5.00 1.70 -10.64
C PRO A 58 -4.86 0.84 -9.39
N ILE A 59 -5.69 -0.19 -9.24
CA ILE A 59 -5.71 -1.11 -8.11
C ILE A 59 -4.36 -1.83 -8.08
N CYS A 60 -3.93 -2.40 -9.21
CA CYS A 60 -2.66 -3.08 -9.29
C CYS A 60 -1.48 -2.11 -9.05
N LYS A 61 -1.62 -0.84 -9.45
CA LYS A 61 -0.57 0.16 -9.28
C LYS A 61 -0.46 0.63 -7.83
N GLN A 62 -1.56 1.07 -7.22
CA GLN A 62 -1.61 1.57 -5.85
C GLN A 62 -1.28 0.49 -4.82
N LEU A 63 -1.57 -0.78 -5.14
CA LEU A 63 -1.28 -1.88 -4.24
C LEU A 63 0.22 -1.91 -3.94
N ILE A 64 1.06 -1.71 -4.96
CA ILE A 64 2.50 -1.72 -4.84
C ILE A 64 2.98 -0.51 -4.02
N ALA A 65 2.30 0.64 -4.09
CA ALA A 65 2.70 1.83 -3.34
C ALA A 65 2.68 1.53 -1.83
N LEU A 66 1.58 0.95 -1.32
CA LEU A 66 1.47 0.61 0.10
C LEU A 66 2.30 -0.64 0.41
N ALA A 67 2.38 -1.61 -0.51
CA ALA A 67 3.16 -2.83 -0.31
C ALA A 67 4.64 -2.50 -0.11
N ALA A 68 5.15 -1.48 -0.81
CA ALA A 68 6.53 -1.05 -0.72
C ALA A 68 6.90 -0.64 0.71
N TYR A 69 5.96 -0.04 1.44
CA TYR A 69 6.18 0.37 2.81
C TYR A 69 6.19 -0.87 3.69
N HIS A 70 5.27 -1.80 3.46
CA HIS A 70 5.24 -3.01 4.24
C HIS A 70 6.54 -3.81 4.01
N ALA A 71 7.14 -3.76 2.82
CA ALA A 71 8.37 -4.49 2.50
C ALA A 71 9.55 -4.12 3.41
N LYS A 72 9.56 -2.93 4.02
CA LYS A 72 10.63 -2.54 4.95
C LYS A 72 10.27 -2.85 6.41
N HIS A 73 9.02 -3.21 6.69
CA HIS A 73 8.48 -3.51 8.01
C HIS A 73 7.94 -4.93 8.17
N CYS A 74 8.11 -5.83 7.19
CA CYS A 74 7.63 -7.19 7.31
C CYS A 74 8.50 -7.95 8.33
N GLN A 75 8.05 -9.16 8.67
CA GLN A 75 8.71 -10.05 9.62
C GLN A 75 10.00 -10.57 8.99
N GLU A 76 9.92 -11.62 8.17
CA GLU A 76 11.03 -12.24 7.47
C GLU A 76 11.17 -11.54 6.10
N ASN A 77 12.14 -11.94 5.28
CA ASN A 77 12.38 -11.35 3.96
C ASN A 77 11.51 -12.04 2.89
N LYS A 78 11.09 -13.28 3.15
CA LYS A 78 10.28 -14.11 2.29
C LYS A 78 8.82 -13.93 2.70
N CYS A 79 8.34 -12.70 2.63
CA CYS A 79 7.00 -12.31 3.01
C CYS A 79 5.94 -13.20 2.34
N PRO A 80 4.85 -13.55 3.05
CA PRO A 80 3.78 -14.38 2.51
C PRO A 80 3.08 -13.66 1.34
N VAL A 81 2.88 -12.34 1.45
CA VAL A 81 2.23 -11.54 0.43
C VAL A 81 3.10 -11.56 -0.84
N PRO A 82 2.53 -11.87 -2.02
CA PRO A 82 3.29 -11.94 -3.27
C PRO A 82 3.75 -10.58 -3.79
N PHE A 83 2.98 -9.52 -3.52
CA PHE A 83 3.34 -8.18 -3.97
C PHE A 83 4.44 -7.57 -3.09
N CYS A 84 4.56 -7.96 -1.80
CA CYS A 84 5.58 -7.42 -0.90
C CYS A 84 6.97 -7.68 -1.47
N LEU A 85 7.22 -8.97 -1.76
CA LEU A 85 8.48 -9.46 -2.31
C LEU A 85 8.74 -8.84 -3.70
N ASN A 86 7.69 -8.45 -4.44
CA ASN A 86 7.85 -7.84 -5.75
C ASN A 86 8.71 -6.59 -5.59
N ILE A 87 8.40 -5.71 -4.62
CA ILE A 87 9.19 -4.51 -4.39
C ILE A 87 10.66 -4.87 -4.12
N LYS A 88 10.91 -5.93 -3.33
CA LYS A 88 12.29 -6.32 -3.04
C LYS A 88 13.04 -6.75 -4.31
N GLN A 89 12.35 -7.14 -5.38
CA GLN A 89 13.01 -7.54 -6.63
C GLN A 89 13.25 -6.31 -7.52
N LYS A 90 12.39 -5.29 -7.45
CA LYS A 90 12.50 -4.08 -8.26
C LYS A 90 13.81 -3.36 -8.05
N GLY A 91 14.13 -3.05 -6.79
CA GLY A 91 15.32 -2.35 -6.36
C GLY A 91 15.29 -0.85 -6.69
N GLY A 92 14.62 -0.41 -7.76
CA GLY A 92 14.48 0.98 -8.17
C GLY A 92 15.18 1.42 -9.46
N SER A 93 15.63 0.51 -10.33
CA SER A 93 16.29 0.90 -11.59
C SER A 93 15.33 1.56 -12.57
N GLY A 94 15.84 2.07 -13.70
CA GLY A 94 15.10 2.71 -14.78
C GLY A 94 15.05 4.23 -14.72
N GLY A 95 15.55 4.88 -13.66
CA GLY A 95 15.55 6.34 -13.56
C GLY A 95 14.21 6.95 -13.11
N GLY A 96 13.18 6.16 -12.77
CA GLY A 96 11.91 6.74 -12.34
C GLY A 96 10.71 5.80 -12.19
N THR A 97 10.87 4.50 -12.39
CA THR A 97 9.80 3.49 -12.29
C THR A 97 8.99 3.66 -11.01
N GLY A 98 7.66 3.63 -11.14
CA GLY A 98 6.71 3.74 -10.04
C GLY A 98 5.37 4.35 -10.45
N GLY A 99 5.29 4.95 -11.64
CA GLY A 99 4.10 5.59 -12.18
C GLY A 99 4.45 6.81 -13.02
N GLY A 100 5.70 7.29 -12.96
CA GLY A 100 6.17 8.43 -13.73
C GLY A 100 5.77 9.78 -13.14
N SER A 101 5.34 9.84 -11.87
CA SER A 101 4.92 11.06 -11.20
C SER A 101 6.01 12.15 -11.36
N GLY A 102 7.22 11.86 -10.85
CA GLY A 102 8.37 12.77 -10.93
C GLY A 102 8.10 14.16 -10.39
N THR A 103 7.10 14.32 -9.53
CA THR A 103 6.63 15.53 -8.89
C THR A 103 7.78 16.40 -8.35
N ILE A 104 7.79 17.67 -8.72
CA ILE A 104 8.82 18.64 -8.34
C ILE A 104 8.80 18.91 -6.83
N GLU A 105 7.65 19.39 -6.35
CA GLU A 105 7.38 19.75 -4.96
C GLU A 105 7.37 18.53 -4.04
N GLY A 106 7.10 18.75 -2.75
CA GLY A 106 7.08 17.69 -1.76
C GLY A 106 8.49 17.15 -1.53
N ARG A 107 9.50 17.99 -1.76
CA ARG A 107 10.90 17.65 -1.62
C ARG A 107 11.25 17.72 -0.13
N GLY A 108 10.81 16.72 0.63
CA GLY A 108 11.09 16.65 2.05
C GLY A 108 10.19 17.52 2.90
N ASP A 109 8.88 17.52 2.65
CA ASP A 109 7.86 18.26 3.39
C ASP A 109 6.81 17.20 3.72
N GLY A 110 6.61 16.92 5.00
CA GLY A 110 5.66 15.92 5.49
C GLY A 110 6.27 14.54 5.44
N GLY A 111 6.92 14.21 4.33
CA GLY A 111 7.60 12.95 4.06
C GLY A 111 6.69 11.88 3.48
N THR A 112 5.40 12.16 3.28
CA THR A 112 4.42 11.23 2.73
C THR A 112 3.86 11.76 1.42
N THR A 113 4.57 12.61 0.68
CA THR A 113 4.16 13.23 -0.59
C THR A 113 3.45 12.28 -1.56
N PHE A 114 3.74 10.97 -1.56
CA PHE A 114 3.09 9.96 -2.39
C PHE A 114 1.57 10.05 -2.21
N GLU A 115 1.11 10.56 -1.05
CA GLU A 115 -0.26 10.80 -0.65
C GLU A 115 -1.04 11.53 -1.76
N HIS A 116 -0.35 12.31 -2.60
CA HIS A 116 -0.93 13.06 -3.72
C HIS A 116 -1.65 12.11 -4.70
N LEU A 117 -1.20 10.85 -4.81
CA LEU A 117 -1.82 9.84 -5.67
C LEU A 117 -3.24 9.54 -5.19
N TRP A 118 -3.47 9.53 -3.86
CA TRP A 118 -4.78 9.25 -3.29
C TRP A 118 -5.81 10.30 -3.72
N SER A 119 -5.38 11.52 -4.08
CA SER A 119 -6.29 12.58 -4.54
C SER A 119 -6.89 12.21 -5.91
N SER A 120 -6.34 11.21 -6.60
CA SER A 120 -6.81 10.73 -7.90
C SER A 120 -7.58 9.41 -7.73
N LEU A 121 -7.51 8.79 -6.55
CA LEU A 121 -8.22 7.55 -6.25
C LEU A 121 -9.65 8.04 -6.04
N GLU A 122 -10.58 7.62 -6.91
CA GLU A 122 -11.99 8.01 -6.84
C GLU A 122 -12.51 7.81 -5.40
N PRO A 123 -13.29 8.74 -4.81
CA PRO A 123 -13.82 8.65 -3.46
C PRO A 123 -14.95 7.62 -3.30
N ASP A 124 -14.84 6.46 -3.96
CA ASP A 124 -15.81 5.39 -3.89
C ASP A 124 -15.71 4.68 -2.55
N SER A 125 -14.50 4.62 -1.98
CA SER A 125 -14.08 4.02 -0.72
C SER A 125 -14.57 2.58 -0.51
N THR A 126 -14.95 1.87 -1.58
CA THR A 126 -15.44 0.51 -1.50
C THR A 126 -14.31 -0.52 -1.42
N TYR A 127 -13.10 -0.21 -1.93
CA TYR A 127 -11.98 -1.15 -1.89
C TYR A 127 -10.80 -0.63 -1.09
N PHE A 128 -10.64 0.68 -1.02
CA PHE A 128 -9.58 1.35 -0.27
C PHE A 128 -10.21 2.26 0.78
N ASP A 129 -9.39 2.68 1.75
CA ASP A 129 -9.81 3.57 2.82
C ASP A 129 -9.34 4.97 2.47
N LEU A 130 -10.15 5.98 2.78
CA LEU A 130 -9.85 7.38 2.51
C LEU A 130 -8.67 7.87 3.34
N ALA A 1 8.32 7.66 28.54
CA ALA A 1 8.48 8.86 27.71
C ALA A 1 8.11 8.56 26.27
N THR A 2 7.38 9.45 25.63
CA THR A 2 6.96 9.34 24.24
C THR A 2 6.60 10.76 23.77
N GLN A 3 6.82 11.05 22.49
CA GLN A 3 6.52 12.34 21.89
C GLN A 3 6.56 12.19 20.37
N SER A 4 5.61 12.85 19.72
CA SER A 4 5.43 12.90 18.28
C SER A 4 4.68 14.20 17.96
N PRO A 5 4.68 14.68 16.71
CA PRO A 5 3.97 15.91 16.35
C PRO A 5 2.45 15.66 16.24
N GLY A 6 2.03 14.42 16.01
CA GLY A 6 0.64 14.03 15.86
C GLY A 6 0.26 13.90 14.39
N ASP A 7 1.15 13.33 13.59
CA ASP A 7 1.00 13.11 12.16
C ASP A 7 -0.09 12.06 11.93
N SER A 8 -1.36 12.48 11.83
CA SER A 8 -2.49 11.59 11.63
C SER A 8 -2.32 10.68 10.40
N ARG A 9 -1.80 11.20 9.27
CA ARG A 9 -1.62 10.39 8.06
C ARG A 9 -0.73 9.19 8.36
N ARG A 10 0.33 9.33 9.16
CA ARG A 10 1.22 8.22 9.48
C ARG A 10 0.43 7.08 10.10
N LEU A 11 -0.46 7.37 11.05
CA LEU A 11 -1.27 6.34 11.70
C LEU A 11 -2.19 5.69 10.67
N SER A 12 -2.82 6.47 9.80
CA SER A 12 -3.72 5.97 8.77
C SER A 12 -2.97 5.00 7.85
N ILE A 13 -1.78 5.40 7.39
CA ILE A 13 -0.93 4.61 6.51
C ILE A 13 -0.61 3.29 7.23
N GLN A 14 -0.19 3.36 8.51
CA GLN A 14 0.11 2.17 9.32
C GLN A 14 -1.12 1.25 9.36
N ARG A 15 -2.30 1.78 9.72
CA ARG A 15 -3.54 1.00 9.80
C ARG A 15 -3.81 0.28 8.49
N ALA A 16 -3.70 0.98 7.35
CA ALA A 16 -3.93 0.41 6.05
C ALA A 16 -2.93 -0.71 5.80
N ILE A 17 -1.63 -0.48 5.98
CA ILE A 17 -0.57 -1.48 5.74
C ILE A 17 -0.81 -2.76 6.55
N GLN A 18 -1.02 -2.64 7.85
CA GLN A 18 -1.24 -3.79 8.73
C GLN A 18 -2.42 -4.65 8.24
N SER A 19 -3.54 -4.00 7.96
CA SER A 19 -4.79 -4.58 7.49
C SER A 19 -4.65 -5.18 6.09
N LEU A 20 -3.87 -4.53 5.23
CA LEU A 20 -3.61 -4.88 3.84
C LEU A 20 -2.80 -6.17 3.77
N VAL A 21 -1.67 -6.28 4.50
CA VAL A 21 -0.91 -7.53 4.46
C VAL A 21 -1.73 -8.63 5.13
N HIS A 22 -2.44 -8.29 6.22
CA HIS A 22 -3.28 -9.24 6.93
C HIS A 22 -4.30 -9.84 5.99
N ALA A 23 -5.05 -9.01 5.24
CA ALA A 23 -6.08 -9.47 4.32
C ALA A 23 -5.51 -10.40 3.24
N ALA A 24 -4.26 -10.19 2.84
CA ALA A 24 -3.59 -10.99 1.83
C ALA A 24 -3.43 -12.46 2.26
N GLN A 25 -3.35 -12.72 3.56
CA GLN A 25 -3.17 -14.04 4.18
C GLN A 25 -4.29 -14.46 5.13
N CYS A 26 -5.35 -13.66 5.28
CA CYS A 26 -6.50 -13.90 6.14
C CYS A 26 -7.34 -15.03 5.52
N ARG A 27 -6.90 -16.26 5.75
CA ARG A 27 -7.52 -17.51 5.28
C ARG A 27 -8.56 -18.01 6.28
N ASN A 28 -8.54 -17.51 7.52
CA ASN A 28 -9.45 -17.88 8.58
C ASN A 28 -10.86 -17.41 8.24
N ALA A 29 -11.86 -18.15 8.72
CA ALA A 29 -13.28 -17.86 8.51
C ALA A 29 -13.86 -17.02 9.64
N ASN A 30 -13.31 -17.09 10.86
CA ASN A 30 -13.83 -16.33 11.99
C ASN A 30 -13.54 -14.82 11.91
N CYS A 31 -12.55 -14.41 11.12
CA CYS A 31 -12.16 -13.02 10.94
C CYS A 31 -13.29 -12.19 10.30
N SER A 32 -13.75 -11.14 11.00
CA SER A 32 -14.80 -10.26 10.51
C SER A 32 -14.52 -8.82 10.92
N LEU A 33 -13.99 -8.03 10.00
CA LEU A 33 -13.68 -6.62 10.17
C LEU A 33 -14.06 -5.93 8.86
N PRO A 34 -14.60 -4.70 8.88
CA PRO A 34 -15.00 -3.99 7.68
C PRO A 34 -13.82 -3.77 6.73
N SER A 35 -12.68 -3.40 7.29
CA SER A 35 -11.46 -3.16 6.57
C SER A 35 -10.94 -4.46 5.95
N CYS A 36 -10.97 -5.57 6.69
CA CYS A 36 -10.52 -6.88 6.22
C CYS A 36 -11.27 -7.26 4.94
N GLN A 37 -12.60 -7.22 4.96
CA GLN A 37 -13.41 -7.59 3.80
C GLN A 37 -13.11 -6.74 2.57
N LYS A 38 -13.10 -5.40 2.72
CA LYS A 38 -12.79 -4.58 1.55
C LYS A 38 -11.35 -4.82 1.10
N MET A 39 -10.42 -5.05 2.02
CA MET A 39 -9.03 -5.30 1.70
C MET A 39 -8.92 -6.62 0.94
N LYS A 40 -9.78 -7.61 1.23
CA LYS A 40 -9.77 -8.87 0.51
C LYS A 40 -9.95 -8.59 -0.98
N ARG A 41 -10.74 -7.58 -1.39
CA ARG A 41 -10.96 -7.28 -2.80
C ARG A 41 -9.67 -6.91 -3.52
N VAL A 42 -8.85 -6.01 -2.97
CA VAL A 42 -7.61 -5.62 -3.62
C VAL A 42 -6.66 -6.81 -3.75
N VAL A 43 -6.52 -7.62 -2.70
CA VAL A 43 -5.61 -8.76 -2.77
C VAL A 43 -6.18 -9.82 -3.72
N GLN A 44 -7.50 -10.03 -3.73
CA GLN A 44 -8.17 -10.99 -4.59
C GLN A 44 -7.87 -10.64 -6.05
N HIS A 45 -8.09 -9.36 -6.38
CA HIS A 45 -7.89 -8.79 -7.69
C HIS A 45 -6.43 -8.96 -8.11
N THR A 46 -5.49 -8.51 -7.28
CA THR A 46 -4.06 -8.59 -7.60
C THR A 46 -3.50 -10.00 -7.72
N LYS A 47 -4.06 -10.98 -6.99
CA LYS A 47 -3.60 -12.37 -7.06
C LYS A 47 -3.64 -12.87 -8.51
N GLY A 48 -4.63 -12.45 -9.28
CA GLY A 48 -4.84 -12.79 -10.67
C GLY A 48 -4.84 -11.56 -11.57
N CYS A 49 -4.14 -10.49 -11.20
CA CYS A 49 -4.12 -9.28 -11.99
C CYS A 49 -3.55 -9.52 -13.38
N LYS A 50 -4.39 -9.28 -14.39
CA LYS A 50 -4.04 -9.46 -15.79
C LYS A 50 -4.00 -8.15 -16.58
N ARG A 51 -4.56 -7.06 -16.06
CA ARG A 51 -4.55 -5.78 -16.78
C ARG A 51 -3.14 -5.19 -16.75
N LYS A 52 -2.33 -5.51 -15.74
CA LYS A 52 -0.95 -5.04 -15.60
C LYS A 52 -0.07 -5.41 -16.79
N THR A 53 -0.42 -6.47 -17.52
CA THR A 53 0.34 -6.93 -18.67
C THR A 53 -0.22 -6.25 -19.93
N ASN A 54 -1.54 -6.36 -20.18
CA ASN A 54 -2.18 -5.77 -21.35
C ASN A 54 -2.13 -4.24 -21.38
N GLY A 55 -1.93 -3.59 -20.23
CA GLY A 55 -1.85 -2.15 -20.10
C GLY A 55 -1.38 -1.81 -18.70
N GLY A 56 -2.12 -0.94 -17.99
CA GLY A 56 -1.75 -0.51 -16.66
C GLY A 56 -2.95 -0.29 -15.74
N CYS A 57 -3.14 -1.19 -14.78
CA CYS A 57 -4.20 -1.17 -13.79
C CYS A 57 -3.87 -0.15 -12.67
N PRO A 58 -4.82 0.68 -12.21
CA PRO A 58 -4.57 1.63 -11.15
C PRO A 58 -4.54 0.92 -9.78
N ILE A 59 -5.26 -0.19 -9.60
CA ILE A 59 -5.27 -0.91 -8.33
C ILE A 59 -3.88 -1.47 -8.07
N CYS A 60 -3.23 -2.06 -9.09
CA CYS A 60 -1.91 -2.65 -8.98
C CYS A 60 -0.89 -1.63 -8.48
N LYS A 61 -0.81 -0.46 -9.14
CA LYS A 61 0.15 0.57 -8.75
C LYS A 61 -0.10 1.08 -7.33
N GLN A 62 -1.35 1.16 -6.89
CA GLN A 62 -1.67 1.62 -5.54
C GLN A 62 -1.35 0.55 -4.51
N LEU A 63 -1.62 -0.72 -4.80
CA LEU A 63 -1.29 -1.80 -3.86
C LEU A 63 0.22 -1.77 -3.62
N ILE A 64 0.98 -1.65 -4.70
CA ILE A 64 2.43 -1.59 -4.71
C ILE A 64 2.94 -0.34 -3.95
N ALA A 65 2.21 0.77 -3.99
CA ALA A 65 2.59 2.00 -3.31
C ALA A 65 2.70 1.76 -1.81
N LEU A 66 1.68 1.14 -1.20
CA LEU A 66 1.64 0.86 0.24
C LEU A 66 2.61 -0.27 0.58
N ALA A 67 2.55 -1.35 -0.22
CA ALA A 67 3.35 -2.56 -0.07
C ALA A 67 4.85 -2.31 0.04
N ALA A 68 5.32 -1.22 -0.55
CA ALA A 68 6.72 -0.84 -0.54
C ALA A 68 7.24 -0.62 0.88
N TYR A 69 6.41 -0.09 1.79
CA TYR A 69 6.82 0.16 3.16
C TYR A 69 6.89 -1.13 3.96
N HIS A 70 6.00 -2.09 3.70
CA HIS A 70 6.05 -3.35 4.41
C HIS A 70 7.26 -4.15 3.94
N ALA A 71 7.69 -4.02 2.67
CA ALA A 71 8.84 -4.77 2.15
C ALA A 71 10.15 -4.48 2.89
N LYS A 72 10.27 -3.29 3.50
CA LYS A 72 11.43 -2.89 4.28
C LYS A 72 11.27 -3.19 5.78
N HIS A 73 10.09 -3.60 6.25
CA HIS A 73 9.79 -3.87 7.65
C HIS A 73 9.24 -5.29 7.90
N CYS A 74 9.28 -6.19 6.92
CA CYS A 74 8.79 -7.56 7.08
C CYS A 74 9.79 -8.38 7.92
N GLN A 75 9.44 -9.64 8.20
CA GLN A 75 10.26 -10.56 8.99
C GLN A 75 11.63 -10.70 8.34
N GLU A 76 11.63 -11.21 7.12
CA GLU A 76 12.75 -11.47 6.24
C GLU A 76 12.21 -11.29 4.81
N ASN A 77 13.08 -11.31 3.80
CA ASN A 77 12.70 -11.13 2.40
C ASN A 77 11.70 -12.18 1.88
N LYS A 78 11.64 -13.36 2.49
CA LYS A 78 10.74 -14.45 2.09
C LYS A 78 9.32 -14.26 2.66
N CYS A 79 8.67 -13.12 2.41
CA CYS A 79 7.32 -12.88 2.90
C CYS A 79 6.27 -13.70 2.13
N PRO A 80 5.08 -13.88 2.73
CA PRO A 80 3.98 -14.61 2.12
C PRO A 80 3.27 -13.71 1.09
N VAL A 81 3.31 -12.38 1.28
CA VAL A 81 2.70 -11.44 0.35
C VAL A 81 3.62 -11.41 -0.89
N PRO A 82 3.10 -11.65 -2.11
CA PRO A 82 3.92 -11.64 -3.31
C PRO A 82 4.26 -10.24 -3.78
N PHE A 83 3.45 -9.23 -3.49
CA PHE A 83 3.77 -7.89 -3.94
C PHE A 83 4.99 -7.35 -3.17
N CYS A 84 5.25 -7.91 -1.98
CA CYS A 84 6.37 -7.54 -1.12
C CYS A 84 7.69 -7.90 -1.83
N LEU A 85 7.80 -9.17 -2.24
CA LEU A 85 8.98 -9.65 -2.96
C LEU A 85 9.01 -9.08 -4.37
N ASN A 86 7.85 -8.74 -4.98
CA ASN A 86 7.82 -8.19 -6.32
C ASN A 86 8.49 -6.82 -6.32
N ILE A 87 8.23 -6.00 -5.29
CA ILE A 87 8.85 -4.68 -5.16
C ILE A 87 10.36 -4.90 -5.04
N LYS A 88 10.79 -5.82 -4.17
CA LYS A 88 12.20 -6.12 -3.98
C LYS A 88 12.91 -6.65 -5.23
N GLN A 89 12.21 -7.30 -6.17
CA GLN A 89 12.84 -7.80 -7.40
C GLN A 89 12.85 -6.74 -8.51
N LYS A 90 12.22 -5.58 -8.30
CA LYS A 90 12.14 -4.49 -9.28
C LYS A 90 12.68 -3.16 -8.77
N GLY A 91 12.91 -2.99 -7.48
CA GLY A 91 13.41 -1.76 -6.89
C GLY A 91 12.26 -0.88 -6.42
N GLY A 92 11.38 -0.45 -7.33
CA GLY A 92 10.24 0.39 -6.99
C GLY A 92 10.45 1.88 -7.30
N SER A 93 11.38 2.20 -8.19
CA SER A 93 11.80 3.53 -8.65
C SER A 93 10.70 4.37 -9.34
N GLY A 94 9.45 3.88 -9.39
CA GLY A 94 8.31 4.55 -9.99
C GLY A 94 8.22 4.28 -11.50
N GLY A 95 9.25 4.65 -12.25
CA GLY A 95 9.34 4.48 -13.70
C GLY A 95 9.82 5.74 -14.41
N GLY A 96 9.75 6.90 -13.76
CA GLY A 96 10.20 8.18 -14.30
C GLY A 96 9.17 8.91 -15.16
N THR A 97 8.34 8.20 -15.92
CA THR A 97 7.31 8.82 -16.75
C THR A 97 6.27 9.49 -15.85
N GLY A 98 5.69 10.59 -16.31
CA GLY A 98 4.66 11.35 -15.63
C GLY A 98 4.95 12.85 -15.69
N GLY A 99 6.21 13.26 -15.53
CA GLY A 99 6.64 14.66 -15.58
C GLY A 99 6.58 15.33 -14.21
N GLY A 100 5.67 14.93 -13.33
CA GLY A 100 5.49 15.48 -11.99
C GLY A 100 4.72 16.81 -12.00
N SER A 101 4.47 17.40 -13.16
CA SER A 101 3.77 18.65 -13.38
C SER A 101 2.25 18.39 -13.37
N GLY A 102 1.47 19.31 -12.81
CA GLY A 102 0.03 19.21 -12.75
C GLY A 102 -0.51 19.74 -11.42
N THR A 103 -0.53 18.89 -10.39
CA THR A 103 -1.02 19.18 -9.05
C THR A 103 -0.49 20.51 -8.48
N ILE A 104 -1.38 21.24 -7.79
CA ILE A 104 -1.10 22.52 -7.16
C ILE A 104 -0.19 22.23 -5.95
N GLU A 105 -0.42 21.12 -5.26
CA GLU A 105 0.32 20.64 -4.12
C GLU A 105 1.51 19.81 -4.63
N GLY A 106 2.27 19.20 -3.71
CA GLY A 106 3.45 18.39 -4.03
C GLY A 106 4.71 19.02 -3.46
N ARG A 107 4.59 19.76 -2.35
CA ARG A 107 5.68 20.45 -1.66
C ARG A 107 6.72 19.46 -1.16
N GLY A 108 6.26 18.41 -0.49
CA GLY A 108 7.08 17.35 0.10
C GLY A 108 7.01 17.37 1.63
N ASP A 109 6.25 18.33 2.18
CA ASP A 109 6.06 18.53 3.60
C ASP A 109 5.48 17.26 4.22
N GLY A 110 6.05 16.83 5.35
CA GLY A 110 5.64 15.64 6.07
C GLY A 110 6.28 14.36 5.54
N GLY A 111 6.85 14.37 4.32
CA GLY A 111 7.50 13.21 3.74
C GLY A 111 6.54 12.11 3.27
N THR A 112 5.25 12.26 3.51
CA THR A 112 4.20 11.32 3.14
C THR A 112 3.24 11.93 2.12
N THR A 113 3.66 12.96 1.38
CA THR A 113 2.87 13.67 0.37
C THR A 113 2.18 12.74 -0.63
N PHE A 114 2.70 11.53 -0.88
CA PHE A 114 2.11 10.54 -1.78
C PHE A 114 0.64 10.29 -1.41
N GLU A 115 0.24 10.52 -0.15
CA GLU A 115 -1.11 10.35 0.36
C GLU A 115 -2.13 11.09 -0.53
N HIS A 116 -1.72 12.16 -1.22
CA HIS A 116 -2.59 12.94 -2.10
C HIS A 116 -3.19 12.09 -3.22
N LEU A 117 -2.55 10.98 -3.62
CA LEU A 117 -3.08 10.10 -4.66
C LEU A 117 -4.44 9.57 -4.20
N TRP A 118 -4.63 9.27 -2.90
CA TRP A 118 -5.90 8.78 -2.38
C TRP A 118 -6.98 9.86 -2.58
N SER A 119 -6.62 11.12 -2.35
CA SER A 119 -7.51 12.27 -2.51
C SER A 119 -7.69 12.64 -4.00
N SER A 120 -7.12 11.85 -4.90
CA SER A 120 -7.18 11.97 -6.35
C SER A 120 -7.62 10.61 -6.92
N LEU A 121 -8.02 9.66 -6.07
CA LEU A 121 -8.51 8.34 -6.42
C LEU A 121 -10.02 8.48 -6.40
N GLU A 122 -10.73 7.57 -7.06
CA GLU A 122 -12.18 7.66 -7.10
C GLU A 122 -12.84 7.55 -5.73
N PRO A 123 -13.96 8.26 -5.50
CA PRO A 123 -14.68 8.25 -4.23
C PRO A 123 -15.45 6.95 -4.01
N ASP A 124 -15.80 6.24 -5.08
CA ASP A 124 -16.54 4.98 -5.02
C ASP A 124 -15.64 3.76 -4.80
N SER A 125 -14.30 3.96 -4.75
CA SER A 125 -13.23 2.98 -4.58
C SER A 125 -13.64 1.68 -3.89
N THR A 126 -14.11 0.70 -4.66
CA THR A 126 -14.55 -0.59 -4.14
C THR A 126 -13.39 -1.43 -3.54
N TYR A 127 -12.15 -0.93 -3.64
CA TYR A 127 -10.93 -1.55 -3.18
C TYR A 127 -10.27 -0.76 -2.02
N PHE A 128 -9.83 0.49 -2.24
CA PHE A 128 -9.18 1.30 -1.21
C PHE A 128 -10.13 2.22 -0.47
N ASP A 129 -9.71 2.70 0.71
CA ASP A 129 -10.46 3.60 1.57
C ASP A 129 -9.94 5.02 1.39
N LEU A 130 -10.82 5.94 1.01
CA LEU A 130 -10.48 7.35 0.78
C LEU A 130 -10.20 8.09 2.08
N ALA A 1 -6.48 12.47 24.53
CA ALA A 1 -6.28 11.71 23.29
C ALA A 1 -6.93 12.42 22.09
N THR A 2 -6.59 13.68 21.80
CA THR A 2 -7.14 14.45 20.68
C THR A 2 -6.05 15.29 19.99
N GLN A 3 -5.00 15.70 20.71
CA GLN A 3 -3.88 16.48 20.17
C GLN A 3 -2.56 16.03 20.82
N SER A 4 -2.56 14.79 21.31
CA SER A 4 -1.46 14.13 21.97
C SER A 4 -0.29 13.94 20.98
N PRO A 5 0.94 13.68 21.45
CA PRO A 5 2.10 13.49 20.57
C PRO A 5 1.89 12.20 19.76
N GLY A 6 1.60 12.33 18.47
CA GLY A 6 1.37 11.23 17.55
C GLY A 6 1.13 11.81 16.16
N ASP A 7 0.69 10.98 15.22
CA ASP A 7 0.43 11.45 13.86
C ASP A 7 -0.64 10.61 13.18
N SER A 8 -1.71 11.26 12.73
CA SER A 8 -2.82 10.62 12.06
C SER A 8 -2.48 10.02 10.69
N ARG A 9 -1.81 10.77 9.81
CA ARG A 9 -1.45 10.27 8.48
C ARG A 9 -0.64 8.99 8.61
N ARG A 10 0.39 9.01 9.45
CA ARG A 10 1.26 7.87 9.71
C ARG A 10 0.44 6.67 10.10
N LEU A 11 -0.50 6.85 11.04
CA LEU A 11 -1.35 5.75 11.49
C LEU A 11 -2.34 5.35 10.41
N SER A 12 -2.85 6.27 9.59
CA SER A 12 -3.78 5.93 8.51
C SER A 12 -3.05 4.98 7.55
N ILE A 13 -1.79 5.32 7.21
CA ILE A 13 -0.96 4.53 6.33
C ILE A 13 -0.71 3.16 6.97
N GLN A 14 -0.24 3.12 8.22
CA GLN A 14 0.06 1.89 8.93
C GLN A 14 -1.14 0.95 9.03
N ARG A 15 -2.26 1.47 9.52
CA ARG A 15 -3.48 0.68 9.66
C ARG A 15 -3.89 0.09 8.33
N ALA A 16 -3.90 0.90 7.26
CA ALA A 16 -4.28 0.46 5.92
C ALA A 16 -3.33 -0.63 5.42
N ILE A 17 -2.03 -0.43 5.60
CA ILE A 17 -1.02 -1.38 5.16
C ILE A 17 -1.26 -2.73 5.82
N GLN A 18 -1.39 -2.72 7.16
CA GLN A 18 -1.61 -3.90 7.98
C GLN A 18 -2.84 -4.67 7.53
N SER A 19 -3.99 -4.01 7.36
CA SER A 19 -5.21 -4.69 6.95
C SER A 19 -5.06 -5.31 5.56
N LEU A 20 -4.33 -4.64 4.67
CA LEU A 20 -4.14 -5.14 3.32
C LEU A 20 -3.29 -6.39 3.31
N VAL A 21 -2.09 -6.35 3.90
CA VAL A 21 -1.23 -7.52 3.93
C VAL A 21 -1.88 -8.63 4.72
N HIS A 22 -2.67 -8.33 5.76
CA HIS A 22 -3.36 -9.35 6.54
C HIS A 22 -4.33 -10.05 5.59
N ALA A 23 -5.17 -9.30 4.86
CA ALA A 23 -6.15 -9.86 3.95
C ALA A 23 -5.54 -10.69 2.82
N ALA A 24 -4.33 -10.35 2.40
CA ALA A 24 -3.64 -11.08 1.35
C ALA A 24 -3.31 -12.53 1.76
N GLN A 25 -3.21 -12.80 3.06
CA GLN A 25 -2.89 -14.10 3.66
C GLN A 25 -3.96 -14.60 4.64
N CYS A 26 -5.04 -13.84 4.86
CA CYS A 26 -6.12 -14.15 5.79
C CYS A 26 -6.92 -15.37 5.32
N ARG A 27 -6.55 -16.55 5.84
CA ARG A 27 -7.19 -17.84 5.60
C ARG A 27 -7.84 -18.34 6.90
N ASN A 28 -7.82 -17.52 7.94
CA ASN A 28 -8.35 -17.83 9.25
C ASN A 28 -9.78 -17.32 9.35
N ALA A 29 -10.59 -18.06 10.11
CA ALA A 29 -11.99 -17.75 10.33
C ALA A 29 -12.23 -16.91 11.58
N ASN A 30 -11.30 -16.88 12.53
CA ASN A 30 -11.46 -16.13 13.78
C ASN A 30 -11.76 -14.65 13.60
N CYS A 31 -10.92 -13.93 12.85
CA CYS A 31 -11.09 -12.52 12.61
C CYS A 31 -12.34 -12.19 11.77
N SER A 32 -12.86 -10.98 12.00
CA SER A 32 -14.03 -10.43 11.33
C SER A 32 -13.99 -8.92 11.50
N LEU A 33 -13.48 -8.20 10.51
CA LEU A 33 -13.37 -6.75 10.52
C LEU A 33 -13.75 -6.22 9.14
N PRO A 34 -14.26 -4.99 9.04
CA PRO A 34 -14.66 -4.41 7.76
C PRO A 34 -13.44 -4.27 6.86
N SER A 35 -12.31 -3.83 7.43
CA SER A 35 -11.05 -3.65 6.76
C SER A 35 -10.59 -4.99 6.20
N CYS A 36 -10.53 -6.02 7.05
CA CYS A 36 -10.11 -7.37 6.71
C CYS A 36 -10.90 -7.90 5.50
N GLN A 37 -12.24 -7.88 5.55
CA GLN A 37 -13.02 -8.40 4.43
C GLN A 37 -13.08 -7.47 3.22
N LYS A 38 -13.05 -6.13 3.37
CA LYS A 38 -13.08 -5.26 2.18
C LYS A 38 -11.77 -5.42 1.42
N MET A 39 -10.66 -5.63 2.13
CA MET A 39 -9.35 -5.82 1.55
C MET A 39 -9.35 -7.12 0.75
N LYS A 40 -10.13 -8.16 1.13
CA LYS A 40 -10.17 -9.39 0.35
C LYS A 40 -10.49 -9.08 -1.12
N ARG A 41 -11.29 -8.06 -1.41
CA ARG A 41 -11.65 -7.69 -2.77
C ARG A 41 -10.40 -7.28 -3.56
N VAL A 42 -9.53 -6.47 -2.95
CA VAL A 42 -8.30 -5.97 -3.52
C VAL A 42 -7.40 -7.14 -3.91
N VAL A 43 -7.12 -8.06 -2.99
CA VAL A 43 -6.25 -9.17 -3.31
C VAL A 43 -6.90 -10.08 -4.35
N GLN A 44 -8.21 -10.32 -4.27
CA GLN A 44 -8.93 -11.15 -5.22
C GLN A 44 -8.75 -10.61 -6.62
N HIS A 45 -8.94 -9.31 -6.78
CA HIS A 45 -8.81 -8.61 -8.04
C HIS A 45 -7.36 -8.66 -8.52
N THR A 46 -6.39 -8.22 -7.70
CA THR A 46 -4.97 -8.21 -8.09
C THR A 46 -4.40 -9.57 -8.45
N LYS A 47 -4.93 -10.67 -7.90
CA LYS A 47 -4.45 -12.02 -8.21
C LYS A 47 -4.60 -12.26 -9.72
N GLY A 48 -5.65 -11.74 -10.35
CA GLY A 48 -5.89 -11.90 -11.79
C GLY A 48 -5.38 -10.75 -12.66
N CYS A 49 -4.97 -9.62 -12.07
CA CYS A 49 -4.47 -8.46 -12.79
C CYS A 49 -3.07 -8.67 -13.38
N LYS A 50 -2.98 -9.40 -14.48
CA LYS A 50 -1.72 -9.65 -15.19
C LYS A 50 -1.58 -8.73 -16.40
N ARG A 51 -2.68 -8.09 -16.82
CA ARG A 51 -2.68 -7.15 -17.96
C ARG A 51 -1.95 -5.86 -17.62
N LYS A 52 -1.72 -5.60 -16.32
CA LYS A 52 -1.01 -4.44 -15.78
C LYS A 52 0.37 -4.27 -16.42
N THR A 53 0.94 -5.35 -16.97
CA THR A 53 2.23 -5.31 -17.60
C THR A 53 2.26 -4.33 -18.78
N ASN A 54 1.10 -4.03 -19.39
CA ASN A 54 0.95 -3.10 -20.51
C ASN A 54 0.03 -1.96 -20.12
N GLY A 55 -1.14 -2.30 -19.60
CA GLY A 55 -2.15 -1.36 -19.19
C GLY A 55 -3.17 -2.10 -18.38
N GLY A 56 -3.13 -1.85 -17.07
CA GLY A 56 -4.01 -2.41 -16.08
C GLY A 56 -4.60 -1.29 -15.25
N CYS A 57 -5.66 -1.64 -14.52
CA CYS A 57 -6.41 -0.76 -13.63
C CYS A 57 -5.51 -0.04 -12.61
N PRO A 58 -5.98 1.03 -11.96
CA PRO A 58 -5.18 1.76 -10.99
C PRO A 58 -4.99 1.00 -9.66
N ILE A 59 -5.88 0.07 -9.32
CA ILE A 59 -5.84 -0.69 -8.07
C ILE A 59 -4.48 -1.38 -7.87
N CYS A 60 -3.92 -2.05 -8.88
CA CYS A 60 -2.63 -2.73 -8.70
C CYS A 60 -1.48 -1.75 -8.44
N LYS A 61 -1.51 -0.56 -9.05
CA LYS A 61 -0.45 0.44 -8.85
C LYS A 61 -0.57 0.99 -7.44
N GLN A 62 -1.76 1.43 -7.01
CA GLN A 62 -1.93 1.95 -5.67
C GLN A 62 -1.66 0.86 -4.62
N LEU A 63 -1.86 -0.42 -4.96
CA LEU A 63 -1.57 -1.53 -4.04
C LEU A 63 -0.06 -1.51 -3.76
N ILE A 64 0.75 -1.38 -4.81
CA ILE A 64 2.21 -1.32 -4.71
C ILE A 64 2.60 -0.11 -3.83
N ALA A 65 1.84 1.00 -3.87
CA ALA A 65 2.10 2.19 -3.08
C ALA A 65 2.13 1.88 -1.58
N LEU A 66 1.14 1.15 -1.06
CA LEU A 66 1.10 0.81 0.36
C LEU A 66 2.05 -0.35 0.66
N ALA A 67 2.10 -1.36 -0.22
CA ALA A 67 2.95 -2.54 -0.06
C ALA A 67 4.43 -2.19 0.20
N ALA A 68 4.93 -1.09 -0.38
CA ALA A 68 6.32 -0.63 -0.21
C ALA A 68 6.68 -0.39 1.26
N TYR A 69 5.72 -0.03 2.10
CA TYR A 69 5.94 0.19 3.52
C TYR A 69 6.08 -1.16 4.21
N HIS A 70 5.17 -2.09 3.99
CA HIS A 70 5.26 -3.41 4.61
C HIS A 70 6.55 -4.12 4.17
N ALA A 71 7.03 -3.92 2.94
CA ALA A 71 8.24 -4.57 2.46
C ALA A 71 9.46 -4.28 3.35
N LYS A 72 9.54 -3.07 3.94
CA LYS A 72 10.64 -2.67 4.84
C LYS A 72 10.34 -2.95 6.32
N HIS A 73 9.17 -3.48 6.67
CA HIS A 73 8.74 -3.77 8.04
C HIS A 73 8.31 -5.24 8.23
N CYS A 74 8.40 -6.07 7.18
CA CYS A 74 8.03 -7.48 7.17
C CYS A 74 8.92 -8.33 8.10
N GLN A 75 8.62 -9.62 8.14
CA GLN A 75 9.30 -10.62 8.95
C GLN A 75 10.75 -10.79 8.52
N GLU A 76 10.99 -11.17 7.26
CA GLU A 76 12.28 -11.38 6.61
C GLU A 76 12.06 -11.11 5.11
N ASN A 77 13.12 -11.14 4.29
CA ASN A 77 13.08 -10.92 2.84
C ASN A 77 12.44 -12.10 2.08
N LYS A 78 11.46 -12.80 2.66
CA LYS A 78 10.74 -13.95 2.11
C LYS A 78 9.24 -13.82 2.39
N CYS A 79 8.75 -12.58 2.30
CA CYS A 79 7.40 -12.14 2.53
C CYS A 79 6.33 -13.12 1.97
N PRO A 80 5.18 -13.26 2.65
CA PRO A 80 4.11 -14.15 2.18
C PRO A 80 3.36 -13.54 1.00
N VAL A 81 3.18 -12.21 1.03
CA VAL A 81 2.49 -11.44 0.01
C VAL A 81 3.40 -11.39 -1.24
N PRO A 82 2.88 -11.65 -2.45
CA PRO A 82 3.68 -11.65 -3.67
C PRO A 82 4.13 -10.26 -4.08
N PHE A 83 3.26 -9.26 -3.91
CA PHE A 83 3.59 -7.89 -4.28
C PHE A 83 4.74 -7.35 -3.44
N CYS A 84 4.91 -7.85 -2.20
CA CYS A 84 5.96 -7.44 -1.29
C CYS A 84 7.34 -7.84 -1.87
N LEU A 85 7.47 -9.13 -2.19
CA LEU A 85 8.70 -9.68 -2.75
C LEU A 85 8.90 -9.16 -4.17
N ASN A 86 7.83 -8.80 -4.88
CA ASN A 86 7.92 -8.27 -6.23
C ASN A 86 8.55 -6.88 -6.13
N ILE A 87 8.11 -6.02 -5.21
CA ILE A 87 8.68 -4.68 -5.00
C ILE A 87 10.17 -4.82 -4.72
N LYS A 88 10.56 -5.76 -3.85
CA LYS A 88 11.97 -5.97 -3.54
C LYS A 88 12.77 -6.42 -4.77
N GLN A 89 12.14 -7.04 -5.77
CA GLN A 89 12.81 -7.48 -6.99
C GLN A 89 12.93 -6.36 -8.01
N LYS A 90 12.30 -5.20 -7.79
CA LYS A 90 12.35 -4.04 -8.69
C LYS A 90 12.82 -2.77 -7.99
N GLY A 91 14.10 -2.72 -7.64
CA GLY A 91 14.71 -1.58 -6.98
C GLY A 91 14.44 -1.46 -5.48
N GLY A 92 13.43 -2.16 -4.93
CA GLY A 92 13.09 -2.14 -3.52
C GLY A 92 13.10 -0.74 -2.89
N SER A 93 12.51 0.26 -3.57
CA SER A 93 12.48 1.63 -3.05
C SER A 93 11.07 2.23 -3.03
N GLY A 94 10.15 1.69 -3.82
CA GLY A 94 8.79 2.17 -3.89
C GLY A 94 8.18 1.68 -5.19
N GLY A 95 8.58 2.29 -6.31
CA GLY A 95 8.07 1.93 -7.63
C GLY A 95 8.50 2.89 -8.74
N GLY A 96 9.11 4.03 -8.41
CA GLY A 96 9.58 5.02 -9.37
C GLY A 96 8.52 5.51 -10.35
N THR A 97 7.23 5.54 -9.98
CA THR A 97 6.13 5.97 -10.82
C THR A 97 6.21 7.49 -11.07
N GLY A 98 7.14 7.95 -11.91
CA GLY A 98 7.37 9.34 -12.24
C GLY A 98 8.61 9.89 -11.53
N GLY A 99 8.84 9.48 -10.27
CA GLY A 99 9.97 9.88 -9.45
C GLY A 99 9.70 11.14 -8.63
N GLY A 100 8.79 12.01 -9.05
CA GLY A 100 8.43 13.23 -8.35
C GLY A 100 8.95 14.41 -9.15
N SER A 101 8.03 15.04 -9.90
CA SER A 101 8.29 16.18 -10.75
C SER A 101 7.15 17.20 -10.59
N GLY A 102 7.20 18.30 -11.34
CA GLY A 102 6.21 19.38 -11.30
C GLY A 102 6.56 20.45 -10.27
N THR A 103 7.62 20.22 -9.47
CA THR A 103 8.16 21.10 -8.44
C THR A 103 9.45 20.44 -7.93
N ILE A 104 10.13 21.16 -7.05
CA ILE A 104 11.38 20.80 -6.40
C ILE A 104 11.25 20.98 -4.88
N GLU A 105 10.16 21.59 -4.43
CA GLU A 105 9.83 21.86 -3.03
C GLU A 105 8.40 21.34 -2.75
N GLY A 106 7.78 21.78 -1.64
CA GLY A 106 6.45 21.40 -1.20
C GLY A 106 6.41 20.11 -0.39
N ARG A 107 7.50 19.32 -0.39
CA ARG A 107 7.65 18.05 0.32
C ARG A 107 8.25 18.26 1.70
N GLY A 108 8.07 17.30 2.60
CA GLY A 108 8.62 17.38 3.94
C GLY A 108 7.80 16.49 4.85
N ASP A 109 6.79 17.05 5.52
CA ASP A 109 5.82 16.49 6.46
C ASP A 109 5.87 14.96 6.61
N GLY A 110 6.67 14.45 7.55
CA GLY A 110 6.87 13.04 7.88
C GLY A 110 7.22 12.08 6.73
N GLY A 111 7.61 12.59 5.58
CA GLY A 111 7.96 11.82 4.40
C GLY A 111 6.72 11.21 3.72
N THR A 112 5.50 11.62 4.11
CA THR A 112 4.26 11.10 3.56
C THR A 112 3.81 11.85 2.30
N THR A 113 4.74 12.43 1.54
CA THR A 113 4.48 13.17 0.31
C THR A 113 3.59 12.38 -0.66
N PHE A 114 3.88 11.08 -0.81
CA PHE A 114 3.18 10.14 -1.70
C PHE A 114 1.67 10.11 -1.48
N GLU A 115 1.15 10.48 -0.31
CA GLU A 115 -0.28 10.50 -0.05
C GLU A 115 -1.03 11.36 -1.08
N HIS A 116 -0.37 12.34 -1.71
CA HIS A 116 -1.02 13.17 -2.72
C HIS A 116 -1.65 12.32 -3.84
N LEU A 117 -1.12 11.11 -4.11
CA LEU A 117 -1.66 10.23 -5.15
C LEU A 117 -3.10 9.80 -4.82
N TRP A 118 -3.52 9.83 -3.54
CA TRP A 118 -4.87 9.45 -3.16
C TRP A 118 -5.89 10.43 -3.75
N SER A 119 -5.47 11.66 -4.05
CA SER A 119 -6.34 12.67 -4.65
C SER A 119 -6.77 12.29 -6.08
N SER A 120 -6.30 11.16 -6.61
CA SER A 120 -6.60 10.63 -7.93
C SER A 120 -7.07 9.17 -7.84
N LEU A 121 -7.39 8.66 -6.65
CA LEU A 121 -7.88 7.31 -6.40
C LEU A 121 -9.28 7.14 -6.99
N GLU A 122 -9.76 5.91 -7.16
CA GLU A 122 -11.09 5.62 -7.69
C GLU A 122 -12.13 6.39 -6.84
N PRO A 123 -12.93 7.28 -7.45
CA PRO A 123 -13.92 8.08 -6.73
C PRO A 123 -15.04 7.25 -6.08
N ASP A 124 -15.25 6.03 -6.54
CA ASP A 124 -16.28 5.16 -6.00
C ASP A 124 -15.89 4.64 -4.62
N SER A 125 -14.59 4.60 -4.31
CA SER A 125 -14.00 4.13 -3.05
C SER A 125 -14.42 2.69 -2.68
N THR A 126 -15.03 1.92 -3.59
CA THR A 126 -15.55 0.57 -3.45
C THR A 126 -14.59 -0.48 -2.87
N TYR A 127 -13.29 -0.21 -2.77
CA TYR A 127 -12.29 -1.13 -2.23
C TYR A 127 -11.32 -0.48 -1.21
N PHE A 128 -11.28 0.85 -1.07
CA PHE A 128 -10.39 1.58 -0.15
C PHE A 128 -11.16 2.61 0.71
N ASP A 129 -10.47 3.23 1.66
CA ASP A 129 -11.03 4.26 2.55
C ASP A 129 -10.60 5.64 2.05
N LEU A 130 -11.45 6.34 1.30
CA LEU A 130 -11.29 7.68 0.73
C LEU A 130 -10.03 7.85 -0.10
N ALA A 1 4.09 11.21 20.01
CA ALA A 1 3.12 12.05 20.73
C ALA A 1 1.70 11.67 20.32
N THR A 2 1.16 10.64 20.97
CA THR A 2 -0.17 10.07 20.74
C THR A 2 -1.34 10.96 21.21
N GLN A 3 -1.12 11.93 22.10
CA GLN A 3 -2.22 12.80 22.52
C GLN A 3 -2.42 13.87 21.44
N SER A 4 -3.68 14.30 21.28
CA SER A 4 -4.20 15.26 20.30
C SER A 4 -3.99 14.80 18.85
N PRO A 5 -4.82 15.24 17.89
CA PRO A 5 -4.66 14.85 16.49
C PRO A 5 -3.36 15.48 15.99
N GLY A 6 -2.38 14.66 15.61
CA GLY A 6 -1.07 15.11 15.14
C GLY A 6 -0.62 14.30 13.96
N ASP A 7 -0.02 13.13 14.18
CA ASP A 7 0.47 12.26 13.10
C ASP A 7 -0.63 11.38 12.52
N SER A 8 -1.83 11.95 12.36
CA SER A 8 -3.01 11.29 11.82
C SER A 8 -2.71 10.63 10.47
N ARG A 9 -1.93 11.29 9.62
CA ARG A 9 -1.56 10.76 8.31
C ARG A 9 -0.82 9.43 8.47
N ARG A 10 0.18 9.38 9.35
CA ARG A 10 0.97 8.17 9.62
C ARG A 10 0.06 7.11 10.21
N LEU A 11 -0.85 7.48 11.12
CA LEU A 11 -1.77 6.53 11.74
C LEU A 11 -2.62 5.86 10.65
N SER A 12 -3.23 6.63 9.76
CA SER A 12 -4.06 6.08 8.69
C SER A 12 -3.24 5.15 7.78
N ILE A 13 -2.03 5.57 7.37
CA ILE A 13 -1.16 4.76 6.53
C ILE A 13 -0.90 3.43 7.24
N GLN A 14 -0.50 3.46 8.51
CA GLN A 14 -0.23 2.27 9.29
C GLN A 14 -1.46 1.37 9.36
N ARG A 15 -2.64 1.89 9.74
CA ARG A 15 -3.88 1.12 9.83
C ARG A 15 -4.16 0.41 8.50
N ALA A 16 -4.07 1.17 7.40
CA ALA A 16 -4.31 0.65 6.06
C ALA A 16 -3.34 -0.48 5.74
N ILE A 17 -2.03 -0.27 5.91
CA ILE A 17 -0.98 -1.26 5.66
C ILE A 17 -1.25 -2.53 6.45
N GLN A 18 -1.54 -2.38 7.74
CA GLN A 18 -1.80 -3.49 8.64
C GLN A 18 -3.00 -4.31 8.16
N SER A 19 -4.03 -3.68 7.58
CA SER A 19 -5.20 -4.40 7.08
C SER A 19 -4.88 -5.04 5.72
N LEU A 20 -3.98 -4.43 4.95
CA LEU A 20 -3.56 -4.85 3.62
C LEU A 20 -2.74 -6.14 3.71
N VAL A 21 -1.67 -6.13 4.50
CA VAL A 21 -0.82 -7.29 4.67
C VAL A 21 -1.62 -8.40 5.36
N HIS A 22 -2.49 -8.05 6.32
CA HIS A 22 -3.28 -9.05 7.00
C HIS A 22 -4.20 -9.75 6.00
N ALA A 23 -4.98 -9.03 5.19
CA ALA A 23 -5.88 -9.64 4.22
C ALA A 23 -5.15 -10.49 3.18
N ALA A 24 -3.91 -10.11 2.86
CA ALA A 24 -3.09 -10.83 1.89
C ALA A 24 -2.69 -12.22 2.37
N GLN A 25 -2.67 -12.49 3.68
CA GLN A 25 -2.31 -13.81 4.23
C GLN A 25 -3.43 -14.40 5.10
N CYS A 26 -4.51 -13.64 5.34
CA CYS A 26 -5.67 -14.02 6.13
C CYS A 26 -6.32 -15.25 5.53
N ARG A 27 -6.06 -16.42 6.12
CA ARG A 27 -6.59 -17.71 5.72
C ARG A 27 -7.72 -18.19 6.64
N ASN A 28 -7.92 -17.54 7.79
CA ASN A 28 -8.97 -17.92 8.73
C ASN A 28 -10.24 -17.15 8.39
N ALA A 29 -11.39 -17.79 8.59
CA ALA A 29 -12.71 -17.23 8.33
C ALA A 29 -13.29 -16.55 9.58
N ASN A 30 -12.66 -16.77 10.73
CA ASN A 30 -13.07 -16.24 12.03
C ASN A 30 -13.09 -14.71 12.08
N CYS A 31 -11.97 -14.07 11.73
CA CYS A 31 -11.86 -12.62 11.77
C CYS A 31 -12.89 -11.98 10.84
N SER A 32 -13.58 -10.97 11.37
CA SER A 32 -14.62 -10.22 10.68
C SER A 32 -14.39 -8.72 10.92
N LEU A 33 -13.77 -8.03 9.96
CA LEU A 33 -13.48 -6.59 10.02
C LEU A 33 -13.81 -6.00 8.65
N PRO A 34 -14.27 -4.75 8.56
CA PRO A 34 -14.62 -4.11 7.30
C PRO A 34 -13.42 -4.00 6.37
N SER A 35 -12.32 -3.43 6.84
CA SER A 35 -11.12 -3.29 6.01
C SER A 35 -10.51 -4.65 5.62
N CYS A 36 -10.62 -5.68 6.47
CA CYS A 36 -10.10 -7.02 6.16
C CYS A 36 -10.86 -7.56 4.94
N GLN A 37 -12.19 -7.54 5.01
CA GLN A 37 -13.05 -8.02 3.95
C GLN A 37 -12.87 -7.22 2.67
N LYS A 38 -12.87 -5.88 2.74
CA LYS A 38 -12.71 -5.07 1.52
C LYS A 38 -11.31 -5.28 0.92
N MET A 39 -10.27 -5.42 1.75
CA MET A 39 -8.91 -5.65 1.26
C MET A 39 -8.83 -6.99 0.55
N LYS A 40 -9.64 -7.98 0.99
CA LYS A 40 -9.68 -9.31 0.39
C LYS A 40 -9.98 -9.20 -1.11
N ARG A 41 -10.78 -8.21 -1.54
CA ARG A 41 -11.13 -8.02 -2.95
C ARG A 41 -9.95 -7.50 -3.76
N VAL A 42 -9.30 -6.41 -3.32
CA VAL A 42 -8.17 -5.84 -4.05
C VAL A 42 -7.02 -6.83 -4.14
N VAL A 43 -6.69 -7.51 -3.06
CA VAL A 43 -5.59 -8.47 -3.11
C VAL A 43 -5.96 -9.63 -4.06
N GLN A 44 -7.21 -10.11 -4.02
CA GLN A 44 -7.65 -11.19 -4.90
C GLN A 44 -7.50 -10.76 -6.36
N HIS A 45 -7.98 -9.55 -6.67
CA HIS A 45 -7.96 -8.96 -7.99
C HIS A 45 -6.54 -8.85 -8.51
N THR A 46 -5.64 -8.23 -7.74
CA THR A 46 -4.25 -8.04 -8.15
C THR A 46 -3.51 -9.36 -8.39
N LYS A 47 -3.80 -10.41 -7.62
CA LYS A 47 -3.18 -11.73 -7.80
C LYS A 47 -3.58 -12.33 -9.15
N GLY A 48 -4.71 -11.93 -9.72
CA GLY A 48 -5.19 -12.41 -11.00
C GLY A 48 -5.06 -11.37 -12.11
N CYS A 49 -4.66 -10.14 -11.82
CA CYS A 49 -4.52 -9.09 -12.81
C CYS A 49 -3.28 -9.32 -13.66
N LYS A 50 -3.48 -9.70 -14.92
CA LYS A 50 -2.42 -9.95 -15.89
C LYS A 50 -2.37 -8.82 -16.92
N ARG A 51 -3.37 -7.93 -16.95
CA ARG A 51 -3.42 -6.80 -17.86
C ARG A 51 -2.40 -5.71 -17.51
N LYS A 52 -1.74 -5.76 -16.34
CA LYS A 52 -0.74 -4.78 -15.86
C LYS A 52 0.28 -4.45 -16.94
N THR A 53 0.83 -5.49 -17.57
CA THR A 53 1.83 -5.45 -18.63
C THR A 53 1.40 -4.72 -19.92
N ASN A 54 0.10 -4.65 -20.18
CA ASN A 54 -0.52 -4.06 -21.35
C ASN A 54 -1.31 -2.77 -21.08
N GLY A 55 -1.60 -2.46 -19.82
CA GLY A 55 -2.36 -1.28 -19.41
C GLY A 55 -3.43 -1.74 -18.44
N GLY A 56 -2.98 -2.24 -17.29
CA GLY A 56 -3.84 -2.74 -16.23
C GLY A 56 -4.46 -1.61 -15.43
N CYS A 57 -5.48 -1.96 -14.65
CA CYS A 57 -6.20 -1.03 -13.80
C CYS A 57 -5.22 -0.29 -12.85
N PRO A 58 -5.59 0.89 -12.31
CA PRO A 58 -4.74 1.65 -11.40
C PRO A 58 -4.61 0.95 -10.05
N ILE A 59 -5.57 0.09 -9.68
CA ILE A 59 -5.59 -0.65 -8.42
C ILE A 59 -4.29 -1.45 -8.28
N CYS A 60 -3.82 -2.07 -9.37
CA CYS A 60 -2.60 -2.85 -9.38
C CYS A 60 -1.40 -1.98 -8.95
N LYS A 61 -1.34 -0.71 -9.37
CA LYS A 61 -0.28 0.23 -9.01
C LYS A 61 -0.50 0.80 -7.60
N GLN A 62 -1.74 1.11 -7.23
CA GLN A 62 -2.10 1.67 -5.93
C GLN A 62 -1.72 0.69 -4.82
N LEU A 63 -1.97 -0.60 -5.03
CA LEU A 63 -1.65 -1.64 -4.05
C LEU A 63 -0.15 -1.62 -3.73
N ILE A 64 0.69 -1.45 -4.75
CA ILE A 64 2.14 -1.41 -4.62
C ILE A 64 2.58 -0.22 -3.74
N ALA A 65 1.87 0.92 -3.76
CA ALA A 65 2.21 2.09 -2.97
C ALA A 65 2.29 1.77 -1.48
N LEU A 66 1.26 1.12 -0.92
CA LEU A 66 1.26 0.74 0.50
C LEU A 66 2.11 -0.51 0.71
N ALA A 67 2.11 -1.45 -0.25
CA ALA A 67 2.91 -2.68 -0.14
C ALA A 67 4.39 -2.34 0.01
N ALA A 68 4.86 -1.22 -0.54
CA ALA A 68 6.24 -0.76 -0.46
C ALA A 68 6.66 -0.50 0.99
N TYR A 69 5.74 -0.06 1.85
CA TYR A 69 6.06 0.20 3.25
C TYR A 69 6.24 -1.14 3.97
N HIS A 70 5.33 -2.09 3.80
CA HIS A 70 5.51 -3.38 4.45
C HIS A 70 6.79 -4.04 3.90
N ALA A 71 7.16 -3.81 2.64
CA ALA A 71 8.36 -4.40 2.04
C ALA A 71 9.66 -3.93 2.71
N LYS A 72 9.67 -2.78 3.39
CA LYS A 72 10.86 -2.31 4.12
C LYS A 72 10.81 -2.74 5.59
N HIS A 73 9.71 -3.33 6.07
CA HIS A 73 9.52 -3.77 7.44
C HIS A 73 9.39 -5.30 7.58
N CYS A 74 9.15 -6.03 6.48
CA CYS A 74 9.01 -7.48 6.50
C CYS A 74 10.41 -8.03 6.80
N GLN A 75 10.60 -8.53 8.02
CA GLN A 75 11.89 -9.07 8.43
C GLN A 75 12.23 -10.34 7.66
N GLU A 76 11.22 -11.15 7.47
CA GLU A 76 11.29 -12.43 6.76
C GLU A 76 11.72 -12.20 5.32
N ASN A 77 12.78 -12.88 4.88
CA ASN A 77 13.27 -12.75 3.51
C ASN A 77 12.35 -13.41 2.49
N LYS A 78 11.32 -14.15 2.93
CA LYS A 78 10.35 -14.86 2.11
C LYS A 78 8.95 -14.49 2.63
N CYS A 79 8.40 -13.38 2.15
CA CYS A 79 7.10 -12.88 2.54
C CYS A 79 5.96 -13.82 2.10
N PRO A 80 4.81 -13.77 2.79
CA PRO A 80 3.64 -14.56 2.44
C PRO A 80 2.77 -13.79 1.43
N VAL A 81 3.13 -12.54 1.12
CA VAL A 81 2.47 -11.64 0.20
C VAL A 81 3.30 -11.60 -1.10
N PRO A 82 2.70 -11.83 -2.29
CA PRO A 82 3.41 -11.85 -3.54
C PRO A 82 3.87 -10.46 -4.01
N PHE A 83 3.11 -9.39 -3.74
CA PHE A 83 3.55 -8.07 -4.17
C PHE A 83 4.76 -7.63 -3.34
N CYS A 84 4.94 -8.14 -2.10
CA CYS A 84 6.07 -7.80 -1.24
C CYS A 84 7.38 -8.28 -1.89
N LEU A 85 7.43 -9.57 -2.23
CA LEU A 85 8.61 -10.17 -2.86
C LEU A 85 8.83 -9.61 -4.28
N ASN A 86 7.74 -9.16 -4.93
CA ASN A 86 7.80 -8.58 -6.26
C ASN A 86 8.51 -7.23 -6.15
N ILE A 87 8.05 -6.36 -5.24
CA ILE A 87 8.60 -5.04 -4.98
C ILE A 87 10.07 -5.15 -4.55
N LYS A 88 10.38 -6.10 -3.65
CA LYS A 88 11.73 -6.29 -3.15
C LYS A 88 12.76 -6.53 -4.25
N GLN A 89 12.42 -7.23 -5.34
CA GLN A 89 13.40 -7.48 -6.40
C GLN A 89 13.54 -6.29 -7.38
N LYS A 90 12.51 -5.46 -7.56
CA LYS A 90 12.55 -4.31 -8.48
C LYS A 90 13.13 -3.04 -7.84
N GLY A 91 14.17 -3.18 -7.02
CA GLY A 91 14.81 -2.02 -6.38
C GLY A 91 13.88 -1.33 -5.38
N GLY A 92 12.90 -2.06 -4.82
CA GLY A 92 11.94 -1.51 -3.86
C GLY A 92 11.08 -0.41 -4.47
N SER A 93 10.68 -0.54 -5.74
CA SER A 93 9.87 0.45 -6.46
C SER A 93 10.52 1.84 -6.37
N GLY A 94 11.78 1.94 -6.78
CA GLY A 94 12.54 3.18 -6.74
C GLY A 94 13.14 3.43 -5.36
N GLY A 95 12.92 2.54 -4.38
CA GLY A 95 13.41 2.63 -3.00
C GLY A 95 12.60 3.65 -2.19
N GLY A 96 12.42 4.82 -2.77
CA GLY A 96 11.70 5.99 -2.27
C GLY A 96 11.81 7.15 -3.28
N THR A 97 12.68 7.02 -4.29
CA THR A 97 12.97 7.96 -5.37
C THR A 97 13.03 9.40 -4.86
N GLY A 98 14.13 9.71 -4.17
CA GLY A 98 14.42 11.00 -3.57
C GLY A 98 13.73 11.17 -2.22
N GLY A 99 12.80 10.28 -1.88
CA GLY A 99 12.05 10.28 -0.64
C GLY A 99 11.05 11.42 -0.53
N GLY A 100 10.83 12.20 -1.59
CA GLY A 100 9.91 13.33 -1.61
C GLY A 100 10.68 14.64 -1.50
N SER A 101 11.91 14.69 -2.02
CA SER A 101 12.76 15.88 -1.98
C SER A 101 12.06 17.04 -2.71
N GLY A 102 12.57 18.25 -2.50
CA GLY A 102 12.08 19.50 -3.06
C GLY A 102 11.20 20.20 -2.03
N THR A 103 11.63 20.26 -0.77
CA THR A 103 10.87 20.90 0.30
C THR A 103 10.94 22.43 0.10
N ILE A 104 9.83 23.12 0.37
CA ILE A 104 9.72 24.57 0.22
C ILE A 104 10.75 25.29 1.11
N GLU A 105 10.77 25.00 2.41
CA GLU A 105 11.67 25.64 3.37
C GLU A 105 12.72 24.70 3.97
N GLY A 106 12.84 23.49 3.42
CA GLY A 106 13.77 22.49 3.95
C GLY A 106 13.34 22.11 5.37
N ARG A 107 12.05 22.30 5.65
CA ARG A 107 11.27 22.09 6.87
C ARG A 107 9.83 21.90 6.38
N GLY A 108 8.96 21.30 7.19
CA GLY A 108 7.59 21.12 6.74
C GLY A 108 7.46 20.04 5.67
N ASP A 109 8.50 19.22 5.49
CA ASP A 109 8.62 18.12 4.55
C ASP A 109 7.41 17.19 4.63
N GLY A 110 7.15 16.63 5.82
CA GLY A 110 6.06 15.70 6.07
C GLY A 110 6.47 14.27 5.68
N GLY A 111 7.26 14.10 4.61
CA GLY A 111 7.79 12.85 4.07
C GLY A 111 6.76 11.87 3.52
N THR A 112 5.51 11.99 3.94
CA THR A 112 4.39 11.14 3.54
C THR A 112 3.67 11.72 2.32
N THR A 113 4.31 12.63 1.57
CA THR A 113 3.79 13.29 0.39
C THR A 113 3.17 12.35 -0.66
N PHE A 114 3.53 11.06 -0.67
CA PHE A 114 2.97 10.07 -1.58
C PHE A 114 1.44 10.07 -1.44
N GLU A 115 0.91 10.52 -0.29
CA GLU A 115 -0.52 10.66 -0.01
C GLU A 115 -1.25 11.38 -1.16
N HIS A 116 -0.56 12.25 -1.90
CA HIS A 116 -1.12 13.02 -3.00
C HIS A 116 -1.68 12.11 -4.10
N LEU A 117 -1.11 10.90 -4.27
CA LEU A 117 -1.57 9.94 -5.26
C LEU A 117 -2.99 9.46 -4.93
N TRP A 118 -3.42 9.49 -3.65
CA TRP A 118 -4.77 9.06 -3.27
C TRP A 118 -5.82 10.02 -3.83
N SER A 119 -5.42 11.22 -4.24
CA SER A 119 -6.29 12.22 -4.83
C SER A 119 -6.83 11.76 -6.19
N SER A 120 -6.34 10.65 -6.75
CA SER A 120 -6.76 10.09 -8.02
C SER A 120 -7.59 8.80 -7.81
N LEU A 121 -7.78 8.38 -6.55
CA LEU A 121 -8.54 7.18 -6.21
C LEU A 121 -10.03 7.41 -6.46
N GLU A 122 -10.81 6.34 -6.43
CA GLU A 122 -12.25 6.38 -6.64
C GLU A 122 -12.92 7.30 -5.62
N PRO A 123 -13.98 8.03 -6.01
CA PRO A 123 -14.67 8.94 -5.10
C PRO A 123 -15.41 8.26 -3.94
N ASP A 124 -15.77 6.97 -4.06
CA ASP A 124 -16.46 6.25 -2.99
C ASP A 124 -15.57 5.18 -2.35
N SER A 125 -14.38 4.93 -2.94
CA SER A 125 -13.39 3.98 -2.47
C SER A 125 -13.96 2.59 -2.13
N THR A 126 -14.65 1.90 -3.04
CA THR A 126 -15.21 0.57 -2.78
C THR A 126 -14.14 -0.48 -2.37
N TYR A 127 -12.85 -0.26 -2.68
CA TYR A 127 -11.77 -1.19 -2.38
C TYR A 127 -10.71 -0.63 -1.42
N PHE A 128 -10.76 0.65 -1.05
CA PHE A 128 -9.79 1.30 -0.17
C PHE A 128 -10.50 2.06 0.95
N ASP A 129 -9.74 2.73 1.81
CA ASP A 129 -10.27 3.51 2.91
C ASP A 129 -10.77 4.82 2.30
N LEU A 130 -12.05 5.11 2.45
CA LEU A 130 -12.71 6.30 1.93
C LEU A 130 -12.12 7.51 2.61
N ALA A 1 14.20 5.30 17.54
CA ALA A 1 14.93 6.35 16.81
C ALA A 1 14.14 7.65 16.84
N THR A 2 13.25 7.90 15.87
CA THR A 2 12.43 9.12 15.82
C THR A 2 11.02 8.72 16.22
N GLN A 3 10.26 9.67 16.79
CA GLN A 3 8.90 9.44 17.23
C GLN A 3 8.07 10.67 16.91
N SER A 4 6.76 10.49 16.85
CA SER A 4 5.77 11.51 16.55
C SER A 4 4.64 11.38 17.58
N PRO A 5 3.86 12.46 17.86
CA PRO A 5 2.76 12.37 18.82
C PRO A 5 1.61 11.51 18.26
N GLY A 6 1.56 11.40 16.94
CA GLY A 6 0.61 10.68 16.13
C GLY A 6 0.00 11.71 15.18
N ASP A 7 -0.59 11.25 14.08
CA ASP A 7 -1.23 12.12 13.11
C ASP A 7 -2.26 11.29 12.36
N SER A 8 -3.37 11.89 11.95
CA SER A 8 -4.43 11.21 11.24
C SER A 8 -3.89 10.45 10.03
N ARG A 9 -2.97 11.03 9.26
CA ARG A 9 -2.40 10.35 8.10
C ARG A 9 -1.47 9.21 8.52
N ARG A 10 -0.55 9.47 9.46
CA ARG A 10 0.40 8.46 9.92
C ARG A 10 -0.32 7.22 10.43
N LEU A 11 -1.34 7.42 11.27
CA LEU A 11 -2.14 6.38 11.88
C LEU A 11 -2.93 5.63 10.81
N SER A 12 -3.62 6.35 9.93
CA SER A 12 -4.42 5.77 8.85
C SER A 12 -3.57 4.89 7.94
N ILE A 13 -2.43 5.40 7.47
CA ILE A 13 -1.52 4.68 6.60
C ILE A 13 -1.10 3.38 7.30
N GLN A 14 -0.68 3.44 8.57
CA GLN A 14 -0.28 2.25 9.31
C GLN A 14 -1.44 1.23 9.40
N ARG A 15 -2.65 1.68 9.77
CA ARG A 15 -3.81 0.78 9.87
C ARG A 15 -4.05 0.08 8.54
N ALA A 16 -3.98 0.85 7.45
CA ALA A 16 -4.17 0.36 6.10
C ALA A 16 -3.11 -0.70 5.80
N ILE A 17 -1.82 -0.43 6.03
CA ILE A 17 -0.71 -1.38 5.78
C ILE A 17 -0.96 -2.67 6.55
N GLN A 18 -1.26 -2.58 7.85
CA GLN A 18 -1.51 -3.74 8.69
C GLN A 18 -2.65 -4.58 8.12
N SER A 19 -3.73 -3.94 7.70
CA SER A 19 -4.88 -4.61 7.12
C SER A 19 -4.58 -5.18 5.73
N LEU A 20 -3.68 -4.53 4.98
CA LEU A 20 -3.28 -4.92 3.64
C LEU A 20 -2.52 -6.23 3.68
N VAL A 21 -1.45 -6.27 4.47
CA VAL A 21 -0.64 -7.47 4.60
C VAL A 21 -1.50 -8.57 5.21
N HIS A 22 -2.30 -8.24 6.24
CA HIS A 22 -3.14 -9.23 6.89
C HIS A 22 -4.11 -9.87 5.91
N ALA A 23 -4.88 -9.10 5.14
CA ALA A 23 -5.84 -9.67 4.20
C ALA A 23 -5.17 -10.54 3.14
N ALA A 24 -3.93 -10.23 2.77
CA ALA A 24 -3.18 -10.98 1.77
C ALA A 24 -2.79 -12.39 2.25
N GLN A 25 -2.74 -12.65 3.56
CA GLN A 25 -2.40 -13.94 4.17
C GLN A 25 -3.51 -14.48 5.10
N CYS A 26 -4.61 -13.75 5.28
CA CYS A 26 -5.72 -14.08 6.14
C CYS A 26 -6.43 -15.37 5.70
N ARG A 27 -6.20 -16.47 6.40
CA ARG A 27 -6.84 -17.77 6.16
C ARG A 27 -7.75 -18.14 7.34
N ASN A 28 -7.70 -17.36 8.42
CA ASN A 28 -8.52 -17.59 9.61
C ASN A 28 -9.89 -16.99 9.32
N ALA A 29 -10.89 -17.85 9.14
CA ALA A 29 -12.26 -17.41 8.86
C ALA A 29 -12.90 -16.73 10.09
N ASN A 30 -12.37 -16.96 11.29
CA ASN A 30 -12.88 -16.40 12.54
C ASN A 30 -13.00 -14.88 12.60
N CYS A 31 -12.08 -14.13 11.97
CA CYS A 31 -12.16 -12.68 12.02
C CYS A 31 -13.39 -12.12 11.29
N SER A 32 -13.71 -10.87 11.57
CA SER A 32 -14.78 -10.12 10.96
C SER A 32 -14.42 -8.67 11.28
N LEU A 33 -13.75 -7.95 10.37
CA LEU A 33 -13.33 -6.57 10.54
C LEU A 33 -13.64 -5.81 9.24
N PRO A 34 -13.92 -4.50 9.30
CA PRO A 34 -14.23 -3.70 8.12
C PRO A 34 -13.01 -3.60 7.19
N SER A 35 -11.82 -3.35 7.74
CA SER A 35 -10.63 -3.26 6.89
C SER A 35 -10.27 -4.65 6.34
N CYS A 36 -10.43 -5.72 7.12
CA CYS A 36 -10.11 -7.07 6.62
C CYS A 36 -11.00 -7.41 5.41
N GLN A 37 -12.32 -7.29 5.57
CA GLN A 37 -13.27 -7.60 4.51
C GLN A 37 -13.03 -6.76 3.26
N LYS A 38 -12.79 -5.45 3.39
CA LYS A 38 -12.56 -4.62 2.20
C LYS A 38 -11.24 -4.93 1.53
N MET A 39 -10.21 -5.28 2.30
CA MET A 39 -8.90 -5.59 1.75
C MET A 39 -8.94 -6.91 0.97
N LYS A 40 -9.76 -7.88 1.38
CA LYS A 40 -9.86 -9.17 0.65
C LYS A 40 -10.23 -8.92 -0.82
N ARG A 41 -11.02 -7.89 -1.14
CA ARG A 41 -11.42 -7.58 -2.50
C ARG A 41 -10.22 -7.08 -3.30
N VAL A 42 -9.47 -6.09 -2.80
CA VAL A 42 -8.31 -5.57 -3.55
C VAL A 42 -7.27 -6.66 -3.80
N VAL A 43 -7.01 -7.53 -2.82
CA VAL A 43 -6.03 -8.59 -3.03
C VAL A 43 -6.56 -9.55 -4.12
N GLN A 44 -7.86 -9.86 -4.10
CA GLN A 44 -8.48 -10.74 -5.09
C GLN A 44 -8.28 -10.17 -6.49
N HIS A 45 -8.56 -8.86 -6.64
CA HIS A 45 -8.42 -8.16 -7.91
C HIS A 45 -6.98 -8.30 -8.40
N THR A 46 -6.00 -7.93 -7.58
CA THR A 46 -4.59 -7.98 -7.96
C THR A 46 -4.04 -9.38 -8.28
N LYS A 47 -4.60 -10.45 -7.71
CA LYS A 47 -4.14 -11.80 -8.02
C LYS A 47 -4.32 -12.07 -9.52
N GLY A 48 -5.38 -11.56 -10.12
CA GLY A 48 -5.69 -11.74 -11.54
C GLY A 48 -5.15 -10.63 -12.44
N CYS A 49 -4.59 -9.56 -11.89
CA CYS A 49 -4.08 -8.45 -12.66
C CYS A 49 -2.88 -8.83 -13.53
N LYS A 50 -3.10 -9.11 -14.82
CA LYS A 50 -2.02 -9.44 -15.75
C LYS A 50 -1.90 -8.37 -16.83
N ARG A 51 -2.93 -7.52 -16.98
CA ARG A 51 -2.95 -6.43 -17.96
C ARG A 51 -2.02 -5.29 -17.55
N LYS A 52 -1.54 -5.28 -16.29
CA LYS A 52 -0.61 -4.29 -15.71
C LYS A 52 0.65 -4.09 -16.56
N THR A 53 0.98 -5.06 -17.40
CA THR A 53 2.12 -5.04 -18.31
C THR A 53 1.91 -3.96 -19.38
N ASN A 54 0.85 -4.10 -20.19
CA ASN A 54 0.53 -3.17 -21.28
C ASN A 54 -0.07 -1.88 -20.75
N GLY A 55 -1.11 -1.96 -19.93
CA GLY A 55 -1.77 -0.79 -19.37
C GLY A 55 -3.03 -1.27 -18.66
N GLY A 56 -2.83 -1.79 -17.46
CA GLY A 56 -3.80 -2.33 -16.55
C GLY A 56 -4.36 -1.29 -15.58
N CYS A 57 -5.44 -1.67 -14.93
CA CYS A 57 -6.18 -0.92 -13.93
C CYS A 57 -5.25 -0.14 -12.97
N PRO A 58 -5.72 0.97 -12.37
CA PRO A 58 -4.90 1.78 -11.46
C PRO A 58 -4.61 1.07 -10.14
N ILE A 59 -5.51 0.16 -9.75
CA ILE A 59 -5.49 -0.64 -8.53
C ILE A 59 -4.18 -1.40 -8.39
N CYS A 60 -3.60 -1.91 -9.49
CA CYS A 60 -2.35 -2.66 -9.44
C CYS A 60 -1.22 -1.79 -8.85
N LYS A 61 -1.04 -0.60 -9.43
CA LYS A 61 -0.01 0.37 -9.02
C LYS A 61 -0.30 0.88 -7.61
N GLN A 62 -1.57 1.21 -7.34
CA GLN A 62 -2.03 1.71 -6.03
C GLN A 62 -1.69 0.69 -4.94
N LEU A 63 -1.96 -0.59 -5.17
CA LEU A 63 -1.66 -1.65 -4.20
C LEU A 63 -0.18 -1.66 -3.88
N ILE A 64 0.65 -1.58 -4.93
CA ILE A 64 2.10 -1.57 -4.83
C ILE A 64 2.59 -0.38 -4.00
N ALA A 65 1.94 0.78 -4.09
CA ALA A 65 2.34 1.95 -3.32
C ALA A 65 2.29 1.66 -1.82
N LEU A 66 1.17 1.09 -1.34
CA LEU A 66 1.02 0.78 0.07
C LEU A 66 1.88 -0.44 0.46
N ALA A 67 1.91 -1.47 -0.38
CA ALA A 67 2.68 -2.68 -0.13
C ALA A 67 4.17 -2.36 0.03
N ALA A 68 4.67 -1.28 -0.59
CA ALA A 68 6.06 -0.87 -0.48
C ALA A 68 6.42 -0.57 0.97
N TYR A 69 5.49 -0.01 1.75
CA TYR A 69 5.74 0.31 3.16
C TYR A 69 5.90 -1.00 3.95
N HIS A 70 5.19 -2.07 3.57
CA HIS A 70 5.32 -3.34 4.26
C HIS A 70 6.67 -3.96 3.86
N ALA A 71 7.05 -3.90 2.58
CA ALA A 71 8.30 -4.47 2.08
C ALA A 71 9.54 -3.97 2.85
N LYS A 72 9.56 -2.70 3.26
CA LYS A 72 10.67 -2.11 4.00
C LYS A 72 10.67 -2.44 5.51
N HIS A 73 9.59 -3.04 6.04
CA HIS A 73 9.44 -3.39 7.45
C HIS A 73 9.40 -4.90 7.68
N CYS A 74 9.29 -5.70 6.60
CA CYS A 74 9.24 -7.14 6.70
C CYS A 74 10.62 -7.65 7.13
N GLN A 75 10.70 -8.21 8.34
CA GLN A 75 11.95 -8.76 8.89
C GLN A 75 12.31 -10.04 8.13
N GLU A 76 11.30 -10.84 7.81
CA GLU A 76 11.43 -12.10 7.11
C GLU A 76 11.87 -11.83 5.65
N ASN A 77 12.19 -12.87 4.85
CA ASN A 77 12.64 -12.66 3.46
C ASN A 77 11.78 -13.35 2.41
N LYS A 78 10.96 -14.37 2.71
CA LYS A 78 10.11 -15.07 1.73
C LYS A 78 8.64 -14.89 2.10
N CYS A 79 8.23 -13.64 2.28
CA CYS A 79 6.88 -13.23 2.66
C CYS A 79 5.81 -13.94 1.81
N PRO A 80 4.67 -14.32 2.38
CA PRO A 80 3.61 -14.97 1.63
C PRO A 80 2.97 -14.01 0.63
N VAL A 81 2.98 -12.70 0.91
CA VAL A 81 2.40 -11.71 0.02
C VAL A 81 3.30 -11.64 -1.23
N PRO A 82 2.79 -11.95 -2.44
CA PRO A 82 3.60 -11.93 -3.64
C PRO A 82 4.01 -10.51 -4.06
N PHE A 83 3.18 -9.51 -3.72
CA PHE A 83 3.50 -8.14 -4.06
C PHE A 83 4.68 -7.62 -3.21
N CYS A 84 4.86 -8.10 -1.97
CA CYS A 84 5.95 -7.69 -1.08
C CYS A 84 7.28 -7.99 -1.79
N LEU A 85 7.42 -9.26 -2.19
CA LEU A 85 8.60 -9.74 -2.88
C LEU A 85 8.70 -9.14 -4.27
N ASN A 86 7.59 -8.92 -4.98
CA ASN A 86 7.66 -8.35 -6.33
C ASN A 86 8.29 -6.95 -6.27
N ILE A 87 7.89 -6.13 -5.29
CA ILE A 87 8.42 -4.79 -5.08
C ILE A 87 9.91 -4.88 -4.76
N LYS A 88 10.28 -5.69 -3.78
CA LYS A 88 11.66 -5.85 -3.38
C LYS A 88 12.53 -6.47 -4.47
N GLN A 89 11.97 -7.19 -5.44
CA GLN A 89 12.75 -7.82 -6.50
C GLN A 89 12.95 -6.84 -7.67
N LYS A 90 12.27 -5.71 -7.68
CA LYS A 90 12.38 -4.69 -8.73
C LYS A 90 13.05 -3.40 -8.23
N GLY A 91 13.54 -3.36 -7.00
CA GLY A 91 14.17 -2.16 -6.44
C GLY A 91 13.15 -1.09 -6.07
N GLY A 92 11.87 -1.45 -5.91
CA GLY A 92 10.84 -0.47 -5.56
C GLY A 92 10.74 0.71 -6.53
N SER A 93 10.90 0.44 -7.84
CA SER A 93 10.83 1.44 -8.91
C SER A 93 11.91 2.53 -8.83
N GLY A 94 12.92 2.37 -7.95
CA GLY A 94 14.01 3.32 -7.76
C GLY A 94 14.16 3.71 -6.29
N GLY A 95 13.12 3.52 -5.48
CA GLY A 95 13.10 3.82 -4.05
C GLY A 95 13.09 5.32 -3.71
N GLY A 96 13.64 6.19 -4.57
CA GLY A 96 13.70 7.63 -4.35
C GLY A 96 14.76 8.03 -3.31
N THR A 97 15.65 7.13 -2.90
CA THR A 97 16.68 7.46 -1.92
C THR A 97 17.73 8.39 -2.55
N GLY A 98 18.63 8.94 -1.74
CA GLY A 98 19.68 9.85 -2.17
C GLY A 98 20.11 10.81 -1.06
N GLY A 99 19.36 10.86 0.05
CA GLY A 99 19.64 11.71 1.19
C GLY A 99 18.37 11.92 1.99
N GLY A 100 17.25 12.15 1.31
CA GLY A 100 15.95 12.39 1.93
C GLY A 100 15.78 13.83 2.38
N SER A 101 16.78 14.69 2.19
CA SER A 101 16.75 16.11 2.55
C SER A 101 16.43 16.90 1.28
N GLY A 102 15.68 17.99 1.41
CA GLY A 102 15.28 18.84 0.29
C GLY A 102 14.20 19.83 0.68
N THR A 103 13.45 19.58 1.76
CA THR A 103 12.39 20.44 2.27
C THR A 103 12.69 20.74 3.74
N ILE A 104 12.16 21.86 4.22
CA ILE A 104 12.30 22.30 5.61
C ILE A 104 11.22 21.64 6.50
N GLU A 105 10.21 21.04 5.87
CA GLU A 105 9.07 20.36 6.46
C GLU A 105 9.38 18.91 6.87
N GLY A 106 8.38 18.21 7.40
CA GLY A 106 8.50 16.81 7.81
C GLY A 106 8.94 16.63 9.26
N ARG A 107 8.30 17.31 10.22
CA ARG A 107 8.59 17.21 11.65
C ARG A 107 7.24 17.06 12.30
N GLY A 108 6.79 15.83 12.50
CA GLY A 108 5.50 15.51 13.09
C GLY A 108 4.51 15.16 11.98
N ASP A 109 4.54 15.94 10.89
CA ASP A 109 3.68 15.78 9.71
C ASP A 109 3.90 14.45 8.99
N GLY A 110 4.99 13.75 9.30
CA GLY A 110 5.33 12.47 8.70
C GLY A 110 6.03 12.65 7.37
N GLY A 111 5.46 13.46 6.47
CA GLY A 111 6.05 13.69 5.17
C GLY A 111 5.76 12.52 4.23
N THR A 112 4.59 11.90 4.37
CA THR A 112 4.11 10.79 3.56
C THR A 112 3.63 11.34 2.21
N THR A 113 4.53 11.98 1.46
CA THR A 113 4.28 12.62 0.17
C THR A 113 3.47 11.73 -0.79
N PHE A 114 3.68 10.41 -0.77
CA PHE A 114 3.00 9.43 -1.59
C PHE A 114 1.47 9.52 -1.51
N GLU A 115 0.90 10.08 -0.43
CA GLU A 115 -0.54 10.26 -0.26
C GLU A 115 -1.16 10.95 -1.50
N HIS A 116 -0.38 11.75 -2.24
CA HIS A 116 -0.89 12.44 -3.43
C HIS A 116 -1.43 11.45 -4.46
N LEU A 117 -0.99 10.19 -4.46
CA LEU A 117 -1.45 9.17 -5.39
C LEU A 117 -2.95 8.92 -5.21
N TRP A 118 -3.48 9.10 -4.00
CA TRP A 118 -4.89 8.89 -3.72
C TRP A 118 -5.78 9.93 -4.41
N SER A 119 -5.23 11.02 -4.95
CA SER A 119 -6.00 12.05 -5.66
C SER A 119 -6.66 11.52 -6.94
N SER A 120 -6.37 10.28 -7.32
CA SER A 120 -6.89 9.61 -8.50
C SER A 120 -7.71 8.36 -8.11
N LEU A 121 -7.85 8.06 -6.82
CA LEU A 121 -8.60 6.92 -6.29
C LEU A 121 -10.07 7.32 -6.33
N GLU A 122 -10.94 6.42 -6.79
CA GLU A 122 -12.37 6.68 -6.90
C GLU A 122 -13.01 7.04 -5.57
N PRO A 123 -13.97 7.98 -5.54
CA PRO A 123 -14.64 8.38 -4.30
C PRO A 123 -15.49 7.24 -3.72
N ASP A 124 -15.74 6.18 -4.51
CA ASP A 124 -16.51 5.00 -4.09
C ASP A 124 -15.71 4.23 -3.04
N SER A 125 -14.37 4.31 -3.08
CA SER A 125 -13.45 3.64 -2.16
C SER A 125 -13.83 2.16 -1.96
N THR A 126 -14.24 1.48 -3.03
CA THR A 126 -14.65 0.08 -2.94
C THR A 126 -13.47 -0.86 -2.67
N TYR A 127 -12.21 -0.47 -2.96
CA TYR A 127 -11.05 -1.33 -2.70
C TYR A 127 -10.31 -0.82 -1.47
N PHE A 128 -9.74 0.38 -1.57
CA PHE A 128 -8.99 1.03 -0.52
C PHE A 128 -9.85 2.08 0.16
N ASP A 129 -9.28 2.68 1.19
CA ASP A 129 -9.91 3.76 1.94
C ASP A 129 -9.82 5.01 1.05
N LEU A 130 -10.78 5.90 1.21
CA LEU A 130 -10.89 7.18 0.49
C LEU A 130 -9.78 8.14 0.90
N ALA A 1 6.60 8.91 23.87
CA ALA A 1 7.97 9.37 24.16
C ALA A 1 8.17 10.74 23.55
N THR A 2 8.59 10.83 22.29
CA THR A 2 8.79 12.10 21.59
C THR A 2 7.43 12.77 21.38
N GLN A 3 7.41 14.03 20.95
CA GLN A 3 6.16 14.76 20.70
C GLN A 3 6.12 15.24 19.25
N SER A 4 4.94 15.21 18.67
CA SER A 4 4.64 15.61 17.31
C SER A 4 3.43 16.55 17.36
N PRO A 5 3.21 17.38 16.34
CA PRO A 5 2.06 18.29 16.31
C PRO A 5 0.76 17.52 16.02
N GLY A 6 0.88 16.28 15.55
CA GLY A 6 -0.16 15.34 15.21
C GLY A 6 0.45 14.32 14.26
N ASP A 7 -0.18 13.16 14.13
CA ASP A 7 0.25 12.07 13.26
C ASP A 7 -0.93 11.21 12.80
N SER A 8 -2.07 11.87 12.61
CA SER A 8 -3.33 11.24 12.19
C SER A 8 -3.14 10.36 10.94
N ARG A 9 -2.54 10.93 9.89
CA ARG A 9 -2.29 10.23 8.63
C ARG A 9 -1.43 8.97 8.83
N ARG A 10 -0.47 8.99 9.76
CA ARG A 10 0.38 7.84 9.99
C ARG A 10 -0.42 6.68 10.57
N LEU A 11 -1.33 6.92 11.52
CA LEU A 11 -2.12 5.86 12.11
C LEU A 11 -2.89 5.13 11.02
N SER A 12 -3.55 5.87 10.12
CA SER A 12 -4.32 5.28 9.05
C SER A 12 -3.42 4.51 8.08
N ILE A 13 -2.28 5.09 7.65
CA ILE A 13 -1.36 4.43 6.74
C ILE A 13 -0.95 3.08 7.36
N GLN A 14 -0.49 3.10 8.62
CA GLN A 14 -0.08 1.88 9.32
C GLN A 14 -1.21 0.85 9.35
N ARG A 15 -2.40 1.22 9.82
CA ARG A 15 -3.56 0.32 9.91
C ARG A 15 -3.92 -0.25 8.54
N ALA A 16 -3.88 0.57 7.49
CA ALA A 16 -4.18 0.17 6.13
C ALA A 16 -3.17 -0.87 5.65
N ILE A 17 -1.86 -0.59 5.78
CA ILE A 17 -0.79 -1.50 5.36
C ILE A 17 -0.97 -2.85 6.05
N GLN A 18 -1.10 -2.82 7.38
CA GLN A 18 -1.27 -3.99 8.22
C GLN A 18 -2.49 -4.81 7.80
N SER A 19 -3.62 -4.14 7.52
CA SER A 19 -4.83 -4.82 7.09
C SER A 19 -4.68 -5.39 5.68
N LEU A 20 -4.00 -4.70 4.77
CA LEU A 20 -3.80 -5.16 3.41
C LEU A 20 -2.98 -6.44 3.39
N VAL A 21 -1.79 -6.40 3.99
CA VAL A 21 -0.94 -7.59 4.00
C VAL A 21 -1.61 -8.75 4.72
N HIS A 22 -2.40 -8.47 5.76
CA HIS A 22 -3.09 -9.53 6.47
C HIS A 22 -4.16 -10.11 5.55
N ALA A 23 -5.02 -9.28 4.93
CA ALA A 23 -6.08 -9.72 4.03
C ALA A 23 -5.56 -10.55 2.86
N ALA A 24 -4.34 -10.28 2.41
CA ALA A 24 -3.69 -10.96 1.29
C ALA A 24 -3.42 -12.44 1.58
N GLN A 25 -3.30 -12.80 2.86
CA GLN A 25 -3.03 -14.15 3.35
C GLN A 25 -4.10 -14.69 4.32
N CYS A 26 -5.11 -13.89 4.65
CA CYS A 26 -6.21 -14.18 5.58
C CYS A 26 -7.10 -15.36 5.14
N ARG A 27 -6.88 -16.54 5.73
CA ARG A 27 -7.66 -17.77 5.47
C ARG A 27 -8.47 -18.17 6.70
N ASN A 28 -8.12 -17.66 7.89
CA ASN A 28 -8.78 -17.95 9.16
C ASN A 28 -10.07 -17.15 9.21
N ALA A 29 -11.20 -17.86 9.17
CA ALA A 29 -12.55 -17.30 9.23
C ALA A 29 -12.80 -16.47 10.50
N ASN A 30 -12.09 -16.81 11.58
CA ASN A 30 -12.16 -16.16 12.89
C ASN A 30 -11.83 -14.67 12.82
N CYS A 31 -11.05 -14.25 11.81
CA CYS A 31 -10.70 -12.85 11.61
C CYS A 31 -11.95 -12.20 11.01
N SER A 32 -12.47 -11.14 11.62
CA SER A 32 -13.64 -10.44 11.09
C SER A 32 -13.49 -8.96 11.41
N LEU A 33 -12.97 -8.20 10.44
CA LEU A 33 -12.74 -6.77 10.50
C LEU A 33 -13.24 -6.20 9.18
N PRO A 34 -13.88 -5.02 9.15
CA PRO A 34 -14.39 -4.44 7.91
C PRO A 34 -13.27 -4.14 6.93
N SER A 35 -12.13 -3.67 7.42
CA SER A 35 -10.98 -3.37 6.58
C SER A 35 -10.48 -4.65 5.94
N CYS A 36 -10.24 -5.70 6.73
CA CYS A 36 -9.76 -6.98 6.24
C CYS A 36 -10.73 -7.51 5.17
N GLN A 37 -12.04 -7.47 5.47
CA GLN A 37 -13.08 -7.95 4.58
C GLN A 37 -13.11 -7.15 3.27
N LYS A 38 -13.09 -5.81 3.28
CA LYS A 38 -13.10 -5.05 2.02
C LYS A 38 -11.77 -5.26 1.28
N MET A 39 -10.66 -5.41 2.00
CA MET A 39 -9.33 -5.64 1.45
C MET A 39 -9.32 -6.97 0.69
N LYS A 40 -10.11 -7.98 1.10
CA LYS A 40 -10.15 -9.26 0.39
C LYS A 40 -10.46 -9.02 -1.10
N ARG A 41 -11.27 -8.01 -1.43
CA ARG A 41 -11.59 -7.72 -2.83
C ARG A 41 -10.36 -7.21 -3.57
N VAL A 42 -9.57 -6.35 -2.94
CA VAL A 42 -8.36 -5.80 -3.54
C VAL A 42 -7.41 -6.94 -3.89
N VAL A 43 -7.19 -7.87 -2.95
CA VAL A 43 -6.28 -8.99 -3.15
C VAL A 43 -6.84 -9.96 -4.20
N GLN A 44 -8.14 -10.25 -4.15
CA GLN A 44 -8.83 -11.15 -5.07
C GLN A 44 -8.72 -10.62 -6.50
N HIS A 45 -8.77 -9.29 -6.64
CA HIS A 45 -8.66 -8.59 -7.90
C HIS A 45 -7.21 -8.72 -8.39
N THR A 46 -6.22 -8.36 -7.56
CA THR A 46 -4.81 -8.44 -7.97
C THR A 46 -4.33 -9.86 -8.24
N LYS A 47 -4.93 -10.90 -7.64
CA LYS A 47 -4.53 -12.29 -7.90
C LYS A 47 -4.70 -12.60 -9.41
N GLY A 48 -5.60 -11.91 -10.11
CA GLY A 48 -5.86 -12.11 -11.54
C GLY A 48 -5.44 -10.94 -12.42
N CYS A 49 -4.82 -9.89 -11.86
CA CYS A 49 -4.37 -8.70 -12.56
C CYS A 49 -3.14 -8.93 -13.47
N LYS A 50 -3.27 -9.78 -14.49
CA LYS A 50 -2.16 -9.98 -15.42
C LYS A 50 -2.20 -8.88 -16.48
N ARG A 51 -3.32 -8.15 -16.63
CA ARG A 51 -3.48 -7.06 -17.59
C ARG A 51 -2.56 -5.88 -17.28
N LYS A 52 -2.07 -5.76 -16.04
CA LYS A 52 -1.16 -4.69 -15.63
C LYS A 52 0.11 -4.65 -16.46
N THR A 53 0.47 -5.73 -17.16
CA THR A 53 1.65 -5.80 -18.00
C THR A 53 1.51 -4.86 -19.22
N ASN A 54 0.29 -4.55 -19.67
CA ASN A 54 0.02 -3.68 -20.81
C ASN A 54 -0.80 -2.47 -20.41
N GLY A 55 -1.86 -2.66 -19.62
CA GLY A 55 -2.73 -1.59 -19.19
C GLY A 55 -3.63 -2.06 -18.07
N GLY A 56 -3.15 -1.95 -16.83
CA GLY A 56 -3.91 -2.37 -15.65
C GLY A 56 -4.57 -1.17 -15.00
N CYS A 57 -5.55 -1.46 -14.15
CA CYS A 57 -6.33 -0.52 -13.39
C CYS A 57 -5.43 0.26 -12.39
N PRO A 58 -5.96 1.30 -11.72
CA PRO A 58 -5.18 2.06 -10.75
C PRO A 58 -4.87 1.18 -9.53
N ILE A 59 -5.74 0.22 -9.22
CA ILE A 59 -5.62 -0.71 -8.10
C ILE A 59 -4.27 -1.45 -8.18
N CYS A 60 -3.91 -1.95 -9.35
CA CYS A 60 -2.67 -2.68 -9.59
C CYS A 60 -1.43 -1.85 -9.23
N LYS A 61 -1.42 -0.58 -9.63
CA LYS A 61 -0.31 0.33 -9.39
C LYS A 61 -0.31 0.86 -7.96
N GLN A 62 -1.46 1.23 -7.41
CA GLN A 62 -1.55 1.75 -6.05
C GLN A 62 -1.26 0.67 -5.02
N LEU A 63 -1.52 -0.59 -5.34
CA LEU A 63 -1.23 -1.69 -4.43
C LEU A 63 0.27 -1.66 -4.10
N ILE A 64 1.12 -1.45 -5.11
CA ILE A 64 2.56 -1.40 -4.95
C ILE A 64 2.95 -0.20 -4.06
N ALA A 65 2.22 0.94 -4.15
CA ALA A 65 2.52 2.11 -3.36
C ALA A 65 2.46 1.79 -1.86
N LEU A 66 1.35 1.18 -1.42
CA LEU A 66 1.15 0.83 -0.02
C LEU A 66 1.97 -0.40 0.37
N ALA A 67 2.16 -1.36 -0.55
CA ALA A 67 2.94 -2.55 -0.28
C ALA A 67 4.41 -2.21 -0.03
N ALA A 68 4.93 -1.12 -0.62
CA ALA A 68 6.32 -0.73 -0.41
C ALA A 68 6.59 -0.37 1.04
N TYR A 69 5.57 0.11 1.77
CA TYR A 69 5.71 0.44 3.17
C TYR A 69 5.86 -0.88 3.93
N HIS A 70 5.13 -1.92 3.56
CA HIS A 70 5.27 -3.19 4.23
C HIS A 70 6.66 -3.77 3.91
N ALA A 71 7.16 -3.60 2.68
CA ALA A 71 8.47 -4.09 2.25
C ALA A 71 9.63 -3.58 3.13
N LYS A 72 9.45 -2.46 3.84
CA LYS A 72 10.48 -1.91 4.73
C LYS A 72 10.31 -2.39 6.18
N HIS A 73 9.19 -3.02 6.53
CA HIS A 73 8.91 -3.53 7.87
C HIS A 73 8.90 -5.06 7.93
N CYS A 74 8.83 -5.74 6.78
CA CYS A 74 8.81 -7.19 6.71
C CYS A 74 10.19 -7.70 7.15
N GLN A 75 10.24 -8.31 8.32
CA GLN A 75 11.48 -8.84 8.88
C GLN A 75 11.93 -10.07 8.07
N GLU A 76 10.99 -10.92 7.69
CA GLU A 76 11.21 -12.13 6.92
C GLU A 76 11.74 -11.74 5.52
N ASN A 77 12.54 -12.62 4.90
CA ASN A 77 13.14 -12.42 3.57
C ASN A 77 12.47 -13.36 2.55
N LYS A 78 11.23 -13.76 2.84
CA LYS A 78 10.40 -14.66 2.06
C LYS A 78 8.95 -14.37 2.47
N CYS A 79 8.55 -13.11 2.35
CA CYS A 79 7.24 -12.60 2.72
C CYS A 79 6.05 -13.34 2.05
N PRO A 80 4.85 -13.30 2.66
CA PRO A 80 3.64 -13.95 2.15
C PRO A 80 2.88 -13.18 1.04
N VAL A 81 3.15 -11.88 0.83
CA VAL A 81 2.48 -11.11 -0.22
C VAL A 81 3.43 -11.14 -1.43
N PRO A 82 2.95 -11.49 -2.64
CA PRO A 82 3.81 -11.57 -3.82
C PRO A 82 4.33 -10.20 -4.27
N PHE A 83 3.55 -9.14 -4.02
CA PHE A 83 3.94 -7.79 -4.40
C PHE A 83 5.00 -7.22 -3.48
N CYS A 84 5.08 -7.68 -2.22
CA CYS A 84 6.08 -7.20 -1.27
C CYS A 84 7.47 -7.58 -1.74
N LEU A 85 7.65 -8.88 -2.00
CA LEU A 85 8.92 -9.42 -2.46
C LEU A 85 9.23 -8.86 -3.85
N ASN A 86 8.21 -8.61 -4.69
CA ASN A 86 8.41 -8.04 -6.03
C ASN A 86 9.00 -6.64 -5.89
N ILE A 87 8.51 -5.84 -4.95
CA ILE A 87 9.02 -4.49 -4.69
C ILE A 87 10.48 -4.60 -4.27
N LYS A 88 10.83 -5.55 -3.40
CA LYS A 88 12.22 -5.72 -2.98
C LYS A 88 13.09 -6.11 -4.20
N GLN A 89 12.58 -6.96 -5.08
CA GLN A 89 13.27 -7.42 -6.27
C GLN A 89 13.51 -6.26 -7.24
N LYS A 90 12.55 -5.36 -7.44
CA LYS A 90 12.75 -4.23 -8.35
C LYS A 90 13.59 -3.14 -7.69
N GLY A 91 13.54 -2.94 -6.38
CA GLY A 91 14.30 -1.91 -5.65
C GLY A 91 14.01 -0.46 -6.11
N GLY A 92 12.98 -0.25 -6.92
CA GLY A 92 12.56 1.04 -7.45
C GLY A 92 12.84 1.18 -8.96
N SER A 93 13.22 0.10 -9.65
CA SER A 93 13.53 0.03 -11.07
C SER A 93 12.44 0.74 -11.88
N GLY A 94 12.78 1.87 -12.47
CA GLY A 94 11.93 2.73 -13.26
C GLY A 94 11.95 4.16 -12.72
N GLY A 95 12.44 4.36 -11.49
CA GLY A 95 12.54 5.63 -10.80
C GLY A 95 11.21 6.07 -10.18
N GLY A 96 10.09 5.50 -10.63
CA GLY A 96 8.77 5.83 -10.11
C GLY A 96 8.48 7.34 -10.22
N THR A 97 9.05 8.00 -11.23
CA THR A 97 8.91 9.43 -11.53
C THR A 97 9.39 10.36 -10.40
N GLY A 98 10.11 9.85 -9.40
CA GLY A 98 10.63 10.60 -8.27
C GLY A 98 10.72 9.68 -7.05
N GLY A 99 9.69 8.86 -6.81
CA GLY A 99 9.65 7.92 -5.70
C GLY A 99 8.85 8.31 -4.45
N GLY A 100 8.29 9.51 -4.37
CA GLY A 100 7.50 9.95 -3.21
C GLY A 100 8.33 10.17 -1.93
N SER A 101 9.64 10.37 -2.07
CA SER A 101 10.57 10.61 -0.98
C SER A 101 10.28 11.95 -0.28
N GLY A 102 11.07 12.29 0.74
CA GLY A 102 10.93 13.53 1.50
C GLY A 102 11.03 13.33 3.00
N THR A 103 11.05 12.08 3.49
CA THR A 103 11.17 11.77 4.91
C THR A 103 12.39 12.43 5.55
N ILE A 104 12.23 13.05 6.72
CA ILE A 104 13.31 13.68 7.47
C ILE A 104 13.08 13.23 8.89
N GLU A 105 13.68 12.12 9.23
CA GLU A 105 13.65 11.49 10.54
C GLU A 105 12.24 11.46 11.17
N GLY A 106 11.24 11.04 10.40
CA GLY A 106 9.85 10.95 10.86
C GLY A 106 9.08 12.28 10.84
N ARG A 107 9.77 13.41 10.68
CA ARG A 107 9.24 14.78 10.61
C ARG A 107 8.81 15.06 9.16
N GLY A 108 8.19 16.21 8.91
CA GLY A 108 7.75 16.62 7.58
C GLY A 108 6.24 16.55 7.36
N ASP A 109 5.41 16.78 8.39
CA ASP A 109 3.94 16.75 8.34
C ASP A 109 3.46 15.48 7.63
N GLY A 110 3.69 14.37 8.32
CA GLY A 110 3.38 13.03 7.89
C GLY A 110 4.59 12.45 7.17
N GLY A 111 5.32 13.26 6.38
CA GLY A 111 6.49 12.79 5.63
C GLY A 111 6.07 11.57 4.79
N THR A 112 4.88 11.65 4.21
CA THR A 112 4.21 10.65 3.41
C THR A 112 3.59 11.34 2.19
N THR A 113 4.31 12.27 1.55
CA THR A 113 3.79 13.02 0.39
C THR A 113 3.14 12.15 -0.69
N PHE A 114 3.54 10.88 -0.83
CA PHE A 114 2.96 9.93 -1.80
C PHE A 114 1.43 9.84 -1.64
N GLU A 115 0.90 10.17 -0.46
CA GLU A 115 -0.53 10.18 -0.16
C GLU A 115 -1.29 11.04 -1.18
N HIS A 116 -0.63 12.04 -1.80
CA HIS A 116 -1.22 12.91 -2.81
C HIS A 116 -1.72 12.16 -4.04
N LEU A 117 -1.32 10.88 -4.24
CA LEU A 117 -1.74 10.06 -5.37
C LEU A 117 -3.11 9.43 -5.10
N TRP A 118 -3.59 9.34 -3.85
CA TRP A 118 -4.88 8.72 -3.56
C TRP A 118 -6.04 9.42 -4.27
N SER A 119 -5.94 10.72 -4.55
CA SER A 119 -7.00 11.43 -5.23
C SER A 119 -7.23 10.92 -6.67
N SER A 120 -6.23 10.26 -7.27
CA SER A 120 -6.29 9.70 -8.62
C SER A 120 -6.97 8.32 -8.64
N LEU A 121 -7.33 7.78 -7.47
CA LEU A 121 -8.00 6.50 -7.34
C LEU A 121 -9.48 6.70 -7.68
N GLU A 122 -10.30 5.64 -7.66
CA GLU A 122 -11.72 5.78 -7.96
C GLU A 122 -12.34 6.51 -6.75
N PRO A 123 -13.02 7.65 -6.92
CA PRO A 123 -13.61 8.41 -5.81
C PRO A 123 -14.75 7.68 -5.06
N ASP A 124 -15.08 6.45 -5.45
CA ASP A 124 -16.12 5.66 -4.80
C ASP A 124 -15.59 5.10 -3.48
N SER A 125 -14.27 4.94 -3.32
CA SER A 125 -13.62 4.43 -2.11
C SER A 125 -14.21 3.10 -1.59
N THR A 126 -14.92 2.35 -2.45
CA THR A 126 -15.53 1.09 -2.10
C THR A 126 -14.47 0.05 -1.69
N TYR A 127 -13.19 0.24 -2.06
CA TYR A 127 -12.11 -0.68 -1.72
C TYR A 127 -10.93 -0.02 -0.97
N PHE A 128 -10.73 1.30 -1.00
CA PHE A 128 -9.66 2.01 -0.28
C PHE A 128 -10.17 3.25 0.47
N ASP A 129 -9.29 3.88 1.26
CA ASP A 129 -9.49 5.07 2.06
C ASP A 129 -8.88 6.28 1.32
N LEU A 130 -9.73 7.17 0.79
CA LEU A 130 -9.34 8.38 0.05
C LEU A 130 -8.42 9.29 0.85
N ALA A 1 -0.15 7.94 29.64
CA ALA A 1 0.27 8.94 28.66
C ALA A 1 -0.93 9.68 28.12
N THR A 2 -0.70 10.85 27.52
CA THR A 2 -1.75 11.67 26.92
C THR A 2 -2.33 10.93 25.71
N GLN A 3 -3.46 11.39 25.18
CA GLN A 3 -4.11 10.77 24.03
C GLN A 3 -4.67 11.90 23.15
N SER A 4 -3.80 12.51 22.35
CA SER A 4 -4.13 13.62 21.48
C SER A 4 -3.71 13.28 20.04
N PRO A 5 -4.42 13.77 19.00
CA PRO A 5 -4.08 13.51 17.60
C PRO A 5 -2.93 14.42 17.13
N GLY A 6 -2.41 14.19 15.92
CA GLY A 6 -1.33 14.97 15.32
C GLY A 6 -0.70 14.18 14.17
N ASP A 7 0.04 13.13 14.50
CA ASP A 7 0.70 12.21 13.54
C ASP A 7 -0.31 11.16 13.06
N SER A 8 -1.56 11.57 13.01
CA SER A 8 -2.73 10.81 12.60
C SER A 8 -2.49 10.13 11.26
N ARG A 9 -1.85 10.83 10.32
CA ARG A 9 -1.53 10.30 9.00
C ARG A 9 -0.65 9.06 9.14
N ARG A 10 0.39 9.10 9.98
CA ARG A 10 1.30 7.97 10.16
C ARG A 10 0.49 6.78 10.63
N LEU A 11 -0.43 6.95 11.59
CA LEU A 11 -1.27 5.87 12.09
C LEU A 11 -2.20 5.35 10.99
N SER A 12 -2.83 6.25 10.24
CA SER A 12 -3.74 5.96 9.15
C SER A 12 -3.07 5.06 8.10
N ILE A 13 -1.84 5.40 7.72
CA ILE A 13 -1.03 4.66 6.76
C ILE A 13 -0.72 3.29 7.36
N GLN A 14 -0.22 3.24 8.61
CA GLN A 14 0.12 1.99 9.29
C GLN A 14 -1.05 1.02 9.36
N ARG A 15 -2.22 1.47 9.80
CA ARG A 15 -3.41 0.61 9.89
C ARG A 15 -3.72 0.07 8.50
N ALA A 16 -3.63 0.89 7.45
CA ALA A 16 -3.88 0.45 6.08
C ALA A 16 -2.91 -0.66 5.69
N ILE A 17 -1.61 -0.42 5.87
CA ILE A 17 -0.53 -1.35 5.54
C ILE A 17 -0.80 -2.70 6.22
N GLN A 18 -1.04 -2.68 7.54
CA GLN A 18 -1.28 -3.88 8.32
C GLN A 18 -2.57 -4.59 7.92
N SER A 19 -3.60 -3.86 7.46
CA SER A 19 -4.85 -4.47 7.03
C SER A 19 -4.65 -5.13 5.67
N LEU A 20 -3.83 -4.54 4.79
CA LEU A 20 -3.58 -5.07 3.46
C LEU A 20 -2.74 -6.34 3.54
N VAL A 21 -1.57 -6.29 4.20
CA VAL A 21 -0.70 -7.46 4.33
C VAL A 21 -1.49 -8.62 4.93
N HIS A 22 -2.39 -8.34 5.87
CA HIS A 22 -3.22 -9.33 6.52
C HIS A 22 -4.25 -9.88 5.53
N ALA A 23 -5.04 -9.02 4.86
CA ALA A 23 -6.07 -9.43 3.91
C ALA A 23 -5.50 -10.27 2.76
N ALA A 24 -4.24 -10.04 2.37
CA ALA A 24 -3.58 -10.75 1.28
C ALA A 24 -3.41 -12.25 1.56
N GLN A 25 -3.36 -12.64 2.83
CA GLN A 25 -3.18 -13.99 3.36
C GLN A 25 -4.31 -14.45 4.30
N CYS A 26 -5.35 -13.65 4.51
CA CYS A 26 -6.49 -13.91 5.39
C CYS A 26 -7.34 -15.12 5.02
N ARG A 27 -6.95 -16.32 5.44
CA ARG A 27 -7.70 -17.55 5.19
C ARG A 27 -8.63 -17.83 6.37
N ASN A 28 -8.43 -17.16 7.52
CA ASN A 28 -9.22 -17.31 8.73
C ASN A 28 -10.66 -16.86 8.48
N ALA A 29 -11.62 -17.79 8.50
CA ALA A 29 -13.03 -17.47 8.29
C ALA A 29 -13.57 -16.60 9.43
N ASN A 30 -12.94 -16.65 10.60
CA ASN A 30 -13.29 -15.89 11.79
C ASN A 30 -13.03 -14.39 11.61
N CYS A 31 -12.04 -14.03 10.78
CA CYS A 31 -11.70 -12.65 10.55
C CYS A 31 -12.86 -11.89 9.92
N SER A 32 -13.29 -10.83 10.60
CA SER A 32 -14.34 -9.93 10.17
C SER A 32 -13.93 -8.57 10.70
N LEU A 33 -13.33 -7.75 9.84
CA LEU A 33 -12.85 -6.41 10.09
C LEU A 33 -13.42 -5.52 8.99
N PRO A 34 -13.65 -4.22 9.24
CA PRO A 34 -14.21 -3.31 8.25
C PRO A 34 -13.25 -3.11 7.07
N SER A 35 -11.98 -2.86 7.36
CA SER A 35 -10.99 -2.67 6.32
C SER A 35 -10.56 -4.01 5.72
N CYS A 36 -10.60 -5.12 6.49
CA CYS A 36 -10.22 -6.44 5.99
C CYS A 36 -11.15 -6.89 4.87
N GLN A 37 -12.48 -6.87 5.10
CA GLN A 37 -13.45 -7.31 4.10
C GLN A 37 -13.30 -6.56 2.77
N LYS A 38 -13.19 -5.22 2.80
CA LYS A 38 -13.02 -4.46 1.55
C LYS A 38 -11.65 -4.74 0.93
N MET A 39 -10.59 -4.94 1.73
CA MET A 39 -9.26 -5.23 1.21
C MET A 39 -9.31 -6.55 0.45
N LYS A 40 -10.15 -7.52 0.86
CA LYS A 40 -10.26 -8.81 0.17
C LYS A 40 -10.53 -8.60 -1.33
N ARG A 41 -11.26 -7.54 -1.66
CA ARG A 41 -11.61 -7.22 -3.04
C ARG A 41 -10.38 -6.88 -3.86
N VAL A 42 -9.55 -5.94 -3.39
CA VAL A 42 -8.34 -5.54 -4.10
C VAL A 42 -7.33 -6.66 -4.15
N VAL A 43 -7.09 -7.33 -3.01
CA VAL A 43 -6.13 -8.41 -2.96
C VAL A 43 -6.55 -9.55 -3.88
N GLN A 44 -7.85 -9.82 -4.05
CA GLN A 44 -8.30 -10.88 -4.92
C GLN A 44 -7.96 -10.53 -6.37
N HIS A 45 -8.15 -9.26 -6.75
CA HIS A 45 -7.85 -8.79 -8.09
C HIS A 45 -6.34 -8.88 -8.34
N THR A 46 -5.49 -8.39 -7.44
CA THR A 46 -4.04 -8.42 -7.64
C THR A 46 -3.50 -9.85 -7.65
N LYS A 47 -4.11 -10.75 -6.88
CA LYS A 47 -3.72 -12.16 -6.75
C LYS A 47 -3.94 -12.95 -8.04
N GLY A 48 -4.80 -12.48 -8.94
CA GLY A 48 -5.07 -13.12 -10.23
C GLY A 48 -4.76 -12.24 -11.44
N CYS A 49 -4.29 -11.00 -11.25
CA CYS A 49 -4.00 -10.04 -12.30
C CYS A 49 -2.89 -10.53 -13.24
N LYS A 50 -3.26 -10.81 -14.48
CA LYS A 50 -2.34 -11.25 -15.53
C LYS A 50 -2.26 -10.15 -16.60
N ARG A 51 -3.17 -9.17 -16.58
CA ARG A 51 -3.25 -8.03 -17.50
C ARG A 51 -2.17 -6.98 -17.27
N LYS A 52 -1.30 -7.15 -16.28
CA LYS A 52 -0.23 -6.24 -15.87
C LYS A 52 0.62 -5.67 -17.01
N THR A 53 0.75 -6.34 -18.16
CA THR A 53 1.52 -5.86 -19.31
C THR A 53 0.66 -5.60 -20.55
N ASN A 54 -0.58 -6.12 -20.57
CA ASN A 54 -1.59 -6.00 -21.63
C ASN A 54 -2.65 -4.96 -21.19
N GLY A 55 -2.26 -4.02 -20.33
CA GLY A 55 -3.11 -2.97 -19.80
C GLY A 55 -3.15 -3.14 -18.29
N GLY A 56 -2.00 -3.04 -17.62
CA GLY A 56 -1.89 -3.17 -16.18
C GLY A 56 -2.60 -1.99 -15.54
N CYS A 57 -3.76 -2.28 -14.96
CA CYS A 57 -4.66 -1.34 -14.30
C CYS A 57 -4.01 -0.52 -13.16
N PRO A 58 -4.66 0.57 -12.72
CA PRO A 58 -4.13 1.43 -11.67
C PRO A 58 -4.10 0.78 -10.29
N ILE A 59 -5.01 -0.13 -9.96
CA ILE A 59 -5.02 -0.77 -8.63
C ILE A 59 -3.65 -1.43 -8.40
N CYS A 60 -3.05 -2.02 -9.45
CA CYS A 60 -1.73 -2.64 -9.36
C CYS A 60 -0.71 -1.60 -8.82
N LYS A 61 -0.62 -0.40 -9.40
CA LYS A 61 0.31 0.64 -8.94
C LYS A 61 -0.05 1.14 -7.54
N GLN A 62 -1.35 1.32 -7.25
CA GLN A 62 -1.80 1.78 -5.95
C GLN A 62 -1.33 0.82 -4.86
N LEU A 63 -1.50 -0.47 -5.10
CA LEU A 63 -1.09 -1.51 -4.18
C LEU A 63 0.41 -1.45 -3.98
N ILE A 64 1.19 -1.27 -5.04
CA ILE A 64 2.65 -1.18 -4.98
C ILE A 64 3.10 -0.04 -4.07
N ALA A 65 2.43 1.11 -4.11
CA ALA A 65 2.78 2.26 -3.29
C ALA A 65 2.75 1.91 -1.81
N LEU A 66 1.65 1.29 -1.35
CA LEU A 66 1.46 0.90 0.04
C LEU A 66 2.29 -0.33 0.39
N ALA A 67 2.35 -1.33 -0.50
CA ALA A 67 3.12 -2.55 -0.28
C ALA A 67 4.60 -2.25 -0.04
N ALA A 68 5.12 -1.16 -0.60
CA ALA A 68 6.51 -0.76 -0.42
C ALA A 68 6.79 -0.46 1.06
N TYR A 69 5.79 0.04 1.80
CA TYR A 69 5.92 0.34 3.21
C TYR A 69 5.91 -0.98 4.00
N HIS A 70 5.10 -1.96 3.59
CA HIS A 70 5.07 -3.24 4.29
C HIS A 70 6.42 -3.95 4.10
N ALA A 71 6.99 -3.89 2.90
CA ALA A 71 8.25 -4.54 2.56
C ALA A 71 9.39 -4.18 3.51
N LYS A 72 9.53 -2.90 3.89
CA LYS A 72 10.61 -2.51 4.80
C LYS A 72 10.49 -3.10 6.21
N HIS A 73 9.33 -3.61 6.64
CA HIS A 73 9.12 -4.17 7.97
C HIS A 73 8.80 -5.67 7.96
N CYS A 74 8.72 -6.32 6.79
CA CYS A 74 8.44 -7.75 6.71
C CYS A 74 9.69 -8.47 7.26
N GLN A 75 9.51 -9.38 8.21
CA GLN A 75 10.58 -10.12 8.85
C GLN A 75 11.33 -10.98 7.83
N GLU A 76 10.71 -12.07 7.40
CA GLU A 76 11.30 -13.02 6.46
C GLU A 76 11.75 -12.34 5.17
N ASN A 77 12.77 -12.91 4.53
CA ASN A 77 13.28 -12.36 3.27
C ASN A 77 12.36 -12.71 2.10
N LYS A 78 11.52 -13.74 2.25
CA LYS A 78 10.58 -14.24 1.25
C LYS A 78 9.19 -14.16 1.86
N CYS A 79 8.53 -13.01 1.69
CA CYS A 79 7.21 -12.71 2.21
C CYS A 79 6.11 -13.63 1.63
N PRO A 80 4.98 -13.76 2.34
CA PRO A 80 3.85 -14.55 1.88
C PRO A 80 3.00 -13.74 0.87
N VAL A 81 3.33 -12.45 0.68
CA VAL A 81 2.68 -11.52 -0.22
C VAL A 81 3.58 -11.42 -1.46
N PRO A 82 3.05 -11.59 -2.69
CA PRO A 82 3.84 -11.54 -3.91
C PRO A 82 4.26 -10.14 -4.31
N PHE A 83 3.41 -9.14 -4.06
CA PHE A 83 3.74 -7.77 -4.42
C PHE A 83 4.89 -7.26 -3.58
N CYS A 84 5.06 -7.78 -2.35
CA CYS A 84 6.11 -7.38 -1.43
C CYS A 84 7.48 -7.72 -2.02
N LEU A 85 7.64 -8.99 -2.39
CA LEU A 85 8.88 -9.48 -2.98
C LEU A 85 9.13 -8.87 -4.35
N ASN A 86 8.07 -8.55 -5.13
CA ASN A 86 8.28 -7.93 -6.44
C ASN A 86 8.89 -6.54 -6.26
N ILE A 87 8.44 -5.76 -5.27
CA ILE A 87 9.00 -4.44 -5.02
C ILE A 87 10.47 -4.63 -4.62
N LYS A 88 10.78 -5.59 -3.75
CA LYS A 88 12.16 -5.84 -3.34
C LYS A 88 13.01 -6.23 -4.54
N GLN A 89 12.48 -6.99 -5.50
CA GLN A 89 13.18 -7.44 -6.71
C GLN A 89 13.59 -6.27 -7.62
N LYS A 90 13.00 -5.07 -7.47
CA LYS A 90 13.33 -3.88 -8.26
C LYS A 90 13.81 -2.73 -7.39
N GLY A 91 13.91 -2.94 -6.07
CA GLY A 91 14.35 -2.04 -5.01
C GLY A 91 13.53 -0.75 -4.79
N GLY A 92 12.95 -0.21 -5.86
CA GLY A 92 12.15 1.00 -5.97
C GLY A 92 12.77 1.90 -7.05
N SER A 93 13.30 1.31 -8.12
CA SER A 93 13.96 1.97 -9.24
C SER A 93 13.02 2.92 -10.00
N GLY A 94 13.60 3.71 -10.92
CA GLY A 94 12.89 4.66 -11.78
C GLY A 94 12.96 6.10 -11.31
N GLY A 95 13.69 6.41 -10.23
CA GLY A 95 13.81 7.77 -9.74
C GLY A 95 12.46 8.35 -9.31
N GLY A 96 11.69 7.58 -8.53
CA GLY A 96 10.39 7.96 -8.01
C GLY A 96 9.38 8.16 -9.13
N THR A 97 9.05 7.12 -9.89
CA THR A 97 8.09 7.27 -10.98
C THR A 97 6.75 7.74 -10.43
N GLY A 98 6.00 8.51 -11.23
CA GLY A 98 4.70 9.05 -10.88
C GLY A 98 4.59 10.44 -11.49
N GLY A 99 5.23 11.42 -10.85
CA GLY A 99 5.25 12.80 -11.29
C GLY A 99 5.20 13.78 -10.12
N GLY A 100 4.58 13.39 -9.01
CA GLY A 100 4.47 14.22 -7.80
C GLY A 100 3.68 15.51 -8.01
N SER A 101 2.43 15.38 -8.48
CA SER A 101 1.52 16.48 -8.72
C SER A 101 1.03 17.12 -7.42
N GLY A 102 0.19 18.15 -7.54
CA GLY A 102 -0.43 18.86 -6.43
C GLY A 102 0.54 19.75 -5.65
N THR A 103 1.40 20.49 -6.34
CA THR A 103 2.37 21.36 -5.72
C THR A 103 2.58 22.59 -6.61
N ILE A 104 2.24 23.75 -6.08
CA ILE A 104 2.36 25.05 -6.71
C ILE A 104 3.08 26.01 -5.72
N GLU A 105 3.24 25.61 -4.45
CA GLU A 105 3.91 26.38 -3.39
C GLU A 105 5.06 25.57 -2.75
N GLY A 106 5.42 24.44 -3.34
CA GLY A 106 6.49 23.55 -2.88
C GLY A 106 6.22 23.02 -1.47
N ARG A 107 4.95 22.75 -1.15
CA ARG A 107 4.51 22.25 0.15
C ARG A 107 4.05 20.80 0.02
N GLY A 108 3.96 20.10 1.14
CA GLY A 108 3.56 18.70 1.24
C GLY A 108 4.57 18.10 2.21
N ASP A 109 4.54 18.56 3.45
CA ASP A 109 5.43 18.15 4.53
C ASP A 109 4.96 16.90 5.27
N GLY A 110 5.78 16.42 6.20
CA GLY A 110 5.53 15.23 7.01
C GLY A 110 6.23 13.98 6.50
N GLY A 111 6.86 14.02 5.32
CA GLY A 111 7.56 12.89 4.72
C GLY A 111 6.61 11.81 4.19
N THR A 112 5.34 12.14 3.95
CA THR A 112 4.32 11.22 3.46
C THR A 112 3.45 11.85 2.36
N THR A 113 3.93 12.84 1.59
CA THR A 113 3.16 13.49 0.53
C THR A 113 2.61 12.51 -0.53
N PHE A 114 3.12 11.27 -0.64
CA PHE A 114 2.61 10.26 -1.58
C PHE A 114 1.09 10.06 -1.32
N GLU A 115 0.62 10.38 -0.11
CA GLU A 115 -0.77 10.34 0.33
C GLU A 115 -1.65 11.11 -0.67
N HIS A 116 -1.10 12.10 -1.39
CA HIS A 116 -1.82 12.90 -2.37
C HIS A 116 -2.44 12.02 -3.46
N LEU A 117 -1.88 10.81 -3.73
CA LEU A 117 -2.43 9.91 -4.74
C LEU A 117 -3.84 9.47 -4.36
N TRP A 118 -4.16 9.39 -3.06
CA TRP A 118 -5.49 8.98 -2.63
C TRP A 118 -6.52 10.07 -2.94
N SER A 119 -6.10 11.32 -3.13
CA SER A 119 -6.97 12.45 -3.46
C SER A 119 -7.49 12.39 -4.90
N SER A 120 -7.22 11.30 -5.61
CA SER A 120 -7.61 11.00 -6.98
C SER A 120 -8.52 9.75 -7.01
N LEU A 121 -8.68 9.08 -5.87
CA LEU A 121 -9.48 7.87 -5.68
C LEU A 121 -10.97 8.18 -5.72
N GLU A 122 -11.76 7.28 -6.28
CA GLU A 122 -13.20 7.45 -6.37
C GLU A 122 -13.79 7.30 -4.95
N PRO A 123 -14.66 8.21 -4.51
CA PRO A 123 -15.26 8.15 -3.17
C PRO A 123 -16.19 6.96 -2.93
N ASP A 124 -16.36 6.04 -3.88
CA ASP A 124 -17.23 4.86 -3.73
C ASP A 124 -16.65 3.89 -2.67
N SER A 125 -15.38 4.06 -2.32
CA SER A 125 -14.63 3.30 -1.31
C SER A 125 -14.74 1.77 -1.42
N THR A 126 -15.05 1.21 -2.59
CA THR A 126 -15.20 -0.23 -2.79
C THR A 126 -13.95 -1.04 -2.46
N TYR A 127 -12.74 -0.46 -2.48
CA TYR A 127 -11.50 -1.19 -2.20
C TYR A 127 -10.58 -0.45 -1.25
N PHE A 128 -10.42 0.86 -1.41
CA PHE A 128 -9.56 1.68 -0.58
C PHE A 128 -10.37 2.79 0.11
N ASP A 129 -9.69 3.59 0.93
CA ASP A 129 -10.28 4.71 1.65
C ASP A 129 -9.97 5.97 0.86
N LEU A 130 -10.93 6.88 0.79
CA LEU A 130 -10.85 8.16 0.08
C LEU A 130 -10.02 9.20 0.81
N ALA A 1 2.42 6.56 17.87
CA ALA A 1 3.78 6.90 17.42
C ALA A 1 4.46 7.82 18.43
N THR A 2 5.76 7.62 18.66
CA THR A 2 6.58 8.43 19.57
C THR A 2 6.87 9.80 18.95
N GLN A 3 7.31 9.81 17.68
CA GLN A 3 7.64 11.03 16.95
C GLN A 3 6.33 11.65 16.43
N SER A 4 6.40 12.93 16.06
CA SER A 4 5.31 13.75 15.55
C SER A 4 3.94 13.44 16.20
N PRO A 5 3.83 13.58 17.55
CA PRO A 5 2.61 13.29 18.28
C PRO A 5 1.46 14.16 17.73
N GLY A 6 0.47 13.51 17.13
CA GLY A 6 -0.69 14.15 16.54
C GLY A 6 -0.84 13.92 15.05
N ASP A 7 0.15 13.29 14.41
CA ASP A 7 0.13 13.01 12.99
C ASP A 7 -0.83 11.86 12.73
N SER A 8 -2.10 12.18 12.51
CA SER A 8 -3.12 11.20 12.24
C SER A 8 -2.86 10.53 10.88
N ARG A 9 -2.27 11.25 9.91
CA ARG A 9 -1.97 10.70 8.58
C ARG A 9 -1.08 9.46 8.76
N ARG A 10 -0.06 9.55 9.62
CA ARG A 10 0.87 8.45 9.89
C ARG A 10 0.11 7.23 10.40
N LEU A 11 -0.84 7.40 11.33
CA LEU A 11 -1.64 6.30 11.89
C LEU A 11 -2.55 5.69 10.83
N SER A 12 -3.21 6.52 10.01
CA SER A 12 -4.11 6.06 8.95
C SER A 12 -3.32 5.14 8.00
N ILE A 13 -2.13 5.57 7.58
CA ILE A 13 -1.28 4.81 6.68
C ILE A 13 -0.93 3.47 7.36
N GLN A 14 -0.56 3.48 8.65
CA GLN A 14 -0.23 2.24 9.37
C GLN A 14 -1.42 1.27 9.38
N ARG A 15 -2.65 1.75 9.60
CA ARG A 15 -3.83 0.89 9.62
C ARG A 15 -4.02 0.24 8.26
N ALA A 16 -3.94 1.04 7.19
CA ALA A 16 -4.10 0.58 5.83
C ALA A 16 -3.08 -0.51 5.50
N ILE A 17 -1.79 -0.25 5.79
CA ILE A 17 -0.70 -1.20 5.52
C ILE A 17 -0.99 -2.52 6.24
N GLN A 18 -1.30 -2.47 7.55
CA GLN A 18 -1.59 -3.66 8.33
C GLN A 18 -2.79 -4.41 7.78
N SER A 19 -3.83 -3.70 7.34
CA SER A 19 -5.02 -4.32 6.79
C SER A 19 -4.73 -5.02 5.47
N LEU A 20 -3.88 -4.44 4.63
CA LEU A 20 -3.54 -4.99 3.33
C LEU A 20 -2.70 -6.26 3.48
N VAL A 21 -1.57 -6.19 4.20
CA VAL A 21 -0.71 -7.36 4.38
C VAL A 21 -1.54 -8.49 4.99
N HIS A 22 -2.40 -8.17 5.95
CA HIS A 22 -3.22 -9.16 6.60
C HIS A 22 -4.20 -9.77 5.60
N ALA A 23 -4.98 -8.98 4.86
CA ALA A 23 -5.96 -9.50 3.91
C ALA A 23 -5.31 -10.36 2.83
N ALA A 24 -4.06 -10.07 2.46
CA ALA A 24 -3.33 -10.82 1.45
C ALA A 24 -3.05 -12.26 1.87
N GLN A 25 -3.05 -12.58 3.17
CA GLN A 25 -2.82 -13.93 3.67
C GLN A 25 -3.96 -14.44 4.56
N CYS A 26 -4.94 -13.59 4.89
CA CYS A 26 -6.06 -13.91 5.76
C CYS A 26 -6.87 -15.10 5.24
N ARG A 27 -6.67 -16.24 5.90
CA ARG A 27 -7.30 -17.52 5.63
C ARG A 27 -8.24 -18.00 6.74
N ASN A 28 -8.14 -17.40 7.92
CA ASN A 28 -8.98 -17.77 9.06
C ASN A 28 -10.38 -17.25 8.79
N ALA A 29 -11.38 -18.14 8.80
CA ALA A 29 -12.78 -17.80 8.56
C ALA A 29 -13.33 -16.85 9.63
N ASN A 30 -12.79 -16.93 10.85
CA ASN A 30 -13.16 -16.12 12.02
C ASN A 30 -12.87 -14.63 11.85
N CYS A 31 -11.96 -14.27 10.94
CA CYS A 31 -11.60 -12.88 10.73
C CYS A 31 -12.81 -12.07 10.24
N SER A 32 -13.14 -11.01 10.97
CA SER A 32 -14.23 -10.10 10.68
C SER A 32 -13.80 -8.69 11.09
N LEU A 33 -13.34 -7.93 10.11
CA LEU A 33 -12.91 -6.54 10.19
C LEU A 33 -13.39 -5.92 8.87
N PRO A 34 -13.80 -4.65 8.82
CA PRO A 34 -14.27 -4.06 7.57
C PRO A 34 -13.12 -3.98 6.56
N SER A 35 -11.92 -3.57 6.99
CA SER A 35 -10.78 -3.47 6.09
C SER A 35 -10.35 -4.85 5.60
N CYS A 36 -10.25 -5.84 6.49
CA CYS A 36 -9.84 -7.19 6.14
C CYS A 36 -10.72 -7.75 5.02
N GLN A 37 -12.03 -7.70 5.24
CA GLN A 37 -13.04 -8.20 4.31
C GLN A 37 -13.07 -7.43 3.00
N LYS A 38 -13.10 -6.09 3.01
CA LYS A 38 -13.12 -5.33 1.74
C LYS A 38 -11.82 -5.52 0.97
N MET A 39 -10.67 -5.63 1.66
CA MET A 39 -9.37 -5.83 1.02
C MET A 39 -9.36 -7.16 0.28
N LYS A 40 -10.09 -8.18 0.74
CA LYS A 40 -10.15 -9.49 0.06
C LYS A 40 -10.48 -9.33 -1.43
N ARG A 41 -11.25 -8.31 -1.78
CA ARG A 41 -11.64 -8.02 -3.17
C ARG A 41 -10.45 -7.58 -4.00
N VAL A 42 -9.71 -6.56 -3.54
CA VAL A 42 -8.56 -6.05 -4.27
C VAL A 42 -7.43 -7.07 -4.30
N VAL A 43 -7.20 -7.82 -3.24
CA VAL A 43 -6.13 -8.81 -3.28
C VAL A 43 -6.52 -9.86 -4.33
N GLN A 44 -7.78 -10.29 -4.38
CA GLN A 44 -8.23 -11.29 -5.35
C GLN A 44 -7.93 -10.80 -6.76
N HIS A 45 -8.33 -9.55 -7.05
CA HIS A 45 -8.13 -8.94 -8.34
C HIS A 45 -6.63 -8.86 -8.68
N THR A 46 -5.82 -8.29 -7.81
CA THR A 46 -4.38 -8.14 -8.04
C THR A 46 -3.65 -9.48 -8.20
N LYS A 47 -4.02 -10.50 -7.42
CA LYS A 47 -3.42 -11.84 -7.49
C LYS A 47 -3.71 -12.43 -8.87
N GLY A 48 -4.97 -12.35 -9.31
CA GLY A 48 -5.37 -12.88 -10.61
C GLY A 48 -5.06 -11.99 -11.81
N CYS A 49 -4.66 -10.73 -11.63
CA CYS A 49 -4.39 -9.80 -12.71
C CYS A 49 -3.23 -10.26 -13.58
N LYS A 50 -3.52 -10.50 -14.86
CA LYS A 50 -2.51 -10.90 -15.84
C LYS A 50 -2.30 -9.79 -16.88
N ARG A 51 -3.25 -8.84 -16.92
CA ARG A 51 -3.26 -7.67 -17.79
C ARG A 51 -2.12 -6.71 -17.49
N LYS A 52 -1.50 -6.85 -16.31
CA LYS A 52 -0.41 -6.04 -15.81
C LYS A 52 0.72 -5.85 -16.83
N THR A 53 0.91 -6.77 -17.77
CA THR A 53 1.95 -6.66 -18.77
C THR A 53 1.87 -5.27 -19.41
N ASN A 54 0.71 -4.89 -19.98
CA ASN A 54 0.53 -3.58 -20.59
C ASN A 54 -0.61 -2.82 -19.93
N GLY A 55 -1.79 -3.43 -19.91
CA GLY A 55 -3.03 -2.89 -19.36
C GLY A 55 -3.23 -3.06 -17.86
N GLY A 56 -2.19 -2.84 -17.06
CA GLY A 56 -2.27 -2.94 -15.61
C GLY A 56 -3.14 -1.80 -15.12
N CYS A 57 -4.33 -2.10 -14.60
CA CYS A 57 -5.30 -1.15 -14.09
C CYS A 57 -4.72 -0.28 -12.94
N PRO A 58 -5.41 0.81 -12.54
CA PRO A 58 -4.92 1.66 -11.49
C PRO A 58 -4.84 0.95 -10.13
N ILE A 59 -5.71 -0.03 -9.83
CA ILE A 59 -5.66 -0.77 -8.55
C ILE A 59 -4.28 -1.43 -8.43
N CYS A 60 -3.80 -2.04 -9.51
CA CYS A 60 -2.50 -2.70 -9.56
C CYS A 60 -1.37 -1.70 -9.24
N LYS A 61 -1.44 -0.50 -9.83
CA LYS A 61 -0.45 0.55 -9.62
C LYS A 61 -0.50 1.05 -8.17
N GLN A 62 -1.70 1.32 -7.65
CA GLN A 62 -1.93 1.80 -6.29
C GLN A 62 -1.52 0.75 -5.24
N LEU A 63 -1.76 -0.54 -5.48
CA LEU A 63 -1.39 -1.60 -4.55
C LEU A 63 0.11 -1.54 -4.26
N ILE A 64 0.93 -1.48 -5.30
CA ILE A 64 2.38 -1.43 -5.21
C ILE A 64 2.84 -0.23 -4.35
N ALA A 65 2.12 0.90 -4.37
CA ALA A 65 2.50 2.06 -3.57
C ALA A 65 2.44 1.74 -2.07
N LEU A 66 1.34 1.16 -1.57
CA LEU A 66 1.19 0.82 -0.15
C LEU A 66 1.95 -0.47 0.19
N ALA A 67 2.00 -1.44 -0.74
CA ALA A 67 2.69 -2.72 -0.55
C ALA A 67 4.18 -2.47 -0.30
N ALA A 68 4.75 -1.41 -0.89
CA ALA A 68 6.15 -1.06 -0.72
C ALA A 68 6.42 -0.66 0.73
N TYR A 69 5.46 -0.01 1.40
CA TYR A 69 5.65 0.40 2.78
C TYR A 69 5.76 -0.85 3.65
N HIS A 70 4.97 -1.89 3.38
CA HIS A 70 5.07 -3.11 4.14
C HIS A 70 6.46 -3.73 3.91
N ALA A 71 6.97 -3.65 2.68
CA ALA A 71 8.27 -4.19 2.30
C ALA A 71 9.47 -3.62 3.09
N LYS A 72 9.39 -2.42 3.67
CA LYS A 72 10.52 -1.86 4.45
C LYS A 72 10.49 -2.29 5.91
N HIS A 73 9.38 -2.82 6.41
CA HIS A 73 9.28 -3.25 7.81
C HIS A 73 9.27 -4.78 7.91
N CYS A 74 9.15 -5.48 6.77
CA CYS A 74 9.13 -6.92 6.68
C CYS A 74 10.56 -7.46 6.75
N GLN A 75 10.83 -8.36 7.70
CA GLN A 75 12.14 -8.98 7.93
C GLN A 75 12.08 -10.49 7.99
N GLU A 76 10.87 -11.05 7.91
CA GLU A 76 10.59 -12.49 7.95
C GLU A 76 11.32 -13.25 6.82
N ASN A 77 11.40 -14.58 6.92
CA ASN A 77 12.09 -15.44 5.94
C ASN A 77 11.27 -15.63 4.66
N LYS A 78 11.29 -14.62 3.78
CA LYS A 78 10.60 -14.55 2.48
C LYS A 78 9.12 -14.38 2.77
N CYS A 79 8.68 -13.12 2.72
CA CYS A 79 7.31 -12.74 2.98
C CYS A 79 6.32 -13.56 2.15
N PRO A 80 5.19 -13.98 2.71
CA PRO A 80 4.19 -14.73 1.98
C PRO A 80 3.46 -13.82 0.99
N VAL A 81 3.48 -12.50 1.18
CA VAL A 81 2.84 -11.56 0.27
C VAL A 81 3.73 -11.48 -0.98
N PRO A 82 3.21 -11.79 -2.17
CA PRO A 82 3.99 -11.78 -3.40
C PRO A 82 4.43 -10.37 -3.83
N PHE A 83 3.61 -9.35 -3.58
CA PHE A 83 3.93 -7.99 -3.97
C PHE A 83 5.08 -7.44 -3.12
N CYS A 84 5.24 -7.90 -1.87
CA CYS A 84 6.32 -7.47 -0.96
C CYS A 84 7.67 -7.84 -1.59
N LEU A 85 7.83 -9.13 -1.91
CA LEU A 85 9.05 -9.63 -2.50
C LEU A 85 9.25 -9.11 -3.91
N ASN A 86 8.19 -8.88 -4.69
CA ASN A 86 8.32 -8.36 -6.05
C ASN A 86 8.93 -6.96 -5.97
N ILE A 87 8.36 -6.08 -5.14
CA ILE A 87 8.87 -4.73 -4.93
C ILE A 87 10.35 -4.79 -4.54
N LYS A 88 10.72 -5.67 -3.60
CA LYS A 88 12.10 -5.81 -3.17
C LYS A 88 13.04 -6.17 -4.32
N GLN A 89 12.63 -7.08 -5.20
CA GLN A 89 13.44 -7.51 -6.35
C GLN A 89 13.65 -6.34 -7.30
N LYS A 90 12.62 -5.53 -7.53
CA LYS A 90 12.68 -4.38 -8.44
C LYS A 90 13.52 -3.23 -7.90
N GLY A 91 13.71 -3.10 -6.59
CA GLY A 91 14.48 -2.02 -6.02
C GLY A 91 13.60 -0.77 -6.01
N GLY A 92 13.45 -0.10 -7.15
CA GLY A 92 12.65 1.10 -7.30
C GLY A 92 13.45 2.36 -6.96
N SER A 93 14.75 2.37 -7.23
CA SER A 93 15.60 3.52 -6.96
C SER A 93 15.07 4.78 -7.65
N GLY A 94 15.38 5.94 -7.08
CA GLY A 94 14.94 7.23 -7.59
C GLY A 94 13.49 7.53 -7.23
N GLY A 95 12.61 6.52 -7.17
CA GLY A 95 11.20 6.65 -6.83
C GLY A 95 10.46 7.71 -7.65
N GLY A 96 10.93 8.02 -8.87
CA GLY A 96 10.34 9.03 -9.73
C GLY A 96 10.38 10.41 -9.07
N THR A 97 11.31 10.65 -8.13
CA THR A 97 11.44 11.91 -7.42
C THR A 97 12.19 12.94 -8.28
N GLY A 98 13.50 13.09 -8.08
CA GLY A 98 14.33 14.02 -8.83
C GLY A 98 15.40 14.67 -7.96
N GLY A 99 15.05 15.07 -6.73
CA GLY A 99 15.95 15.73 -5.78
C GLY A 99 15.60 17.22 -5.62
N GLY A 100 14.41 17.66 -6.03
CA GLY A 100 13.97 19.04 -5.93
C GLY A 100 14.72 19.95 -6.88
N SER A 101 14.90 19.52 -8.14
CA SER A 101 15.60 20.29 -9.17
C SER A 101 14.95 21.66 -9.33
N GLY A 102 15.65 22.72 -8.90
CA GLY A 102 15.19 24.09 -8.96
C GLY A 102 13.99 24.43 -8.05
N THR A 103 13.52 23.51 -7.22
CA THR A 103 12.40 23.75 -6.32
C THR A 103 12.98 24.34 -5.04
N ILE A 104 12.84 25.65 -4.86
CA ILE A 104 13.34 26.37 -3.69
C ILE A 104 12.47 26.11 -2.47
N GLU A 105 11.21 25.71 -2.68
CA GLU A 105 10.27 25.41 -1.61
C GLU A 105 10.53 23.99 -1.12
N GLY A 106 10.25 23.74 0.17
CA GLY A 106 10.45 22.45 0.81
C GLY A 106 10.74 22.73 2.27
N ARG A 107 9.67 22.93 3.06
CA ARG A 107 9.79 23.24 4.48
C ARG A 107 8.61 22.63 5.23
N GLY A 108 8.86 21.48 5.85
CA GLY A 108 7.84 20.76 6.59
C GLY A 108 7.04 19.98 5.59
N ASP A 109 7.74 19.12 4.86
CA ASP A 109 7.23 18.24 3.82
C ASP A 109 6.25 17.26 4.49
N GLY A 110 6.71 16.48 5.47
CA GLY A 110 5.95 15.51 6.22
C GLY A 110 6.51 14.09 6.12
N GLY A 111 7.26 13.77 5.09
CA GLY A 111 7.86 12.47 4.86
C GLY A 111 6.87 11.45 4.28
N THR A 112 5.71 11.87 3.76
CA THR A 112 4.70 10.96 3.20
C THR A 112 4.05 11.51 1.91
N THR A 113 4.69 12.42 1.16
CA THR A 113 4.16 13.02 -0.07
C THR A 113 3.53 12.00 -1.04
N PHE A 114 3.93 10.72 -1.05
CA PHE A 114 3.31 9.71 -1.94
C PHE A 114 1.79 9.67 -1.72
N GLU A 115 1.30 10.06 -0.55
CA GLU A 115 -0.12 10.12 -0.18
C GLU A 115 -0.89 10.97 -1.20
N HIS A 116 -0.24 11.91 -1.91
CA HIS A 116 -0.85 12.75 -2.93
C HIS A 116 -1.62 11.88 -3.94
N LEU A 117 -1.19 10.63 -4.16
CA LEU A 117 -1.83 9.70 -5.08
C LEU A 117 -3.28 9.38 -4.69
N TRP A 118 -3.68 9.62 -3.44
CA TRP A 118 -5.04 9.39 -2.97
C TRP A 118 -5.94 10.61 -3.21
N SER A 119 -5.39 11.78 -3.58
CA SER A 119 -6.15 13.00 -3.85
C SER A 119 -7.06 12.88 -5.09
N SER A 120 -7.10 11.71 -5.74
CA SER A 120 -7.91 11.39 -6.91
C SER A 120 -8.85 10.21 -6.62
N LEU A 121 -8.75 9.58 -5.43
CA LEU A 121 -9.56 8.46 -4.99
C LEU A 121 -10.93 9.00 -4.62
N GLU A 122 -11.88 8.88 -5.54
CA GLU A 122 -13.25 9.35 -5.42
C GLU A 122 -13.98 8.66 -4.25
N PRO A 123 -15.06 9.26 -3.72
CA PRO A 123 -15.86 8.71 -2.62
C PRO A 123 -16.73 7.50 -3.01
N ASP A 124 -16.34 6.74 -4.05
CA ASP A 124 -17.08 5.54 -4.46
C ASP A 124 -16.92 4.52 -3.32
N SER A 125 -15.83 4.65 -2.53
CA SER A 125 -15.42 3.86 -1.36
C SER A 125 -15.72 2.36 -1.51
N THR A 126 -15.64 1.86 -2.74
CA THR A 126 -15.91 0.48 -3.10
C THR A 126 -14.70 -0.42 -2.86
N TYR A 127 -13.47 0.13 -2.85
CA TYR A 127 -12.27 -0.69 -2.66
C TYR A 127 -11.33 -0.16 -1.58
N PHE A 128 -10.77 1.04 -1.75
CA PHE A 128 -9.84 1.66 -0.82
C PHE A 128 -10.49 2.82 -0.07
N ASP A 129 -9.96 3.09 1.10
CA ASP A 129 -10.36 4.15 2.01
C ASP A 129 -9.34 5.27 1.82
N LEU A 130 -9.77 6.51 1.55
CA LEU A 130 -8.89 7.66 1.36
C LEU A 130 -8.25 8.00 2.69
N ALA A 1 11.92 13.34 26.10
CA ALA A 1 11.16 12.16 25.68
C ALA A 1 10.68 12.36 24.24
N THR A 2 10.42 11.27 23.52
CA THR A 2 9.94 11.35 22.15
C THR A 2 8.45 11.73 22.15
N GLN A 3 7.98 12.33 21.06
CA GLN A 3 6.60 12.77 20.88
C GLN A 3 6.37 12.94 19.37
N SER A 4 5.18 12.63 18.88
CA SER A 4 4.81 12.73 17.49
C SER A 4 3.34 13.18 17.36
N PRO A 5 3.01 14.44 17.68
CA PRO A 5 1.64 14.94 17.57
C PRO A 5 1.29 15.06 16.07
N GLY A 6 0.00 15.18 15.75
CA GLY A 6 -0.46 15.29 14.36
C GLY A 6 -0.12 14.01 13.63
N ASP A 7 -0.57 12.87 14.14
CA ASP A 7 -0.30 11.54 13.59
C ASP A 7 -1.50 10.77 13.03
N SER A 8 -2.68 11.38 12.94
CA SER A 8 -3.87 10.72 12.41
C SER A 8 -3.58 10.11 11.02
N ARG A 9 -2.84 10.81 10.16
CA ARG A 9 -2.48 10.30 8.83
C ARG A 9 -1.51 9.14 8.97
N ARG A 10 -0.55 9.21 9.89
CA ARG A 10 0.44 8.15 10.12
C ARG A 10 -0.30 6.88 10.49
N LEU A 11 -1.27 6.99 11.41
CA LEU A 11 -2.06 5.87 11.86
C LEU A 11 -2.84 5.30 10.68
N SER A 12 -3.49 6.16 9.88
CA SER A 12 -4.26 5.75 8.72
C SER A 12 -3.41 4.92 7.76
N ILE A 13 -2.23 5.43 7.38
CA ILE A 13 -1.32 4.74 6.47
C ILE A 13 -0.94 3.39 7.06
N GLN A 14 -0.49 3.35 8.32
CA GLN A 14 -0.10 2.10 8.96
C GLN A 14 -1.26 1.11 9.01
N ARG A 15 -2.47 1.56 9.38
CA ARG A 15 -3.64 0.71 9.45
C ARG A 15 -3.95 0.15 8.07
N ALA A 16 -3.91 0.97 7.03
CA ALA A 16 -4.17 0.54 5.66
C ALA A 16 -3.18 -0.54 5.26
N ILE A 17 -1.88 -0.30 5.45
CA ILE A 17 -0.80 -1.23 5.11
C ILE A 17 -1.01 -2.56 5.85
N GLN A 18 -1.17 -2.51 7.17
CA GLN A 18 -1.37 -3.66 8.03
C GLN A 18 -2.61 -4.45 7.64
N SER A 19 -3.72 -3.77 7.40
CA SER A 19 -4.97 -4.39 7.02
C SER A 19 -4.82 -5.10 5.68
N LEU A 20 -4.05 -4.55 4.74
CA LEU A 20 -3.85 -5.13 3.41
C LEU A 20 -2.95 -6.35 3.51
N VAL A 21 -1.75 -6.23 4.11
CA VAL A 21 -0.85 -7.38 4.24
C VAL A 21 -1.58 -8.49 4.99
N HIS A 22 -2.36 -8.16 6.03
CA HIS A 22 -3.08 -9.17 6.78
C HIS A 22 -4.09 -9.85 5.87
N ALA A 23 -4.95 -9.11 5.16
CA ALA A 23 -5.96 -9.65 4.27
C ALA A 23 -5.39 -10.55 3.19
N ALA A 24 -4.16 -10.28 2.74
CA ALA A 24 -3.50 -11.06 1.70
C ALA A 24 -3.18 -12.50 2.16
N GLN A 25 -3.05 -12.74 3.47
CA GLN A 25 -2.77 -14.04 4.09
C GLN A 25 -3.84 -14.44 5.14
N CYS A 26 -4.91 -13.66 5.28
CA CYS A 26 -5.98 -13.89 6.23
C CYS A 26 -6.90 -14.94 5.63
N ARG A 27 -6.73 -16.19 6.07
CA ARG A 27 -7.54 -17.31 5.62
C ARG A 27 -8.40 -17.84 6.77
N ASN A 28 -8.07 -17.51 8.03
CA ASN A 28 -8.79 -17.94 9.22
C ASN A 28 -10.11 -17.21 9.36
N ALA A 29 -11.21 -17.98 9.49
CA ALA A 29 -12.56 -17.46 9.62
C ALA A 29 -12.80 -16.58 10.87
N ASN A 30 -11.95 -16.67 11.90
CA ASN A 30 -12.10 -15.89 13.14
C ASN A 30 -11.96 -14.39 12.91
N CYS A 31 -11.18 -13.99 11.90
CA CYS A 31 -10.97 -12.59 11.58
C CYS A 31 -12.24 -12.06 10.88
N SER A 32 -13.20 -11.58 11.67
CA SER A 32 -14.43 -11.01 11.16
C SER A 32 -14.31 -9.52 11.48
N LEU A 33 -13.86 -8.75 10.49
CA LEU A 33 -13.66 -7.31 10.56
C LEU A 33 -14.11 -6.73 9.22
N PRO A 34 -14.51 -5.45 9.15
CA PRO A 34 -14.96 -4.83 7.91
C PRO A 34 -13.79 -4.72 6.93
N SER A 35 -12.75 -3.98 7.34
CA SER A 35 -11.56 -3.75 6.55
C SER A 35 -10.89 -5.04 6.08
N CYS A 36 -10.75 -6.05 6.96
CA CYS A 36 -10.11 -7.31 6.56
C CYS A 36 -10.92 -8.04 5.49
N GLN A 37 -12.25 -7.94 5.52
CA GLN A 37 -13.12 -8.60 4.56
C GLN A 37 -13.10 -7.89 3.22
N LYS A 38 -13.26 -6.58 3.21
CA LYS A 38 -13.24 -5.80 1.96
C LYS A 38 -11.89 -5.93 1.27
N MET A 39 -10.80 -5.94 2.05
CA MET A 39 -9.45 -6.06 1.54
C MET A 39 -9.30 -7.39 0.81
N LYS A 40 -10.02 -8.45 1.22
CA LYS A 40 -9.91 -9.74 0.54
C LYS A 40 -10.16 -9.63 -0.97
N ARG A 41 -11.10 -8.76 -1.36
CA ARG A 41 -11.44 -8.56 -2.77
C ARG A 41 -10.28 -7.93 -3.52
N VAL A 42 -9.51 -7.05 -2.86
CA VAL A 42 -8.37 -6.36 -3.43
C VAL A 42 -7.29 -7.37 -3.79
N VAL A 43 -6.86 -8.21 -2.84
CA VAL A 43 -5.81 -9.20 -3.09
C VAL A 43 -6.24 -10.18 -4.19
N GLN A 44 -7.49 -10.60 -4.17
CA GLN A 44 -7.99 -11.54 -5.15
C GLN A 44 -7.84 -10.96 -6.56
N HIS A 45 -8.21 -9.69 -6.73
CA HIS A 45 -8.12 -8.99 -7.99
C HIS A 45 -6.65 -8.82 -8.39
N THR A 46 -5.81 -8.24 -7.53
CA THR A 46 -4.39 -8.01 -7.83
C THR A 46 -3.65 -9.30 -8.15
N LYS A 47 -4.00 -10.41 -7.51
CA LYS A 47 -3.39 -11.72 -7.70
C LYS A 47 -3.67 -12.26 -9.10
N GLY A 48 -4.82 -11.97 -9.70
CA GLY A 48 -5.21 -12.44 -11.04
C GLY A 48 -5.18 -11.37 -12.13
N CYS A 49 -4.69 -10.17 -11.84
CA CYS A 49 -4.62 -9.07 -12.78
C CYS A 49 -3.63 -9.33 -13.92
N LYS A 50 -4.11 -9.84 -15.05
CA LYS A 50 -3.26 -10.11 -16.21
C LYS A 50 -3.22 -8.91 -17.14
N ARG A 51 -4.07 -7.90 -16.97
CA ARG A 51 -4.03 -6.69 -17.83
C ARG A 51 -2.75 -5.89 -17.52
N LYS A 52 -2.12 -6.14 -16.37
CA LYS A 52 -0.91 -5.48 -15.90
C LYS A 52 0.18 -5.43 -16.97
N THR A 53 0.32 -6.47 -17.78
CA THR A 53 1.31 -6.55 -18.85
C THR A 53 1.28 -5.35 -19.81
N ASN A 54 0.10 -4.79 -20.14
CA ASN A 54 -0.03 -3.67 -21.06
C ASN A 54 -0.65 -2.40 -20.48
N GLY A 55 -1.11 -2.43 -19.22
CA GLY A 55 -1.72 -1.27 -18.60
C GLY A 55 -2.77 -1.72 -17.61
N GLY A 56 -2.32 -2.32 -16.52
CA GLY A 56 -3.23 -2.78 -15.47
C GLY A 56 -3.99 -1.60 -14.89
N CYS A 57 -5.11 -1.89 -14.23
CA CYS A 57 -5.98 -0.90 -13.60
C CYS A 57 -5.21 -0.14 -12.48
N PRO A 58 -5.80 0.88 -11.83
CA PRO A 58 -5.07 1.60 -10.81
C PRO A 58 -4.81 0.70 -9.59
N ILE A 59 -5.71 -0.24 -9.27
CA ILE A 59 -5.55 -1.14 -8.13
C ILE A 59 -4.22 -1.90 -8.26
N CYS A 60 -3.84 -2.30 -9.49
CA CYS A 60 -2.60 -3.02 -9.76
C CYS A 60 -1.35 -2.19 -9.38
N LYS A 61 -1.29 -0.96 -9.89
CA LYS A 61 -0.20 -0.02 -9.68
C LYS A 61 -0.15 0.49 -8.24
N GLN A 62 -1.28 0.98 -7.75
CA GLN A 62 -1.41 1.52 -6.41
C GLN A 62 -1.16 0.47 -5.33
N LEU A 63 -1.42 -0.82 -5.56
CA LEU A 63 -1.16 -1.83 -4.52
C LEU A 63 0.30 -1.79 -4.13
N ILE A 64 1.19 -1.77 -5.13
CA ILE A 64 2.63 -1.75 -4.94
C ILE A 64 3.06 -0.50 -4.15
N ALA A 65 2.38 0.64 -4.32
CA ALA A 65 2.74 1.86 -3.60
C ALA A 65 2.65 1.65 -2.09
N LEU A 66 1.52 1.14 -1.61
CA LEU A 66 1.26 0.89 -0.20
C LEU A 66 2.07 -0.32 0.27
N ALA A 67 2.12 -1.39 -0.53
CA ALA A 67 2.84 -2.62 -0.23
C ALA A 67 4.34 -2.38 -0.01
N ALA A 68 4.91 -1.35 -0.65
CA ALA A 68 6.32 -1.02 -0.50
C ALA A 68 6.65 -0.57 0.92
N TYR A 69 5.69 0.01 1.65
CA TYR A 69 5.96 0.45 3.02
C TYR A 69 6.10 -0.78 3.91
N HIS A 70 5.23 -1.79 3.76
CA HIS A 70 5.36 -3.00 4.56
C HIS A 70 6.67 -3.70 4.16
N ALA A 71 7.03 -3.69 2.88
CA ALA A 71 8.24 -4.34 2.38
C ALA A 71 9.51 -3.91 3.11
N LYS A 72 9.73 -2.61 3.34
CA LYS A 72 10.96 -2.17 4.03
C LYS A 72 10.97 -2.52 5.52
N HIS A 73 9.84 -2.90 6.13
CA HIS A 73 9.76 -3.24 7.56
C HIS A 73 9.45 -4.71 7.81
N CYS A 74 9.09 -5.47 6.77
CA CYS A 74 8.79 -6.88 6.89
C CYS A 74 10.12 -7.57 7.18
N GLN A 75 10.25 -8.11 8.39
CA GLN A 75 11.46 -8.79 8.83
C GLN A 75 11.87 -9.94 7.93
N GLU A 76 10.91 -10.75 7.52
CA GLU A 76 11.13 -11.89 6.64
C GLU A 76 11.64 -11.44 5.26
N ASN A 77 12.22 -12.36 4.47
CA ASN A 77 12.74 -12.11 3.13
C ASN A 77 11.98 -12.89 2.05
N LYS A 78 11.10 -13.80 2.48
CA LYS A 78 10.25 -14.64 1.66
C LYS A 78 8.86 -14.45 2.24
N CYS A 79 8.33 -13.23 2.12
CA CYS A 79 7.03 -12.86 2.63
C CYS A 79 5.89 -13.72 2.08
N PRO A 80 4.78 -13.81 2.84
CA PRO A 80 3.60 -14.56 2.41
C PRO A 80 2.82 -13.78 1.35
N VAL A 81 3.09 -12.48 1.20
CA VAL A 81 2.44 -11.62 0.23
C VAL A 81 3.34 -11.60 -1.01
N PRO A 82 2.83 -11.96 -2.20
CA PRO A 82 3.62 -11.99 -3.42
C PRO A 82 4.02 -10.60 -3.90
N PHE A 83 3.25 -9.56 -3.53
CA PHE A 83 3.56 -8.21 -3.94
C PHE A 83 4.73 -7.66 -3.12
N CYS A 84 4.93 -8.12 -1.87
CA CYS A 84 6.01 -7.69 -0.99
C CYS A 84 7.36 -8.04 -1.63
N LEU A 85 7.53 -9.30 -2.01
CA LEU A 85 8.78 -9.73 -2.65
C LEU A 85 8.90 -9.04 -4.03
N ASN A 86 7.78 -8.69 -4.68
CA ASN A 86 7.80 -8.01 -5.97
C ASN A 86 8.34 -6.60 -5.83
N ILE A 87 8.16 -5.93 -4.69
CA ILE A 87 8.70 -4.59 -4.48
C ILE A 87 10.22 -4.63 -4.75
N LYS A 88 10.93 -5.60 -4.13
CA LYS A 88 12.37 -5.75 -4.31
C LYS A 88 12.70 -6.15 -5.76
N GLN A 89 11.82 -6.92 -6.41
CA GLN A 89 12.03 -7.37 -7.79
C GLN A 89 11.97 -6.21 -8.79
N LYS A 90 11.75 -4.98 -8.35
CA LYS A 90 11.67 -3.79 -9.19
C LYS A 90 12.87 -2.85 -8.98
N GLY A 91 13.77 -3.16 -8.04
CA GLY A 91 14.92 -2.29 -7.78
C GLY A 91 14.51 -0.94 -7.17
N GLY A 92 13.36 -0.86 -6.49
CA GLY A 92 12.90 0.39 -5.91
C GLY A 92 12.42 1.34 -7.00
N SER A 93 11.48 0.87 -7.84
CA SER A 93 10.93 1.64 -8.94
C SER A 93 10.01 2.79 -8.52
N GLY A 94 9.43 2.76 -7.32
CA GLY A 94 8.51 3.78 -6.86
C GLY A 94 7.22 3.61 -7.65
N GLY A 95 7.01 4.47 -8.65
CA GLY A 95 5.87 4.50 -9.54
C GLY A 95 6.16 5.22 -10.86
N GLY A 96 7.24 6.02 -10.92
CA GLY A 96 7.61 6.75 -12.11
C GLY A 96 6.83 8.06 -12.25
N THR A 97 6.35 8.63 -11.15
CA THR A 97 5.59 9.87 -11.15
C THR A 97 6.42 11.04 -11.70
N GLY A 98 7.56 11.34 -11.07
CA GLY A 98 8.46 12.43 -11.46
C GLY A 98 9.08 13.11 -10.25
N GLY A 99 8.35 13.17 -9.12
CA GLY A 99 8.83 13.78 -7.88
C GLY A 99 7.73 14.53 -7.14
N GLY A 100 6.93 15.31 -7.87
CA GLY A 100 5.84 16.09 -7.28
C GLY A 100 4.58 16.14 -8.15
N SER A 101 4.58 15.62 -9.38
CA SER A 101 3.45 15.61 -10.31
C SER A 101 2.83 17.00 -10.56
N GLY A 102 3.48 18.10 -10.18
CA GLY A 102 3.00 19.47 -10.33
C GLY A 102 3.01 20.23 -9.00
N THR A 103 3.20 19.53 -7.88
CA THR A 103 3.25 20.12 -6.54
C THR A 103 4.42 21.13 -6.50
N ILE A 104 4.40 22.08 -5.57
CA ILE A 104 5.46 23.09 -5.44
C ILE A 104 5.91 23.20 -3.99
N GLU A 105 5.02 22.97 -3.04
CA GLU A 105 5.21 23.05 -1.59
C GLU A 105 4.62 21.79 -0.96
N GLY A 106 4.10 21.86 0.26
CA GLY A 106 3.52 20.71 0.93
C GLY A 106 4.57 19.76 1.48
N ARG A 107 5.83 20.22 1.64
CA ARG A 107 6.96 19.46 2.15
C ARG A 107 7.49 20.15 3.40
N GLY A 108 7.90 19.35 4.38
CA GLY A 108 8.44 19.79 5.65
C GLY A 108 7.85 18.95 6.77
N ASP A 109 6.52 18.83 6.77
CA ASP A 109 5.76 18.06 7.76
C ASP A 109 6.07 16.57 7.66
N GLY A 110 6.31 15.92 8.80
CA GLY A 110 6.61 14.50 9.03
C GLY A 110 7.33 13.79 7.89
N GLY A 111 6.59 13.30 6.90
CA GLY A 111 7.13 12.60 5.73
C GLY A 111 6.10 11.70 5.06
N THR A 112 4.98 12.27 4.62
CA THR A 112 3.91 11.55 3.95
C THR A 112 3.39 12.29 2.72
N THR A 113 4.21 13.15 2.09
CA THR A 113 3.81 13.93 0.92
C THR A 113 3.14 13.06 -0.15
N PHE A 114 3.48 11.76 -0.22
CA PHE A 114 2.89 10.81 -1.16
C PHE A 114 1.36 10.79 -1.08
N GLU A 115 0.74 11.20 0.03
CA GLU A 115 -0.72 11.28 0.20
C GLU A 115 -1.38 11.98 -1.01
N HIS A 116 -0.66 12.89 -1.70
CA HIS A 116 -1.20 13.58 -2.86
C HIS A 116 -1.46 12.62 -4.03
N LEU A 117 -0.89 11.40 -4.07
CA LEU A 117 -1.15 10.45 -5.15
C LEU A 117 -2.60 10.02 -5.08
N TRP A 118 -3.19 9.96 -3.88
CA TRP A 118 -4.59 9.58 -3.71
C TRP A 118 -5.51 10.69 -4.23
N SER A 119 -4.99 11.91 -4.43
CA SER A 119 -5.71 13.06 -4.96
C SER A 119 -5.96 12.92 -6.48
N SER A 120 -5.63 11.75 -7.05
CA SER A 120 -5.79 11.39 -8.45
C SER A 120 -6.31 9.95 -8.52
N LEU A 121 -6.94 9.46 -7.45
CA LEU A 121 -7.51 8.13 -7.34
C LEU A 121 -9.03 8.28 -7.33
N GLU A 122 -9.75 7.20 -7.63
CA GLU A 122 -11.21 7.22 -7.64
C GLU A 122 -11.72 7.69 -6.27
N PRO A 123 -12.57 8.72 -6.20
CA PRO A 123 -13.12 9.20 -4.94
C PRO A 123 -14.15 8.18 -4.41
N ASP A 124 -14.67 7.34 -5.29
CA ASP A 124 -15.63 6.25 -5.13
C ASP A 124 -14.88 4.95 -4.73
N SER A 125 -13.70 5.06 -4.10
CA SER A 125 -12.84 3.96 -3.68
C SER A 125 -13.52 2.89 -2.78
N THR A 126 -14.45 2.12 -3.35
CA THR A 126 -15.20 1.05 -2.70
C THR A 126 -14.35 -0.19 -2.33
N TYR A 127 -13.03 -0.07 -2.44
CA TYR A 127 -12.00 -1.06 -2.18
C TYR A 127 -10.95 -0.54 -1.20
N PHE A 128 -10.89 0.77 -0.94
CA PHE A 128 -9.96 1.46 -0.04
C PHE A 128 -10.79 2.24 0.97
N ASP A 129 -10.17 3.04 1.85
CA ASP A 129 -10.93 3.81 2.86
C ASP A 129 -11.22 5.21 2.35
N LEU A 130 -12.52 5.52 2.27
CA LEU A 130 -13.05 6.80 1.82
C LEU A 130 -12.51 7.92 2.70
N ALA A 1 16.25 9.90 9.22
CA ALA A 1 16.06 10.12 10.66
C ALA A 1 14.62 9.81 11.06
N THR A 2 14.38 9.76 12.36
CA THR A 2 13.09 9.47 12.95
C THR A 2 12.06 10.58 12.66
N GLN A 3 10.78 10.25 12.80
CA GLN A 3 9.65 11.13 12.57
C GLN A 3 8.72 10.97 13.76
N SER A 4 8.43 12.05 14.47
CA SER A 4 7.59 12.01 15.64
C SER A 4 6.12 11.69 15.27
N PRO A 5 5.38 10.95 16.11
CA PRO A 5 3.98 10.66 15.83
C PRO A 5 3.18 11.94 16.15
N GLY A 6 1.93 12.02 15.71
CA GLY A 6 1.05 13.17 15.93
C GLY A 6 0.39 13.63 14.63
N ASP A 7 0.10 12.70 13.73
CA ASP A 7 -0.55 12.92 12.44
C ASP A 7 -1.44 11.71 12.20
N SER A 8 -2.76 11.93 12.21
CA SER A 8 -3.73 10.86 12.01
C SER A 8 -3.52 10.14 10.66
N ARG A 9 -2.95 10.80 9.63
CA ARG A 9 -2.69 10.16 8.34
C ARG A 9 -1.74 8.99 8.53
N ARG A 10 -0.68 9.18 9.32
CA ARG A 10 0.31 8.14 9.58
C ARG A 10 -0.38 6.89 10.13
N LEU A 11 -1.37 7.06 11.01
CA LEU A 11 -2.11 5.95 11.60
C LEU A 11 -2.95 5.29 10.51
N SER A 12 -3.70 6.06 9.72
CA SER A 12 -4.52 5.50 8.64
C SER A 12 -3.64 4.69 7.69
N ILE A 13 -2.48 5.22 7.29
CA ILE A 13 -1.54 4.56 6.40
C ILE A 13 -1.17 3.22 7.04
N GLN A 14 -0.79 3.21 8.32
CA GLN A 14 -0.44 1.97 9.01
C GLN A 14 -1.62 1.00 9.00
N ARG A 15 -2.83 1.45 9.33
CA ARG A 15 -4.04 0.60 9.36
C ARG A 15 -4.25 -0.01 7.98
N ALA A 16 -4.16 0.77 6.92
CA ALA A 16 -4.33 0.30 5.55
C ALA A 16 -3.26 -0.74 5.21
N ILE A 17 -2.00 -0.49 5.55
CA ILE A 17 -0.92 -1.44 5.27
C ILE A 17 -1.20 -2.74 6.04
N GLN A 18 -1.54 -2.63 7.32
CA GLN A 18 -1.85 -3.75 8.21
C GLN A 18 -3.05 -4.56 7.70
N SER A 19 -4.10 -3.91 7.17
CA SER A 19 -5.27 -4.61 6.66
C SER A 19 -4.96 -5.29 5.33
N LEU A 20 -4.10 -4.70 4.51
CA LEU A 20 -3.74 -5.24 3.20
C LEU A 20 -2.85 -6.46 3.36
N VAL A 21 -1.74 -6.34 4.10
CA VAL A 21 -0.82 -7.45 4.32
C VAL A 21 -1.59 -8.61 4.96
N HIS A 22 -2.47 -8.31 5.93
CA HIS A 22 -3.24 -9.35 6.57
C HIS A 22 -4.18 -9.98 5.55
N ALA A 23 -4.99 -9.21 4.81
CA ALA A 23 -5.92 -9.77 3.84
C ALA A 23 -5.27 -10.64 2.78
N ALA A 24 -4.07 -10.25 2.35
CA ALA A 24 -3.28 -10.95 1.33
C ALA A 24 -2.84 -12.34 1.72
N GLN A 25 -2.73 -12.65 3.02
CA GLN A 25 -2.35 -13.97 3.51
C GLN A 25 -3.39 -14.57 4.45
N CYS A 26 -4.45 -13.82 4.78
CA CYS A 26 -5.51 -14.19 5.68
C CYS A 26 -6.25 -15.43 5.18
N ARG A 27 -5.81 -16.60 5.65
CA ARG A 27 -6.43 -17.87 5.30
C ARG A 27 -7.53 -18.19 6.32
N ASN A 28 -7.61 -17.40 7.40
CA ASN A 28 -8.58 -17.51 8.48
C ASN A 28 -9.95 -17.01 8.02
N ALA A 29 -11.00 -17.79 8.23
CA ALA A 29 -12.38 -17.40 7.90
C ALA A 29 -13.06 -16.78 9.12
N ASN A 30 -12.53 -17.03 10.32
CA ASN A 30 -13.07 -16.57 11.59
C ASN A 30 -12.87 -15.10 11.95
N CYS A 31 -11.71 -14.50 11.61
CA CYS A 31 -11.48 -13.10 11.96
C CYS A 31 -12.55 -12.21 11.30
N SER A 32 -12.81 -11.06 11.91
CA SER A 32 -13.82 -10.13 11.42
C SER A 32 -13.44 -8.69 11.73
N LEU A 33 -12.86 -8.06 10.72
CA LEU A 33 -12.42 -6.67 10.73
C LEU A 33 -13.05 -6.13 9.45
N PRO A 34 -13.65 -4.93 9.46
CA PRO A 34 -14.26 -4.39 8.25
C PRO A 34 -13.18 -4.20 7.17
N SER A 35 -11.99 -3.74 7.58
CA SER A 35 -10.86 -3.53 6.70
C SER A 35 -10.39 -4.84 6.06
N CYS A 36 -10.39 -5.96 6.81
CA CYS A 36 -9.98 -7.27 6.29
C CYS A 36 -10.93 -7.66 5.15
N GLN A 37 -12.23 -7.61 5.42
CA GLN A 37 -13.29 -7.95 4.48
C GLN A 37 -13.21 -7.12 3.20
N LYS A 38 -13.09 -5.80 3.30
CA LYS A 38 -13.00 -4.95 2.10
C LYS A 38 -11.70 -5.23 1.34
N MET A 39 -10.59 -5.43 2.04
CA MET A 39 -9.30 -5.70 1.41
C MET A 39 -9.35 -7.05 0.68
N LYS A 40 -10.12 -8.03 1.17
CA LYS A 40 -10.23 -9.34 0.55
C LYS A 40 -10.58 -9.24 -0.93
N ARG A 41 -11.42 -8.28 -1.33
CA ARG A 41 -11.83 -8.09 -2.72
C ARG A 41 -10.63 -7.68 -3.59
N VAL A 42 -9.89 -6.66 -3.18
CA VAL A 42 -8.75 -6.19 -3.95
C VAL A 42 -7.63 -7.22 -3.96
N VAL A 43 -7.39 -7.99 -2.88
CA VAL A 43 -6.34 -9.00 -2.89
C VAL A 43 -6.76 -10.13 -3.84
N GLN A 44 -8.04 -10.52 -3.87
CA GLN A 44 -8.51 -11.58 -4.76
C GLN A 44 -8.36 -11.16 -6.23
N HIS A 45 -8.59 -9.88 -6.52
CA HIS A 45 -8.48 -9.32 -7.85
C HIS A 45 -7.00 -9.21 -8.27
N THR A 46 -6.15 -8.55 -7.46
CA THR A 46 -4.72 -8.35 -7.74
C THR A 46 -3.99 -9.68 -7.92
N LYS A 47 -4.40 -10.73 -7.20
CA LYS A 47 -3.83 -12.07 -7.25
C LYS A 47 -3.87 -12.62 -8.68
N GLY A 48 -4.83 -12.19 -9.50
CA GLY A 48 -4.99 -12.61 -10.89
C GLY A 48 -4.70 -11.52 -11.92
N CYS A 49 -4.40 -10.27 -11.52
CA CYS A 49 -4.13 -9.13 -12.40
C CYS A 49 -2.85 -9.24 -13.24
N LYS A 50 -2.93 -9.94 -14.37
CA LYS A 50 -1.78 -10.08 -15.25
C LYS A 50 -1.67 -8.86 -16.19
N ARG A 51 -2.74 -8.06 -16.32
CA ARG A 51 -2.77 -6.87 -17.18
C ARG A 51 -1.93 -5.73 -16.59
N LYS A 52 -1.55 -5.81 -15.30
CA LYS A 52 -0.76 -4.80 -14.60
C LYS A 52 0.56 -4.45 -15.32
N THR A 53 1.11 -5.38 -16.13
CA THR A 53 2.36 -5.22 -16.87
C THR A 53 2.18 -4.41 -18.18
N ASN A 54 0.93 -4.22 -18.65
CA ASN A 54 0.62 -3.48 -19.86
C ASN A 54 -0.08 -2.16 -19.55
N GLY A 55 -1.16 -2.21 -18.77
CA GLY A 55 -1.93 -1.04 -18.39
C GLY A 55 -3.15 -1.47 -17.60
N GLY A 56 -2.90 -2.29 -16.59
CA GLY A 56 -3.90 -2.82 -15.69
C GLY A 56 -4.60 -1.70 -14.95
N CYS A 57 -5.72 -2.07 -14.35
CA CYS A 57 -6.59 -1.22 -13.56
C CYS A 57 -5.81 -0.43 -12.49
N PRO A 58 -6.42 0.62 -11.91
CA PRO A 58 -5.76 1.42 -10.89
C PRO A 58 -5.47 0.64 -9.60
N ILE A 59 -6.21 -0.44 -9.34
CA ILE A 59 -6.04 -1.27 -8.16
C ILE A 59 -4.62 -1.86 -8.17
N CYS A 60 -4.14 -2.35 -9.31
CA CYS A 60 -2.81 -2.94 -9.41
C CYS A 60 -1.70 -1.93 -9.08
N LYS A 61 -1.68 -0.76 -9.72
CA LYS A 61 -0.64 0.24 -9.46
C LYS A 61 -0.67 0.76 -8.03
N GLN A 62 -1.85 1.08 -7.49
CA GLN A 62 -1.91 1.59 -6.12
C GLN A 62 -1.49 0.53 -5.09
N LEU A 63 -1.66 -0.77 -5.37
CA LEU A 63 -1.26 -1.81 -4.43
C LEU A 63 0.24 -1.69 -4.11
N ILE A 64 1.09 -1.53 -5.13
CA ILE A 64 2.54 -1.40 -4.95
C ILE A 64 2.87 -0.20 -4.05
N ALA A 65 2.08 0.88 -4.09
CA ALA A 65 2.32 2.06 -3.28
C ALA A 65 2.32 1.73 -1.78
N LEU A 66 1.29 1.04 -1.28
CA LEU A 66 1.24 0.69 0.14
C LEU A 66 2.12 -0.51 0.45
N ALA A 67 2.13 -1.52 -0.43
CA ALA A 67 2.91 -2.74 -0.27
C ALA A 67 4.40 -2.45 -0.02
N ALA A 68 4.96 -1.38 -0.61
CA ALA A 68 6.36 -1.06 -0.41
C ALA A 68 6.66 -0.62 1.03
N TYR A 69 5.66 -0.11 1.75
CA TYR A 69 5.87 0.30 3.13
C TYR A 69 6.04 -0.96 3.96
N HIS A 70 5.20 -1.97 3.77
CA HIS A 70 5.36 -3.22 4.51
C HIS A 70 6.69 -3.87 4.11
N ALA A 71 7.13 -3.76 2.84
CA ALA A 71 8.37 -4.36 2.38
C ALA A 71 9.61 -3.96 3.20
N LYS A 72 9.70 -2.71 3.67
CA LYS A 72 10.83 -2.26 4.47
C LYS A 72 10.71 -2.62 5.96
N HIS A 73 9.57 -3.15 6.40
CA HIS A 73 9.31 -3.53 7.79
C HIS A 73 9.14 -5.05 7.94
N CYS A 74 8.94 -5.76 6.83
CA CYS A 74 8.77 -7.21 6.71
C CYS A 74 10.07 -7.82 7.22
N GLN A 75 10.02 -8.46 8.38
CA GLN A 75 11.21 -9.07 8.97
C GLN A 75 11.65 -10.33 8.24
N GLU A 76 10.73 -11.08 7.67
CA GLU A 76 11.01 -12.32 6.96
C GLU A 76 11.65 -12.03 5.60
N ASN A 77 12.70 -12.75 5.24
CA ASN A 77 13.39 -12.58 3.96
C ASN A 77 12.54 -13.09 2.77
N LYS A 78 11.41 -13.75 3.07
CA LYS A 78 10.49 -14.33 2.11
C LYS A 78 9.09 -13.99 2.59
N CYS A 79 8.58 -12.84 2.17
CA CYS A 79 7.28 -12.32 2.51
C CYS A 79 6.14 -13.30 2.20
N PRO A 80 5.02 -13.22 2.95
CA PRO A 80 3.85 -14.06 2.73
C PRO A 80 2.93 -13.41 1.68
N VAL A 81 3.35 -12.30 1.07
CA VAL A 81 2.61 -11.54 0.06
C VAL A 81 3.47 -11.49 -1.22
N PRO A 82 2.90 -11.80 -2.40
CA PRO A 82 3.66 -11.80 -3.65
C PRO A 82 4.08 -10.40 -4.10
N PHE A 83 3.23 -9.39 -3.92
CA PHE A 83 3.57 -8.03 -4.33
C PHE A 83 4.75 -7.47 -3.53
N CYS A 84 4.94 -7.93 -2.28
CA CYS A 84 6.01 -7.48 -1.40
C CYS A 84 7.38 -7.88 -1.94
N LEU A 85 7.55 -9.18 -2.20
CA LEU A 85 8.81 -9.66 -2.72
C LEU A 85 9.03 -9.11 -4.12
N ASN A 86 7.94 -8.83 -4.87
CA ASN A 86 8.02 -8.27 -6.22
C ASN A 86 8.59 -6.87 -6.15
N ILE A 87 8.18 -6.04 -5.18
CA ILE A 87 8.69 -4.69 -5.00
C ILE A 87 10.20 -4.81 -4.81
N LYS A 88 10.63 -5.66 -3.88
CA LYS A 88 12.03 -5.87 -3.54
C LYS A 88 12.90 -6.17 -4.76
N GLN A 89 12.41 -6.95 -5.72
CA GLN A 89 13.17 -7.29 -6.92
C GLN A 89 13.02 -6.29 -8.08
N LYS A 90 12.02 -5.40 -8.06
CA LYS A 90 11.80 -4.43 -9.15
C LYS A 90 12.04 -2.99 -8.71
N GLY A 91 11.25 -2.53 -7.76
CA GLY A 91 11.22 -1.21 -7.19
C GLY A 91 9.76 -0.78 -7.28
N GLY A 92 9.44 0.17 -8.15
CA GLY A 92 8.08 0.67 -8.37
C GLY A 92 8.04 1.95 -9.19
N SER A 93 9.05 2.83 -9.07
CA SER A 93 9.22 4.12 -9.74
C SER A 93 9.12 4.07 -11.28
N GLY A 94 9.09 2.88 -11.88
CA GLY A 94 8.99 2.68 -13.33
C GLY A 94 10.13 3.29 -14.13
N GLY A 95 11.21 3.71 -13.50
CA GLY A 95 12.34 4.32 -14.18
C GLY A 95 12.14 5.79 -14.51
N GLY A 96 11.04 6.44 -14.08
CA GLY A 96 10.87 7.85 -14.43
C GLY A 96 9.62 8.54 -13.87
N THR A 97 9.14 8.16 -12.69
CA THR A 97 7.94 8.76 -12.07
C THR A 97 8.01 10.29 -11.90
N GLY A 98 9.18 10.91 -11.96
CA GLY A 98 9.39 12.35 -11.84
C GLY A 98 9.32 12.87 -10.39
N GLY A 99 8.31 12.45 -9.63
CA GLY A 99 8.09 12.83 -8.23
C GLY A 99 6.84 13.68 -8.06
N GLY A 100 6.37 14.34 -9.13
CA GLY A 100 5.17 15.17 -9.12
C GLY A 100 5.27 16.47 -8.32
N SER A 101 6.44 16.83 -7.77
CA SER A 101 6.66 18.02 -6.97
C SER A 101 6.10 19.28 -7.63
N GLY A 102 5.29 20.04 -6.89
CA GLY A 102 4.65 21.28 -7.33
C GLY A 102 3.22 21.45 -6.80
N THR A 103 2.63 20.39 -6.26
CA THR A 103 1.29 20.29 -5.72
C THR A 103 1.03 21.30 -4.59
N ILE A 104 -0.25 21.64 -4.37
CA ILE A 104 -0.67 22.55 -3.31
C ILE A 104 -0.60 21.74 -2.02
N GLU A 105 -1.29 20.60 -2.00
CA GLU A 105 -1.37 19.67 -0.88
C GLU A 105 0.01 19.03 -0.63
N GLY A 106 0.27 18.63 0.61
CA GLY A 106 1.48 17.98 1.13
C GLY A 106 2.73 18.88 1.19
N ARG A 107 2.84 19.85 0.27
CA ARG A 107 3.94 20.80 0.13
C ARG A 107 5.33 20.17 0.19
N GLY A 108 5.46 18.90 -0.19
CA GLY A 108 6.69 18.13 -0.21
C GLY A 108 7.30 17.82 1.16
N ASP A 109 6.66 18.21 2.27
CA ASP A 109 7.15 17.97 3.63
C ASP A 109 6.32 16.87 4.31
N GLY A 110 6.49 16.68 5.62
CA GLY A 110 5.79 15.68 6.42
C GLY A 110 6.47 14.31 6.30
N GLY A 111 6.80 13.86 5.09
CA GLY A 111 7.45 12.60 4.77
C GLY A 111 6.53 11.64 4.01
N THR A 112 5.26 11.99 3.85
CA THR A 112 4.26 11.17 3.19
C THR A 112 3.67 11.82 1.93
N THR A 113 4.41 12.67 1.20
CA THR A 113 3.89 13.31 -0.02
C THR A 113 3.30 12.31 -1.02
N PHE A 114 3.72 11.03 -0.99
CA PHE A 114 3.22 9.97 -1.85
C PHE A 114 1.69 9.89 -1.74
N GLU A 115 1.10 10.32 -0.62
CA GLU A 115 -0.33 10.35 -0.37
C GLU A 115 -1.07 11.04 -1.53
N HIS A 116 -0.41 11.96 -2.24
CA HIS A 116 -0.99 12.68 -3.36
C HIS A 116 -1.50 11.70 -4.44
N LEU A 117 -0.96 10.47 -4.55
CA LEU A 117 -1.44 9.51 -5.54
C LEU A 117 -2.90 9.14 -5.23
N TRP A 118 -3.33 9.21 -3.96
CA TRP A 118 -4.70 8.90 -3.58
C TRP A 118 -5.67 9.88 -4.25
N SER A 119 -5.22 11.11 -4.52
CA SER A 119 -6.03 12.13 -5.16
C SER A 119 -6.41 11.75 -6.61
N SER A 120 -5.74 10.75 -7.21
CA SER A 120 -6.06 10.29 -8.56
C SER A 120 -7.21 9.27 -8.50
N LEU A 121 -7.44 8.62 -7.36
CA LEU A 121 -8.53 7.67 -7.22
C LEU A 121 -9.81 8.48 -7.18
N GLU A 122 -10.92 7.86 -7.57
CA GLU A 122 -12.21 8.52 -7.53
C GLU A 122 -12.63 8.60 -6.06
N PRO A 123 -13.48 9.58 -5.68
CA PRO A 123 -13.94 9.77 -4.31
C PRO A 123 -14.98 8.72 -3.84
N ASP A 124 -15.19 7.62 -4.58
CA ASP A 124 -16.14 6.56 -4.25
C ASP A 124 -15.75 5.79 -2.99
N SER A 125 -14.44 5.58 -2.79
CA SER A 125 -13.86 4.84 -1.67
C SER A 125 -14.49 3.44 -1.47
N THR A 126 -15.14 2.88 -2.49
CA THR A 126 -15.80 1.59 -2.40
C THR A 126 -14.84 0.40 -2.23
N TYR A 127 -13.60 0.49 -2.71
CA TYR A 127 -12.63 -0.61 -2.64
C TYR A 127 -11.39 -0.36 -1.77
N PHE A 128 -11.15 0.87 -1.31
CA PHE A 128 -10.03 1.32 -0.47
C PHE A 128 -10.56 2.27 0.61
N ASP A 129 -9.72 2.74 1.52
CA ASP A 129 -10.10 3.70 2.57
C ASP A 129 -9.72 5.07 2.00
N LEU A 130 -10.60 6.07 2.10
CA LEU A 130 -10.30 7.41 1.59
C LEU A 130 -9.13 8.02 2.35
N ALA A 1 12.78 9.40 17.98
CA ALA A 1 12.65 8.00 17.55
C ALA A 1 11.68 7.23 18.45
N THR A 2 11.96 7.09 19.75
CA THR A 2 11.13 6.40 20.75
C THR A 2 9.75 7.03 21.00
N GLN A 3 9.41 8.09 20.27
CA GLN A 3 8.14 8.82 20.34
C GLN A 3 7.88 9.33 18.92
N SER A 4 6.65 9.30 18.44
CA SER A 4 6.33 9.79 17.11
C SER A 4 6.23 11.33 17.11
N PRO A 5 6.42 11.99 15.98
CA PRO A 5 6.35 13.44 15.88
C PRO A 5 4.91 13.99 15.97
N GLY A 6 3.90 13.14 15.91
CA GLY A 6 2.50 13.54 15.99
C GLY A 6 2.00 13.82 14.58
N ASP A 7 1.57 12.77 13.88
CA ASP A 7 1.02 12.84 12.53
C ASP A 7 0.09 11.66 12.36
N SER A 8 -1.17 11.91 12.02
CA SER A 8 -2.21 10.93 11.81
C SER A 8 -2.02 10.14 10.51
N ARG A 9 -1.53 10.75 9.42
CA ARG A 9 -1.33 10.04 8.14
C ARG A 9 -0.45 8.83 8.36
N ARG A 10 0.63 8.95 9.13
CA ARG A 10 1.53 7.83 9.41
C ARG A 10 0.75 6.66 9.99
N LEU A 11 -0.09 6.91 10.99
CA LEU A 11 -0.89 5.87 11.62
C LEU A 11 -1.91 5.33 10.62
N SER A 12 -2.59 6.18 9.86
CA SER A 12 -3.57 5.77 8.85
C SER A 12 -2.94 4.82 7.84
N ILE A 13 -1.75 5.18 7.33
CA ILE A 13 -1.00 4.39 6.37
C ILE A 13 -0.74 3.03 7.04
N GLN A 14 -0.21 3.01 8.26
CA GLN A 14 0.09 1.77 9.01
C GLN A 14 -1.15 0.89 9.18
N ARG A 15 -2.28 1.46 9.60
CA ARG A 15 -3.53 0.74 9.79
C ARG A 15 -3.90 0.04 8.49
N ALA A 16 -3.90 0.80 7.38
CA ALA A 16 -4.23 0.28 6.07
C ALA A 16 -3.29 -0.88 5.71
N ILE A 17 -1.98 -0.69 5.82
CA ILE A 17 -0.96 -1.70 5.49
C ILE A 17 -1.20 -2.99 6.24
N GLN A 18 -1.34 -2.95 7.57
CA GLN A 18 -1.55 -4.16 8.37
C GLN A 18 -2.86 -4.83 7.98
N SER A 19 -3.92 -4.07 7.72
CA SER A 19 -5.20 -4.63 7.32
C SER A 19 -5.11 -5.31 5.95
N LEU A 20 -4.33 -4.73 5.06
CA LEU A 20 -4.12 -5.18 3.69
C LEU A 20 -3.30 -6.45 3.65
N VAL A 21 -2.10 -6.48 4.25
CA VAL A 21 -1.28 -7.69 4.22
C VAL A 21 -2.03 -8.82 4.91
N HIS A 22 -2.83 -8.53 5.95
CA HIS A 22 -3.57 -9.59 6.58
C HIS A 22 -4.58 -10.14 5.57
N ALA A 23 -5.39 -9.31 4.93
CA ALA A 23 -6.39 -9.74 3.95
C ALA A 23 -5.80 -10.59 2.84
N ALA A 24 -4.59 -10.27 2.39
CA ALA A 24 -3.89 -10.97 1.32
C ALA A 24 -3.62 -12.45 1.61
N GLN A 25 -3.55 -12.83 2.89
CA GLN A 25 -3.31 -14.20 3.33
C GLN A 25 -4.43 -14.72 4.25
N CYS A 26 -5.41 -13.88 4.62
CA CYS A 26 -6.53 -14.16 5.51
C CYS A 26 -7.36 -15.37 5.08
N ARG A 27 -7.05 -16.53 5.67
CA ARG A 27 -7.71 -17.81 5.46
C ARG A 27 -8.41 -18.23 6.75
N ASN A 28 -8.07 -17.65 7.91
CA ASN A 28 -8.67 -18.00 9.19
C ASN A 28 -10.10 -17.45 9.24
N ALA A 29 -11.11 -18.33 9.37
CA ALA A 29 -12.52 -17.92 9.44
C ALA A 29 -12.87 -17.21 10.74
N ASN A 30 -11.97 -17.24 11.73
CA ASN A 30 -12.21 -16.53 12.99
C ASN A 30 -12.23 -15.03 12.70
N CYS A 31 -11.44 -14.58 11.71
CA CYS A 31 -11.37 -13.18 11.31
C CYS A 31 -12.74 -12.73 10.85
N SER A 32 -13.19 -11.61 11.40
CA SER A 32 -14.44 -10.98 11.08
C SER A 32 -14.21 -9.50 11.37
N LEU A 33 -13.88 -8.73 10.32
CA LEU A 33 -13.61 -7.30 10.39
C LEU A 33 -14.20 -6.62 9.15
N PRO A 34 -14.46 -5.30 9.19
CA PRO A 34 -15.00 -4.57 8.06
C PRO A 34 -13.96 -4.36 6.96
N SER A 35 -12.72 -4.01 7.33
CA SER A 35 -11.67 -3.78 6.36
C SER A 35 -11.13 -5.11 5.84
N CYS A 36 -10.90 -6.12 6.69
CA CYS A 36 -10.37 -7.40 6.20
C CYS A 36 -11.27 -7.98 5.10
N GLN A 37 -12.59 -8.02 5.31
CA GLN A 37 -13.51 -8.55 4.31
C GLN A 37 -13.51 -7.71 3.01
N LYS A 38 -13.56 -6.36 3.09
CA LYS A 38 -13.58 -5.53 1.88
C LYS A 38 -12.24 -5.63 1.13
N MET A 39 -11.15 -5.76 1.87
CA MET A 39 -9.80 -5.89 1.36
C MET A 39 -9.66 -7.17 0.56
N LYS A 40 -10.37 -8.26 0.92
CA LYS A 40 -10.25 -9.53 0.19
C LYS A 40 -10.49 -9.35 -1.30
N ARG A 41 -11.44 -8.49 -1.67
CA ARG A 41 -11.77 -8.26 -3.08
C ARG A 41 -10.57 -7.76 -3.87
N VAL A 42 -9.93 -6.69 -3.39
CA VAL A 42 -8.78 -6.11 -4.07
C VAL A 42 -7.57 -7.04 -4.05
N VAL A 43 -7.35 -7.80 -2.97
CA VAL A 43 -6.20 -8.71 -2.95
C VAL A 43 -6.47 -9.86 -3.94
N GLN A 44 -7.73 -10.32 -4.06
CA GLN A 44 -8.14 -11.39 -4.98
C GLN A 44 -8.04 -10.87 -6.43
N HIS A 45 -8.27 -9.58 -6.65
CA HIS A 45 -8.19 -8.97 -7.96
C HIS A 45 -6.70 -8.89 -8.36
N THR A 46 -5.86 -8.28 -7.52
CA THR A 46 -4.43 -8.09 -7.76
C THR A 46 -3.61 -9.37 -7.94
N LYS A 47 -3.99 -10.46 -7.26
CA LYS A 47 -3.24 -11.71 -7.41
C LYS A 47 -3.28 -12.29 -8.83
N GLY A 48 -4.32 -11.96 -9.59
CA GLY A 48 -4.49 -12.41 -10.95
C GLY A 48 -4.31 -11.27 -11.96
N CYS A 49 -4.00 -10.04 -11.50
CA CYS A 49 -3.82 -8.88 -12.35
C CYS A 49 -2.62 -9.03 -13.28
N LYS A 50 -2.92 -9.26 -14.56
CA LYS A 50 -1.94 -9.43 -15.64
C LYS A 50 -2.04 -8.27 -16.66
N ARG A 51 -3.14 -7.51 -16.61
CA ARG A 51 -3.40 -6.37 -17.49
C ARG A 51 -2.57 -5.14 -17.12
N LYS A 52 -1.86 -5.17 -15.99
CA LYS A 52 -1.03 -4.10 -15.43
C LYS A 52 -0.11 -3.45 -16.47
N THR A 53 0.61 -4.29 -17.20
CA THR A 53 1.56 -3.96 -18.25
C THR A 53 0.97 -3.17 -19.42
N ASN A 54 -0.29 -3.40 -19.76
CA ASN A 54 -0.96 -2.74 -20.89
C ASN A 54 -1.84 -1.57 -20.45
N GLY A 55 -1.65 -1.08 -19.23
CA GLY A 55 -2.41 0.02 -18.66
C GLY A 55 -3.53 -0.53 -17.80
N GLY A 56 -3.22 -1.55 -17.02
CA GLY A 56 -4.14 -2.22 -16.14
C GLY A 56 -4.62 -1.34 -15.00
N CYS A 57 -5.68 -1.84 -14.39
CA CYS A 57 -6.43 -1.34 -13.25
C CYS A 57 -5.54 -0.55 -12.28
N PRO A 58 -5.97 0.63 -11.79
CA PRO A 58 -5.16 1.43 -10.88
C PRO A 58 -4.96 0.78 -9.51
N ILE A 59 -5.79 -0.20 -9.14
CA ILE A 59 -5.74 -0.90 -7.85
C ILE A 59 -4.35 -1.48 -7.59
N CYS A 60 -3.69 -2.08 -8.59
CA CYS A 60 -2.37 -2.67 -8.42
C CYS A 60 -1.32 -1.62 -8.02
N LYS A 61 -1.40 -0.43 -8.61
CA LYS A 61 -0.47 0.69 -8.33
C LYS A 61 -0.65 1.12 -6.88
N GLN A 62 -1.91 1.30 -6.48
CA GLN A 62 -2.29 1.71 -5.13
C GLN A 62 -1.82 0.66 -4.12
N LEU A 63 -1.98 -0.63 -4.43
CA LEU A 63 -1.55 -1.72 -3.57
C LEU A 63 -0.04 -1.63 -3.32
N ILE A 64 0.73 -1.44 -4.39
CA ILE A 64 2.18 -1.33 -4.35
C ILE A 64 2.63 -0.15 -3.49
N ALA A 65 1.87 0.95 -3.47
CA ALA A 65 2.22 2.13 -2.68
C ALA A 65 2.29 1.82 -1.19
N LEU A 66 1.24 1.20 -0.66
CA LEU A 66 1.19 0.84 0.76
C LEU A 66 2.14 -0.32 1.04
N ALA A 67 2.19 -1.33 0.16
CA ALA A 67 3.05 -2.49 0.31
C ALA A 67 4.53 -2.10 0.47
N ALA A 68 4.96 -0.97 -0.08
CA ALA A 68 6.33 -0.50 0.04
C ALA A 68 6.72 -0.30 1.51
N TYR A 69 5.77 0.11 2.36
CA TYR A 69 6.03 0.30 3.78
C TYR A 69 6.17 -1.08 4.42
N HIS A 70 5.33 -2.04 4.04
CA HIS A 70 5.42 -3.38 4.61
C HIS A 70 6.80 -3.96 4.27
N ALA A 71 7.32 -3.72 3.06
CA ALA A 71 8.60 -4.21 2.63
C ALA A 71 9.72 -3.78 3.58
N LYS A 72 9.75 -2.52 4.04
CA LYS A 72 10.78 -2.05 4.98
C LYS A 72 10.56 -2.52 6.43
N HIS A 73 9.46 -3.21 6.73
CA HIS A 73 9.15 -3.71 8.08
C HIS A 73 9.38 -5.22 8.12
N CYS A 74 9.14 -5.92 7.00
CA CYS A 74 9.31 -7.35 6.88
C CYS A 74 10.74 -7.74 7.23
N GLN A 75 10.82 -8.77 8.07
CA GLN A 75 12.06 -9.34 8.56
C GLN A 75 12.41 -10.59 7.77
N GLU A 76 11.38 -11.31 7.32
CA GLU A 76 11.56 -12.51 6.54
C GLU A 76 11.97 -12.10 5.12
N ASN A 77 12.54 -13.05 4.38
CA ASN A 77 12.99 -12.85 3.02
C ASN A 77 12.06 -13.50 2.00
N LYS A 78 11.01 -14.22 2.43
CA LYS A 78 10.05 -14.87 1.54
C LYS A 78 8.64 -14.56 2.04
N CYS A 79 8.29 -13.27 2.05
CA CYS A 79 7.00 -12.77 2.50
C CYS A 79 5.83 -13.50 1.81
N PRO A 80 4.69 -13.65 2.50
CA PRO A 80 3.51 -14.30 1.93
C PRO A 80 2.90 -13.40 0.85
N VAL A 81 2.99 -12.08 1.00
CA VAL A 81 2.47 -11.14 0.03
C VAL A 81 3.45 -11.13 -1.16
N PRO A 82 3.01 -11.42 -2.39
CA PRO A 82 3.88 -11.46 -3.56
C PRO A 82 4.35 -10.08 -4.00
N PHE A 83 3.59 -9.03 -3.67
CA PHE A 83 3.97 -7.68 -4.04
C PHE A 83 5.08 -7.14 -3.14
N CYS A 84 5.25 -7.69 -1.91
CA CYS A 84 6.30 -7.25 -1.00
C CYS A 84 7.65 -7.55 -1.66
N LEU A 85 7.83 -8.82 -2.04
CA LEU A 85 9.06 -9.25 -2.70
C LEU A 85 9.17 -8.58 -4.08
N ASN A 86 8.06 -8.30 -4.77
CA ASN A 86 8.15 -7.64 -6.08
C ASN A 86 8.77 -6.25 -5.91
N ILE A 87 8.31 -5.47 -4.93
CA ILE A 87 8.83 -4.15 -4.64
C ILE A 87 10.33 -4.27 -4.34
N LYS A 88 10.70 -5.20 -3.46
CA LYS A 88 12.09 -5.43 -3.08
C LYS A 88 12.97 -5.66 -4.32
N GLN A 89 12.54 -6.52 -5.24
CA GLN A 89 13.28 -6.87 -6.45
C GLN A 89 13.50 -5.66 -7.36
N LYS A 90 12.58 -4.70 -7.37
CA LYS A 90 12.69 -3.51 -8.21
C LYS A 90 13.51 -2.39 -7.56
N GLY A 91 13.86 -2.52 -6.27
CA GLY A 91 14.64 -1.51 -5.57
C GLY A 91 13.82 -0.43 -4.88
N GLY A 92 12.48 -0.50 -4.93
CA GLY A 92 11.58 0.47 -4.32
C GLY A 92 11.48 1.78 -5.10
N SER A 93 12.63 2.42 -5.40
CA SER A 93 12.70 3.67 -6.15
C SER A 93 12.69 3.32 -7.64
N GLY A 94 13.82 2.85 -8.17
CA GLY A 94 13.98 2.48 -9.58
C GLY A 94 15.41 2.79 -10.01
N GLY A 95 15.89 3.99 -9.70
CA GLY A 95 17.22 4.48 -10.01
C GLY A 95 17.12 5.77 -10.81
N GLY A 96 16.54 6.81 -10.20
CA GLY A 96 16.35 8.10 -10.82
C GLY A 96 15.21 8.01 -11.83
N THR A 97 14.06 7.51 -11.40
CA THR A 97 12.83 7.32 -12.18
C THR A 97 11.64 7.58 -11.26
N GLY A 98 10.67 8.37 -11.71
CA GLY A 98 9.45 8.72 -10.98
C GLY A 98 9.12 10.21 -11.03
N GLY A 99 9.66 10.96 -11.99
CA GLY A 99 9.46 12.39 -12.15
C GLY A 99 10.44 13.19 -11.30
N GLY A 100 11.52 12.55 -10.82
CA GLY A 100 12.57 13.12 -9.99
C GLY A 100 12.82 12.30 -8.72
N SER A 101 12.28 11.09 -8.59
CA SER A 101 12.49 10.27 -7.40
C SER A 101 13.97 9.90 -7.33
N GLY A 102 14.70 10.61 -6.48
CA GLY A 102 16.11 10.46 -6.24
C GLY A 102 16.77 11.79 -5.91
N THR A 103 16.15 12.94 -6.21
CA THR A 103 16.75 14.23 -5.91
C THR A 103 16.94 14.40 -4.41
N ILE A 104 18.08 14.97 -4.03
CA ILE A 104 18.50 15.23 -2.67
C ILE A 104 17.54 16.24 -2.01
N GLU A 105 17.48 17.42 -2.59
CA GLU A 105 16.70 18.58 -2.16
C GLU A 105 15.23 18.53 -2.59
N GLY A 106 14.51 19.64 -2.36
CA GLY A 106 13.11 19.80 -2.70
C GLY A 106 12.21 18.85 -1.91
N ARG A 107 12.65 18.44 -0.71
CA ARG A 107 11.95 17.52 0.18
C ARG A 107 11.92 18.05 1.58
N GLY A 108 11.04 17.47 2.39
CA GLY A 108 10.82 17.82 3.78
C GLY A 108 9.34 18.11 4.06
N ASP A 109 8.49 18.09 3.04
CA ASP A 109 7.03 18.33 3.04
C ASP A 109 6.20 17.40 3.93
N GLY A 110 6.86 16.47 4.63
CA GLY A 110 6.28 15.48 5.52
C GLY A 110 6.75 14.08 5.15
N GLY A 111 7.18 13.89 3.90
CA GLY A 111 7.65 12.59 3.43
C GLY A 111 6.49 11.61 3.23
N THR A 112 5.29 12.13 3.04
CA THR A 112 4.06 11.37 2.80
C THR A 112 3.51 11.83 1.43
N THR A 113 4.32 12.51 0.61
CA THR A 113 4.02 13.03 -0.72
C THR A 113 3.30 11.99 -1.57
N PHE A 114 3.70 10.71 -1.45
CA PHE A 114 3.12 9.59 -2.18
C PHE A 114 1.59 9.52 -2.04
N GLU A 115 1.00 10.07 -0.99
CA GLU A 115 -0.45 10.11 -0.77
C GLU A 115 -1.15 10.74 -1.98
N HIS A 116 -0.48 11.61 -2.75
CA HIS A 116 -1.06 12.26 -3.93
C HIS A 116 -1.65 11.24 -4.92
N LEU A 117 -1.12 10.01 -4.95
CA LEU A 117 -1.58 8.92 -5.80
C LEU A 117 -3.02 8.55 -5.51
N TRP A 118 -3.51 8.76 -4.28
CA TRP A 118 -4.88 8.44 -3.90
C TRP A 118 -5.90 9.24 -4.72
N SER A 119 -5.49 10.37 -5.31
CA SER A 119 -6.38 11.17 -6.14
C SER A 119 -6.79 10.43 -7.43
N SER A 120 -6.10 9.34 -7.78
CA SER A 120 -6.37 8.51 -8.96
C SER A 120 -7.16 7.25 -8.58
N LEU A 121 -7.69 7.17 -7.36
CA LEU A 121 -8.47 6.04 -6.89
C LEU A 121 -9.93 6.28 -7.30
N GLU A 122 -10.74 5.23 -7.42
CA GLU A 122 -12.15 5.40 -7.80
C GLU A 122 -12.85 6.24 -6.72
N PRO A 123 -13.47 7.38 -7.07
CA PRO A 123 -14.14 8.28 -6.12
C PRO A 123 -15.29 7.67 -5.30
N ASP A 124 -15.70 6.43 -5.55
CA ASP A 124 -16.77 5.78 -4.76
C ASP A 124 -16.26 5.40 -3.36
N SER A 125 -14.95 5.53 -3.10
CA SER A 125 -14.25 5.27 -1.85
C SER A 125 -14.59 3.92 -1.16
N THR A 126 -15.03 2.89 -1.89
CA THR A 126 -15.41 1.60 -1.29
C THR A 126 -14.30 0.59 -0.98
N TYR A 127 -13.06 0.73 -1.46
CA TYR A 127 -11.99 -0.24 -1.18
C TYR A 127 -10.79 0.34 -0.42
N PHE A 128 -10.35 1.56 -0.75
CA PHE A 128 -9.24 2.25 -0.14
C PHE A 128 -9.59 3.68 0.25
N ASP A 129 -8.70 4.28 1.03
CA ASP A 129 -8.74 5.65 1.51
C ASP A 129 -8.46 6.54 0.28
N LEU A 130 -8.82 7.80 0.41
CA LEU A 130 -8.67 8.84 -0.60
C LEU A 130 -7.63 9.85 -0.14
N ALA A 1 -1.62 17.57 29.09
CA ALA A 1 -0.49 18.25 28.42
C ALA A 1 -1.02 19.52 27.77
N THR A 2 -0.23 20.60 27.73
CA THR A 2 -0.64 21.85 27.11
C THR A 2 -0.63 21.71 25.57
N GLN A 3 0.21 20.83 25.03
CA GLN A 3 0.36 20.53 23.60
C GLN A 3 1.10 19.21 23.45
N SER A 4 1.11 18.63 22.26
CA SER A 4 1.81 17.38 21.95
C SER A 4 1.92 17.25 20.42
N PRO A 5 3.03 16.71 19.87
CA PRO A 5 3.18 16.56 18.44
C PRO A 5 2.24 15.48 17.91
N GLY A 6 1.79 15.59 16.66
CA GLY A 6 0.89 14.63 16.04
C GLY A 6 1.58 13.85 14.93
N ASP A 7 1.10 12.65 14.67
CA ASP A 7 1.61 11.70 13.66
C ASP A 7 0.50 10.81 13.07
N SER A 8 -0.77 11.20 13.21
CA SER A 8 -1.93 10.44 12.75
C SER A 8 -1.87 10.01 11.28
N ARG A 9 -1.31 10.82 10.37
CA ARG A 9 -1.19 10.47 8.96
C ARG A 9 -0.31 9.23 8.79
N ARG A 10 0.82 9.17 9.50
CA ARG A 10 1.73 8.05 9.45
C ARG A 10 1.02 6.80 9.98
N LEU A 11 0.27 6.94 11.08
CA LEU A 11 -0.47 5.81 11.65
C LEU A 11 -1.56 5.34 10.69
N SER A 12 -2.25 6.26 10.02
CA SER A 12 -3.32 5.99 9.05
C SER A 12 -2.75 5.10 7.94
N ILE A 13 -1.62 5.51 7.34
CA ILE A 13 -0.94 4.76 6.29
C ILE A 13 -0.67 3.35 6.83
N GLN A 14 -0.06 3.24 8.01
CA GLN A 14 0.29 1.99 8.68
C GLN A 14 -0.90 1.06 8.88
N ARG A 15 -2.04 1.57 9.38
CA ARG A 15 -3.24 0.78 9.62
C ARG A 15 -3.74 0.17 8.31
N ALA A 16 -3.79 0.98 7.25
CA ALA A 16 -4.23 0.55 5.93
C ALA A 16 -3.33 -0.59 5.43
N ILE A 17 -2.01 -0.39 5.49
CA ILE A 17 -1.01 -1.35 5.07
C ILE A 17 -1.24 -2.69 5.78
N GLN A 18 -1.38 -2.67 7.10
CA GLN A 18 -1.58 -3.85 7.94
C GLN A 18 -2.81 -4.65 7.54
N SER A 19 -3.95 -3.99 7.35
CA SER A 19 -5.17 -4.70 6.97
C SER A 19 -5.02 -5.28 5.56
N LEU A 20 -4.30 -4.60 4.66
CA LEU A 20 -4.13 -5.06 3.30
C LEU A 20 -3.23 -6.29 3.24
N VAL A 21 -2.04 -6.20 3.82
CA VAL A 21 -1.09 -7.31 3.84
C VAL A 21 -1.72 -8.51 4.56
N HIS A 22 -2.48 -8.29 5.64
CA HIS A 22 -3.09 -9.39 6.33
C HIS A 22 -4.16 -10.03 5.45
N ALA A 23 -5.08 -9.24 4.87
CA ALA A 23 -6.15 -9.72 4.02
C ALA A 23 -5.63 -10.56 2.85
N ALA A 24 -4.41 -10.24 2.37
CA ALA A 24 -3.80 -10.95 1.27
C ALA A 24 -3.61 -12.44 1.55
N GLN A 25 -3.41 -12.81 2.81
CA GLN A 25 -3.19 -14.20 3.24
C GLN A 25 -4.25 -14.68 4.25
N CYS A 26 -5.16 -13.81 4.67
CA CYS A 26 -6.21 -14.08 5.64
C CYS A 26 -7.11 -15.25 5.21
N ARG A 27 -6.87 -16.42 5.77
CA ARG A 27 -7.66 -17.63 5.53
C ARG A 27 -8.42 -18.03 6.79
N ASN A 28 -8.17 -17.34 7.92
CA ASN A 28 -8.82 -17.60 9.20
C ASN A 28 -10.23 -17.03 9.16
N ALA A 29 -11.25 -17.89 9.16
CA ALA A 29 -12.66 -17.47 9.14
C ALA A 29 -12.99 -16.62 10.38
N ASN A 30 -12.23 -16.82 11.47
CA ASN A 30 -12.41 -16.09 12.72
C ASN A 30 -12.11 -14.61 12.56
N CYS A 31 -11.27 -14.23 11.58
CA CYS A 31 -10.93 -12.83 11.32
C CYS A 31 -12.21 -12.16 10.82
N SER A 32 -12.77 -11.26 11.63
CA SER A 32 -13.99 -10.53 11.34
C SER A 32 -13.87 -9.08 11.80
N LEU A 33 -13.50 -8.23 10.84
CA LEU A 33 -13.34 -6.79 10.95
C LEU A 33 -13.88 -6.24 9.62
N PRO A 34 -14.41 -5.01 9.58
CA PRO A 34 -14.95 -4.44 8.35
C PRO A 34 -13.85 -4.26 7.31
N SER A 35 -12.67 -3.82 7.75
CA SER A 35 -11.49 -3.59 6.93
C SER A 35 -10.97 -4.91 6.36
N CYS A 36 -10.88 -5.97 7.17
CA CYS A 36 -10.37 -7.25 6.68
C CYS A 36 -11.24 -7.78 5.53
N GLN A 37 -12.56 -7.81 5.73
CA GLN A 37 -13.50 -8.31 4.74
C GLN A 37 -13.48 -7.50 3.45
N LYS A 38 -13.57 -6.17 3.53
CA LYS A 38 -13.55 -5.36 2.30
C LYS A 38 -12.20 -5.51 1.58
N MET A 39 -11.10 -5.68 2.33
CA MET A 39 -9.75 -5.85 1.79
C MET A 39 -9.63 -7.17 1.02
N LYS A 40 -10.35 -8.23 1.40
CA LYS A 40 -10.24 -9.51 0.67
C LYS A 40 -10.48 -9.31 -0.84
N ARG A 41 -11.39 -8.41 -1.21
CA ARG A 41 -11.69 -8.14 -2.62
C ARG A 41 -10.52 -7.47 -3.32
N VAL A 42 -9.76 -6.65 -2.61
CA VAL A 42 -8.60 -5.92 -3.11
C VAL A 42 -7.57 -6.93 -3.58
N VAL A 43 -7.20 -7.90 -2.73
CA VAL A 43 -6.23 -8.92 -3.11
C VAL A 43 -6.79 -9.79 -4.24
N GLN A 44 -8.06 -10.20 -4.15
CA GLN A 44 -8.71 -11.04 -5.14
C GLN A 44 -8.61 -10.42 -6.54
N HIS A 45 -8.78 -9.10 -6.67
CA HIS A 45 -8.66 -8.43 -7.97
C HIS A 45 -7.23 -8.59 -8.50
N THR A 46 -6.21 -8.40 -7.65
CA THR A 46 -4.81 -8.49 -8.05
C THR A 46 -4.39 -9.90 -8.50
N LYS A 47 -5.12 -10.94 -8.10
CA LYS A 47 -4.82 -12.32 -8.53
C LYS A 47 -5.01 -12.39 -10.05
N GLY A 48 -6.00 -11.66 -10.57
CA GLY A 48 -6.36 -11.58 -11.97
C GLY A 48 -5.75 -10.40 -12.70
N CYS A 49 -4.67 -9.78 -12.19
CA CYS A 49 -4.04 -8.65 -12.84
C CYS A 49 -2.59 -8.98 -13.17
N LYS A 50 -2.36 -9.50 -14.37
CA LYS A 50 -1.04 -9.85 -14.87
C LYS A 50 -0.58 -8.82 -15.91
N ARG A 51 -1.52 -8.00 -16.41
CA ARG A 51 -1.29 -6.93 -17.38
C ARG A 51 -0.52 -5.76 -16.75
N LYS A 52 -0.42 -5.74 -15.41
CA LYS A 52 0.27 -4.74 -14.62
C LYS A 52 1.73 -4.53 -15.02
N THR A 53 2.37 -5.48 -15.69
CA THR A 53 3.75 -5.32 -16.12
C THR A 53 3.85 -4.16 -17.14
N ASN A 54 2.75 -3.78 -17.80
CA ASN A 54 2.67 -2.70 -18.78
C ASN A 54 1.70 -1.62 -18.33
N GLY A 55 0.46 -1.98 -18.00
CA GLY A 55 -0.58 -1.05 -17.58
C GLY A 55 -1.68 -1.84 -16.89
N GLY A 56 -1.62 -1.86 -15.57
CA GLY A 56 -2.55 -2.55 -14.68
C GLY A 56 -3.64 -1.63 -14.19
N CYS A 57 -4.67 -2.25 -13.63
CA CYS A 57 -5.83 -1.59 -13.07
C CYS A 57 -5.34 -0.58 -11.99
N PRO A 58 -6.12 0.46 -11.64
CA PRO A 58 -5.72 1.44 -10.65
C PRO A 58 -5.51 0.80 -9.27
N ILE A 59 -6.31 -0.20 -8.93
CA ILE A 59 -6.26 -0.96 -7.68
C ILE A 59 -4.87 -1.59 -7.52
N CYS A 60 -4.31 -2.11 -8.62
CA CYS A 60 -3.01 -2.76 -8.67
C CYS A 60 -1.85 -1.76 -8.56
N LYS A 61 -2.00 -0.55 -9.11
CA LYS A 61 -0.97 0.48 -9.06
C LYS A 61 -0.82 0.94 -7.62
N GLN A 62 -1.95 1.27 -6.98
CA GLN A 62 -1.94 1.73 -5.61
C GLN A 62 -1.51 0.63 -4.64
N LEU A 63 -1.74 -0.65 -4.99
CA LEU A 63 -1.35 -1.75 -4.11
C LEU A 63 0.13 -1.71 -3.81
N ILE A 64 0.94 -1.55 -4.86
CA ILE A 64 2.38 -1.51 -4.80
C ILE A 64 2.84 -0.34 -3.91
N ALA A 65 2.10 0.78 -3.93
CA ALA A 65 2.46 1.94 -3.12
C ALA A 65 2.42 1.60 -1.64
N LEU A 66 1.32 0.99 -1.17
CA LEU A 66 1.21 0.62 0.24
C LEU A 66 2.11 -0.58 0.54
N ALA A 67 2.16 -1.58 -0.36
CA ALA A 67 2.97 -2.79 -0.18
C ALA A 67 4.45 -2.46 0.06
N ALA A 68 4.97 -1.37 -0.53
CA ALA A 68 6.35 -0.96 -0.35
C ALA A 68 6.65 -0.72 1.13
N TYR A 69 5.69 -0.15 1.87
CA TYR A 69 5.85 0.12 3.30
C TYR A 69 5.87 -1.19 4.07
N HIS A 70 5.07 -2.18 3.66
CA HIS A 70 5.07 -3.47 4.35
C HIS A 70 6.42 -4.13 4.10
N ALA A 71 6.95 -4.01 2.87
CA ALA A 71 8.21 -4.59 2.46
C ALA A 71 9.37 -4.21 3.36
N LYS A 72 9.57 -2.93 3.67
CA LYS A 72 10.67 -2.52 4.54
C LYS A 72 10.51 -2.97 6.00
N HIS A 73 9.38 -3.53 6.40
CA HIS A 73 9.10 -3.98 7.77
C HIS A 73 8.69 -5.45 7.82
N CYS A 74 8.87 -6.21 6.73
CA CYS A 74 8.50 -7.62 6.71
C CYS A 74 9.46 -8.45 7.59
N GLN A 75 9.04 -9.69 7.81
CA GLN A 75 9.70 -10.72 8.60
C GLN A 75 11.10 -10.99 8.08
N GLU A 76 11.17 -11.34 6.80
CA GLU A 76 12.34 -11.70 6.02
C GLU A 76 12.03 -11.30 4.58
N ASN A 77 12.95 -11.58 3.65
CA ASN A 77 12.70 -11.29 2.23
C ASN A 77 11.76 -12.32 1.61
N LYS A 78 11.43 -13.41 2.30
CA LYS A 78 10.54 -14.47 1.82
C LYS A 78 9.09 -14.18 2.23
N CYS A 79 8.61 -12.96 1.94
CA CYS A 79 7.28 -12.45 2.26
C CYS A 79 6.15 -13.36 1.73
N PRO A 80 5.00 -13.43 2.42
CA PRO A 80 3.87 -14.24 2.01
C PRO A 80 2.98 -13.55 0.96
N VAL A 81 3.21 -12.26 0.70
CA VAL A 81 2.46 -11.47 -0.26
C VAL A 81 3.27 -11.40 -1.56
N PRO A 82 2.67 -11.71 -2.73
CA PRO A 82 3.36 -11.69 -4.01
C PRO A 82 3.77 -10.27 -4.40
N PHE A 83 2.99 -9.28 -4.01
CA PHE A 83 3.25 -7.89 -4.31
C PHE A 83 4.42 -7.36 -3.47
N CYS A 84 4.62 -7.86 -2.25
CA CYS A 84 5.71 -7.42 -1.39
C CYS A 84 7.04 -7.72 -2.10
N LEU A 85 7.22 -8.98 -2.50
CA LEU A 85 8.43 -9.40 -3.20
C LEU A 85 8.57 -8.72 -4.56
N ASN A 86 7.47 -8.33 -5.20
CA ASN A 86 7.48 -7.65 -6.50
C ASN A 86 8.21 -6.32 -6.42
N ILE A 87 8.04 -5.58 -5.31
CA ILE A 87 8.73 -4.32 -5.11
C ILE A 87 10.25 -4.61 -5.17
N LYS A 88 10.71 -5.65 -4.46
CA LYS A 88 12.13 -6.00 -4.43
C LYS A 88 12.65 -6.55 -5.76
N GLN A 89 11.81 -7.09 -6.66
CA GLN A 89 12.33 -7.60 -7.93
C GLN A 89 12.95 -6.47 -8.75
N LYS A 90 12.54 -5.23 -8.46
CA LYS A 90 12.99 -4.01 -9.11
C LYS A 90 14.36 -3.60 -8.54
N GLY A 91 15.39 -4.38 -8.86
CA GLY A 91 16.77 -4.15 -8.45
C GLY A 91 17.33 -5.20 -7.49
N GLY A 92 16.53 -6.16 -7.02
CA GLY A 92 16.91 -7.24 -6.12
C GLY A 92 17.29 -6.84 -4.69
N SER A 93 17.70 -5.59 -4.44
CA SER A 93 18.09 -5.10 -3.12
C SER A 93 17.10 -4.10 -2.52
N GLY A 94 16.15 -3.58 -3.31
CA GLY A 94 15.17 -2.59 -2.83
C GLY A 94 15.90 -1.33 -2.36
N GLY A 95 17.09 -1.05 -2.92
CA GLY A 95 17.92 0.09 -2.58
C GLY A 95 18.76 -0.17 -1.32
N GLY A 96 18.47 -1.20 -0.54
CA GLY A 96 19.19 -1.53 0.69
C GLY A 96 18.69 -0.74 1.90
N THR A 97 18.20 0.48 1.72
CA THR A 97 17.66 1.36 2.76
C THR A 97 18.59 1.52 3.99
N GLY A 98 19.92 1.43 3.80
CA GLY A 98 20.93 1.54 4.85
C GLY A 98 21.83 0.32 4.94
N GLY A 99 21.60 -0.72 4.11
CA GLY A 99 22.39 -1.94 4.07
C GLY A 99 22.18 -2.88 5.25
N GLY A 100 21.75 -2.37 6.41
CA GLY A 100 21.50 -3.15 7.61
C GLY A 100 22.53 -2.92 8.72
N SER A 101 23.60 -2.17 8.47
CA SER A 101 24.68 -1.84 9.40
C SER A 101 25.13 -0.44 8.98
N GLY A 102 25.29 0.46 9.95
CA GLY A 102 25.69 1.83 9.70
C GLY A 102 24.59 2.46 8.85
N THR A 103 23.38 2.52 9.39
CA THR A 103 22.22 3.09 8.72
C THR A 103 22.34 4.62 8.66
N ILE A 104 23.25 5.11 7.83
CA ILE A 104 23.51 6.53 7.63
C ILE A 104 22.24 7.17 7.06
N GLU A 105 21.70 6.57 6.01
CA GLU A 105 20.50 6.96 5.28
C GLU A 105 19.41 5.91 5.55
N GLY A 106 18.29 5.94 4.83
CA GLY A 106 17.18 5.00 5.01
C GLY A 106 15.87 5.70 5.37
N ARG A 107 15.93 6.98 5.72
CA ARG A 107 14.77 7.82 6.08
C ARG A 107 14.83 9.07 5.18
N GLY A 108 13.89 10.01 5.30
CA GLY A 108 13.84 11.21 4.49
C GLY A 108 13.11 10.85 3.21
N ASP A 109 11.88 10.36 3.34
CA ASP A 109 11.02 9.94 2.23
C ASP A 109 10.29 11.10 1.53
N GLY A 110 10.55 12.35 1.93
CA GLY A 110 9.95 13.54 1.36
C GLY A 110 8.74 14.03 2.15
N GLY A 111 8.31 13.31 3.19
CA GLY A 111 7.17 13.69 4.02
C GLY A 111 5.88 13.10 3.47
N THR A 112 5.94 11.87 2.97
CA THR A 112 4.85 11.11 2.40
C THR A 112 4.10 11.88 1.29
N THR A 113 4.84 12.65 0.48
CA THR A 113 4.28 13.42 -0.62
C THR A 113 3.51 12.52 -1.61
N PHE A 114 3.89 11.23 -1.69
CA PHE A 114 3.28 10.20 -2.54
C PHE A 114 1.77 10.09 -2.31
N GLU A 115 1.29 10.51 -1.14
CA GLU A 115 -0.11 10.51 -0.78
C GLU A 115 -0.91 11.27 -1.86
N HIS A 116 -0.30 12.20 -2.59
CA HIS A 116 -1.00 12.94 -3.63
C HIS A 116 -1.59 11.99 -4.70
N LEU A 117 -1.10 10.76 -4.84
CA LEU A 117 -1.65 9.82 -5.82
C LEU A 117 -3.07 9.41 -5.41
N TRP A 118 -3.44 9.57 -4.13
CA TRP A 118 -4.78 9.27 -3.63
C TRP A 118 -5.76 10.30 -4.22
N SER A 119 -5.27 11.39 -4.84
CA SER A 119 -6.04 12.45 -5.52
C SER A 119 -6.68 11.89 -6.81
N SER A 120 -6.63 10.57 -7.05
CA SER A 120 -7.18 9.85 -8.18
C SER A 120 -8.19 8.80 -7.69
N LEU A 121 -8.28 8.57 -6.36
CA LEU A 121 -9.18 7.63 -5.71
C LEU A 121 -10.58 8.22 -5.84
N GLU A 122 -11.41 7.62 -6.69
CA GLU A 122 -12.77 8.10 -6.88
C GLU A 122 -13.55 7.83 -5.59
N PRO A 123 -14.59 8.63 -5.30
CA PRO A 123 -15.41 8.50 -4.09
C PRO A 123 -16.22 7.21 -3.96
N ASP A 124 -16.09 6.26 -4.88
CA ASP A 124 -16.80 4.98 -4.88
C ASP A 124 -16.34 4.07 -3.73
N SER A 125 -15.15 4.27 -3.17
CA SER A 125 -14.56 3.53 -2.06
C SER A 125 -14.78 2.00 -2.05
N THR A 126 -14.93 1.33 -3.20
CA THR A 126 -15.16 -0.12 -3.20
C THR A 126 -13.94 -0.91 -2.72
N TYR A 127 -12.72 -0.48 -3.06
CA TYR A 127 -11.46 -1.14 -2.71
C TYR A 127 -10.78 -0.49 -1.51
N PHE A 128 -10.63 0.83 -1.51
CA PHE A 128 -10.00 1.59 -0.44
C PHE A 128 -11.01 2.50 0.24
N ASP A 129 -10.56 3.13 1.31
CA ASP A 129 -11.38 4.05 2.06
C ASP A 129 -11.27 5.43 1.41
N LEU A 130 -12.35 6.19 1.56
CA LEU A 130 -12.55 7.54 1.04
C LEU A 130 -11.59 8.51 1.69
N ALA A 1 6.54 17.54 22.98
CA ALA A 1 6.64 18.70 22.08
C ALA A 1 5.64 19.76 22.51
N THR A 2 5.90 21.01 22.10
CA THR A 2 5.08 22.17 22.41
C THR A 2 3.64 22.01 21.93
N GLN A 3 3.41 21.16 20.93
CA GLN A 3 2.11 20.89 20.37
C GLN A 3 2.00 19.39 20.11
N SER A 4 0.78 18.89 20.17
CA SER A 4 0.43 17.49 19.92
C SER A 4 -0.88 17.50 19.11
N PRO A 5 -0.85 18.02 17.86
CA PRO A 5 -2.02 18.14 17.00
C PRO A 5 -2.56 16.83 16.42
N GLY A 6 -1.86 15.70 16.59
CA GLY A 6 -2.27 14.41 16.07
C GLY A 6 -1.62 14.12 14.73
N ASP A 7 -1.68 12.85 14.32
CA ASP A 7 -1.12 12.33 13.09
C ASP A 7 -2.12 11.29 12.54
N SER A 8 -3.38 11.68 12.35
CA SER A 8 -4.44 10.79 11.87
C SER A 8 -4.04 10.02 10.60
N ARG A 9 -3.48 10.69 9.60
CA ARG A 9 -3.08 10.00 8.36
C ARG A 9 -2.00 8.98 8.63
N ARG A 10 -1.05 9.23 9.55
CA ARG A 10 0.00 8.24 9.84
C ARG A 10 -0.70 6.98 10.34
N LEU A 11 -1.69 7.13 11.23
CA LEU A 11 -2.45 6.00 11.75
C LEU A 11 -3.19 5.33 10.60
N SER A 12 -3.91 6.08 9.76
CA SER A 12 -4.67 5.54 8.64
C SER A 12 -3.76 4.72 7.71
N ILE A 13 -2.56 5.20 7.39
CA ILE A 13 -1.59 4.52 6.54
C ILE A 13 -1.12 3.24 7.22
N GLN A 14 -0.68 3.30 8.47
CA GLN A 14 -0.19 2.14 9.22
C GLN A 14 -1.28 1.07 9.37
N ARG A 15 -2.48 1.49 9.74
CA ARG A 15 -3.63 0.61 9.92
C ARG A 15 -3.97 -0.06 8.60
N ALA A 16 -3.94 0.70 7.49
CA ALA A 16 -4.23 0.19 6.17
C ALA A 16 -3.19 -0.85 5.80
N ILE A 17 -1.89 -0.55 5.96
CA ILE A 17 -0.77 -1.44 5.65
C ILE A 17 -0.96 -2.77 6.37
N GLN A 18 -1.19 -2.72 7.68
CA GLN A 18 -1.39 -3.90 8.54
C GLN A 18 -2.62 -4.68 8.11
N SER A 19 -3.72 -4.01 7.80
CA SER A 19 -4.93 -4.70 7.37
C SER A 19 -4.70 -5.35 6.00
N LEU A 20 -3.87 -4.73 5.14
CA LEU A 20 -3.57 -5.22 3.80
C LEU A 20 -2.69 -6.45 3.86
N VAL A 21 -1.54 -6.36 4.54
CA VAL A 21 -0.62 -7.49 4.65
C VAL A 21 -1.35 -8.69 5.25
N HIS A 22 -2.20 -8.48 6.26
CA HIS A 22 -2.92 -9.58 6.87
C HIS A 22 -3.94 -10.14 5.88
N ALA A 23 -4.80 -9.31 5.28
CA ALA A 23 -5.83 -9.75 4.34
C ALA A 23 -5.24 -10.49 3.13
N ALA A 24 -4.02 -10.14 2.72
CA ALA A 24 -3.35 -10.73 1.58
C ALA A 24 -2.96 -12.20 1.82
N GLN A 25 -2.85 -12.64 3.07
CA GLN A 25 -2.51 -14.00 3.47
C GLN A 25 -3.59 -14.61 4.39
N CYS A 26 -4.68 -13.87 4.66
CA CYS A 26 -5.79 -14.26 5.51
C CYS A 26 -6.47 -15.51 4.96
N ARG A 27 -6.10 -16.62 5.56
CA ARG A 27 -6.58 -17.98 5.29
C ARG A 27 -7.36 -18.49 6.49
N ASN A 28 -7.79 -17.60 7.37
CA ASN A 28 -8.52 -17.92 8.59
C ASN A 28 -9.94 -17.39 8.43
N ALA A 29 -10.87 -18.28 8.10
CA ALA A 29 -12.27 -17.92 7.92
C ALA A 29 -12.95 -17.46 9.23
N ASN A 30 -12.29 -17.66 10.37
CA ASN A 30 -12.77 -17.29 11.70
C ASN A 30 -12.74 -15.78 11.96
N CYS A 31 -11.72 -15.07 11.45
CA CYS A 31 -11.59 -13.63 11.67
C CYS A 31 -12.71 -12.84 11.01
N SER A 32 -12.99 -11.65 11.54
CA SER A 32 -14.03 -10.77 11.06
C SER A 32 -13.71 -9.34 11.51
N LEU A 33 -13.11 -8.54 10.61
CA LEU A 33 -12.73 -7.14 10.82
C LEU A 33 -13.19 -6.42 9.54
N PRO A 34 -13.69 -5.17 9.61
CA PRO A 34 -14.14 -4.46 8.43
C PRO A 34 -12.99 -4.22 7.44
N SER A 35 -11.84 -3.75 7.92
CA SER A 35 -10.69 -3.52 7.04
C SER A 35 -10.21 -4.83 6.43
N CYS A 36 -10.06 -5.89 7.23
CA CYS A 36 -9.61 -7.20 6.80
C CYS A 36 -10.50 -7.69 5.65
N GLN A 37 -11.81 -7.68 5.86
CA GLN A 37 -12.81 -8.13 4.91
C GLN A 37 -12.85 -7.28 3.64
N LYS A 38 -12.90 -5.95 3.74
CA LYS A 38 -12.91 -5.15 2.52
C LYS A 38 -11.61 -5.32 1.75
N MET A 39 -10.47 -5.51 2.45
CA MET A 39 -9.17 -5.70 1.82
C MET A 39 -9.20 -7.01 1.00
N LYS A 40 -9.96 -8.04 1.44
CA LYS A 40 -10.04 -9.30 0.70
C LYS A 40 -10.48 -9.04 -0.74
N ARG A 41 -11.32 -8.04 -0.97
CA ARG A 41 -11.84 -7.69 -2.28
C ARG A 41 -10.76 -7.12 -3.20
N VAL A 42 -10.02 -6.10 -2.74
CA VAL A 42 -8.96 -5.51 -3.56
C VAL A 42 -7.89 -6.55 -3.85
N VAL A 43 -7.49 -7.33 -2.85
CA VAL A 43 -6.46 -8.34 -3.06
C VAL A 43 -6.96 -9.45 -3.97
N GLN A 44 -8.27 -9.79 -3.94
CA GLN A 44 -8.81 -10.81 -4.82
C GLN A 44 -8.57 -10.34 -6.27
N HIS A 45 -8.90 -9.09 -6.52
CA HIS A 45 -8.77 -8.45 -7.82
C HIS A 45 -7.29 -8.40 -8.23
N THR A 46 -6.38 -7.83 -7.42
CA THR A 46 -4.97 -7.73 -7.79
C THR A 46 -4.27 -9.08 -7.97
N LYS A 47 -4.66 -10.13 -7.24
CA LYS A 47 -4.04 -11.45 -7.40
C LYS A 47 -4.37 -12.02 -8.77
N GLY A 48 -5.55 -11.70 -9.30
CA GLY A 48 -6.03 -12.16 -10.59
C GLY A 48 -5.67 -11.20 -11.74
N CYS A 49 -5.38 -9.93 -11.44
CA CYS A 49 -5.00 -8.89 -12.38
C CYS A 49 -3.70 -9.24 -13.08
N LYS A 50 -3.78 -9.80 -14.29
CA LYS A 50 -2.64 -10.17 -15.11
C LYS A 50 -2.55 -9.33 -16.37
N ARG A 51 -3.58 -8.56 -16.73
CA ARG A 51 -3.54 -7.70 -17.92
C ARG A 51 -2.57 -6.53 -17.76
N LYS A 52 -1.98 -6.35 -16.57
CA LYS A 52 -1.04 -5.30 -16.17
C LYS A 52 0.09 -5.12 -17.17
N THR A 53 0.60 -6.23 -17.67
CA THR A 53 1.67 -6.29 -18.65
C THR A 53 1.40 -5.44 -19.92
N ASN A 54 0.15 -5.12 -20.24
CA ASN A 54 -0.24 -4.31 -21.39
C ASN A 54 -0.90 -3.03 -20.90
N GLY A 55 -1.93 -3.20 -20.06
CA GLY A 55 -2.69 -2.11 -19.50
C GLY A 55 -3.36 -2.58 -18.23
N GLY A 56 -2.76 -2.25 -17.10
CA GLY A 56 -3.25 -2.57 -15.77
C GLY A 56 -4.00 -1.38 -15.22
N CYS A 57 -4.91 -1.66 -14.29
CA CYS A 57 -5.73 -0.68 -13.61
C CYS A 57 -4.88 0.09 -12.57
N PRO A 58 -5.38 1.23 -12.08
CA PRO A 58 -4.70 2.03 -11.07
C PRO A 58 -4.73 1.34 -9.70
N ILE A 59 -5.59 0.33 -9.49
CA ILE A 59 -5.69 -0.41 -8.23
C ILE A 59 -4.37 -1.14 -8.01
N CYS A 60 -3.89 -1.89 -9.02
CA CYS A 60 -2.64 -2.60 -8.91
C CYS A 60 -1.47 -1.64 -8.63
N LYS A 61 -1.55 -0.39 -9.13
CA LYS A 61 -0.54 0.65 -8.93
C LYS A 61 -0.62 1.17 -7.49
N GLN A 62 -1.81 1.53 -7.00
CA GLN A 62 -2.02 2.03 -5.64
C GLN A 62 -1.59 0.97 -4.63
N LEU A 63 -1.88 -0.30 -4.92
CA LEU A 63 -1.53 -1.42 -4.08
C LEU A 63 -0.02 -1.43 -3.92
N ILE A 64 0.72 -1.31 -5.02
CA ILE A 64 2.19 -1.29 -4.98
C ILE A 64 2.68 -0.06 -4.19
N ALA A 65 1.97 1.07 -4.23
CA ALA A 65 2.36 2.27 -3.51
C ALA A 65 2.36 2.02 -1.99
N LEU A 66 1.26 1.48 -1.46
CA LEU A 66 1.12 1.19 -0.05
C LEU A 66 1.91 -0.05 0.37
N ALA A 67 1.92 -1.10 -0.46
CA ALA A 67 2.62 -2.36 -0.22
C ALA A 67 4.11 -2.14 0.02
N ALA A 68 4.69 -1.09 -0.57
CA ALA A 68 6.09 -0.76 -0.42
C ALA A 68 6.43 -0.45 1.04
N TYR A 69 5.45 0.04 1.82
CA TYR A 69 5.66 0.36 3.22
C TYR A 69 5.79 -0.95 3.98
N HIS A 70 4.90 -1.93 3.81
CA HIS A 70 5.06 -3.21 4.52
C HIS A 70 6.40 -3.84 4.13
N ALA A 71 6.84 -3.68 2.87
CA ALA A 71 8.10 -4.25 2.40
C ALA A 71 9.31 -3.72 3.19
N LYS A 72 9.26 -2.50 3.75
CA LYS A 72 10.35 -1.93 4.56
C LYS A 72 10.19 -2.25 6.05
N HIS A 73 9.16 -3.03 6.43
CA HIS A 73 8.89 -3.43 7.81
C HIS A 73 8.95 -4.95 7.97
N CYS A 74 8.68 -5.70 6.90
CA CYS A 74 8.67 -7.16 6.83
C CYS A 74 10.00 -7.72 7.37
N GLN A 75 9.91 -8.69 8.27
CA GLN A 75 11.06 -9.32 8.90
C GLN A 75 11.73 -10.35 7.96
N GLU A 76 10.92 -11.20 7.31
CA GLU A 76 11.44 -12.21 6.40
C GLU A 76 11.79 -11.55 5.05
N ASN A 77 12.44 -12.29 4.15
CA ASN A 77 12.87 -11.84 2.83
C ASN A 77 12.12 -12.59 1.72
N LYS A 78 11.11 -13.38 2.09
CA LYS A 78 10.24 -14.14 1.22
C LYS A 78 8.85 -13.90 1.79
N CYS A 79 8.39 -12.66 1.69
CA CYS A 79 7.11 -12.23 2.20
C CYS A 79 6.00 -13.18 1.69
N PRO A 80 4.94 -13.40 2.48
CA PRO A 80 3.85 -14.27 2.06
C PRO A 80 3.03 -13.56 0.98
N VAL A 81 3.13 -12.22 0.93
CA VAL A 81 2.46 -11.36 -0.02
C VAL A 81 3.31 -11.34 -1.30
N PRO A 82 2.73 -11.62 -2.47
CA PRO A 82 3.46 -11.64 -3.74
C PRO A 82 3.88 -10.25 -4.22
N PHE A 83 3.10 -9.21 -3.89
CA PHE A 83 3.43 -7.86 -4.31
C PHE A 83 4.59 -7.29 -3.48
N CYS A 84 4.74 -7.72 -2.22
CA CYS A 84 5.80 -7.27 -1.32
C CYS A 84 7.17 -7.66 -1.88
N LEU A 85 7.34 -8.96 -2.17
CA LEU A 85 8.61 -9.45 -2.71
C LEU A 85 8.82 -8.83 -4.09
N ASN A 86 7.74 -8.67 -4.90
CA ASN A 86 7.84 -8.08 -6.24
C ASN A 86 8.49 -6.70 -6.16
N ILE A 87 8.03 -5.86 -5.22
CA ILE A 87 8.57 -4.53 -5.00
C ILE A 87 10.03 -4.61 -4.56
N LYS A 88 10.36 -5.50 -3.63
CA LYS A 88 11.73 -5.63 -3.14
C LYS A 88 12.73 -5.98 -4.23
N GLN A 89 12.44 -7.00 -5.04
CA GLN A 89 13.36 -7.44 -6.08
C GLN A 89 13.71 -6.34 -7.08
N LYS A 90 12.75 -5.47 -7.43
CA LYS A 90 12.98 -4.37 -8.36
C LYS A 90 13.45 -3.08 -7.67
N GLY A 91 13.39 -3.01 -6.34
CA GLY A 91 13.79 -1.85 -5.54
C GLY A 91 12.98 -0.58 -5.78
N GLY A 92 11.91 -0.64 -6.58
CA GLY A 92 11.08 0.50 -6.90
C GLY A 92 11.79 1.43 -7.89
N SER A 93 12.56 0.87 -8.84
CA SER A 93 13.30 1.64 -9.83
C SER A 93 12.40 2.59 -10.62
N GLY A 94 12.99 3.63 -11.18
CA GLY A 94 12.26 4.60 -11.99
C GLY A 94 12.82 6.02 -11.95
N GLY A 95 13.71 6.34 -11.02
CA GLY A 95 14.32 7.66 -10.86
C GLY A 95 13.57 8.42 -9.77
N GLY A 96 12.24 8.39 -9.79
CA GLY A 96 11.39 9.05 -8.80
C GLY A 96 11.21 10.55 -8.96
N THR A 97 11.68 11.18 -10.04
CA THR A 97 11.49 12.63 -10.18
C THR A 97 9.98 12.92 -10.26
N GLY A 98 9.52 13.98 -9.61
CA GLY A 98 8.12 14.39 -9.58
C GLY A 98 7.83 15.15 -8.29
N GLY A 99 8.23 14.56 -7.16
CA GLY A 99 8.09 15.08 -5.81
C GLY A 99 6.77 15.77 -5.51
N GLY A 100 5.65 15.03 -5.54
CA GLY A 100 4.33 15.59 -5.23
C GLY A 100 3.72 16.33 -6.42
N SER A 101 3.98 15.86 -7.64
CA SER A 101 3.48 16.45 -8.87
C SER A 101 1.96 16.61 -8.83
N GLY A 102 1.48 17.86 -8.81
CA GLY A 102 0.06 18.17 -8.76
C GLY A 102 -0.26 19.41 -7.94
N THR A 103 0.70 19.92 -7.17
CA THR A 103 0.56 21.10 -6.33
C THR A 103 1.87 21.88 -6.36
N ILE A 104 1.84 23.09 -5.80
CA ILE A 104 3.00 23.98 -5.67
C ILE A 104 3.73 23.63 -4.36
N GLU A 105 3.07 22.85 -3.49
CA GLU A 105 3.51 22.37 -2.19
C GLU A 105 4.17 20.99 -2.41
N GLY A 106 4.12 20.08 -1.45
CA GLY A 106 4.70 18.74 -1.55
C GLY A 106 6.19 18.73 -1.23
N ARG A 107 6.74 19.81 -0.66
CA ARG A 107 8.15 19.97 -0.32
C ARG A 107 8.59 19.27 0.97
N GLY A 108 7.81 18.36 1.54
CA GLY A 108 8.16 17.62 2.76
C GLY A 108 7.30 17.91 3.98
N ASP A 109 6.13 18.54 3.82
CA ASP A 109 5.23 18.86 4.94
C ASP A 109 4.66 17.58 5.56
N GLY A 110 5.20 17.19 6.70
CA GLY A 110 4.78 15.99 7.43
C GLY A 110 5.64 14.78 7.05
N GLY A 111 6.15 14.72 5.82
CA GLY A 111 6.99 13.65 5.28
C GLY A 111 6.16 12.49 4.72
N THR A 112 5.08 12.76 4.00
CA THR A 112 4.16 11.78 3.41
C THR A 112 3.70 12.19 2.01
N THR A 113 4.50 12.93 1.23
CA THR A 113 4.14 13.38 -0.12
C THR A 113 3.53 12.28 -1.02
N PHE A 114 3.90 11.00 -0.83
CA PHE A 114 3.37 9.88 -1.61
C PHE A 114 1.83 9.84 -1.57
N GLU A 115 1.19 10.42 -0.55
CA GLU A 115 -0.25 10.50 -0.41
C GLU A 115 -0.88 11.15 -1.65
N HIS A 116 -0.14 11.98 -2.40
CA HIS A 116 -0.64 12.62 -3.61
C HIS A 116 -1.14 11.61 -4.65
N LEU A 117 -0.68 10.35 -4.61
CA LEU A 117 -1.11 9.32 -5.54
C LEU A 117 -2.61 9.01 -5.32
N TRP A 118 -3.15 9.24 -4.13
CA TRP A 118 -4.56 9.00 -3.84
C TRP A 118 -5.43 10.05 -4.55
N SER A 119 -4.87 11.21 -4.89
CA SER A 119 -5.55 12.31 -5.57
C SER A 119 -5.66 12.10 -7.10
N SER A 120 -5.23 10.94 -7.60
CA SER A 120 -5.25 10.51 -9.00
C SER A 120 -5.82 9.08 -9.07
N LEU A 121 -6.66 8.71 -8.11
CA LEU A 121 -7.31 7.41 -7.97
C LEU A 121 -8.81 7.63 -7.80
N GLU A 122 -9.60 6.56 -7.89
CA GLU A 122 -11.05 6.57 -7.73
C GLU A 122 -11.40 7.27 -6.40
N PRO A 123 -12.10 8.43 -6.40
CA PRO A 123 -12.47 9.14 -5.18
C PRO A 123 -13.59 8.44 -4.39
N ASP A 124 -14.17 7.37 -4.93
CA ASP A 124 -15.21 6.59 -4.27
C ASP A 124 -14.58 5.63 -3.28
N SER A 125 -13.34 5.19 -3.53
CA SER A 125 -12.57 4.25 -2.71
C SER A 125 -13.43 3.07 -2.23
N THR A 126 -14.33 2.56 -3.09
CA THR A 126 -15.26 1.48 -2.81
C THR A 126 -14.60 0.09 -2.58
N TYR A 127 -13.28 0.00 -2.66
CA TYR A 127 -12.48 -1.23 -2.48
C TYR A 127 -11.31 -1.03 -1.51
N PHE A 128 -11.10 0.20 -1.04
CA PHE A 128 -10.10 0.68 -0.11
C PHE A 128 -10.87 1.48 0.95
N ASP A 129 -10.19 2.20 1.84
CA ASP A 129 -10.87 3.03 2.82
C ASP A 129 -10.90 4.43 2.21
N LEU A 130 -12.03 5.13 2.31
CA LEU A 130 -12.16 6.46 1.71
C LEU A 130 -11.32 7.48 2.45
N ALA A 1 -3.27 -1.30 18.02
CA ALA A 1 -3.42 -1.52 19.46
C ALA A 1 -2.65 -0.44 20.21
N THR A 2 -1.33 -0.54 20.30
CA THR A 2 -0.47 0.43 20.97
C THR A 2 -0.62 1.78 20.24
N GLN A 3 -1.28 2.76 20.84
CA GLN A 3 -1.49 4.07 20.23
C GLN A 3 -0.29 4.98 20.47
N SER A 4 -0.09 6.01 19.63
CA SER A 4 1.00 6.96 19.79
C SER A 4 0.78 8.20 18.90
N PRO A 5 1.35 9.36 19.25
CA PRO A 5 1.21 10.58 18.45
C PRO A 5 2.09 10.47 17.19
N GLY A 6 1.64 11.06 16.08
CA GLY A 6 2.33 11.07 14.81
C GLY A 6 1.67 12.13 13.95
N ASP A 7 0.72 11.74 13.11
CA ASP A 7 -0.05 12.62 12.21
C ASP A 7 -1.25 11.79 11.72
N SER A 8 -2.37 12.42 11.42
CA SER A 8 -3.59 11.76 10.95
C SER A 8 -3.34 10.91 9.70
N ARG A 9 -2.73 11.48 8.65
CA ARG A 9 -2.45 10.73 7.42
C ARG A 9 -1.55 9.54 7.70
N ARG A 10 -0.53 9.72 8.56
CA ARG A 10 0.41 8.67 8.91
C ARG A 10 -0.36 7.51 9.52
N LEU A 11 -1.18 7.76 10.54
CA LEU A 11 -1.99 6.73 11.20
C LEU A 11 -2.93 6.05 10.21
N SER A 12 -3.61 6.81 9.36
CA SER A 12 -4.54 6.31 8.35
C SER A 12 -3.81 5.31 7.45
N ILE A 13 -2.66 5.71 6.89
CA ILE A 13 -1.83 4.90 6.03
C ILE A 13 -1.42 3.63 6.79
N GLN A 14 -0.92 3.79 8.02
CA GLN A 14 -0.49 2.67 8.86
C GLN A 14 -1.60 1.65 9.07
N ARG A 15 -2.84 2.09 9.32
CA ARG A 15 -3.94 1.17 9.51
C ARG A 15 -4.21 0.41 8.21
N ALA A 16 -4.29 1.14 7.09
CA ALA A 16 -4.54 0.56 5.77
C ALA A 16 -3.47 -0.49 5.43
N ILE A 17 -2.20 -0.19 5.63
CA ILE A 17 -1.09 -1.09 5.37
C ILE A 17 -1.32 -2.41 6.08
N GLN A 18 -1.61 -2.34 7.39
CA GLN A 18 -1.86 -3.51 8.21
C GLN A 18 -3.12 -4.26 7.81
N SER A 19 -4.14 -3.54 7.34
CA SER A 19 -5.39 -4.10 6.90
C SER A 19 -5.19 -4.89 5.61
N LEU A 20 -4.37 -4.37 4.71
CA LEU A 20 -4.09 -4.96 3.41
C LEU A 20 -3.21 -6.18 3.58
N VAL A 21 -2.08 -6.06 4.29
CA VAL A 21 -1.18 -7.18 4.51
C VAL A 21 -1.91 -8.30 5.25
N HIS A 22 -2.77 -7.99 6.23
CA HIS A 22 -3.48 -9.02 6.96
C HIS A 22 -4.40 -9.80 6.04
N ALA A 23 -5.27 -9.09 5.30
CA ALA A 23 -6.21 -9.73 4.39
C ALA A 23 -5.50 -10.52 3.30
N ALA A 24 -4.30 -10.11 2.88
CA ALA A 24 -3.52 -10.79 1.85
C ALA A 24 -3.07 -12.19 2.26
N GLN A 25 -3.02 -12.50 3.56
CA GLN A 25 -2.61 -13.81 4.04
C GLN A 25 -3.67 -14.46 4.93
N CYS A 26 -4.73 -13.73 5.30
CA CYS A 26 -5.82 -14.16 6.15
C CYS A 26 -6.52 -15.40 5.56
N ARG A 27 -6.27 -16.52 6.22
CA ARG A 27 -6.82 -17.83 5.89
C ARG A 27 -7.76 -18.34 6.97
N ASN A 28 -7.70 -17.80 8.19
CA ASN A 28 -8.53 -18.24 9.31
C ASN A 28 -9.98 -17.83 9.04
N ALA A 29 -10.86 -18.80 8.84
CA ALA A 29 -12.29 -18.57 8.58
C ALA A 29 -13.02 -17.91 9.76
N ASN A 30 -12.36 -17.73 10.90
CA ASN A 30 -12.90 -17.10 12.10
C ASN A 30 -12.86 -15.57 11.99
N CYS A 31 -11.84 -15.03 11.30
CA CYS A 31 -11.66 -13.60 11.12
C CYS A 31 -12.91 -12.95 10.56
N SER A 32 -13.44 -11.96 11.28
CA SER A 32 -14.60 -11.18 10.92
C SER A 32 -14.27 -9.72 11.18
N LEU A 33 -13.88 -9.01 10.13
CA LEU A 33 -13.54 -7.59 10.12
C LEU A 33 -14.11 -7.07 8.81
N PRO A 34 -14.76 -5.90 8.76
CA PRO A 34 -15.30 -5.37 7.50
C PRO A 34 -14.15 -5.06 6.54
N SER A 35 -13.10 -4.41 7.07
CA SER A 35 -11.92 -4.05 6.30
C SER A 35 -11.22 -5.31 5.76
N CYS A 36 -11.19 -6.41 6.54
CA CYS A 36 -10.58 -7.66 6.12
C CYS A 36 -11.34 -8.18 4.90
N GLN A 37 -12.67 -8.29 5.02
CA GLN A 37 -13.52 -8.78 3.93
C GLN A 37 -13.37 -7.95 2.66
N LYS A 38 -13.37 -6.62 2.77
CA LYS A 38 -13.25 -5.78 1.57
C LYS A 38 -11.84 -5.92 0.97
N MET A 39 -10.78 -5.85 1.79
CA MET A 39 -9.39 -5.97 1.34
C MET A 39 -9.18 -7.34 0.70
N LYS A 40 -9.88 -8.37 1.19
CA LYS A 40 -9.82 -9.74 0.68
C LYS A 40 -10.03 -9.76 -0.82
N ARG A 41 -10.99 -8.98 -1.33
CA ARG A 41 -11.25 -8.95 -2.77
C ARG A 41 -10.12 -8.23 -3.49
N VAL A 42 -9.62 -7.12 -2.95
CA VAL A 42 -8.54 -6.32 -3.53
C VAL A 42 -7.31 -7.16 -3.79
N VAL A 43 -6.85 -7.93 -2.80
CA VAL A 43 -5.66 -8.75 -2.99
C VAL A 43 -5.93 -9.80 -4.07
N GLN A 44 -7.06 -10.50 -3.97
CA GLN A 44 -7.41 -11.54 -4.91
C GLN A 44 -7.52 -10.98 -6.33
N HIS A 45 -8.00 -9.75 -6.46
CA HIS A 45 -8.13 -9.06 -7.73
C HIS A 45 -6.73 -8.82 -8.29
N THR A 46 -5.83 -8.19 -7.52
CA THR A 46 -4.47 -7.90 -7.96
C THR A 46 -3.65 -9.14 -8.32
N LYS A 47 -3.84 -10.25 -7.60
CA LYS A 47 -3.14 -11.52 -7.83
C LYS A 47 -3.39 -12.09 -9.24
N GLY A 48 -4.49 -11.70 -9.88
CA GLY A 48 -4.85 -12.16 -11.22
C GLY A 48 -4.89 -11.02 -12.23
N CYS A 49 -4.43 -9.81 -11.89
CA CYS A 49 -4.49 -8.69 -12.82
C CYS A 49 -3.25 -8.67 -13.72
N LYS A 50 -3.39 -9.26 -14.90
CA LYS A 50 -2.31 -9.32 -15.89
C LYS A 50 -2.46 -8.16 -16.90
N ARG A 51 -3.54 -7.39 -16.78
CA ARG A 51 -3.80 -6.23 -17.65
C ARG A 51 -2.83 -5.09 -17.32
N LYS A 52 -2.06 -5.18 -16.23
CA LYS A 52 -1.10 -4.16 -15.81
C LYS A 52 -0.20 -3.72 -16.98
N THR A 53 0.15 -4.63 -17.88
CA THR A 53 0.96 -4.36 -19.06
C THR A 53 0.23 -3.39 -20.02
N ASN A 54 -1.01 -3.72 -20.40
CA ASN A 54 -1.85 -2.95 -21.32
C ASN A 54 -2.50 -1.72 -20.71
N GLY A 55 -2.56 -1.61 -19.39
CA GLY A 55 -3.15 -0.49 -18.68
C GLY A 55 -4.08 -1.09 -17.64
N GLY A 56 -3.49 -1.59 -16.56
CA GLY A 56 -4.24 -2.18 -15.49
C GLY A 56 -5.00 -1.09 -14.75
N CYS A 57 -5.98 -1.55 -13.99
CA CYS A 57 -6.84 -0.68 -13.16
C CYS A 57 -6.00 0.18 -12.17
N PRO A 58 -6.60 1.17 -11.47
CA PRO A 58 -5.82 1.97 -10.53
C PRO A 58 -5.40 1.13 -9.32
N ILE A 59 -6.21 0.16 -8.90
CA ILE A 59 -5.95 -0.72 -7.75
C ILE A 59 -4.58 -1.38 -7.94
N CYS A 60 -4.30 -1.89 -9.15
CA CYS A 60 -3.06 -2.54 -9.48
C CYS A 60 -1.81 -1.68 -9.21
N LYS A 61 -1.85 -0.38 -9.56
CA LYS A 61 -0.71 0.51 -9.29
C LYS A 61 -0.73 0.97 -7.84
N GLN A 62 -1.90 1.34 -7.32
CA GLN A 62 -2.13 1.81 -5.97
C GLN A 62 -1.63 0.81 -4.93
N LEU A 63 -1.87 -0.50 -5.11
CA LEU A 63 -1.47 -1.54 -4.17
C LEU A 63 0.02 -1.46 -3.80
N ILE A 64 0.86 -1.27 -4.80
CA ILE A 64 2.31 -1.18 -4.65
C ILE A 64 2.72 -0.03 -3.72
N ALA A 65 1.97 1.07 -3.69
CA ALA A 65 2.27 2.23 -2.86
C ALA A 65 2.34 1.85 -1.38
N LEU A 66 1.30 1.19 -0.86
CA LEU A 66 1.26 0.78 0.55
C LEU A 66 2.11 -0.46 0.79
N ALA A 67 2.16 -1.39 -0.18
CA ALA A 67 2.94 -2.61 -0.05
C ALA A 67 4.42 -2.28 0.21
N ALA A 68 4.95 -1.21 -0.41
CA ALA A 68 6.34 -0.79 -0.22
C ALA A 68 6.61 -0.38 1.22
N TYR A 69 5.61 0.18 1.90
CA TYR A 69 5.69 0.62 3.29
C TYR A 69 5.68 -0.59 4.21
N HIS A 70 4.96 -1.65 3.85
CA HIS A 70 4.94 -2.86 4.65
C HIS A 70 6.26 -3.60 4.41
N ALA A 71 6.78 -3.61 3.18
CA ALA A 71 8.02 -4.29 2.80
C ALA A 71 9.18 -3.88 3.68
N LYS A 72 9.40 -2.58 3.90
CA LYS A 72 10.51 -2.14 4.75
C LYS A 72 10.34 -2.50 6.22
N HIS A 73 9.15 -2.94 6.65
CA HIS A 73 8.80 -3.32 8.01
C HIS A 73 8.24 -4.75 8.07
N CYS A 74 8.58 -5.62 7.12
CA CYS A 74 8.09 -6.99 7.12
C CYS A 74 8.75 -7.77 8.27
N GLN A 75 8.14 -8.89 8.64
CA GLN A 75 8.64 -9.72 9.73
C GLN A 75 9.90 -10.48 9.31
N GLU A 76 10.04 -10.77 8.02
CA GLU A 76 11.15 -11.50 7.42
C GLU A 76 11.46 -10.96 6.03
N ASN A 77 12.43 -11.59 5.37
CA ASN A 77 12.87 -11.24 4.02
C ASN A 77 11.98 -11.91 2.96
N LYS A 78 11.34 -13.04 3.28
CA LYS A 78 10.48 -13.81 2.39
C LYS A 78 9.05 -13.49 2.80
N CYS A 79 8.65 -12.25 2.51
CA CYS A 79 7.35 -11.67 2.81
C CYS A 79 6.18 -12.57 2.40
N PRO A 80 5.18 -12.78 3.28
CA PRO A 80 4.03 -13.62 2.95
C PRO A 80 3.17 -13.07 1.78
N VAL A 81 3.22 -11.77 1.48
CA VAL A 81 2.45 -11.15 0.38
C VAL A 81 3.31 -11.16 -0.90
N PRO A 82 2.74 -11.53 -2.07
CA PRO A 82 3.48 -11.59 -3.33
C PRO A 82 3.94 -10.24 -3.89
N PHE A 83 3.13 -9.20 -3.71
CA PHE A 83 3.48 -7.87 -4.21
C PHE A 83 4.60 -7.24 -3.38
N CYS A 84 4.64 -7.52 -2.07
CA CYS A 84 5.64 -7.00 -1.14
C CYS A 84 7.05 -7.42 -1.58
N LEU A 85 7.23 -8.74 -1.76
CA LEU A 85 8.52 -9.27 -2.16
C LEU A 85 8.89 -8.79 -3.57
N ASN A 86 7.91 -8.54 -4.45
CA ASN A 86 8.19 -8.07 -5.80
C ASN A 86 8.78 -6.66 -5.77
N ILE A 87 8.26 -5.79 -4.91
CA ILE A 87 8.78 -4.43 -4.77
C ILE A 87 10.23 -4.51 -4.33
N LYS A 88 10.55 -5.37 -3.35
CA LYS A 88 11.92 -5.51 -2.88
C LYS A 88 12.86 -6.00 -3.98
N GLN A 89 12.40 -6.87 -4.90
CA GLN A 89 13.24 -7.34 -6.00
C GLN A 89 13.62 -6.15 -6.90
N LYS A 90 12.75 -5.15 -7.01
CA LYS A 90 12.98 -3.94 -7.80
C LYS A 90 13.79 -2.92 -7.02
N GLY A 91 13.88 -3.06 -5.70
CA GLY A 91 14.59 -2.18 -4.78
C GLY A 91 13.68 -1.13 -4.15
N GLY A 92 12.51 -0.84 -4.75
CA GLY A 92 11.55 0.14 -4.26
C GLY A 92 12.09 1.59 -4.12
N SER A 93 13.28 1.88 -4.63
CA SER A 93 14.00 3.14 -4.59
C SER A 93 13.38 4.28 -5.43
N GLY A 94 12.29 4.06 -6.15
CA GLY A 94 11.60 5.07 -6.97
C GLY A 94 12.28 5.37 -8.30
N GLY A 95 13.62 5.39 -8.35
CA GLY A 95 14.38 5.66 -9.57
C GLY A 95 15.11 6.99 -9.51
N GLY A 96 16.03 7.14 -8.54
CA GLY A 96 16.84 8.34 -8.35
C GLY A 96 16.11 9.59 -7.83
N THR A 97 14.79 9.71 -8.01
CA THR A 97 13.98 10.83 -7.56
C THR A 97 13.96 10.85 -6.02
N GLY A 98 13.52 9.74 -5.41
CA GLY A 98 13.43 9.61 -3.98
C GLY A 98 12.31 10.46 -3.40
N GLY A 99 11.15 10.47 -4.06
CA GLY A 99 9.98 11.21 -3.66
C GLY A 99 9.98 12.64 -4.18
N GLY A 100 10.86 13.48 -3.65
CA GLY A 100 10.95 14.90 -4.01
C GLY A 100 10.50 15.78 -2.84
N SER A 101 10.46 15.20 -1.63
CA SER A 101 10.06 15.81 -0.37
C SER A 101 10.99 16.96 -0.02
N GLY A 102 12.29 16.69 0.19
CA GLY A 102 13.25 17.73 0.55
C GLY A 102 12.98 18.25 1.96
N THR A 103 12.35 17.46 2.83
CA THR A 103 11.97 17.74 4.21
C THR A 103 13.03 18.50 5.01
N ILE A 104 14.31 18.18 4.77
CA ILE A 104 15.48 18.79 5.42
C ILE A 104 15.47 20.32 5.30
N GLU A 105 14.91 20.89 4.25
CA GLU A 105 14.85 22.34 4.04
C GLU A 105 13.68 22.98 4.81
N GLY A 106 13.07 22.23 5.71
CA GLY A 106 11.93 22.69 6.51
C GLY A 106 10.66 22.67 5.67
N ARG A 107 10.60 21.83 4.62
CA ARG A 107 9.46 21.71 3.71
C ARG A 107 8.19 21.23 4.44
N GLY A 108 8.31 20.70 5.66
CA GLY A 108 7.20 20.24 6.48
C GLY A 108 6.32 19.13 5.90
N ASP A 109 6.76 18.38 4.91
CA ASP A 109 5.97 17.31 4.30
C ASP A 109 5.95 16.11 5.25
N GLY A 110 7.14 15.58 5.53
CA GLY A 110 7.40 14.43 6.39
C GLY A 110 8.20 13.37 5.66
N GLY A 111 8.22 13.38 4.32
CA GLY A 111 8.95 12.42 3.49
C GLY A 111 8.05 11.37 2.86
N THR A 112 6.74 11.55 2.94
CA THR A 112 5.69 10.69 2.41
C THR A 112 5.22 11.20 1.04
N THR A 113 6.11 11.66 0.16
CA THR A 113 5.72 12.19 -1.16
C THR A 113 4.88 11.20 -1.99
N PHE A 114 5.03 9.90 -1.76
CA PHE A 114 4.28 8.85 -2.44
C PHE A 114 2.75 9.10 -2.28
N GLU A 115 2.31 9.81 -1.24
CA GLU A 115 0.91 10.15 -1.00
C GLU A 115 0.33 10.87 -2.23
N HIS A 116 1.16 11.56 -3.01
CA HIS A 116 0.71 12.26 -4.20
C HIS A 116 0.01 11.28 -5.17
N LEU A 117 0.35 9.97 -5.15
CA LEU A 117 -0.26 8.95 -6.01
C LEU A 117 -1.75 8.76 -5.71
N TRP A 118 -2.25 9.18 -4.54
CA TRP A 118 -3.67 9.06 -4.19
C TRP A 118 -4.52 9.97 -5.06
N SER A 119 -3.86 10.81 -5.87
CA SER A 119 -4.53 11.69 -6.82
C SER A 119 -5.37 10.86 -7.81
N SER A 120 -5.02 9.58 -7.98
CA SER A 120 -5.68 8.60 -8.85
C SER A 120 -6.57 7.63 -8.06
N LEU A 121 -7.07 8.04 -6.89
CA LEU A 121 -7.93 7.24 -6.03
C LEU A 121 -9.16 8.09 -5.71
N GLU A 122 -10.23 7.85 -6.45
CA GLU A 122 -11.50 8.55 -6.28
C GLU A 122 -12.07 8.23 -4.89
N PRO A 123 -12.83 9.12 -4.24
CA PRO A 123 -13.42 8.89 -2.92
C PRO A 123 -14.53 7.82 -2.95
N ASP A 124 -14.89 7.32 -4.13
CA ASP A 124 -15.90 6.29 -4.35
C ASP A 124 -15.26 4.88 -4.27
N SER A 125 -14.02 4.84 -3.77
CA SER A 125 -13.11 3.74 -3.54
C SER A 125 -13.71 2.63 -2.68
N THR A 126 -14.63 1.86 -3.26
CA THR A 126 -15.31 0.74 -2.61
C THR A 126 -14.31 -0.31 -2.08
N TYR A 127 -13.11 -0.34 -2.65
CA TYR A 127 -12.02 -1.23 -2.34
C TYR A 127 -11.07 -0.74 -1.23
N PHE A 128 -11.04 0.55 -0.87
CA PHE A 128 -10.12 1.06 0.15
C PHE A 128 -10.83 1.70 1.33
N ASP A 129 -10.07 2.04 2.38
CA ASP A 129 -10.59 2.63 3.59
C ASP A 129 -10.94 4.10 3.41
N LEU A 130 -12.19 4.47 3.72
CA LEU A 130 -12.69 5.84 3.61
C LEU A 130 -12.14 6.67 4.76
N ALA A 1 4.84 7.51 22.31
CA ALA A 1 4.75 7.31 23.76
C ALA A 1 5.48 8.43 24.50
N THR A 2 6.74 8.72 24.15
CA THR A 2 7.54 9.76 24.78
C THR A 2 7.09 11.15 24.27
N GLN A 3 5.87 11.58 24.64
CA GLN A 3 5.29 12.87 24.24
C GLN A 3 5.38 13.07 22.72
N SER A 4 5.28 11.97 21.97
CA SER A 4 5.37 11.87 20.53
C SER A 4 4.25 12.61 19.79
N PRO A 5 4.48 13.03 18.54
CA PRO A 5 3.50 13.73 17.73
C PRO A 5 2.32 12.83 17.38
N GLY A 6 1.15 13.43 17.19
CA GLY A 6 -0.09 12.75 16.88
C GLY A 6 -0.58 13.25 15.53
N ASP A 7 -0.79 12.35 14.59
CA ASP A 7 -1.26 12.67 13.25
C ASP A 7 -2.02 11.50 12.66
N SER A 8 -3.34 11.67 12.50
CA SER A 8 -4.21 10.65 11.94
C SER A 8 -3.78 10.19 10.55
N ARG A 9 -3.08 11.01 9.76
CA ARG A 9 -2.62 10.59 8.43
C ARG A 9 -1.66 9.41 8.57
N ARG A 10 -0.88 9.37 9.65
CA ARG A 10 0.08 8.28 9.89
C ARG A 10 -0.69 7.03 10.29
N LEU A 11 -1.68 7.18 11.18
CA LEU A 11 -2.52 6.09 11.69
C LEU A 11 -3.28 5.41 10.57
N SER A 12 -3.99 6.19 9.76
CA SER A 12 -4.79 5.71 8.65
C SER A 12 -3.95 4.87 7.68
N ILE A 13 -2.76 5.36 7.32
CA ILE A 13 -1.84 4.66 6.42
C ILE A 13 -1.44 3.33 7.08
N GLN A 14 -1.04 3.34 8.36
CA GLN A 14 -0.64 2.11 9.04
C GLN A 14 -1.78 1.10 9.07
N ARG A 15 -3.00 1.50 9.43
CA ARG A 15 -4.14 0.57 9.46
C ARG A 15 -4.41 -0.03 8.09
N ALA A 16 -4.24 0.75 7.03
CA ALA A 16 -4.44 0.25 5.68
C ALA A 16 -3.43 -0.86 5.41
N ILE A 17 -2.14 -0.60 5.65
CA ILE A 17 -1.04 -1.54 5.45
C ILE A 17 -1.28 -2.83 6.25
N GLN A 18 -1.56 -2.70 7.55
CA GLN A 18 -1.81 -3.83 8.44
C GLN A 18 -2.99 -4.67 7.94
N SER A 19 -4.09 -4.01 7.55
CA SER A 19 -5.26 -4.69 7.04
C SER A 19 -4.96 -5.40 5.73
N LEU A 20 -4.11 -4.82 4.88
CA LEU A 20 -3.75 -5.40 3.60
C LEU A 20 -2.91 -6.64 3.78
N VAL A 21 -1.79 -6.58 4.52
CA VAL A 21 -0.95 -7.75 4.71
C VAL A 21 -1.77 -8.86 5.38
N HIS A 22 -2.61 -8.51 6.36
CA HIS A 22 -3.43 -9.51 7.04
C HIS A 22 -4.41 -10.13 6.05
N ALA A 23 -5.18 -9.33 5.31
CA ALA A 23 -6.16 -9.82 4.35
C ALA A 23 -5.54 -10.70 3.27
N ALA A 24 -4.28 -10.43 2.91
CA ALA A 24 -3.57 -11.19 1.90
C ALA A 24 -3.31 -12.64 2.36
N GLN A 25 -3.26 -12.92 3.67
CA GLN A 25 -3.04 -14.27 4.23
C GLN A 25 -4.17 -14.70 5.19
N CYS A 26 -5.25 -13.93 5.28
CA CYS A 26 -6.39 -14.18 6.15
C CYS A 26 -7.18 -15.44 5.77
N ARG A 27 -6.75 -16.57 6.32
CA ARG A 27 -7.39 -17.88 6.15
C ARG A 27 -8.19 -18.19 7.42
N ASN A 28 -7.89 -17.47 8.50
CA ASN A 28 -8.51 -17.57 9.80
C ASN A 28 -9.89 -16.97 9.72
N ALA A 29 -10.88 -17.84 9.48
CA ALA A 29 -12.31 -17.53 9.38
C ALA A 29 -12.88 -16.97 10.70
N ASN A 30 -12.04 -16.89 11.73
CA ASN A 30 -12.34 -16.37 13.05
C ASN A 30 -12.45 -14.84 12.96
N CYS A 31 -11.53 -14.21 12.21
CA CYS A 31 -11.46 -12.77 12.00
C CYS A 31 -12.76 -12.23 11.40
N SER A 32 -13.16 -11.05 11.85
CA SER A 32 -14.32 -10.33 11.38
C SER A 32 -14.01 -8.85 11.57
N LEU A 33 -13.57 -8.19 10.50
CA LEU A 33 -13.24 -6.76 10.47
C LEU A 33 -13.73 -6.22 9.13
N PRO A 34 -14.37 -5.03 9.08
CA PRO A 34 -14.83 -4.46 7.83
C PRO A 34 -13.64 -4.18 6.90
N SER A 35 -12.50 -3.79 7.47
CA SER A 35 -11.33 -3.52 6.64
C SER A 35 -10.72 -4.81 6.10
N CYS A 36 -10.91 -5.96 6.77
CA CYS A 36 -10.38 -7.23 6.31
C CYS A 36 -11.19 -7.71 5.09
N GLN A 37 -12.52 -7.77 5.22
CA GLN A 37 -13.40 -8.22 4.14
C GLN A 37 -13.18 -7.46 2.83
N LYS A 38 -13.11 -6.12 2.85
CA LYS A 38 -12.91 -5.37 1.61
C LYS A 38 -11.55 -5.67 0.97
N MET A 39 -10.51 -5.81 1.80
CA MET A 39 -9.17 -6.07 1.35
C MET A 39 -9.11 -7.42 0.62
N LYS A 40 -9.95 -8.39 0.99
CA LYS A 40 -9.96 -9.69 0.32
C LYS A 40 -10.20 -9.53 -1.17
N ARG A 41 -11.01 -8.54 -1.56
CA ARG A 41 -11.34 -8.27 -2.95
C ARG A 41 -10.15 -7.73 -3.71
N VAL A 42 -9.50 -6.68 -3.21
CA VAL A 42 -8.34 -6.11 -3.91
C VAL A 42 -7.19 -7.11 -3.99
N VAL A 43 -6.93 -7.92 -2.95
CA VAL A 43 -5.84 -8.87 -3.06
C VAL A 43 -6.20 -9.93 -4.11
N GLN A 44 -7.46 -10.37 -4.14
CA GLN A 44 -7.94 -11.35 -5.11
C GLN A 44 -7.80 -10.80 -6.53
N HIS A 45 -8.15 -9.53 -6.73
CA HIS A 45 -8.05 -8.86 -8.02
C HIS A 45 -6.58 -8.82 -8.45
N THR A 46 -5.70 -8.29 -7.60
CA THR A 46 -4.27 -8.16 -7.89
C THR A 46 -3.53 -9.50 -8.09
N LYS A 47 -3.90 -10.58 -7.40
CA LYS A 47 -3.23 -11.89 -7.53
C LYS A 47 -3.33 -12.45 -8.96
N GLY A 48 -4.39 -12.14 -9.68
CA GLY A 48 -4.62 -12.60 -11.05
C GLY A 48 -4.59 -11.50 -12.12
N CYS A 49 -4.32 -10.24 -11.74
CA CYS A 49 -4.26 -9.12 -12.66
C CYS A 49 -3.08 -9.28 -13.62
N LYS A 50 -3.32 -9.86 -14.79
CA LYS A 50 -2.30 -10.07 -15.82
C LYS A 50 -2.36 -8.91 -16.82
N ARG A 51 -3.42 -8.09 -16.79
CA ARG A 51 -3.61 -6.92 -17.67
C ARG A 51 -2.53 -5.86 -17.41
N LYS A 52 -1.94 -5.84 -16.20
CA LYS A 52 -0.89 -4.92 -15.79
C LYS A 52 0.36 -4.96 -16.67
N THR A 53 0.57 -6.00 -17.46
CA THR A 53 1.74 -6.10 -18.32
C THR A 53 1.84 -4.94 -19.32
N ASN A 54 0.70 -4.33 -19.69
CA ASN A 54 0.64 -3.20 -20.62
C ASN A 54 0.04 -1.96 -19.97
N GLY A 55 -1.13 -2.10 -19.35
CA GLY A 55 -1.83 -1.02 -18.70
C GLY A 55 -2.90 -1.61 -17.79
N GLY A 56 -2.54 -1.82 -16.54
CA GLY A 56 -3.42 -2.38 -15.52
C GLY A 56 -4.26 -1.32 -14.82
N CYS A 57 -5.28 -1.78 -14.10
CA CYS A 57 -6.20 -0.95 -13.34
C CYS A 57 -5.41 -0.07 -12.34
N PRO A 58 -6.03 0.95 -11.72
CA PRO A 58 -5.32 1.80 -10.76
C PRO A 58 -4.90 0.98 -9.53
N ILE A 59 -5.72 0.02 -9.11
CA ILE A 59 -5.50 -0.86 -7.96
C ILE A 59 -4.16 -1.59 -8.08
N CYS A 60 -3.82 -2.08 -9.26
CA CYS A 60 -2.58 -2.81 -9.51
C CYS A 60 -1.36 -1.97 -9.07
N LYS A 61 -1.36 -0.68 -9.42
CA LYS A 61 -0.30 0.25 -9.07
C LYS A 61 -0.43 0.73 -7.63
N GLN A 62 -1.64 1.00 -7.15
CA GLN A 62 -1.87 1.47 -5.79
C GLN A 62 -1.45 0.42 -4.76
N LEU A 63 -1.69 -0.87 -5.03
CA LEU A 63 -1.29 -1.93 -4.10
C LEU A 63 0.22 -1.84 -3.89
N ILE A 64 1.00 -1.63 -4.98
CA ILE A 64 2.44 -1.52 -4.89
C ILE A 64 2.83 -0.25 -4.13
N ALA A 65 2.13 0.86 -4.34
CA ALA A 65 2.41 2.12 -3.67
C ALA A 65 2.32 1.95 -2.16
N LEU A 66 1.26 1.31 -1.67
CA LEU A 66 1.05 1.10 -0.25
C LEU A 66 1.94 -0.04 0.26
N ALA A 67 2.04 -1.16 -0.47
CA ALA A 67 2.86 -2.31 -0.10
C ALA A 67 4.32 -1.88 0.10
N ALA A 68 4.77 -0.81 -0.57
CA ALA A 68 6.11 -0.27 -0.45
C ALA A 68 6.46 0.00 1.02
N TYR A 69 5.50 0.51 1.80
CA TYR A 69 5.70 0.81 3.20
C TYR A 69 6.00 -0.44 3.99
N HIS A 70 5.35 -1.55 3.67
CA HIS A 70 5.59 -2.81 4.35
C HIS A 70 6.92 -3.38 3.85
N ALA A 71 7.18 -3.31 2.54
CA ALA A 71 8.39 -3.81 1.92
C ALA A 71 9.66 -3.25 2.57
N LYS A 72 9.71 -1.95 2.87
CA LYS A 72 10.88 -1.33 3.52
C LYS A 72 11.12 -1.81 4.96
N HIS A 73 10.17 -2.54 5.56
CA HIS A 73 10.27 -3.06 6.91
C HIS A 73 10.38 -4.59 6.89
N CYS A 74 10.08 -5.24 5.74
CA CYS A 74 10.15 -6.68 5.62
C CYS A 74 11.62 -7.05 5.47
N GLN A 75 12.07 -8.01 6.27
CA GLN A 75 13.44 -8.53 6.30
C GLN A 75 13.46 -10.06 6.33
N GLU A 76 12.27 -10.63 6.28
CA GLU A 76 12.04 -12.07 6.28
C GLU A 76 12.51 -12.71 4.97
N ASN A 77 12.52 -14.04 4.92
CA ASN A 77 12.94 -14.81 3.74
C ASN A 77 12.06 -14.45 2.55
N LYS A 78 10.77 -14.83 2.59
CA LYS A 78 9.79 -14.56 1.55
C LYS A 78 8.46 -14.29 2.24
N CYS A 79 8.16 -13.00 2.41
CA CYS A 79 6.95 -12.51 3.02
C CYS A 79 5.71 -13.18 2.39
N PRO A 80 4.61 -13.41 3.13
CA PRO A 80 3.39 -14.02 2.62
C PRO A 80 2.75 -13.17 1.52
N VAL A 81 3.06 -11.87 1.46
CA VAL A 81 2.53 -10.97 0.46
C VAL A 81 3.44 -11.15 -0.77
N PRO A 82 2.92 -11.60 -1.92
CA PRO A 82 3.72 -11.82 -3.12
C PRO A 82 4.19 -10.49 -3.72
N PHE A 83 3.47 -9.40 -3.48
CA PHE A 83 3.82 -8.09 -4.00
C PHE A 83 4.99 -7.48 -3.23
N CYS A 84 5.19 -7.83 -1.95
CA CYS A 84 6.27 -7.31 -1.13
C CYS A 84 7.64 -7.67 -1.74
N LEU A 85 7.85 -8.97 -1.98
CA LEU A 85 9.10 -9.44 -2.58
C LEU A 85 9.20 -8.99 -4.04
N ASN A 86 8.05 -8.83 -4.72
CA ASN A 86 8.03 -8.39 -6.11
C ASN A 86 8.53 -6.96 -6.23
N ILE A 87 8.21 -6.06 -5.29
CA ILE A 87 8.68 -4.68 -5.29
C ILE A 87 10.23 -4.71 -5.34
N LYS A 88 10.87 -5.59 -4.57
CA LYS A 88 12.34 -5.70 -4.55
C LYS A 88 12.89 -6.16 -5.90
N GLN A 89 12.11 -6.88 -6.72
CA GLN A 89 12.59 -7.33 -8.01
C GLN A 89 12.80 -6.13 -8.95
N LYS A 90 11.98 -5.08 -8.79
CA LYS A 90 12.04 -3.89 -9.63
C LYS A 90 12.98 -2.83 -9.07
N GLY A 91 12.87 -2.50 -7.79
CA GLY A 91 13.68 -1.47 -7.15
C GLY A 91 13.09 -0.06 -7.29
N GLY A 92 12.09 0.14 -8.16
CA GLY A 92 11.44 1.44 -8.38
C GLY A 92 11.96 2.20 -9.60
N SER A 93 12.57 1.49 -10.56
CA SER A 93 13.12 2.06 -11.79
C SER A 93 12.10 2.95 -12.50
N GLY A 94 12.56 4.07 -13.06
CA GLY A 94 11.73 5.03 -13.77
C GLY A 94 12.11 6.47 -13.48
N GLY A 95 13.38 6.78 -13.16
CA GLY A 95 13.82 8.14 -12.87
C GLY A 95 13.21 8.72 -11.59
N GLY A 96 12.74 7.85 -10.68
CA GLY A 96 12.14 8.27 -9.42
C GLY A 96 10.85 9.05 -9.63
N THR A 97 9.90 8.50 -10.40
CA THR A 97 8.60 9.11 -10.68
C THR A 97 7.84 9.41 -9.36
N GLY A 98 6.77 10.19 -9.43
CA GLY A 98 5.98 10.53 -8.26
C GLY A 98 6.75 11.53 -7.39
N GLY A 99 7.35 12.54 -8.01
CA GLY A 99 8.12 13.59 -7.37
C GLY A 99 9.39 13.13 -6.66
N GLY A 100 9.72 11.83 -6.70
CA GLY A 100 10.89 11.27 -6.05
C GLY A 100 10.62 11.08 -4.56
N SER A 101 9.37 10.84 -4.17
CA SER A 101 8.94 10.62 -2.80
C SER A 101 9.61 9.38 -2.17
N GLY A 102 9.32 9.12 -0.90
CA GLY A 102 9.86 7.98 -0.17
C GLY A 102 10.74 8.36 1.01
N THR A 103 10.82 9.65 1.36
CA THR A 103 11.64 10.10 2.49
C THR A 103 11.02 9.49 3.75
N ILE A 104 11.85 8.88 4.60
CA ILE A 104 11.38 8.29 5.85
C ILE A 104 10.92 9.47 6.72
N GLU A 105 11.87 10.34 7.08
CA GLU A 105 11.67 11.54 7.90
C GLU A 105 12.73 12.57 7.50
N GLY A 106 12.64 13.79 8.02
CA GLY A 106 13.54 14.91 7.82
C GLY A 106 13.11 15.97 6.81
N ARG A 107 12.21 15.67 5.86
CA ARG A 107 11.71 16.59 4.84
C ARG A 107 10.55 15.95 4.07
N GLY A 108 10.14 16.55 2.95
CA GLY A 108 9.08 16.06 2.10
C GLY A 108 7.71 16.15 2.74
N ASP A 109 7.40 17.31 3.33
CA ASP A 109 6.15 17.71 4.00
C ASP A 109 5.60 16.72 5.05
N GLY A 110 6.35 15.68 5.42
CA GLY A 110 5.96 14.66 6.39
C GLY A 110 6.53 13.29 6.05
N GLY A 111 7.27 13.15 4.94
CA GLY A 111 7.87 11.91 4.47
C GLY A 111 6.84 11.15 3.64
N THR A 112 5.61 11.13 4.14
CA THR A 112 4.41 10.51 3.60
C THR A 112 3.93 11.17 2.29
N THR A 113 4.68 12.11 1.71
CA THR A 113 4.30 12.80 0.48
C THR A 113 3.86 11.86 -0.66
N PHE A 114 4.21 10.57 -0.63
CA PHE A 114 3.78 9.60 -1.64
C PHE A 114 2.24 9.61 -1.70
N GLU A 115 1.57 10.00 -0.59
CA GLU A 115 0.14 10.12 -0.44
C GLU A 115 -0.48 10.93 -1.58
N HIS A 116 0.29 11.84 -2.21
CA HIS A 116 -0.17 12.66 -3.30
C HIS A 116 -0.81 11.81 -4.42
N LEU A 117 -0.44 10.52 -4.55
CA LEU A 117 -1.01 9.63 -5.55
C LEU A 117 -2.52 9.51 -5.34
N TRP A 118 -2.98 9.47 -4.08
CA TRP A 118 -4.39 9.35 -3.74
C TRP A 118 -5.21 10.52 -4.30
N SER A 119 -4.58 11.66 -4.64
CA SER A 119 -5.31 12.80 -5.21
C SER A 119 -5.79 12.48 -6.63
N SER A 120 -5.22 11.46 -7.29
CA SER A 120 -5.61 11.05 -8.63
C SER A 120 -6.75 10.02 -8.57
N LEU A 121 -7.23 9.66 -7.37
CA LEU A 121 -8.32 8.71 -7.14
C LEU A 121 -9.56 9.51 -6.72
N GLU A 122 -10.66 8.81 -6.47
CA GLU A 122 -11.92 9.42 -6.06
C GLU A 122 -12.29 8.86 -4.69
N PRO A 123 -12.90 9.66 -3.79
CA PRO A 123 -13.26 9.21 -2.46
C PRO A 123 -14.29 8.09 -2.41
N ASP A 124 -15.11 7.89 -3.46
CA ASP A 124 -16.13 6.84 -3.48
C ASP A 124 -15.57 5.43 -3.71
N SER A 125 -14.24 5.25 -3.64
CA SER A 125 -13.48 4.01 -3.82
C SER A 125 -14.19 2.77 -3.28
N THR A 126 -14.85 2.03 -4.17
CA THR A 126 -15.59 0.81 -3.87
C THR A 126 -14.66 -0.38 -3.59
N TYR A 127 -13.35 -0.18 -3.66
CA TYR A 127 -12.36 -1.22 -3.44
C TYR A 127 -11.40 -0.99 -2.27
N PHE A 128 -11.29 0.23 -1.73
CA PHE A 128 -10.41 0.59 -0.63
C PHE A 128 -11.22 1.20 0.51
N ASP A 129 -10.54 1.73 1.53
CA ASP A 129 -11.18 2.38 2.68
C ASP A 129 -11.53 3.80 2.24
N LEU A 130 -12.80 4.17 2.37
CA LEU A 130 -13.27 5.50 2.01
C LEU A 130 -12.52 6.51 2.84
N ALA A 1 17.09 15.00 14.12
CA ALA A 1 15.81 15.64 14.41
C ALA A 1 14.96 14.70 15.25
N THR A 2 13.91 15.22 15.91
CA THR A 2 13.00 14.46 16.75
C THR A 2 11.57 14.52 16.18
N GLN A 3 10.65 13.81 16.83
CA GLN A 3 9.24 13.73 16.45
C GLN A 3 8.50 14.98 16.96
N SER A 4 7.23 15.17 16.61
CA SER A 4 6.47 16.32 17.04
C SER A 4 4.96 16.05 17.03
N PRO A 5 4.13 16.83 17.76
CA PRO A 5 2.69 16.64 17.79
C PRO A 5 2.07 17.02 16.44
N GLY A 6 1.72 16.00 15.65
CA GLY A 6 1.12 16.14 14.33
C GLY A 6 1.58 14.99 13.43
N ASP A 7 1.19 13.76 13.76
CA ASP A 7 1.55 12.54 13.01
C ASP A 7 0.33 11.71 12.62
N SER A 8 -0.88 12.27 12.67
CA SER A 8 -2.11 11.56 12.31
C SER A 8 -1.99 10.91 10.93
N ARG A 9 -1.32 11.55 9.95
CA ARG A 9 -1.17 10.94 8.63
C ARG A 9 -0.44 9.61 8.77
N ARG A 10 0.69 9.60 9.49
CA ARG A 10 1.49 8.41 9.73
C ARG A 10 0.62 7.34 10.36
N LEU A 11 -0.19 7.69 11.37
CA LEU A 11 -1.06 6.73 12.03
C LEU A 11 -2.01 6.10 11.02
N SER A 12 -2.72 6.91 10.22
CA SER A 12 -3.67 6.42 9.22
C SER A 12 -3.01 5.49 8.21
N ILE A 13 -1.84 5.88 7.68
CA ILE A 13 -1.09 5.09 6.71
C ILE A 13 -0.83 3.71 7.30
N GLN A 14 -0.38 3.65 8.56
CA GLN A 14 -0.10 2.39 9.23
C GLN A 14 -1.34 1.51 9.33
N ARG A 15 -2.50 2.07 9.68
CA ARG A 15 -3.75 1.32 9.79
C ARG A 15 -4.06 0.68 8.44
N ALA A 16 -3.99 1.45 7.36
CA ALA A 16 -4.26 0.96 6.01
C ALA A 16 -3.28 -0.17 5.66
N ILE A 17 -1.97 0.06 5.84
CA ILE A 17 -0.94 -0.93 5.54
C ILE A 17 -1.19 -2.23 6.30
N GLN A 18 -1.44 -2.15 7.62
CA GLN A 18 -1.67 -3.31 8.47
C GLN A 18 -2.87 -4.13 8.02
N SER A 19 -3.96 -3.51 7.59
CA SER A 19 -5.14 -4.27 7.14
C SER A 19 -4.90 -4.82 5.73
N LEU A 20 -4.15 -4.11 4.89
CA LEU A 20 -3.85 -4.50 3.51
C LEU A 20 -3.06 -5.82 3.46
N VAL A 21 -1.92 -5.88 4.17
CA VAL A 21 -1.08 -7.06 4.24
C VAL A 21 -1.85 -8.21 4.88
N HIS A 22 -2.49 -7.94 6.02
CA HIS A 22 -3.23 -8.96 6.73
C HIS A 22 -4.23 -9.62 5.80
N ALA A 23 -5.08 -8.84 5.11
CA ALA A 23 -6.08 -9.36 4.21
C ALA A 23 -5.50 -10.16 3.06
N ALA A 24 -4.28 -9.83 2.61
CA ALA A 24 -3.61 -10.50 1.51
C ALA A 24 -3.19 -11.93 1.86
N GLN A 25 -3.08 -12.26 3.15
CA GLN A 25 -2.69 -13.58 3.63
C GLN A 25 -3.76 -14.21 4.53
N CYS A 26 -4.82 -13.47 4.87
CA CYS A 26 -5.93 -13.89 5.72
C CYS A 26 -6.78 -15.00 5.10
N ARG A 27 -6.24 -16.21 5.20
CA ARG A 27 -6.81 -17.48 4.75
C ARG A 27 -7.55 -18.11 5.94
N ASN A 28 -7.42 -17.49 7.12
CA ASN A 28 -8.00 -17.90 8.37
C ASN A 28 -9.52 -17.80 8.35
N ALA A 29 -10.13 -18.56 9.25
CA ALA A 29 -11.57 -18.60 9.45
C ALA A 29 -12.01 -17.64 10.58
N ASN A 30 -11.21 -17.60 11.65
CA ASN A 30 -11.39 -16.81 12.87
C ASN A 30 -11.54 -15.30 12.69
N CYS A 31 -10.57 -14.66 12.01
CA CYS A 31 -10.54 -13.23 11.79
C CYS A 31 -11.86 -12.71 11.20
N SER A 32 -12.35 -11.57 11.71
CA SER A 32 -13.57 -10.94 11.26
C SER A 32 -13.51 -9.46 11.62
N LEU A 33 -13.12 -8.62 10.65
CA LEU A 33 -13.02 -7.17 10.76
C LEU A 33 -13.59 -6.59 9.46
N PRO A 34 -14.20 -5.39 9.47
CA PRO A 34 -14.77 -4.78 8.27
C PRO A 34 -13.68 -4.45 7.25
N SER A 35 -12.52 -3.95 7.71
CA SER A 35 -11.41 -3.62 6.83
C SER A 35 -10.82 -4.91 6.23
N CYS A 36 -10.65 -5.95 7.06
CA CYS A 36 -10.11 -7.24 6.65
C CYS A 36 -10.93 -7.81 5.49
N GLN A 37 -12.25 -7.88 5.66
CA GLN A 37 -13.14 -8.43 4.64
C GLN A 37 -13.18 -7.60 3.35
N LYS A 38 -13.23 -6.26 3.41
CA LYS A 38 -13.28 -5.48 2.17
C LYS A 38 -11.95 -5.56 1.44
N MET A 39 -10.84 -5.60 2.18
CA MET A 39 -9.50 -5.69 1.65
C MET A 39 -9.36 -7.00 0.86
N LYS A 40 -10.07 -8.08 1.25
CA LYS A 40 -9.99 -9.34 0.51
C LYS A 40 -10.23 -9.12 -0.98
N ARG A 41 -11.08 -8.15 -1.37
CA ARG A 41 -11.35 -7.86 -2.77
C ARG A 41 -10.07 -7.46 -3.49
N VAL A 42 -9.23 -6.63 -2.87
CA VAL A 42 -7.98 -6.17 -3.46
C VAL A 42 -7.11 -7.38 -3.82
N VAL A 43 -6.85 -8.30 -2.90
CA VAL A 43 -6.00 -9.45 -3.22
C VAL A 43 -6.70 -10.37 -4.24
N GLN A 44 -8.03 -10.49 -4.17
CA GLN A 44 -8.81 -11.31 -5.11
C GLN A 44 -8.66 -10.75 -6.53
N HIS A 45 -8.59 -9.43 -6.65
CA HIS A 45 -8.44 -8.67 -7.86
C HIS A 45 -7.01 -8.81 -8.36
N THR A 46 -5.98 -8.58 -7.53
CA THR A 46 -4.56 -8.66 -7.92
C THR A 46 -4.22 -10.02 -8.54
N LYS A 47 -4.82 -11.10 -8.02
CA LYS A 47 -4.63 -12.48 -8.51
C LYS A 47 -5.05 -12.59 -9.98
N GLY A 48 -5.99 -11.76 -10.43
CA GLY A 48 -6.49 -11.72 -11.80
C GLY A 48 -5.89 -10.65 -12.70
N CYS A 49 -5.26 -9.60 -12.16
CA CYS A 49 -4.67 -8.49 -12.90
C CYS A 49 -3.47 -8.78 -13.83
N LYS A 50 -3.66 -9.57 -14.88
CA LYS A 50 -2.58 -9.86 -15.83
C LYS A 50 -2.48 -8.75 -16.88
N ARG A 51 -3.52 -7.92 -17.00
CA ARG A 51 -3.62 -6.78 -17.92
C ARG A 51 -2.57 -5.70 -17.64
N LYS A 52 -1.99 -5.69 -16.44
CA LYS A 52 -0.99 -4.73 -15.98
C LYS A 52 0.26 -4.66 -16.86
N THR A 53 0.53 -5.63 -17.74
CA THR A 53 1.69 -5.59 -18.62
C THR A 53 1.60 -4.39 -19.56
N ASN A 54 0.38 -4.00 -19.96
CA ASN A 54 0.12 -2.90 -20.87
C ASN A 54 -0.75 -1.82 -20.24
N GLY A 55 -1.89 -2.20 -19.68
CA GLY A 55 -2.83 -1.27 -19.07
C GLY A 55 -3.68 -1.94 -18.00
N GLY A 56 -3.13 -2.03 -16.80
CA GLY A 56 -3.79 -2.62 -15.65
C GLY A 56 -4.63 -1.56 -14.95
N CYS A 57 -5.53 -2.03 -14.09
CA CYS A 57 -6.42 -1.21 -13.30
C CYS A 57 -5.58 -0.26 -12.41
N PRO A 58 -6.14 0.85 -11.89
CA PRO A 58 -5.38 1.75 -11.02
C PRO A 58 -5.04 1.02 -9.71
N ILE A 59 -5.88 0.06 -9.31
CA ILE A 59 -5.72 -0.76 -8.10
C ILE A 59 -4.34 -1.43 -8.14
N CYS A 60 -3.91 -1.94 -9.31
CA CYS A 60 -2.64 -2.60 -9.52
C CYS A 60 -1.46 -1.70 -9.13
N LYS A 61 -1.49 -0.45 -9.58
CA LYS A 61 -0.44 0.55 -9.32
C LYS A 61 -0.45 0.95 -7.86
N GLN A 62 -1.62 1.29 -7.31
CA GLN A 62 -1.71 1.71 -5.91
C GLN A 62 -1.34 0.58 -4.96
N LEU A 63 -1.54 -0.70 -5.30
CA LEU A 63 -1.19 -1.75 -4.36
C LEU A 63 0.29 -1.62 -4.00
N ILE A 64 1.13 -1.37 -5.00
CA ILE A 64 2.58 -1.21 -4.81
C ILE A 64 2.89 0.06 -4.02
N ALA A 65 2.08 1.13 -4.18
CA ALA A 65 2.30 2.38 -3.46
C ALA A 65 2.24 2.13 -1.94
N LEU A 66 1.18 1.46 -1.48
CA LEU A 66 1.00 1.16 -0.07
C LEU A 66 1.83 -0.04 0.39
N ALA A 67 1.92 -1.11 -0.42
CA ALA A 67 2.66 -2.31 -0.10
C ALA A 67 4.15 -2.04 0.10
N ALA A 68 4.72 -1.01 -0.54
CA ALA A 68 6.13 -0.68 -0.37
C ALA A 68 6.46 -0.35 1.08
N TYR A 69 5.51 0.18 1.86
CA TYR A 69 5.77 0.50 3.26
C TYR A 69 5.91 -0.81 4.02
N HIS A 70 4.99 -1.77 3.86
CA HIS A 70 5.15 -3.04 4.56
C HIS A 70 6.45 -3.72 4.10
N ALA A 71 6.91 -3.52 2.85
CA ALA A 71 8.15 -4.13 2.35
C ALA A 71 9.36 -3.73 3.21
N LYS A 72 9.34 -2.56 3.86
CA LYS A 72 10.41 -2.08 4.75
C LYS A 72 10.13 -2.42 6.22
N HIS A 73 9.03 -3.10 6.52
CA HIS A 73 8.64 -3.48 7.88
C HIS A 73 8.54 -5.01 8.03
N CYS A 74 8.49 -5.77 6.94
CA CYS A 74 8.42 -7.22 6.96
C CYS A 74 9.80 -7.75 7.32
N GLN A 75 9.92 -8.27 8.53
CA GLN A 75 11.13 -8.86 9.09
C GLN A 75 11.52 -10.15 8.33
N GLU A 76 10.56 -10.75 7.64
CA GLU A 76 10.73 -11.96 6.87
C GLU A 76 11.34 -11.67 5.50
N ASN A 77 11.99 -12.70 4.95
CA ASN A 77 12.63 -12.70 3.64
C ASN A 77 11.84 -13.59 2.68
N LYS A 78 10.70 -14.13 3.15
CA LYS A 78 9.78 -15.00 2.44
C LYS A 78 8.37 -14.59 2.83
N CYS A 79 7.98 -13.37 2.44
CA CYS A 79 6.68 -12.81 2.73
C CYS A 79 5.55 -13.67 2.14
N PRO A 80 4.38 -13.68 2.78
CA PRO A 80 3.20 -14.42 2.34
C PRO A 80 2.37 -13.62 1.32
N VAL A 81 2.81 -12.41 0.96
CA VAL A 81 2.15 -11.52 0.01
C VAL A 81 3.03 -11.47 -1.23
N PRO A 82 2.48 -11.73 -2.43
CA PRO A 82 3.24 -11.72 -3.67
C PRO A 82 3.72 -10.32 -4.07
N PHE A 83 3.02 -9.28 -3.64
CA PHE A 83 3.40 -7.91 -3.96
C PHE A 83 4.59 -7.44 -3.11
N CYS A 84 4.71 -7.89 -1.86
CA CYS A 84 5.81 -7.52 -0.98
C CYS A 84 7.13 -7.98 -1.62
N LEU A 85 7.21 -9.27 -1.97
CA LEU A 85 8.40 -9.85 -2.58
C LEU A 85 8.73 -9.18 -3.91
N ASN A 86 7.71 -8.87 -4.72
CA ASN A 86 7.87 -8.22 -6.02
C ASN A 86 8.58 -6.88 -5.87
N ILE A 87 8.17 -6.10 -4.88
CA ILE A 87 8.75 -4.81 -4.60
C ILE A 87 10.25 -5.01 -4.28
N LYS A 88 10.62 -5.96 -3.41
CA LYS A 88 12.02 -6.20 -3.06
C LYS A 88 12.84 -6.68 -4.25
N GLN A 89 12.26 -7.51 -5.12
CA GLN A 89 12.93 -8.06 -6.30
C GLN A 89 13.36 -6.93 -7.23
N LYS A 90 12.52 -5.90 -7.37
CA LYS A 90 12.80 -4.77 -8.23
C LYS A 90 13.60 -3.67 -7.52
N GLY A 91 13.49 -3.57 -6.19
CA GLY A 91 14.13 -2.57 -5.36
C GLY A 91 13.30 -1.31 -5.53
N GLY A 92 13.38 -0.67 -6.69
CA GLY A 92 12.61 0.53 -7.04
C GLY A 92 13.04 1.71 -6.18
N SER A 93 14.25 2.20 -6.44
CA SER A 93 14.88 3.33 -5.75
C SER A 93 13.98 4.55 -5.64
N GLY A 94 13.22 4.89 -6.69
CA GLY A 94 12.33 6.05 -6.71
C GLY A 94 12.97 7.26 -7.36
N GLY A 95 13.92 7.07 -8.28
CA GLY A 95 14.63 8.13 -9.03
C GLY A 95 15.40 9.17 -8.22
N GLY A 96 15.48 9.07 -6.89
CA GLY A 96 16.18 10.02 -6.03
C GLY A 96 15.26 11.06 -5.38
N THR A 97 13.94 10.86 -5.42
CA THR A 97 12.86 11.71 -4.89
C THR A 97 12.88 12.14 -3.39
N GLY A 98 13.97 11.93 -2.65
CA GLY A 98 14.09 12.31 -1.23
C GLY A 98 13.58 11.28 -0.21
N GLY A 99 12.83 10.26 -0.64
CA GLY A 99 12.32 9.21 0.23
C GLY A 99 11.50 9.67 1.44
N GLY A 100 10.84 10.84 1.38
CA GLY A 100 10.03 11.36 2.48
C GLY A 100 10.84 12.18 3.48
N SER A 101 11.96 12.77 3.05
CA SER A 101 12.79 13.58 3.91
C SER A 101 12.01 14.82 4.37
N GLY A 102 11.28 15.47 3.46
CA GLY A 102 10.51 16.66 3.77
C GLY A 102 11.45 17.84 4.00
N THR A 103 12.46 18.00 3.13
CA THR A 103 13.47 19.04 3.16
C THR A 103 12.90 20.40 2.82
N ILE A 104 12.04 20.43 1.80
CA ILE A 104 11.40 21.63 1.28
C ILE A 104 9.93 21.33 1.03
N GLU A 105 9.62 20.14 0.51
CA GLU A 105 8.22 19.82 0.23
C GLU A 105 7.57 19.40 1.55
N GLY A 106 6.24 19.43 1.56
CA GLY A 106 5.42 19.08 2.72
C GLY A 106 5.40 20.18 3.77
N ARG A 107 6.49 20.96 3.89
CA ARG A 107 6.67 22.06 4.82
C ARG A 107 6.13 21.68 6.20
N GLY A 108 6.66 20.59 6.76
CA GLY A 108 6.25 20.07 8.06
C GLY A 108 5.04 19.18 7.87
N ASP A 109 5.17 18.16 7.01
CA ASP A 109 4.12 17.18 6.69
C ASP A 109 4.37 15.82 7.35
N GLY A 110 5.59 15.57 7.84
CA GLY A 110 5.95 14.30 8.46
C GLY A 110 6.58 13.35 7.46
N GLY A 111 6.81 13.75 6.20
CA GLY A 111 7.42 12.94 5.15
C GLY A 111 6.46 12.02 4.41
N THR A 112 5.17 12.35 4.36
CA THR A 112 4.11 11.56 3.73
C THR A 112 3.61 12.10 2.38
N THR A 113 4.42 12.87 1.65
CA THR A 113 3.98 13.42 0.37
C THR A 113 3.47 12.38 -0.63
N PHE A 114 3.85 11.10 -0.54
CA PHE A 114 3.36 10.08 -1.47
C PHE A 114 1.83 10.02 -1.48
N GLU A 115 1.16 10.44 -0.39
CA GLU A 115 -0.29 10.46 -0.29
C GLU A 115 -0.92 11.24 -1.45
N HIS A 116 -0.19 12.17 -2.11
CA HIS A 116 -0.70 12.93 -3.25
C HIS A 116 -1.31 12.00 -4.31
N LEU A 117 -0.81 10.75 -4.43
CA LEU A 117 -1.31 9.76 -5.39
C LEU A 117 -2.80 9.47 -5.17
N TRP A 118 -3.31 9.58 -3.94
CA TRP A 118 -4.71 9.33 -3.65
C TRP A 118 -5.62 10.33 -4.36
N SER A 119 -5.13 11.56 -4.58
CA SER A 119 -5.84 12.62 -5.27
C SER A 119 -6.06 12.24 -6.75
N SER A 120 -5.26 11.30 -7.27
CA SER A 120 -5.31 10.81 -8.64
C SER A 120 -6.10 9.48 -8.75
N LEU A 121 -6.52 8.89 -7.63
CA LEU A 121 -7.26 7.64 -7.57
C LEU A 121 -8.77 7.92 -7.56
N GLU A 122 -9.59 6.89 -7.67
CA GLU A 122 -11.04 7.01 -7.64
C GLU A 122 -11.44 7.46 -6.22
N PRO A 123 -12.29 8.49 -6.06
CA PRO A 123 -12.72 8.93 -4.73
C PRO A 123 -13.79 7.98 -4.17
N ASP A 124 -14.32 7.08 -5.01
CA ASP A 124 -15.35 6.09 -4.74
C ASP A 124 -14.82 4.66 -4.73
N SER A 125 -13.53 4.45 -4.48
CA SER A 125 -12.84 3.16 -4.45
C SER A 125 -13.57 2.09 -3.60
N THR A 126 -14.54 1.38 -4.18
CA THR A 126 -15.37 0.32 -3.60
C THR A 126 -14.57 -0.90 -3.06
N TYR A 127 -13.27 -0.93 -3.32
CA TYR A 127 -12.31 -1.94 -2.94
C TYR A 127 -11.39 -1.50 -1.80
N PHE A 128 -11.34 -0.19 -1.47
CA PHE A 128 -10.49 0.40 -0.43
C PHE A 128 -11.29 1.12 0.64
N ASP A 129 -10.57 1.76 1.56
CA ASP A 129 -11.13 2.52 2.66
C ASP A 129 -11.64 3.85 2.11
N LEU A 130 -12.91 4.13 2.38
CA LEU A 130 -13.62 5.35 1.98
C LEU A 130 -13.24 6.51 2.87
N ALA A 1 6.36 4.42 14.54
CA ALA A 1 7.60 3.88 15.13
C ALA A 1 8.10 4.78 16.24
N THR A 2 8.65 5.94 15.90
CA THR A 2 9.19 6.90 16.86
C THR A 2 8.68 8.30 16.53
N GLN A 3 9.09 8.84 15.39
CA GLN A 3 8.72 10.17 14.92
C GLN A 3 7.32 10.16 14.33
N SER A 4 6.35 10.70 15.07
CA SER A 4 4.95 10.87 14.74
C SER A 4 4.22 11.41 15.97
N PRO A 5 4.41 12.69 16.35
CA PRO A 5 3.74 13.29 17.51
C PRO A 5 2.30 13.74 17.26
N GLY A 6 1.76 13.63 16.03
CA GLY A 6 0.40 14.05 15.70
C GLY A 6 0.40 14.11 14.19
N ASP A 7 0.02 13.02 13.54
CA ASP A 7 0.01 12.92 12.09
C ASP A 7 -1.11 11.94 11.72
N SER A 8 -2.34 12.43 11.58
CA SER A 8 -3.51 11.61 11.24
C SER A 8 -3.27 10.74 9.99
N ARG A 9 -2.55 11.27 9.00
CA ARG A 9 -2.21 10.56 7.77
C ARG A 9 -1.47 9.26 8.12
N ARG A 10 -0.46 9.35 8.99
CA ARG A 10 0.35 8.21 9.42
C ARG A 10 -0.53 7.20 10.13
N LEU A 11 -1.44 7.62 11.02
CA LEU A 11 -2.32 6.71 11.75
C LEU A 11 -3.17 5.89 10.78
N SER A 12 -3.69 6.52 9.73
CA SER A 12 -4.51 5.88 8.72
C SER A 12 -3.65 4.90 7.90
N ILE A 13 -2.51 5.38 7.36
CA ILE A 13 -1.59 4.58 6.54
C ILE A 13 -1.14 3.34 7.34
N GLN A 14 -0.74 3.52 8.60
CA GLN A 14 -0.29 2.43 9.46
C GLN A 14 -1.35 1.33 9.57
N ARG A 15 -2.58 1.70 9.91
CA ARG A 15 -3.67 0.73 10.04
C ARG A 15 -3.94 0.05 8.69
N ALA A 16 -3.99 0.84 7.62
CA ALA A 16 -4.24 0.35 6.27
C ALA A 16 -3.21 -0.73 5.91
N ILE A 17 -1.91 -0.47 6.09
CA ILE A 17 -0.82 -1.41 5.79
C ILE A 17 -1.06 -2.74 6.50
N GLN A 18 -1.29 -2.69 7.81
CA GLN A 18 -1.52 -3.88 8.62
C GLN A 18 -2.70 -4.68 8.07
N SER A 19 -3.83 -4.01 7.79
CA SER A 19 -5.00 -4.68 7.26
C SER A 19 -4.73 -5.26 5.88
N LEU A 20 -3.87 -4.63 5.06
CA LEU A 20 -3.54 -5.09 3.72
C LEU A 20 -2.77 -6.39 3.80
N VAL A 21 -1.66 -6.41 4.56
CA VAL A 21 -0.83 -7.60 4.68
C VAL A 21 -1.62 -8.70 5.38
N HIS A 22 -2.40 -8.34 6.39
CA HIS A 22 -3.20 -9.29 7.14
C HIS A 22 -4.17 -9.95 6.18
N ALA A 23 -4.94 -9.19 5.40
CA ALA A 23 -5.92 -9.73 4.46
C ALA A 23 -5.28 -10.64 3.41
N ALA A 24 -4.04 -10.34 2.99
CA ALA A 24 -3.35 -11.12 1.98
C ALA A 24 -3.10 -12.56 2.45
N GLN A 25 -2.95 -12.79 3.76
CA GLN A 25 -2.71 -14.10 4.35
C GLN A 25 -3.88 -14.59 5.23
N CYS A 26 -4.88 -13.73 5.47
CA CYS A 26 -6.04 -13.99 6.29
C CYS A 26 -6.91 -15.10 5.70
N ARG A 27 -6.85 -16.25 6.37
CA ARG A 27 -7.60 -17.47 6.05
C ARG A 27 -8.60 -17.77 7.17
N ASN A 28 -8.50 -17.05 8.29
CA ASN A 28 -9.37 -17.21 9.44
C ASN A 28 -10.71 -16.63 9.02
N ALA A 29 -11.65 -17.48 8.58
CA ALA A 29 -12.97 -17.04 8.14
C ALA A 29 -13.73 -16.27 9.24
N ASN A 30 -13.41 -16.54 10.51
CA ASN A 30 -14.03 -15.88 11.64
C ASN A 30 -13.74 -14.38 11.60
N CYS A 31 -12.51 -13.99 11.23
CA CYS A 31 -12.04 -12.62 11.12
C CYS A 31 -12.97 -11.82 10.22
N SER A 32 -13.67 -10.86 10.80
CA SER A 32 -14.62 -10.01 10.12
C SER A 32 -14.43 -8.57 10.63
N LEU A 33 -13.67 -7.79 9.88
CA LEU A 33 -13.33 -6.39 10.09
C LEU A 33 -13.63 -5.74 8.73
N PRO A 34 -14.02 -4.45 8.64
CA PRO A 34 -14.33 -3.82 7.37
C PRO A 34 -13.10 -3.75 6.47
N SER A 35 -11.97 -3.31 7.02
CA SER A 35 -10.74 -3.23 6.26
C SER A 35 -10.30 -4.64 5.83
N CYS A 36 -10.45 -5.67 6.68
CA CYS A 36 -10.04 -7.02 6.30
C CYS A 36 -10.91 -7.52 5.15
N GLN A 37 -12.24 -7.49 5.29
CA GLN A 37 -13.16 -7.97 4.26
C GLN A 37 -12.98 -7.21 2.94
N LYS A 38 -12.78 -5.88 2.96
CA LYS A 38 -12.59 -5.12 1.72
C LYS A 38 -11.19 -5.34 1.11
N MET A 39 -10.12 -5.43 1.91
CA MET A 39 -8.76 -5.64 1.40
C MET A 39 -8.64 -7.00 0.73
N LYS A 40 -9.33 -8.03 1.25
CA LYS A 40 -9.28 -9.36 0.66
C LYS A 40 -9.66 -9.33 -0.82
N ARG A 41 -10.55 -8.43 -1.22
CA ARG A 41 -10.97 -8.29 -2.62
C ARG A 41 -9.78 -7.86 -3.48
N VAL A 42 -9.07 -6.79 -3.12
CA VAL A 42 -7.96 -6.29 -3.91
C VAL A 42 -6.89 -7.34 -4.15
N VAL A 43 -6.50 -8.13 -3.14
CA VAL A 43 -5.46 -9.13 -3.35
C VAL A 43 -5.95 -10.25 -4.28
N GLN A 44 -7.25 -10.58 -4.24
CA GLN A 44 -7.82 -11.60 -5.12
C GLN A 44 -7.83 -11.05 -6.54
N HIS A 45 -8.20 -9.78 -6.69
CA HIS A 45 -8.26 -9.10 -7.96
C HIS A 45 -6.86 -9.02 -8.57
N THR A 46 -5.86 -8.47 -7.85
CA THR A 46 -4.50 -8.34 -8.34
C THR A 46 -3.84 -9.66 -8.67
N LYS A 47 -4.26 -10.76 -8.03
CA LYS A 47 -3.73 -12.11 -8.26
C LYS A 47 -4.03 -12.55 -9.71
N GLY A 48 -5.03 -11.95 -10.37
CA GLY A 48 -5.40 -12.26 -11.74
C GLY A 48 -5.03 -11.16 -12.74
N CYS A 49 -4.77 -9.93 -12.28
CA CYS A 49 -4.42 -8.78 -13.11
C CYS A 49 -3.06 -8.85 -13.81
N LYS A 50 -2.91 -9.72 -14.82
CA LYS A 50 -1.65 -9.82 -15.56
C LYS A 50 -1.60 -8.77 -16.67
N ARG A 51 -2.74 -8.15 -17.01
CA ARG A 51 -2.87 -7.13 -18.05
C ARG A 51 -2.16 -5.81 -17.73
N LYS A 52 -1.89 -5.57 -16.45
CA LYS A 52 -1.23 -4.38 -15.93
C LYS A 52 0.11 -4.06 -16.61
N THR A 53 0.71 -5.01 -17.32
CA THR A 53 1.96 -4.80 -18.03
C THR A 53 1.81 -3.70 -19.08
N ASN A 54 0.61 -3.59 -19.69
CA ASN A 54 0.32 -2.60 -20.72
C ASN A 54 -0.80 -1.66 -20.31
N GLY A 55 -1.96 -2.17 -19.89
CA GLY A 55 -3.09 -1.31 -19.51
C GLY A 55 -3.95 -1.94 -18.43
N GLY A 56 -3.53 -1.81 -17.18
CA GLY A 56 -4.24 -2.33 -16.01
C GLY A 56 -4.88 -1.20 -15.22
N CYS A 57 -5.79 -1.61 -14.35
CA CYS A 57 -6.57 -0.77 -13.47
C CYS A 57 -5.65 -0.03 -12.46
N PRO A 58 -6.17 0.99 -11.76
CA PRO A 58 -5.39 1.73 -10.78
C PRO A 58 -5.06 0.88 -9.55
N ILE A 59 -5.89 -0.11 -9.23
CA ILE A 59 -5.74 -1.00 -8.08
C ILE A 59 -4.36 -1.67 -8.08
N CYS A 60 -3.95 -2.25 -9.20
CA CYS A 60 -2.68 -2.94 -9.32
C CYS A 60 -1.48 -2.03 -8.98
N LYS A 61 -1.49 -0.78 -9.46
CA LYS A 61 -0.38 0.13 -9.14
C LYS A 61 -0.47 0.64 -7.71
N GLN A 62 -1.68 0.90 -7.20
CA GLN A 62 -1.88 1.38 -5.84
C GLN A 62 -1.47 0.33 -4.81
N LEU A 63 -1.72 -0.96 -5.07
CA LEU A 63 -1.36 -2.05 -4.17
C LEU A 63 0.15 -2.03 -3.89
N ILE A 64 0.96 -1.75 -4.92
CA ILE A 64 2.41 -1.70 -4.83
C ILE A 64 2.85 -0.50 -3.97
N ALA A 65 2.17 0.65 -4.10
CA ALA A 65 2.49 1.85 -3.35
C ALA A 65 2.50 1.56 -1.84
N LEU A 66 1.43 0.94 -1.32
CA LEU A 66 1.39 0.62 0.11
C LEU A 66 2.22 -0.62 0.45
N ALA A 67 2.35 -1.58 -0.48
CA ALA A 67 3.15 -2.78 -0.23
C ALA A 67 4.61 -2.41 0.05
N ALA A 68 5.11 -1.34 -0.58
CA ALA A 68 6.48 -0.86 -0.40
C ALA A 68 6.76 -0.54 1.07
N TYR A 69 5.74 -0.03 1.77
CA TYR A 69 5.83 0.35 3.16
C TYR A 69 5.95 -0.87 4.06
N HIS A 70 5.35 -2.00 3.70
CA HIS A 70 5.45 -3.24 4.45
C HIS A 70 6.80 -3.90 4.14
N ALA A 71 7.28 -3.82 2.89
CA ALA A 71 8.54 -4.41 2.48
C ALA A 71 9.69 -3.97 3.38
N LYS A 72 9.78 -2.67 3.71
CA LYS A 72 10.84 -2.17 4.57
C LYS A 72 10.78 -2.67 6.03
N HIS A 73 9.77 -3.45 6.42
CA HIS A 73 9.58 -3.98 7.77
C HIS A 73 9.52 -5.51 7.82
N CYS A 74 9.31 -6.17 6.68
CA CYS A 74 9.21 -7.61 6.63
C CYS A 74 10.59 -8.19 6.96
N GLN A 75 10.73 -8.63 8.21
CA GLN A 75 11.94 -9.24 8.76
C GLN A 75 12.32 -10.45 7.91
N GLU A 76 11.33 -11.26 7.53
CA GLU A 76 11.60 -12.44 6.71
C GLU A 76 12.03 -11.98 5.32
N ASN A 77 12.89 -12.76 4.68
CA ASN A 77 13.42 -12.50 3.34
C ASN A 77 12.59 -13.29 2.31
N LYS A 78 11.36 -13.68 2.66
CA LYS A 78 10.47 -14.46 1.81
C LYS A 78 9.00 -14.17 2.14
N CYS A 79 8.64 -12.89 2.13
CA CYS A 79 7.32 -12.36 2.44
C CYS A 79 6.15 -13.21 1.87
N PRO A 80 5.04 -13.34 2.63
CA PRO A 80 3.88 -14.10 2.18
C PRO A 80 3.10 -13.34 1.11
N VAL A 81 3.18 -12.01 1.09
CA VAL A 81 2.49 -11.20 0.10
C VAL A 81 3.36 -11.22 -1.16
N PRO A 82 2.83 -11.63 -2.33
CA PRO A 82 3.63 -11.68 -3.56
C PRO A 82 4.02 -10.28 -4.06
N PHE A 83 3.24 -9.26 -3.70
CA PHE A 83 3.51 -7.90 -4.08
C PHE A 83 4.64 -7.29 -3.24
N CYS A 84 4.85 -7.75 -1.99
CA CYS A 84 5.92 -7.23 -1.14
C CYS A 84 7.27 -7.49 -1.80
N LEU A 85 7.48 -8.77 -2.13
CA LEU A 85 8.68 -9.25 -2.79
C LEU A 85 8.82 -8.60 -4.17
N ASN A 86 7.70 -8.19 -4.80
CA ASN A 86 7.73 -7.55 -6.10
C ASN A 86 8.55 -6.27 -6.01
N ILE A 87 8.34 -5.45 -4.96
CA ILE A 87 9.11 -4.21 -4.73
C ILE A 87 10.59 -4.59 -4.58
N LYS A 88 10.90 -5.71 -3.90
CA LYS A 88 12.27 -6.15 -3.70
C LYS A 88 12.96 -6.47 -5.02
N GLN A 89 12.24 -7.06 -5.98
CA GLN A 89 12.83 -7.38 -7.28
C GLN A 89 13.21 -6.12 -8.06
N LYS A 90 12.52 -4.99 -7.82
CA LYS A 90 12.79 -3.74 -8.53
C LYS A 90 14.21 -3.28 -8.26
N GLY A 91 14.59 -3.15 -6.99
CA GLY A 91 15.92 -2.70 -6.59
C GLY A 91 15.84 -1.79 -5.38
N GLY A 92 15.10 -0.69 -5.48
CA GLY A 92 14.95 0.25 -4.38
C GLY A 92 14.59 1.68 -4.78
N SER A 93 13.62 1.88 -5.68
CA SER A 93 13.17 3.20 -6.14
C SER A 93 12.31 3.92 -5.08
N GLY A 94 12.57 3.71 -3.79
CA GLY A 94 11.83 4.30 -2.68
C GLY A 94 10.41 3.73 -2.62
N GLY A 95 10.18 2.59 -3.27
CA GLY A 95 8.89 1.91 -3.36
C GLY A 95 8.23 2.15 -4.72
N GLY A 96 8.78 3.05 -5.53
CA GLY A 96 8.28 3.42 -6.85
C GLY A 96 8.10 4.92 -7.02
N THR A 97 8.35 5.72 -5.98
CA THR A 97 8.22 7.17 -6.00
C THR A 97 9.46 7.84 -6.61
N GLY A 98 10.54 7.08 -6.84
CA GLY A 98 11.78 7.59 -7.38
C GLY A 98 12.73 8.01 -6.25
N GLY A 99 12.33 7.87 -4.98
CA GLY A 99 13.11 8.21 -3.81
C GLY A 99 13.25 9.72 -3.54
N GLY A 100 12.87 10.58 -4.49
CA GLY A 100 12.94 12.03 -4.34
C GLY A 100 13.44 12.62 -5.64
N SER A 101 12.53 12.79 -6.59
CA SER A 101 12.73 13.35 -7.92
C SER A 101 11.34 13.72 -8.44
N GLY A 102 11.27 14.47 -9.54
CA GLY A 102 10.03 14.90 -10.17
C GLY A 102 9.20 15.87 -9.32
N THR A 103 9.85 16.56 -8.39
CA THR A 103 9.23 17.52 -7.50
C THR A 103 8.52 18.60 -8.32
N ILE A 104 7.19 18.67 -8.18
CA ILE A 104 6.32 19.60 -8.88
C ILE A 104 5.62 20.54 -7.89
N GLU A 105 5.42 20.12 -6.64
CA GLU A 105 4.77 20.92 -5.59
C GLU A 105 5.54 20.77 -4.26
N GLY A 106 6.77 20.28 -4.32
CA GLY A 106 7.63 20.04 -3.17
C GLY A 106 7.37 18.60 -2.73
N ARG A 107 7.61 17.64 -3.65
CA ARG A 107 7.39 16.23 -3.44
C ARG A 107 8.37 15.67 -2.40
N GLY A 108 7.90 15.47 -1.17
CA GLY A 108 8.69 14.95 -0.07
C GLY A 108 8.23 15.50 1.26
N ASP A 109 7.94 16.80 1.31
CA ASP A 109 7.49 17.53 2.50
C ASP A 109 6.12 17.00 2.89
N GLY A 110 6.10 16.16 3.91
CA GLY A 110 4.95 15.48 4.49
C GLY A 110 5.37 14.09 4.96
N GLY A 111 6.48 13.57 4.40
CA GLY A 111 7.04 12.26 4.71
C GLY A 111 6.33 11.13 3.99
N THR A 112 5.01 11.22 3.87
CA THR A 112 4.14 10.24 3.23
C THR A 112 3.55 10.74 1.91
N THR A 113 4.17 11.71 1.22
CA THR A 113 3.70 12.31 -0.03
C THR A 113 3.07 11.32 -1.04
N PHE A 114 3.48 10.06 -1.09
CA PHE A 114 2.90 9.05 -1.99
C PHE A 114 1.38 9.01 -1.81
N GLU A 115 0.85 9.41 -0.66
CA GLU A 115 -0.56 9.50 -0.34
C GLU A 115 -1.30 10.36 -1.37
N HIS A 116 -0.61 11.29 -2.05
CA HIS A 116 -1.20 12.16 -3.09
C HIS A 116 -1.89 11.31 -4.17
N LEU A 117 -1.40 10.09 -4.40
CA LEU A 117 -1.96 9.17 -5.40
C LEU A 117 -3.42 8.85 -5.03
N TRP A 118 -3.81 8.93 -3.75
CA TRP A 118 -5.20 8.67 -3.35
C TRP A 118 -6.12 9.75 -3.90
N SER A 119 -5.62 10.96 -4.24
CA SER A 119 -6.46 12.01 -4.80
C SER A 119 -6.95 11.57 -6.19
N SER A 120 -6.31 10.56 -6.81
CA SER A 120 -6.69 9.98 -8.10
C SER A 120 -7.57 8.73 -7.91
N LEU A 121 -7.87 8.32 -6.67
CA LEU A 121 -8.69 7.16 -6.35
C LEU A 121 -10.16 7.55 -6.56
N GLU A 122 -11.00 6.58 -6.89
CA GLU A 122 -12.43 6.86 -7.06
C GLU A 122 -12.98 7.08 -5.65
N PRO A 123 -13.91 8.03 -5.45
CA PRO A 123 -14.49 8.32 -4.15
C PRO A 123 -15.45 7.24 -3.64
N ASP A 124 -15.53 6.10 -4.35
CA ASP A 124 -16.38 4.96 -4.00
C ASP A 124 -15.84 4.31 -2.71
N SER A 125 -14.53 4.45 -2.45
CA SER A 125 -13.79 3.94 -1.28
C SER A 125 -14.06 2.48 -0.89
N THR A 126 -14.55 1.69 -1.83
CA THR A 126 -14.90 0.29 -1.69
C THR A 126 -13.74 -0.59 -1.18
N TYR A 127 -12.49 -0.16 -1.36
CA TYR A 127 -11.31 -0.91 -0.97
C TYR A 127 -10.28 -0.05 -0.23
N PHE A 128 -9.92 1.13 -0.75
CA PHE A 128 -8.96 2.04 -0.11
C PHE A 128 -9.71 3.26 0.44
N ASP A 129 -9.02 4.01 1.32
CA ASP A 129 -9.56 5.22 1.94
C ASP A 129 -9.13 6.41 1.09
N LEU A 130 -10.11 7.20 0.64
CA LEU A 130 -9.90 8.38 -0.18
C LEU A 130 -9.18 9.44 0.64
N ALA A 1 7.09 0.59 24.20
CA ALA A 1 5.80 0.17 23.63
C ALA A 1 4.69 1.14 24.05
N THR A 2 4.55 2.28 23.36
CA THR A 2 3.52 3.28 23.65
C THR A 2 3.32 4.17 22.41
N GLN A 3 2.18 4.85 22.31
CA GLN A 3 1.80 5.72 21.19
C GLN A 3 1.20 7.03 21.72
N SER A 4 0.97 7.98 20.84
CA SER A 4 0.42 9.30 21.13
C SER A 4 -0.28 9.80 19.86
N PRO A 5 -1.37 10.58 19.93
CA PRO A 5 -2.02 11.10 18.74
C PRO A 5 -1.08 12.14 18.10
N GLY A 6 -1.21 12.39 16.80
CA GLY A 6 -0.36 13.36 16.13
C GLY A 6 -0.55 13.36 14.62
N ASP A 7 0.37 12.74 13.89
CA ASP A 7 0.36 12.64 12.44
C ASP A 7 -0.71 11.61 12.05
N SER A 8 -1.96 12.04 11.87
CA SER A 8 -3.07 11.15 11.52
C SER A 8 -2.76 10.31 10.28
N ARG A 9 -2.09 10.89 9.26
CA ARG A 9 -1.74 10.15 8.05
C ARG A 9 -0.91 8.92 8.42
N ARG A 10 0.12 9.12 9.25
CA ARG A 10 1.01 8.03 9.67
C ARG A 10 0.20 6.91 10.31
N LEU A 11 -0.75 7.23 11.20
CA LEU A 11 -1.60 6.23 11.86
C LEU A 11 -2.47 5.53 10.82
N SER A 12 -3.16 6.28 9.96
CA SER A 12 -4.03 5.75 8.92
C SER A 12 -3.27 4.77 8.02
N ILE A 13 -2.12 5.19 7.50
CA ILE A 13 -1.27 4.38 6.64
C ILE A 13 -0.90 3.09 7.38
N GLN A 14 -0.40 3.17 8.62
CA GLN A 14 -0.02 1.99 9.40
C GLN A 14 -1.17 0.99 9.49
N ARG A 15 -2.34 1.46 9.94
CA ARG A 15 -3.52 0.61 10.08
C ARG A 15 -3.96 0.04 8.73
N ALA A 16 -3.90 0.84 7.66
CA ALA A 16 -4.27 0.41 6.33
C ALA A 16 -3.37 -0.74 5.92
N ILE A 17 -2.04 -0.57 6.03
CA ILE A 17 -1.04 -1.59 5.67
C ILE A 17 -1.32 -2.89 6.43
N GLN A 18 -1.50 -2.82 7.77
CA GLN A 18 -1.77 -3.98 8.61
C GLN A 18 -3.04 -4.72 8.16
N SER A 19 -4.10 -3.98 7.87
CA SER A 19 -5.37 -4.58 7.45
C SER A 19 -5.27 -5.19 6.06
N LEU A 20 -4.44 -4.62 5.18
CA LEU A 20 -4.22 -5.05 3.81
C LEU A 20 -3.37 -6.31 3.76
N VAL A 21 -2.17 -6.26 4.38
CA VAL A 21 -1.23 -7.36 4.43
C VAL A 21 -1.90 -8.59 5.04
N HIS A 22 -2.78 -8.37 6.02
CA HIS A 22 -3.49 -9.47 6.65
C HIS A 22 -4.50 -10.07 5.68
N ALA A 23 -5.37 -9.28 5.03
CA ALA A 23 -6.38 -9.80 4.10
C ALA A 23 -5.76 -10.66 2.99
N ALA A 24 -4.53 -10.33 2.55
CA ALA A 24 -3.83 -11.06 1.51
C ALA A 24 -3.54 -12.53 1.88
N GLN A 25 -3.47 -12.85 3.17
CA GLN A 25 -3.20 -14.18 3.73
C GLN A 25 -4.31 -14.64 4.68
N CYS A 26 -5.44 -13.93 4.72
CA CYS A 26 -6.56 -14.23 5.58
C CYS A 26 -7.25 -15.52 5.12
N ARG A 27 -6.90 -16.65 5.73
CA ARG A 27 -7.49 -17.96 5.45
C ARG A 27 -8.32 -18.36 6.68
N ASN A 28 -8.09 -17.72 7.83
CA ASN A 28 -8.78 -17.93 9.09
C ASN A 28 -10.23 -17.54 8.86
N ALA A 29 -11.12 -18.53 8.80
CA ALA A 29 -12.53 -18.31 8.57
C ALA A 29 -13.15 -17.36 9.60
N ASN A 30 -12.75 -17.52 10.88
CA ASN A 30 -13.22 -16.74 12.02
C ASN A 30 -12.88 -15.25 11.94
N CYS A 31 -11.91 -14.88 11.08
CA CYS A 31 -11.51 -13.51 10.90
C CYS A 31 -12.71 -12.73 10.37
N SER A 32 -13.24 -11.80 11.15
CA SER A 32 -14.40 -11.01 10.73
C SER A 32 -14.26 -9.55 11.13
N LEU A 33 -13.84 -8.74 10.17
CA LEU A 33 -13.67 -7.30 10.28
C LEU A 33 -14.17 -6.74 8.95
N PRO A 34 -14.79 -5.55 8.92
CA PRO A 34 -15.29 -4.98 7.69
C PRO A 34 -14.13 -4.63 6.76
N SER A 35 -13.03 -4.13 7.31
CA SER A 35 -11.83 -3.78 6.55
C SER A 35 -11.28 -5.03 5.89
N CYS A 36 -11.18 -6.13 6.65
CA CYS A 36 -10.68 -7.41 6.15
C CYS A 36 -11.54 -7.83 4.96
N GLN A 37 -12.86 -7.82 5.11
CA GLN A 37 -13.80 -8.21 4.06
C GLN A 37 -13.69 -7.33 2.82
N LYS A 38 -13.68 -5.99 2.95
CA LYS A 38 -13.55 -5.15 1.76
C LYS A 38 -12.17 -5.36 1.10
N MET A 39 -11.12 -5.58 1.90
CA MET A 39 -9.78 -5.81 1.40
C MET A 39 -9.72 -7.13 0.64
N LYS A 40 -10.50 -8.16 1.02
CA LYS A 40 -10.48 -9.46 0.35
C LYS A 40 -10.68 -9.30 -1.16
N ARG A 41 -11.55 -8.38 -1.56
CA ARG A 41 -11.84 -8.15 -2.97
C ARG A 41 -10.63 -7.68 -3.73
N VAL A 42 -9.99 -6.63 -3.25
CA VAL A 42 -8.82 -6.08 -3.91
C VAL A 42 -7.64 -7.05 -3.83
N VAL A 43 -7.43 -7.77 -2.73
CA VAL A 43 -6.30 -8.72 -2.67
C VAL A 43 -6.55 -9.87 -3.63
N GLN A 44 -7.80 -10.34 -3.77
CA GLN A 44 -8.14 -11.43 -4.68
C GLN A 44 -7.86 -10.96 -6.11
N HIS A 45 -8.20 -9.71 -6.41
CA HIS A 45 -7.98 -9.11 -7.72
C HIS A 45 -6.48 -9.01 -8.00
N THR A 46 -5.70 -8.36 -7.12
CA THR A 46 -4.26 -8.15 -7.31
C THR A 46 -3.42 -9.42 -7.36
N LYS A 47 -3.85 -10.51 -6.72
CA LYS A 47 -3.10 -11.77 -6.76
C LYS A 47 -3.01 -12.29 -8.20
N GLY A 48 -4.00 -12.01 -9.04
CA GLY A 48 -4.06 -12.46 -10.41
C GLY A 48 -4.14 -11.37 -11.46
N CYS A 49 -3.84 -10.09 -11.17
CA CYS A 49 -3.95 -9.02 -12.16
C CYS A 49 -3.02 -9.17 -13.36
N LYS A 50 -3.56 -9.66 -14.48
CA LYS A 50 -2.77 -9.80 -15.70
C LYS A 50 -2.79 -8.47 -16.46
N ARG A 51 -3.68 -7.54 -16.07
CA ARG A 51 -3.77 -6.20 -16.68
C ARG A 51 -2.47 -5.42 -16.47
N LYS A 52 -1.62 -5.80 -15.50
CA LYS A 52 -0.35 -5.14 -15.19
C LYS A 52 0.53 -4.92 -16.43
N THR A 53 0.44 -5.75 -17.47
CA THR A 53 1.20 -5.59 -18.71
C THR A 53 0.27 -5.34 -19.89
N ASN A 54 -1.02 -5.75 -19.82
CA ASN A 54 -2.01 -5.56 -20.88
C ASN A 54 -2.59 -4.13 -20.87
N GLY A 55 -2.14 -3.29 -19.95
CA GLY A 55 -2.56 -1.93 -19.76
C GLY A 55 -1.96 -1.45 -18.45
N GLY A 56 -2.77 -0.82 -17.61
CA GLY A 56 -2.40 -0.30 -16.31
C GLY A 56 -3.55 -0.56 -15.35
N CYS A 57 -3.34 -1.42 -14.36
CA CYS A 57 -4.35 -1.75 -13.35
C CYS A 57 -4.18 -0.75 -12.19
N PRO A 58 -5.15 0.13 -11.91
CA PRO A 58 -5.03 1.12 -10.83
C PRO A 58 -5.06 0.51 -9.43
N ILE A 59 -5.82 -0.57 -9.20
CA ILE A 59 -5.90 -1.21 -7.88
C ILE A 59 -4.49 -1.61 -7.43
N CYS A 60 -3.73 -2.18 -8.37
CA CYS A 60 -2.37 -2.62 -8.18
C CYS A 60 -1.44 -1.43 -7.87
N LYS A 61 -1.68 -0.27 -8.48
CA LYS A 61 -0.86 0.92 -8.24
C LYS A 61 -1.02 1.40 -6.81
N GLN A 62 -2.27 1.57 -6.35
CA GLN A 62 -2.49 2.04 -4.98
C GLN A 62 -2.00 0.97 -4.00
N LEU A 63 -2.11 -0.31 -4.36
CA LEU A 63 -1.63 -1.40 -3.51
C LEU A 63 -0.13 -1.21 -3.29
N ILE A 64 0.64 -0.96 -4.36
CA ILE A 64 2.08 -0.75 -4.30
C ILE A 64 2.41 0.47 -3.42
N ALA A 65 1.54 1.48 -3.40
CA ALA A 65 1.73 2.69 -2.60
C ALA A 65 1.88 2.34 -1.12
N LEU A 66 0.95 1.54 -0.57
CA LEU A 66 0.99 1.13 0.84
C LEU A 66 2.01 0.03 1.08
N ALA A 67 2.04 -0.97 0.20
CA ALA A 67 2.93 -2.13 0.25
C ALA A 67 4.41 -1.72 0.39
N ALA A 68 4.75 -0.53 -0.09
CA ALA A 68 6.09 0.07 -0.05
C ALA A 68 6.64 0.10 1.38
N TYR A 69 5.79 0.40 2.36
CA TYR A 69 6.20 0.47 3.76
C TYR A 69 6.49 -0.93 4.29
N HIS A 70 5.56 -1.86 4.14
CA HIS A 70 5.75 -3.22 4.63
C HIS A 70 7.04 -3.80 4.03
N ALA A 71 7.33 -3.55 2.74
CA ALA A 71 8.54 -4.06 2.10
C ALA A 71 9.80 -3.66 2.87
N LYS A 72 10.00 -2.36 3.14
CA LYS A 72 11.18 -1.90 3.88
C LYS A 72 11.19 -2.26 5.37
N HIS A 73 10.18 -2.95 5.89
CA HIS A 73 10.10 -3.35 7.29
C HIS A 73 10.00 -4.88 7.43
N CYS A 74 9.98 -5.63 6.32
CA CYS A 74 9.85 -7.07 6.33
C CYS A 74 11.23 -7.75 6.36
N GLN A 75 11.53 -8.35 7.50
CA GLN A 75 12.75 -9.10 7.78
C GLN A 75 12.83 -10.35 6.88
N GLU A 76 11.68 -10.81 6.38
CA GLU A 76 11.54 -11.96 5.51
C GLU A 76 12.19 -11.68 4.17
N ASN A 77 13.07 -12.58 3.74
CA ASN A 77 13.76 -12.45 2.46
C ASN A 77 12.81 -12.79 1.32
N LYS A 78 11.82 -13.64 1.60
CA LYS A 78 10.79 -14.14 0.71
C LYS A 78 9.48 -14.05 1.50
N CYS A 79 8.74 -12.96 1.28
CA CYS A 79 7.47 -12.67 1.94
C CYS A 79 6.28 -13.41 1.30
N PRO A 80 5.16 -13.55 2.04
CA PRO A 80 3.95 -14.19 1.56
C PRO A 80 3.25 -13.28 0.55
N VAL A 81 3.29 -11.96 0.76
CA VAL A 81 2.66 -11.02 -0.15
C VAL A 81 3.48 -11.02 -1.45
N PRO A 82 2.86 -11.26 -2.62
CA PRO A 82 3.57 -11.27 -3.89
C PRO A 82 4.03 -9.87 -4.30
N PHE A 83 3.35 -8.83 -3.84
CA PHE A 83 3.65 -7.44 -4.13
C PHE A 83 4.85 -6.92 -3.32
N CYS A 84 5.03 -7.39 -2.07
CA CYS A 84 6.12 -7.00 -1.18
C CYS A 84 7.46 -7.23 -1.87
N LEU A 85 7.64 -8.47 -2.35
CA LEU A 85 8.85 -8.86 -3.03
C LEU A 85 8.93 -8.23 -4.41
N ASN A 86 7.81 -8.05 -5.13
CA ASN A 86 7.88 -7.47 -6.47
C ASN A 86 8.41 -6.04 -6.46
N ILE A 87 8.01 -5.26 -5.46
CA ILE A 87 8.46 -3.88 -5.29
C ILE A 87 9.99 -3.88 -5.19
N LYS A 88 10.53 -4.67 -4.25
CA LYS A 88 11.97 -4.74 -4.01
C LYS A 88 12.75 -5.36 -5.18
N GLN A 89 12.18 -6.33 -5.92
CA GLN A 89 12.85 -6.98 -7.04
C GLN A 89 13.21 -5.96 -8.14
N LYS A 90 12.49 -4.83 -8.23
CA LYS A 90 12.75 -3.80 -9.22
C LYS A 90 13.92 -2.97 -8.70
N GLY A 91 15.13 -3.53 -8.76
CA GLY A 91 16.35 -2.90 -8.32
C GLY A 91 16.41 -2.77 -6.80
N GLY A 92 15.79 -1.73 -6.25
CA GLY A 92 15.73 -1.46 -4.81
C GLY A 92 16.42 -0.17 -4.41
N SER A 93 16.98 0.61 -5.33
CA SER A 93 17.67 1.87 -5.04
C SER A 93 16.73 2.88 -4.38
N GLY A 94 15.51 2.98 -4.89
CA GLY A 94 14.51 3.92 -4.41
C GLY A 94 14.87 5.32 -4.91
N GLY A 95 15.57 5.44 -6.04
CA GLY A 95 15.96 6.73 -6.61
C GLY A 95 17.12 7.37 -5.86
N GLY A 96 18.16 6.59 -5.57
CA GLY A 96 19.35 7.05 -4.87
C GLY A 96 19.03 7.53 -3.45
N THR A 97 18.11 6.88 -2.74
CA THR A 97 17.74 7.26 -1.38
C THR A 97 18.19 6.19 -0.39
N GLY A 98 17.95 6.40 0.90
CA GLY A 98 18.32 5.46 1.96
C GLY A 98 19.66 5.79 2.61
N GLY A 99 20.13 7.04 2.55
CA GLY A 99 21.38 7.39 3.19
C GLY A 99 21.95 8.77 2.85
N GLY A 100 21.45 9.46 1.82
CA GLY A 100 21.91 10.79 1.39
C GLY A 100 21.03 11.28 0.24
N SER A 101 19.82 11.75 0.56
CA SER A 101 18.87 12.24 -0.43
C SER A 101 18.71 13.76 -0.40
N GLY A 102 19.12 14.45 0.66
CA GLY A 102 19.00 15.91 0.79
C GLY A 102 17.60 16.39 1.11
N THR A 103 16.59 15.55 0.85
CA THR A 103 15.19 15.80 1.10
C THR A 103 14.64 14.45 1.57
N ILE A 104 13.74 14.49 2.55
CA ILE A 104 13.10 13.31 3.15
C ILE A 104 11.62 13.61 3.37
N GLU A 105 11.29 14.86 3.73
CA GLU A 105 9.93 15.33 3.99
C GLU A 105 9.59 16.45 3.01
N GLY A 106 10.09 16.36 1.78
CA GLY A 106 9.87 17.30 0.69
C GLY A 106 9.92 18.77 1.13
N ARG A 107 10.95 19.16 1.88
CA ARG A 107 11.15 20.53 2.39
C ARG A 107 9.92 21.13 3.08
N GLY A 108 9.01 20.31 3.62
CA GLY A 108 7.78 20.74 4.28
C GLY A 108 6.55 19.92 3.89
N ASP A 109 6.69 18.98 2.96
CA ASP A 109 5.69 18.06 2.40
C ASP A 109 5.03 17.13 3.43
N GLY A 110 5.40 17.20 4.71
CA GLY A 110 4.84 16.40 5.79
C GLY A 110 5.56 15.10 6.07
N GLY A 111 6.14 14.48 5.04
CA GLY A 111 6.88 13.21 5.16
C GLY A 111 6.13 12.01 4.57
N THR A 112 5.04 12.25 3.84
CA THR A 112 4.21 11.22 3.21
C THR A 112 3.83 11.73 1.83
N THR A 113 4.83 11.97 0.97
CA THR A 113 4.65 12.46 -0.40
C THR A 113 3.78 11.49 -1.21
N PHE A 114 3.97 10.19 -1.00
CA PHE A 114 3.26 9.12 -1.67
C PHE A 114 1.74 9.26 -1.58
N GLU A 115 1.20 9.96 -0.57
CA GLU A 115 -0.24 10.20 -0.39
C GLU A 115 -0.81 10.80 -1.68
N HIS A 116 0.02 11.51 -2.48
CA HIS A 116 -0.39 12.12 -3.73
C HIS A 116 -1.06 11.08 -4.64
N LEU A 117 -0.63 9.81 -4.56
CA LEU A 117 -1.20 8.73 -5.36
C LEU A 117 -2.67 8.49 -5.06
N TRP A 118 -3.21 8.82 -3.88
CA TRP A 118 -4.62 8.57 -3.57
C TRP A 118 -5.60 9.21 -4.56
N SER A 119 -5.21 10.31 -5.21
CA SER A 119 -6.08 10.95 -6.21
C SER A 119 -6.25 10.04 -7.45
N SER A 120 -5.41 9.02 -7.61
CA SER A 120 -5.40 8.04 -8.69
C SER A 120 -6.35 6.87 -8.37
N LEU A 121 -7.06 6.91 -7.23
CA LEU A 121 -8.03 5.91 -6.77
C LEU A 121 -9.42 6.38 -7.21
N GLU A 122 -10.42 5.51 -7.22
CA GLU A 122 -11.77 5.93 -7.59
C GLU A 122 -12.27 6.92 -6.54
N PRO A 123 -13.04 7.97 -6.92
CA PRO A 123 -13.55 8.99 -6.02
C PRO A 123 -14.62 8.54 -5.01
N ASP A 124 -14.90 7.23 -4.92
CA ASP A 124 -15.88 6.64 -4.02
C ASP A 124 -15.21 5.81 -2.91
N SER A 125 -13.95 5.40 -3.10
CA SER A 125 -13.16 4.62 -2.14
C SER A 125 -13.93 3.46 -1.48
N THR A 126 -14.75 2.71 -2.22
CA THR A 126 -15.49 1.58 -1.64
C THR A 126 -14.56 0.42 -1.24
N TYR A 127 -13.28 0.46 -1.63
CA TYR A 127 -12.26 -0.54 -1.33
C TYR A 127 -11.07 0.01 -0.52
N PHE A 128 -10.90 1.33 -0.43
CA PHE A 128 -9.86 2.05 0.31
C PHE A 128 -10.46 3.30 0.97
N ASP A 129 -9.62 4.23 1.40
CA ASP A 129 -9.89 5.54 1.95
C ASP A 129 -9.62 6.50 0.77
N LEU A 130 -9.92 7.79 0.89
CA LEU A 130 -9.72 8.80 -0.15
C LEU A 130 -8.74 9.85 0.35
N ALA A 1 8.30 22.54 7.32
CA ALA A 1 7.06 21.78 7.35
C ALA A 1 6.04 22.44 8.26
N THR A 2 4.98 21.71 8.57
CA THR A 2 3.86 22.08 9.40
C THR A 2 3.56 20.87 10.29
N GLN A 3 3.04 21.10 11.50
CA GLN A 3 2.68 20.04 12.42
C GLN A 3 1.46 20.53 13.20
N SER A 4 0.49 19.64 13.38
CA SER A 4 -0.74 19.95 14.07
C SER A 4 -1.29 18.69 14.72
N PRO A 5 -1.66 17.63 13.97
CA PRO A 5 -2.19 16.43 14.58
C PRO A 5 -1.06 15.57 15.17
N GLY A 6 -1.48 14.51 15.87
CA GLY A 6 -0.60 13.54 16.48
C GLY A 6 -0.24 12.52 15.40
N ASP A 7 0.41 13.00 14.35
CA ASP A 7 0.87 12.29 13.16
C ASP A 7 -0.19 11.36 12.57
N SER A 8 -1.42 11.85 12.38
CA SER A 8 -2.52 11.08 11.82
C SER A 8 -2.13 10.39 10.50
N ARG A 9 -1.36 11.07 9.64
CA ARG A 9 -0.87 10.54 8.37
C ARG A 9 -0.04 9.27 8.57
N ARG A 10 0.80 9.21 9.60
CA ARG A 10 1.64 8.04 9.87
C ARG A 10 0.75 6.89 10.29
N LEU A 11 -0.13 7.14 11.25
CA LEU A 11 -1.06 6.17 11.83
C LEU A 11 -2.02 5.61 10.79
N SER A 12 -2.59 6.44 9.92
CA SER A 12 -3.52 6.00 8.87
C SER A 12 -2.80 5.08 7.91
N ILE A 13 -1.63 5.49 7.39
CA ILE A 13 -0.82 4.69 6.48
C ILE A 13 -0.51 3.36 7.16
N GLN A 14 -0.09 3.37 8.42
CA GLN A 14 0.22 2.15 9.17
C GLN A 14 -0.99 1.24 9.31
N ARG A 15 -2.17 1.78 9.65
CA ARG A 15 -3.37 0.95 9.78
C ARG A 15 -3.67 0.32 8.43
N ALA A 16 -3.61 1.11 7.34
CA ALA A 16 -3.87 0.63 5.99
C ALA A 16 -2.90 -0.51 5.66
N ILE A 17 -1.61 -0.31 5.88
CA ILE A 17 -0.55 -1.28 5.63
C ILE A 17 -0.87 -2.58 6.35
N GLN A 18 -1.13 -2.54 7.66
CA GLN A 18 -1.45 -3.72 8.44
C GLN A 18 -2.69 -4.42 7.91
N SER A 19 -3.73 -3.65 7.59
CA SER A 19 -4.96 -4.21 7.06
C SER A 19 -4.73 -4.88 5.70
N LEU A 20 -3.79 -4.37 4.90
CA LEU A 20 -3.47 -4.87 3.58
C LEU A 20 -2.70 -6.18 3.67
N VAL A 21 -1.57 -6.20 4.39
CA VAL A 21 -0.75 -7.39 4.53
C VAL A 21 -1.56 -8.52 5.17
N HIS A 22 -2.41 -8.19 6.15
CA HIS A 22 -3.21 -9.19 6.81
C HIS A 22 -4.28 -9.71 5.83
N ALA A 23 -5.06 -8.84 5.19
CA ALA A 23 -6.13 -9.26 4.27
C ALA A 23 -5.64 -10.12 3.13
N ALA A 24 -4.41 -9.88 2.65
CA ALA A 24 -3.83 -10.62 1.55
C ALA A 24 -3.76 -12.12 1.79
N GLN A 25 -3.46 -12.51 3.02
CA GLN A 25 -3.35 -13.91 3.41
C GLN A 25 -4.48 -14.35 4.34
N CYS A 26 -5.29 -13.40 4.84
CA CYS A 26 -6.38 -13.66 5.78
C CYS A 26 -7.31 -14.77 5.31
N ARG A 27 -7.16 -15.93 5.94
CA ARG A 27 -7.90 -17.16 5.70
C ARG A 27 -8.79 -17.53 6.88
N ASN A 28 -8.68 -16.82 8.00
CA ASN A 28 -9.49 -17.11 9.17
C ASN A 28 -10.85 -16.48 8.92
N ALA A 29 -11.89 -17.28 8.65
CA ALA A 29 -13.24 -16.76 8.42
C ALA A 29 -13.77 -16.03 9.66
N ASN A 30 -13.13 -16.28 10.81
CA ASN A 30 -13.40 -15.70 12.11
C ASN A 30 -13.01 -14.22 12.17
N CYS A 31 -12.09 -13.75 11.32
CA CYS A 31 -11.66 -12.37 11.26
C CYS A 31 -12.75 -11.58 10.53
N SER A 32 -13.27 -10.52 11.16
CA SER A 32 -14.32 -9.70 10.58
C SER A 32 -14.06 -8.22 10.87
N LEU A 33 -13.46 -7.53 9.91
CA LEU A 33 -13.13 -6.11 9.99
C LEU A 33 -13.55 -5.46 8.67
N PRO A 34 -14.02 -4.21 8.66
CA PRO A 34 -14.43 -3.53 7.44
C PRO A 34 -13.23 -3.33 6.50
N SER A 35 -12.06 -2.98 7.05
CA SER A 35 -10.88 -2.78 6.23
C SER A 35 -10.37 -4.13 5.67
N CYS A 36 -10.54 -5.24 6.39
CA CYS A 36 -10.09 -6.55 5.93
C CYS A 36 -10.92 -6.99 4.72
N GLN A 37 -12.26 -6.96 4.85
CA GLN A 37 -13.16 -7.38 3.78
C GLN A 37 -12.98 -6.51 2.53
N LYS A 38 -12.83 -5.18 2.65
CA LYS A 38 -12.66 -4.37 1.45
C LYS A 38 -11.30 -4.65 0.81
N MET A 39 -10.24 -4.84 1.61
CA MET A 39 -8.91 -5.14 1.09
C MET A 39 -8.91 -6.49 0.38
N LYS A 40 -9.73 -7.45 0.83
CA LYS A 40 -9.83 -8.77 0.23
C LYS A 40 -10.15 -8.69 -1.28
N ARG A 41 -10.90 -7.67 -1.68
CA ARG A 41 -11.29 -7.44 -3.07
C ARG A 41 -10.04 -7.13 -3.89
N VAL A 42 -9.10 -6.34 -3.35
CA VAL A 42 -7.87 -6.00 -4.04
C VAL A 42 -7.03 -7.26 -4.26
N VAL A 43 -6.77 -8.06 -3.22
CA VAL A 43 -5.95 -9.27 -3.40
C VAL A 43 -6.61 -10.24 -4.37
N GLN A 44 -7.95 -10.31 -4.38
CA GLN A 44 -8.67 -11.17 -5.29
C GLN A 44 -8.35 -10.75 -6.71
N HIS A 45 -8.45 -9.45 -6.99
CA HIS A 45 -8.16 -8.89 -8.30
C HIS A 45 -6.71 -9.13 -8.71
N THR A 46 -5.73 -8.74 -7.88
CA THR A 46 -4.30 -8.86 -8.14
C THR A 46 -3.87 -10.30 -8.46
N LYS A 47 -4.48 -11.31 -7.81
CA LYS A 47 -4.15 -12.72 -8.06
C LYS A 47 -4.41 -13.08 -9.53
N GLY A 48 -5.35 -12.39 -10.18
CA GLY A 48 -5.72 -12.57 -11.57
C GLY A 48 -5.19 -11.47 -12.48
N CYS A 49 -4.43 -10.49 -11.98
CA CYS A 49 -3.90 -9.40 -12.78
C CYS A 49 -2.79 -9.93 -13.69
N LYS A 50 -3.17 -10.30 -14.91
CA LYS A 50 -2.26 -10.76 -15.94
C LYS A 50 -2.10 -9.65 -16.99
N ARG A 51 -3.00 -8.65 -16.96
CA ARG A 51 -3.02 -7.49 -17.84
C ARG A 51 -1.97 -6.45 -17.44
N LYS A 52 -1.17 -6.68 -16.40
CA LYS A 52 -0.16 -5.78 -15.86
C LYS A 52 0.74 -5.13 -16.90
N THR A 53 1.20 -5.84 -17.93
CA THR A 53 2.03 -5.23 -18.96
C THR A 53 1.15 -4.86 -20.15
N ASN A 54 0.20 -5.74 -20.52
CA ASN A 54 -0.75 -5.62 -21.62
C ASN A 54 -1.91 -4.65 -21.33
N GLY A 55 -1.70 -3.65 -20.47
CA GLY A 55 -2.71 -2.66 -20.10
C GLY A 55 -3.05 -2.83 -18.63
N GLY A 56 -2.08 -2.60 -17.76
CA GLY A 56 -2.21 -2.70 -16.31
C GLY A 56 -3.19 -1.66 -15.80
N CYS A 57 -3.86 -1.97 -14.70
CA CYS A 57 -4.86 -1.09 -14.07
C CYS A 57 -4.25 -0.23 -12.93
N PRO A 58 -4.97 0.78 -12.41
CA PRO A 58 -4.47 1.63 -11.34
C PRO A 58 -4.36 0.90 -9.99
N ILE A 59 -5.19 -0.11 -9.72
CA ILE A 59 -5.15 -0.85 -8.46
C ILE A 59 -3.76 -1.50 -8.33
N CYS A 60 -3.20 -2.05 -9.42
CA CYS A 60 -1.87 -2.67 -9.42
C CYS A 60 -0.80 -1.67 -8.95
N LYS A 61 -0.73 -0.48 -9.55
CA LYS A 61 0.28 0.51 -9.16
C LYS A 61 0.05 1.03 -7.74
N GLN A 62 -1.20 1.21 -7.33
CA GLN A 62 -1.53 1.69 -5.99
C GLN A 62 -1.16 0.64 -4.93
N LEU A 63 -1.33 -0.65 -5.25
CA LEU A 63 -0.99 -1.73 -4.33
C LEU A 63 0.51 -1.64 -4.03
N ILE A 64 1.32 -1.52 -5.08
CA ILE A 64 2.78 -1.44 -4.96
C ILE A 64 3.17 -0.20 -4.16
N ALA A 65 2.46 0.93 -4.33
CA ALA A 65 2.77 2.16 -3.61
C ALA A 65 2.75 1.95 -2.10
N LEU A 66 1.68 1.34 -1.58
CA LEU A 66 1.56 1.08 -0.14
C LEU A 66 2.41 -0.12 0.28
N ALA A 67 2.46 -1.17 -0.55
CA ALA A 67 3.24 -2.39 -0.28
C ALA A 67 4.72 -2.06 -0.09
N ALA A 68 5.21 -0.98 -0.70
CA ALA A 68 6.60 -0.53 -0.58
C ALA A 68 6.94 -0.30 0.89
N TYR A 69 5.97 0.13 1.70
CA TYR A 69 6.20 0.35 3.13
C TYR A 69 6.26 -1.02 3.79
N HIS A 70 5.35 -1.94 3.47
CA HIS A 70 5.39 -3.27 4.07
C HIS A 70 6.74 -3.95 3.76
N ALA A 71 7.31 -3.75 2.56
CA ALA A 71 8.59 -4.33 2.16
C ALA A 71 9.77 -3.93 3.05
N LYS A 72 9.71 -2.77 3.75
CA LYS A 72 10.79 -2.35 4.66
C LYS A 72 10.53 -2.79 6.09
N HIS A 73 9.31 -3.22 6.42
CA HIS A 73 8.95 -3.68 7.77
C HIS A 73 8.96 -5.20 7.86
N CYS A 74 8.77 -5.91 6.74
CA CYS A 74 8.79 -7.36 6.68
C CYS A 74 10.18 -7.83 7.14
N GLN A 75 10.20 -8.76 8.10
CA GLN A 75 11.43 -9.29 8.66
C GLN A 75 11.90 -10.50 7.87
N GLU A 76 11.06 -11.54 7.78
CA GLU A 76 11.36 -12.77 7.07
C GLU A 76 11.51 -12.44 5.58
N ASN A 77 12.46 -13.06 4.88
CA ASN A 77 12.67 -12.79 3.45
C ASN A 77 11.61 -13.47 2.57
N LYS A 78 10.93 -14.52 3.06
CA LYS A 78 9.90 -15.26 2.33
C LYS A 78 8.49 -14.74 2.64
N CYS A 79 8.16 -13.54 2.15
CA CYS A 79 6.87 -12.90 2.34
C CYS A 79 5.74 -13.67 1.64
N PRO A 80 4.59 -13.87 2.31
CA PRO A 80 3.42 -14.53 1.72
C PRO A 80 2.74 -13.60 0.70
N VAL A 81 2.95 -12.27 0.80
CA VAL A 81 2.38 -11.29 -0.12
C VAL A 81 3.31 -11.29 -1.34
N PRO A 82 2.80 -11.56 -2.56
CA PRO A 82 3.63 -11.58 -3.76
C PRO A 82 4.10 -10.21 -4.20
N PHE A 83 3.35 -9.14 -3.94
CA PHE A 83 3.81 -7.82 -4.35
C PHE A 83 4.98 -7.34 -3.48
N CYS A 84 5.13 -7.88 -2.25
CA CYS A 84 6.22 -7.53 -1.34
C CYS A 84 7.54 -7.99 -1.96
N LEU A 85 7.62 -9.27 -2.32
CA LEU A 85 8.85 -9.81 -2.93
C LEU A 85 9.07 -9.16 -4.30
N ASN A 86 8.02 -8.80 -5.04
CA ASN A 86 8.17 -8.15 -6.35
C ASN A 86 8.91 -6.85 -6.14
N ILE A 87 8.48 -6.04 -5.16
CA ILE A 87 9.11 -4.78 -4.83
C ILE A 87 10.59 -5.03 -4.53
N LYS A 88 10.92 -6.05 -3.73
CA LYS A 88 12.33 -6.32 -3.43
C LYS A 88 13.11 -6.65 -4.68
N GLN A 89 12.52 -7.32 -5.68
CA GLN A 89 13.22 -7.64 -6.91
C GLN A 89 13.56 -6.38 -7.73
N LYS A 90 12.93 -5.23 -7.49
CA LYS A 90 13.21 -3.96 -8.22
C LYS A 90 14.54 -3.35 -7.76
N GLY A 91 15.66 -4.05 -7.91
CA GLY A 91 16.98 -3.60 -7.49
C GLY A 91 17.20 -3.88 -6.01
N GLY A 92 16.14 -3.79 -5.19
CA GLY A 92 16.14 -4.05 -3.76
C GLY A 92 16.99 -3.11 -2.92
N SER A 93 17.28 -1.90 -3.39
CA SER A 93 18.09 -0.92 -2.68
C SER A 93 17.38 -0.50 -1.38
N GLY A 94 16.31 0.28 -1.52
CA GLY A 94 15.48 0.80 -0.44
C GLY A 94 15.39 2.31 -0.59
N GLY A 95 14.43 2.77 -1.39
CA GLY A 95 14.20 4.19 -1.64
C GLY A 95 15.35 4.88 -2.38
N GLY A 96 16.25 4.13 -3.00
CA GLY A 96 17.39 4.69 -3.72
C GLY A 96 18.25 5.56 -2.82
N THR A 97 18.36 5.24 -1.52
CA THR A 97 19.12 5.99 -0.52
C THR A 97 18.69 7.47 -0.46
N GLY A 98 17.42 7.75 -0.70
CA GLY A 98 16.84 9.09 -0.70
C GLY A 98 16.36 9.48 -2.09
N GLY A 99 17.00 8.99 -3.16
CA GLY A 99 16.63 9.31 -4.52
C GLY A 99 16.75 10.80 -4.84
N GLY A 100 17.51 11.56 -4.05
CA GLY A 100 17.71 12.99 -4.24
C GLY A 100 16.70 13.82 -3.43
N SER A 101 16.52 13.49 -2.15
CA SER A 101 15.61 14.15 -1.24
C SER A 101 15.89 15.66 -1.20
N GLY A 102 14.99 16.48 -1.73
CA GLY A 102 15.13 17.93 -1.77
C GLY A 102 15.40 18.48 -3.16
N THR A 103 15.56 17.63 -4.16
CA THR A 103 15.81 18.06 -5.54
C THR A 103 14.46 18.11 -6.28
N ILE A 104 14.46 18.56 -7.53
CA ILE A 104 13.23 18.64 -8.31
C ILE A 104 12.66 17.23 -8.58
N GLU A 105 13.51 16.22 -8.58
CA GLU A 105 13.21 14.82 -8.80
C GLU A 105 13.22 14.09 -7.45
N GLY A 106 12.90 12.79 -7.46
CA GLY A 106 12.86 11.98 -6.24
C GLY A 106 11.63 12.30 -5.38
N ARG A 107 10.61 12.95 -5.97
CA ARG A 107 9.36 13.33 -5.31
C ARG A 107 8.75 12.11 -4.64
N GLY A 108 8.76 12.05 -3.31
CA GLY A 108 8.20 10.92 -2.58
C GLY A 108 8.41 10.96 -1.07
N ASP A 109 8.85 12.07 -0.49
CA ASP A 109 9.09 12.27 0.95
C ASP A 109 8.69 13.72 1.29
N GLY A 110 8.77 14.14 2.55
CA GLY A 110 8.45 15.49 2.99
C GLY A 110 7.21 15.60 3.87
N GLY A 111 6.73 14.48 4.40
CA GLY A 111 5.55 14.43 5.25
C GLY A 111 4.57 13.44 4.66
N THR A 112 5.03 12.24 4.28
CA THR A 112 4.25 11.16 3.67
C THR A 112 3.36 11.66 2.52
N THR A 113 3.74 12.77 1.88
CA THR A 113 3.04 13.45 0.80
C THR A 113 2.46 12.52 -0.28
N PHE A 114 3.04 11.34 -0.55
CA PHE A 114 2.49 10.40 -1.52
C PHE A 114 1.03 10.07 -1.17
N GLU A 115 0.62 10.22 0.10
CA GLU A 115 -0.74 10.04 0.61
C GLU A 115 -1.72 10.90 -0.21
N HIS A 116 -1.25 12.00 -0.80
CA HIS A 116 -2.07 12.88 -1.61
C HIS A 116 -2.67 12.14 -2.81
N LEU A 117 -2.05 11.06 -3.29
CA LEU A 117 -2.51 10.26 -4.42
C LEU A 117 -3.81 9.52 -4.11
N TRP A 118 -4.19 9.36 -2.84
CA TRP A 118 -5.43 8.65 -2.50
C TRP A 118 -6.68 9.45 -2.91
N SER A 119 -6.56 10.77 -3.03
CA SER A 119 -7.65 11.67 -3.43
C SER A 119 -7.95 11.59 -4.95
N SER A 120 -7.33 10.65 -5.68
CA SER A 120 -7.49 10.41 -7.11
C SER A 120 -8.28 9.12 -7.37
N LEU A 121 -8.70 8.40 -6.31
CA LEU A 121 -9.46 7.16 -6.40
C LEU A 121 -10.94 7.52 -6.53
N GLU A 122 -11.79 6.51 -6.61
CA GLU A 122 -13.22 6.70 -6.67
C GLU A 122 -13.68 7.15 -5.28
N PRO A 123 -14.69 8.03 -5.16
CA PRO A 123 -15.16 8.51 -3.87
C PRO A 123 -15.87 7.43 -3.05
N ASP A 124 -16.35 6.34 -3.67
CA ASP A 124 -17.05 5.26 -2.97
C ASP A 124 -16.11 4.16 -2.47
N SER A 125 -14.82 4.24 -2.84
CA SER A 125 -13.70 3.34 -2.52
C SER A 125 -14.15 1.97 -1.96
N THR A 126 -14.67 1.11 -2.84
CA THR A 126 -15.13 -0.24 -2.49
C THR A 126 -13.94 -1.18 -2.19
N TYR A 127 -12.71 -0.70 -2.34
CA TYR A 127 -11.51 -1.50 -2.14
C TYR A 127 -10.44 -0.86 -1.25
N PHE A 128 -10.51 0.43 -0.91
CA PHE A 128 -9.55 1.12 -0.05
C PHE A 128 -10.29 2.01 0.94
N ASP A 129 -9.62 2.43 2.01
CA ASP A 129 -10.19 3.30 3.02
C ASP A 129 -10.01 4.75 2.59
N LEU A 130 -11.02 5.58 2.87
CA LEU A 130 -11.05 6.99 2.54
C LEU A 130 -11.78 7.74 3.63
#